data_6Q07
#
_entry.id   6Q07
#
loop_
_entity.id
_entity.type
_entity.pdbx_description
1 polymer 'Spike glycoprotein'
2 branched alpha-D-mannopyranose-(1-3)-beta-D-mannopyranose-(1-4)-2-acetamido-2-deoxy-beta-D-glucopyranose-(1-4)-2-acetamido-2-deoxy-beta-D-glucopyranose
3 branched 2-acetamido-2-deoxy-beta-D-glucopyranose-(1-4)-2-acetamido-2-deoxy-beta-D-glucopyranose
4 branched alpha-D-mannopyranose-(1-2)-alpha-D-mannopyranose-(1-3)-[alpha-D-mannopyranose-(1-2)-alpha-D-mannopyranose-(1-6)]beta-D-mannopyranose-(1-4)-2-acetamido-2-deoxy-beta-D-glucopyranose-(1-4)-2-acetamido-2-deoxy-beta-D-glucopyranose
5 branched beta-D-mannopyranose-(1-4)-2-acetamido-2-deoxy-beta-D-glucopyranose-(1-4)-2-acetamido-2-deoxy-beta-D-glucopyranose
6 branched alpha-D-mannopyranose-(1-3)-[alpha-D-mannopyranose-(1-6)]beta-D-mannopyranose-(1-4)-2-acetamido-2-deoxy-beta-D-glucopyranose-(1-4)-2-acetamido-2-deoxy-beta-D-glucopyranose
7 branched 'N-acetyl-alpha-neuraminic acid-(2-6)-beta-D-galactopyranose-(1-4)-2-acetamido-2-deoxy-beta-D-glucopyranose'
8 non-polymer 2-acetamido-2-deoxy-beta-D-glucopyranose
9 non-polymer 'FOLIC ACID'
10 water water
#
_entity_poly.entity_id   1
_entity_poly.type   'polypeptide(L)'
_entity_poly.pdbx_seq_one_letter_code
;MGILPSPGMPALLSLVSLLSVLLMGCVAETGTVDVGPDSVKSACIEVDIQQTFFDKTWPRPIDVSKADGIIYPQGRTYSN
ITITYQGLFPYQGDHGDMYVYSAGHATGTTPQKLFVANYSQDVKQFANGFVVRIGAAANSTGTVIISPSTSATIRKIYPA
FMLGSSVGNFSDGKMGRFFNHTLVLLPDGCGTLLRAFYCILEPRSGNHCPAGNSYTSFATYHTPATDCSDGNYNRNASLN
SFKEYFNLRNCTFMYTYNITEDEILEWFGITQTAQGVHLFSSRYVDLYGGNMFQFATLPVYDTIKYYSIIPHSIRSIQSD
RKAWAAFYVYKLQPLTFLLDFSVDGYIRRAIDCGFNDLSQLHCSYESFDVESGVYSVSSFEAKPSGSVVEQAEGVECDFS
PLLSGTPPQVYNFKRLVFTNCNYNLTKLLSLFSVNDFTCSQISPAAIASNCYSSLILDYFSYPLSMKSDLSVSSAGPISQ
FNYKQSFSNPTCLILATVPHNLTTITKPLKYSYINKCSRLLSDDRTEVPQLVNANQYSPCVSIVPSTVWEDGDYYRKQLS
PLEGGGWLVASGSTVAMTEQLQMGFGITVQYGTDTNSVCPKLEFANDTKIASQLGNCVEYSLYGVSGRGVFQNCTAVGVR
QQRFVYDAYQNLVGYYSDDGNYYCLRACVSVPVSVIYDKETKTHATLFGSVACEHISSTMSQYSRSTRSMLKRRDSTYGP
LQTPVGCVLGLVNSSLFVEDCKLPLGQSLCALPDTPSTLTPASVGSVPGEMRLASIAFNHPIQVDQLNSSYFKLSIPTNF
SFGVTQEYIQTTIQKVTVDCKQYVCNGFQKCEQLLREYGQFCSKINQALHGANLRQDDSVRNLFASVKSSQSSPIIPGFG
GDFNLTLLEPVSISTGSRSARSAIEDLLFDKVTIADPGYMQGYDDCMQQGPASARDLICAQYVAGYKVLPPLMDVNMEAA
YTSSLLGSIAGVGWTAGLSSFAAIPFAQSIFYRLNGVGITQQVLSENQKLIANKFNQALGAMQTGFTTTNEAFQKVQDAV
NNNAQALSKLASELSNTFGAISASIGDIIQRLDPPEQDAQIDRLINGRLTTLNAFVAQQLVRSESAALSAQLAKDKVNEC
VKAQSKRSGFCGQGTHIVSFVVNAPNGLYFMHVGYYPSNHIEVVSAYGLCDAANPTNCIAPVNGYFIKTNNTRIVDEWSY
TGSSFYAPEPITSLNTKYVAPQVTYQNISTNLPPPLLGNSTGIDFQDELDEFFKNVSTSIPNFGSLTQINTTLLDLTYEM
LSLQQVVKALNESYIDLKELGNYTYYNKGSGRENLYFQGGGGSGYIPEAPRDGQAYVRKDGEWVLLSTFLGHHHHHHHH
;
_entity_poly.pdbx_strand_id   A,B,C
#
loop_
_chem_comp.id
_chem_comp.type
_chem_comp.name
_chem_comp.formula
BMA D-saccharide, beta linking beta-D-mannopyranose 'C6 H12 O6'
FOL non-polymer 'FOLIC ACID' 'C19 H19 N7 O6'
GAL D-saccharide, beta linking beta-D-galactopyranose 'C6 H12 O6'
MAN D-saccharide, alpha linking alpha-D-mannopyranose 'C6 H12 O6'
NAG D-saccharide, beta linking 2-acetamido-2-deoxy-beta-D-glucopyranose 'C8 H15 N O6'
SIA D-saccharide, alpha linking 'N-acetyl-alpha-neuraminic acid' 'C11 H19 N O9'
#
# COMPACT_ATOMS: atom_id res chain seq x y z
N THR A 32 -13.30 46.27 -35.06
CA THR A 32 -14.58 45.65 -35.41
C THR A 32 -14.68 45.28 -36.88
N VAL A 33 -15.64 44.43 -37.16
CA VAL A 33 -15.89 43.89 -38.47
C VAL A 33 -17.09 44.43 -39.18
N ASP A 34 -16.86 44.83 -40.40
CA ASP A 34 -17.90 45.32 -41.29
C ASP A 34 -18.69 44.11 -41.76
N VAL A 35 -19.99 44.09 -41.48
CA VAL A 35 -20.86 42.98 -41.80
C VAL A 35 -21.92 43.38 -42.81
N GLY A 36 -21.59 44.42 -43.57
CA GLY A 36 -22.46 44.91 -44.60
C GLY A 36 -23.33 46.01 -44.03
N PRO A 37 -24.17 46.62 -44.84
CA PRO A 37 -25.04 47.73 -44.52
C PRO A 37 -26.21 47.33 -43.65
N ASP A 38 -26.77 48.32 -42.96
CA ASP A 38 -27.99 48.17 -42.19
C ASP A 38 -29.17 48.01 -43.13
N SER A 39 -30.22 47.37 -42.66
CA SER A 39 -31.44 47.32 -43.43
C SER A 39 -32.01 48.72 -43.52
N VAL A 40 -32.63 48.99 -44.65
CA VAL A 40 -33.23 50.28 -44.90
C VAL A 40 -34.74 50.23 -44.87
N LYS A 41 -35.30 49.12 -44.45
CA LYS A 41 -36.74 49.05 -44.40
C LYS A 41 -37.27 49.71 -43.14
N SER A 42 -38.43 50.36 -43.29
CA SER A 42 -39.12 51.05 -42.20
C SER A 42 -39.97 50.15 -41.33
N ALA A 43 -40.10 48.92 -41.77
CA ALA A 43 -40.90 47.94 -41.09
C ALA A 43 -40.37 46.55 -41.33
N CYS A 44 -40.69 45.70 -40.37
CA CYS A 44 -40.41 44.29 -40.40
C CYS A 44 -41.61 43.53 -40.93
N ILE A 45 -41.41 42.32 -41.41
CA ILE A 45 -42.55 41.52 -41.79
C ILE A 45 -43.21 41.00 -40.53
N GLU A 46 -44.54 41.15 -40.50
CA GLU A 46 -45.38 40.73 -39.41
C GLU A 46 -45.20 39.25 -39.13
N VAL A 47 -45.11 38.90 -37.87
CA VAL A 47 -44.93 37.51 -37.50
C VAL A 47 -46.11 36.97 -36.70
N ASP A 48 -46.67 35.89 -37.20
CA ASP A 48 -47.80 35.20 -36.61
C ASP A 48 -47.33 34.04 -35.73
N ILE A 49 -47.48 34.15 -34.42
CA ILE A 49 -47.01 33.08 -33.58
C ILE A 49 -48.19 32.19 -33.19
N GLN A 50 -48.20 30.95 -33.64
CA GLN A 50 -49.31 30.05 -33.28
C GLN A 50 -48.77 28.72 -32.84
N GLN A 51 -48.37 28.63 -31.58
CA GLN A 51 -47.66 27.47 -31.05
C GLN A 51 -48.41 26.18 -31.18
N THR A 52 -49.73 26.24 -31.16
CA THR A 52 -50.51 25.03 -31.29
C THR A 52 -50.07 24.20 -32.48
N PHE A 53 -49.77 24.85 -33.59
CA PHE A 53 -49.43 24.16 -34.82
C PHE A 53 -48.10 23.49 -34.77
N PHE A 54 -47.28 23.87 -33.82
CA PHE A 54 -45.93 23.36 -33.69
C PHE A 54 -45.85 22.39 -32.52
N ASP A 55 -46.98 22.12 -31.85
CA ASP A 55 -46.96 21.20 -30.70
C ASP A 55 -47.13 19.78 -31.18
N LYS A 56 -46.07 19.24 -31.76
CA LYS A 56 -46.07 17.93 -32.37
C LYS A 56 -45.30 16.94 -31.54
N THR A 57 -45.67 15.68 -31.64
CA THR A 57 -44.97 14.62 -30.95
C THR A 57 -44.35 13.66 -31.92
N TRP A 58 -43.07 13.87 -32.15
CA TRP A 58 -42.25 13.14 -33.11
C TRP A 58 -40.96 12.75 -32.42
N PRO A 59 -40.99 11.94 -31.38
CA PRO A 59 -39.87 11.67 -30.51
C PRO A 59 -38.72 10.95 -31.15
N ARG A 60 -37.53 11.45 -30.91
CA ARG A 60 -36.31 10.85 -31.40
C ARG A 60 -35.25 10.99 -30.34
N PRO A 61 -35.31 10.22 -29.27
CA PRO A 61 -34.42 10.31 -28.14
C PRO A 61 -33.06 9.81 -28.51
N ILE A 62 -32.07 10.18 -27.73
CA ILE A 62 -30.75 9.68 -27.99
C ILE A 62 -30.67 8.20 -27.78
N ASP A 63 -30.18 7.52 -28.81
CA ASP A 63 -29.93 6.10 -28.74
C ASP A 63 -28.42 5.94 -28.69
N VAL A 64 -27.90 5.72 -27.52
CA VAL A 64 -26.45 5.69 -27.36
C VAL A 64 -25.89 4.44 -28.03
N SER A 65 -26.69 3.38 -28.12
CA SER A 65 -26.26 2.13 -28.72
C SER A 65 -26.04 2.24 -30.21
N LYS A 66 -26.51 3.35 -30.78
CA LYS A 66 -26.38 3.65 -32.20
C LYS A 66 -25.39 4.83 -32.35
N ALA A 67 -24.77 5.20 -31.21
CA ALA A 67 -23.85 6.30 -31.00
C ALA A 67 -24.41 7.69 -31.35
N ASP A 68 -25.71 7.90 -31.07
CA ASP A 68 -26.27 9.21 -31.33
C ASP A 68 -25.68 10.28 -30.45
N GLY A 69 -25.39 11.43 -31.04
CA GLY A 69 -24.95 12.58 -30.28
C GLY A 69 -23.52 12.59 -29.82
N ILE A 70 -22.72 11.64 -30.27
CA ILE A 70 -21.37 11.60 -29.80
C ILE A 70 -20.34 12.42 -30.54
N ILE A 71 -19.64 13.21 -29.75
CA ILE A 71 -18.52 14.00 -30.15
C ILE A 71 -17.32 13.10 -29.95
N TYR A 72 -16.52 12.96 -30.97
CA TYR A 72 -15.39 12.04 -30.96
C TYR A 72 -14.33 12.55 -29.98
N PRO A 73 -13.57 11.71 -29.23
CA PRO A 73 -12.54 12.19 -28.32
C PRO A 73 -11.66 13.10 -29.16
N GLN A 74 -11.37 14.28 -28.66
CA GLN A 74 -10.77 15.28 -29.53
C GLN A 74 -9.32 15.23 -29.92
N GLY A 75 -8.43 14.80 -29.06
CA GLY A 75 -7.04 14.89 -29.46
C GLY A 75 -6.44 13.63 -30.02
N ARG A 76 -7.26 12.63 -30.26
CA ARG A 76 -6.75 11.34 -30.66
C ARG A 76 -7.76 10.44 -31.27
N THR A 77 -7.29 9.34 -31.82
CA THR A 77 -8.17 8.29 -32.30
C THR A 77 -7.74 6.96 -31.76
N TYR A 78 -8.63 6.01 -31.90
CA TYR A 78 -8.43 4.64 -31.45
C TYR A 78 -8.89 3.70 -32.54
N SER A 79 -8.41 2.47 -32.54
CA SER A 79 -8.83 1.52 -33.55
C SER A 79 -9.13 0.13 -33.06
N ASN A 80 -10.36 -0.30 -33.33
CA ASN A 80 -10.78 -1.65 -32.99
C ASN A 80 -10.71 -1.93 -31.46
N ILE A 81 -11.06 -1.00 -30.61
CA ILE A 81 -11.03 -1.25 -29.17
C ILE A 81 -12.32 -0.82 -28.50
N THR A 82 -12.57 -1.35 -27.32
CA THR A 82 -13.66 -0.83 -26.51
C THR A 82 -13.10 -0.26 -25.22
N ILE A 83 -13.29 1.03 -25.00
CA ILE A 83 -12.80 1.66 -23.76
C ILE A 83 -13.83 2.58 -23.14
N THR A 84 -13.69 2.87 -21.85
CA THR A 84 -14.53 3.94 -21.33
C THR A 84 -13.85 5.26 -21.58
N TYR A 85 -14.65 6.31 -21.64
CA TYR A 85 -14.17 7.64 -21.88
C TYR A 85 -15.03 8.68 -21.19
N GLN A 86 -14.36 9.63 -20.58
CA GLN A 86 -15.02 10.74 -19.89
C GLN A 86 -15.13 11.97 -20.79
N GLY A 87 -16.34 12.50 -20.96
CA GLY A 87 -16.48 13.67 -21.83
C GLY A 87 -17.90 14.19 -21.86
N LEU A 88 -18.17 15.17 -22.71
CA LEU A 88 -19.50 15.74 -22.75
C LEU A 88 -20.36 14.99 -23.72
N PHE A 89 -21.38 14.35 -23.18
CA PHE A 89 -22.28 13.50 -23.91
C PHE A 89 -23.72 13.78 -23.52
N PRO A 90 -24.70 13.51 -24.40
CA PRO A 90 -26.11 13.58 -24.09
C PRO A 90 -26.47 12.32 -23.28
N TYR A 91 -27.54 12.33 -22.53
CA TYR A 91 -27.97 11.18 -21.79
C TYR A 91 -28.74 10.19 -22.64
N GLN A 92 -28.52 8.91 -22.37
CA GLN A 92 -29.33 7.90 -23.05
C GLN A 92 -30.78 8.12 -22.76
N GLY A 93 -31.59 8.13 -23.80
CA GLY A 93 -33.02 8.29 -23.64
C GLY A 93 -33.51 9.72 -23.63
N ASP A 94 -32.60 10.67 -23.73
CA ASP A 94 -33.01 12.07 -23.69
C ASP A 94 -33.76 12.42 -24.92
N HIS A 95 -35.00 12.89 -24.76
CA HIS A 95 -35.83 13.30 -25.88
C HIS A 95 -35.41 14.61 -26.49
N GLY A 96 -34.82 15.44 -25.66
CA GLY A 96 -34.37 16.73 -26.12
C GLY A 96 -35.53 17.64 -26.35
N ASP A 97 -35.24 18.74 -26.99
CA ASP A 97 -36.23 19.76 -27.31
C ASP A 97 -36.43 19.79 -28.80
N MET A 98 -37.64 19.51 -29.26
CA MET A 98 -37.85 19.51 -30.69
C MET A 98 -38.28 20.87 -31.19
N TYR A 99 -37.70 21.29 -32.30
CA TYR A 99 -38.06 22.53 -32.92
C TYR A 99 -38.37 22.30 -34.39
N VAL A 100 -39.41 22.92 -34.90
CA VAL A 100 -39.68 22.76 -36.33
C VAL A 100 -39.96 24.10 -36.98
N TYR A 101 -39.36 24.31 -38.13
CA TYR A 101 -39.56 25.51 -38.91
C TYR A 101 -40.67 25.25 -39.92
N SER A 102 -41.39 26.28 -40.30
CA SER A 102 -42.49 26.13 -41.27
C SER A 102 -42.53 27.16 -42.38
N ALA A 103 -43.50 26.96 -43.25
CA ALA A 103 -43.83 27.88 -44.30
C ALA A 103 -44.62 29.03 -43.70
N GLY A 104 -44.50 30.19 -44.30
CA GLY A 104 -45.28 31.33 -43.86
C GLY A 104 -46.63 31.29 -44.51
N HIS A 105 -47.41 32.34 -44.26
CA HIS A 105 -48.74 32.49 -44.79
C HIS A 105 -48.62 32.92 -46.22
N ALA A 106 -49.59 32.57 -47.05
CA ALA A 106 -49.60 32.97 -48.44
C ALA A 106 -51.00 33.09 -48.96
N THR A 107 -51.11 33.65 -50.14
CA THR A 107 -52.36 33.66 -50.87
C THR A 107 -51.97 33.42 -52.30
N GLY A 108 -52.05 32.18 -52.75
CA GLY A 108 -51.59 31.89 -54.09
C GLY A 108 -50.09 32.17 -54.21
N THR A 109 -49.74 33.02 -55.15
CA THR A 109 -48.36 33.36 -55.47
C THR A 109 -47.73 34.52 -54.73
N THR A 110 -48.46 35.11 -53.80
CA THR A 110 -47.91 36.23 -53.03
C THR A 110 -47.81 35.91 -51.55
N PRO A 111 -46.62 35.51 -51.04
CA PRO A 111 -46.33 35.18 -49.66
C PRO A 111 -46.71 36.34 -48.82
N GLN A 112 -47.17 36.11 -47.61
CA GLN A 112 -47.58 37.18 -46.74
C GLN A 112 -46.81 37.26 -45.43
N LYS A 113 -47.49 36.88 -44.37
CA LYS A 113 -47.05 36.94 -42.99
C LYS A 113 -46.17 35.75 -42.62
N LEU A 114 -45.23 35.93 -41.70
CA LEU A 114 -44.39 34.79 -41.34
C LEU A 114 -45.15 33.96 -40.33
N PHE A 115 -44.92 32.64 -40.34
CA PHE A 115 -45.60 31.77 -39.40
C PHE A 115 -44.60 31.01 -38.56
N VAL A 116 -44.60 31.29 -37.25
CA VAL A 116 -43.64 30.71 -36.35
C VAL A 116 -44.21 30.14 -35.08
N ALA A 117 -43.36 29.38 -34.42
CA ALA A 117 -43.53 28.85 -33.08
C ALA A 117 -43.09 29.90 -32.07
N ASN A 118 -43.40 29.71 -30.80
CA ASN A 118 -42.95 30.68 -29.74
C ASN A 118 -41.52 30.39 -29.38
N TYR A 119 -40.59 30.37 -30.27
CA TYR A 119 -39.23 29.98 -29.98
C TYR A 119 -38.36 31.08 -29.48
N SER A 120 -38.58 32.31 -29.93
CA SER A 120 -37.64 33.36 -29.57
C SER A 120 -37.70 33.72 -28.12
N GLN A 121 -38.83 33.43 -27.51
CA GLN A 121 -39.09 33.75 -26.13
C GLN A 121 -38.76 32.60 -25.21
N ASP A 122 -38.47 31.45 -25.79
CA ASP A 122 -38.17 30.25 -25.04
C ASP A 122 -36.66 30.16 -24.82
N VAL A 123 -36.15 30.86 -23.82
CA VAL A 123 -34.71 30.92 -23.62
C VAL A 123 -34.27 29.85 -22.67
N LYS A 124 -33.26 29.09 -23.08
CA LYS A 124 -32.77 27.98 -22.30
C LYS A 124 -31.44 28.24 -21.68
N GLN A 125 -31.15 27.53 -20.61
CA GLN A 125 -29.84 27.64 -19.99
C GLN A 125 -28.89 26.82 -20.85
N PHE A 126 -27.75 27.39 -21.21
CA PHE A 126 -26.71 26.75 -22.03
C PHE A 126 -25.98 25.63 -21.33
N ALA A 127 -25.62 25.85 -20.08
CA ALA A 127 -24.87 24.88 -19.31
C ALA A 127 -23.60 24.46 -20.01
N ASN A 128 -23.49 23.18 -20.40
CA ASN A 128 -22.26 22.69 -20.99
C ASN A 128 -22.34 22.66 -22.50
N GLY A 129 -23.44 23.14 -23.07
CA GLY A 129 -23.59 23.07 -24.50
C GLY A 129 -24.55 22.00 -24.92
N PHE A 130 -24.65 21.81 -26.21
CA PHE A 130 -25.64 20.92 -26.78
C PHE A 130 -25.28 20.34 -28.11
N VAL A 131 -25.99 19.28 -28.46
CA VAL A 131 -25.88 18.68 -29.78
C VAL A 131 -27.23 18.71 -30.44
N VAL A 132 -27.22 18.75 -31.76
CA VAL A 132 -28.45 18.85 -32.50
C VAL A 132 -28.57 17.81 -33.57
N ARG A 133 -29.71 17.13 -33.59
CA ARG A 133 -30.01 16.12 -34.61
C ARG A 133 -30.68 16.88 -35.74
N ILE A 134 -30.06 16.94 -36.93
CA ILE A 134 -30.61 17.75 -38.04
C ILE A 134 -31.03 16.93 -39.26
N GLY A 135 -32.29 17.05 -39.69
CA GLY A 135 -32.74 16.34 -40.88
C GLY A 135 -33.11 14.88 -40.71
N ALA A 136 -33.41 14.44 -39.50
CA ALA A 136 -33.71 13.04 -39.27
C ALA A 136 -34.88 12.53 -40.06
N ALA A 137 -35.87 13.37 -40.28
CA ALA A 137 -37.05 12.99 -41.00
C ALA A 137 -36.95 13.20 -42.49
N ALA A 138 -35.82 13.65 -42.98
CA ALA A 138 -35.74 13.91 -44.40
C ALA A 138 -36.07 12.66 -45.18
N ASN A 139 -36.73 12.88 -46.32
CA ASN A 139 -37.23 11.91 -47.29
C ASN A 139 -38.51 11.23 -46.86
N SER A 140 -39.00 11.50 -45.67
CA SER A 140 -40.24 10.91 -45.21
C SER A 140 -41.35 11.82 -45.63
N THR A 141 -42.56 11.32 -45.77
CA THR A 141 -43.65 12.24 -46.03
C THR A 141 -44.03 12.89 -44.71
N GLY A 142 -44.14 14.20 -44.71
CA GLY A 142 -44.50 14.93 -43.52
C GLY A 142 -45.61 15.88 -43.74
N THR A 143 -45.72 16.81 -42.81
CA THR A 143 -46.77 17.78 -42.84
C THR A 143 -46.24 19.16 -43.05
N VAL A 144 -47.04 19.94 -43.72
CA VAL A 144 -46.74 21.35 -43.79
C VAL A 144 -47.36 21.91 -42.51
N ILE A 145 -46.58 22.52 -41.65
CA ILE A 145 -47.12 22.88 -40.34
C ILE A 145 -48.28 23.85 -40.41
N ILE A 146 -48.14 24.83 -41.27
CA ILE A 146 -49.15 25.86 -41.46
C ILE A 146 -50.46 25.33 -42.01
N SER A 147 -50.40 24.20 -42.69
CA SER A 147 -51.58 23.58 -43.27
C SER A 147 -51.54 22.07 -42.98
N PRO A 148 -52.07 21.62 -41.83
CA PRO A 148 -52.04 20.25 -41.33
C PRO A 148 -52.57 19.20 -42.30
N SER A 149 -53.48 19.58 -43.18
CA SER A 149 -54.03 18.64 -44.15
C SER A 149 -53.16 18.46 -45.38
N THR A 150 -52.15 19.30 -45.50
CA THR A 150 -51.26 19.26 -46.65
C THR A 150 -50.01 18.48 -46.29
N SER A 151 -49.68 17.50 -47.14
CA SER A 151 -48.50 16.70 -46.94
C SER A 151 -47.46 17.06 -47.97
N ALA A 152 -46.21 16.83 -47.62
CA ALA A 152 -45.11 17.08 -48.52
C ALA A 152 -43.92 16.26 -48.11
N THR A 153 -42.99 16.02 -49.03
CA THR A 153 -41.76 15.34 -48.65
C THR A 153 -40.96 16.24 -47.72
N ILE A 154 -40.44 15.67 -46.64
CA ILE A 154 -39.65 16.40 -45.67
C ILE A 154 -38.24 16.67 -46.14
N ARG A 155 -37.84 17.93 -46.01
CA ARG A 155 -36.49 18.34 -46.39
C ARG A 155 -35.69 18.84 -45.21
N LYS A 156 -34.40 18.58 -45.23
CA LYS A 156 -33.54 19.08 -44.18
C LYS A 156 -33.44 20.58 -44.15
N ILE A 157 -33.51 21.13 -42.95
CA ILE A 157 -33.35 22.52 -42.74
C ILE A 157 -32.38 22.71 -41.57
N TYR A 158 -31.57 23.73 -41.56
CA TYR A 158 -30.62 23.94 -40.51
C TYR A 158 -31.15 24.87 -39.48
N PRO A 159 -30.88 24.62 -38.22
CA PRO A 159 -31.27 25.40 -37.10
C PRO A 159 -30.54 26.70 -37.02
N ALA A 160 -31.19 27.71 -36.49
CA ALA A 160 -30.55 28.99 -36.23
C ALA A 160 -30.52 29.22 -34.74
N PHE A 161 -29.41 29.73 -34.23
CA PHE A 161 -29.30 29.94 -32.79
C PHE A 161 -28.86 31.32 -32.40
N MET A 162 -29.34 31.77 -31.27
CA MET A 162 -28.87 33.01 -30.68
C MET A 162 -28.35 32.66 -29.29
N LEU A 163 -27.10 33.00 -28.99
CA LEU A 163 -26.50 32.63 -27.71
C LEU A 163 -25.84 33.81 -26.98
N GLY A 164 -25.88 33.82 -25.66
CA GLY A 164 -25.19 34.90 -25.00
C GLY A 164 -25.11 34.81 -23.50
N SER A 165 -24.59 35.88 -22.92
CA SER A 165 -24.33 36.01 -21.50
C SER A 165 -25.47 36.53 -20.66
N SER A 166 -26.36 37.29 -21.28
CA SER A 166 -27.42 37.94 -20.54
C SER A 166 -28.64 38.12 -21.38
N VAL A 167 -29.80 37.87 -20.76
CA VAL A 167 -31.08 37.99 -21.40
C VAL A 167 -32.07 38.83 -20.63
N GLY A 168 -33.10 39.26 -21.32
CA GLY A 168 -34.16 40.02 -20.72
C GLY A 168 -35.23 40.25 -21.72
N ASN A 169 -36.05 41.25 -21.50
CA ASN A 169 -37.14 41.52 -22.37
C ASN A 169 -36.92 42.66 -23.35
N PHE A 170 -37.82 42.76 -24.28
CA PHE A 170 -37.91 43.78 -25.29
C PHE A 170 -38.83 44.89 -24.81
N SER A 171 -39.03 45.91 -25.62
CA SER A 171 -39.76 47.10 -25.25
C SER A 171 -41.16 46.84 -24.75
N ASP A 172 -41.84 45.84 -25.31
CA ASP A 172 -43.20 45.58 -24.88
C ASP A 172 -43.32 44.53 -23.78
N GLY A 173 -42.19 44.08 -23.22
CA GLY A 173 -42.21 43.10 -22.17
C GLY A 173 -42.01 41.64 -22.63
N LYS A 174 -41.94 41.40 -23.94
CA LYS A 174 -41.73 40.00 -24.35
C LYS A 174 -40.29 39.61 -24.13
N MET A 175 -40.06 38.37 -23.75
CA MET A 175 -38.67 37.95 -23.55
C MET A 175 -37.97 37.48 -24.77
N GLY A 176 -36.66 37.38 -24.66
CA GLY A 176 -35.86 36.88 -25.76
C GLY A 176 -34.83 37.87 -26.23
N ARG A 177 -34.71 38.99 -25.51
CA ARG A 177 -33.72 39.94 -25.88
C ARG A 177 -32.39 39.55 -25.27
N PHE A 178 -31.33 39.61 -26.06
CA PHE A 178 -29.98 39.33 -25.58
C PHE A 178 -29.23 40.65 -25.48
N PHE A 179 -28.40 40.76 -24.47
CA PHE A 179 -27.67 42.00 -24.25
C PHE A 179 -26.21 41.85 -24.54
N ASN A 180 -25.60 42.98 -24.88
CA ASN A 180 -24.13 43.01 -25.14
C ASN A 180 -23.91 42.11 -26.39
N HIS A 181 -22.69 41.46 -26.33
CA HIS A 181 -22.43 40.66 -27.51
C HIS A 181 -23.13 39.35 -27.48
N THR A 182 -23.76 39.04 -28.58
CA THR A 182 -24.53 37.85 -28.76
C THR A 182 -23.97 37.09 -29.92
N LEU A 183 -23.86 35.78 -29.75
CA LEU A 183 -23.38 34.92 -30.80
C LEU A 183 -24.56 34.41 -31.58
N VAL A 184 -24.50 34.62 -32.87
CA VAL A 184 -25.57 34.18 -33.72
C VAL A 184 -25.03 33.19 -34.71
N LEU A 185 -25.68 32.03 -34.75
CA LEU A 185 -25.34 31.00 -35.71
C LEU A 185 -26.51 30.98 -36.67
N LEU A 186 -26.32 31.52 -37.87
CA LEU A 186 -27.42 31.68 -38.77
C LEU A 186 -27.14 31.05 -40.13
N PRO A 187 -27.74 29.92 -40.48
CA PRO A 187 -27.53 29.27 -41.72
C PRO A 187 -28.13 30.16 -42.78
N ASP A 188 -27.54 30.15 -43.95
CA ASP A 188 -28.01 31.00 -45.03
C ASP A 188 -27.77 30.35 -46.38
N GLY A 189 -28.16 31.04 -47.44
CA GLY A 189 -27.92 30.52 -48.79
C GLY A 189 -28.78 29.34 -49.06
N CYS A 190 -29.96 29.30 -48.47
CA CYS A 190 -30.89 28.18 -48.63
C CYS A 190 -30.23 26.88 -48.13
N GLY A 191 -29.48 26.97 -47.05
CA GLY A 191 -28.83 25.79 -46.48
C GLY A 191 -27.42 25.49 -47.04
N THR A 192 -26.75 26.48 -47.64
CA THR A 192 -25.42 26.20 -48.17
C THR A 192 -24.30 26.77 -47.32
N LEU A 193 -24.59 27.68 -46.41
CA LEU A 193 -23.53 28.19 -45.56
C LEU A 193 -23.99 28.36 -44.13
N LEU A 194 -23.06 28.21 -43.20
CA LEU A 194 -23.34 28.57 -41.83
C LEU A 194 -22.64 29.86 -41.52
N ARG A 195 -23.37 30.89 -41.12
CA ARG A 195 -22.73 32.15 -40.78
C ARG A 195 -22.71 32.38 -39.27
N ALA A 196 -21.52 32.49 -38.73
CA ALA A 196 -21.35 32.68 -37.29
C ALA A 196 -20.84 34.07 -36.99
N PHE A 197 -21.54 34.81 -36.15
CA PHE A 197 -21.05 36.14 -35.84
C PHE A 197 -21.29 36.51 -34.42
N TYR A 198 -20.45 37.38 -33.91
CA TYR A 198 -20.58 37.80 -32.51
C TYR A 198 -20.71 39.28 -32.54
N CYS A 199 -21.85 39.75 -32.08
CA CYS A 199 -22.12 41.19 -32.32
C CYS A 199 -23.17 41.65 -31.29
N ILE A 200 -23.34 43.00 -31.26
CA ILE A 200 -24.39 43.54 -30.42
C ILE A 200 -25.62 43.70 -31.25
N LEU A 201 -26.74 43.21 -30.76
CA LEU A 201 -27.97 43.31 -31.53
C LEU A 201 -28.80 44.44 -30.99
N GLU A 202 -28.97 45.45 -31.83
CA GLU A 202 -29.71 46.65 -31.47
C GLU A 202 -31.09 46.61 -32.07
N PRO A 203 -32.14 46.40 -31.30
CA PRO A 203 -33.47 46.26 -31.84
C PRO A 203 -33.87 47.45 -32.66
N ARG A 204 -34.45 47.20 -33.82
CA ARG A 204 -34.93 48.26 -34.67
C ARG A 204 -36.29 48.68 -34.20
N SER A 205 -36.62 49.94 -34.42
CA SER A 205 -37.86 50.54 -33.96
C SER A 205 -39.01 50.60 -34.92
N GLY A 206 -38.87 50.02 -36.08
CA GLY A 206 -39.92 50.11 -37.09
C GLY A 206 -41.10 49.18 -36.78
N ASN A 207 -42.04 49.17 -37.69
CA ASN A 207 -43.27 48.42 -37.43
C ASN A 207 -42.99 46.94 -37.34
N HIS A 208 -43.46 46.29 -36.27
CA HIS A 208 -43.29 44.86 -36.00
C HIS A 208 -41.86 44.47 -35.66
N CYS A 209 -41.03 45.45 -35.38
CA CYS A 209 -39.65 45.19 -35.01
C CYS A 209 -39.62 45.21 -33.49
N PRO A 210 -38.64 44.63 -32.81
CA PRO A 210 -38.55 44.55 -31.34
C PRO A 210 -38.54 45.84 -30.55
N ALA A 211 -38.17 46.98 -31.13
CA ALA A 211 -38.26 48.23 -30.37
C ALA A 211 -39.41 49.08 -30.88
N GLY A 212 -40.26 48.50 -31.74
CA GLY A 212 -41.36 49.22 -32.36
C GLY A 212 -42.74 48.75 -31.93
N ASN A 213 -43.74 49.08 -32.74
CA ASN A 213 -45.12 48.74 -32.44
C ASN A 213 -45.49 47.39 -32.98
N SER A 214 -46.49 46.77 -32.35
CA SER A 214 -47.05 45.49 -32.80
C SER A 214 -46.02 44.38 -32.94
N TYR A 215 -45.10 44.32 -32.01
CA TYR A 215 -44.09 43.28 -31.99
C TYR A 215 -44.59 42.04 -31.32
N THR A 216 -44.25 40.92 -31.93
CA THR A 216 -44.57 39.60 -31.48
C THR A 216 -43.28 38.82 -31.23
N SER A 217 -42.65 38.43 -32.32
CA SER A 217 -41.37 37.77 -32.31
C SER A 217 -40.60 38.14 -33.53
N PHE A 218 -39.30 38.21 -33.40
CA PHE A 218 -38.47 38.42 -34.55
C PHE A 218 -38.37 37.09 -35.21
N ALA A 219 -38.05 37.04 -36.48
CA ALA A 219 -37.87 35.77 -37.14
C ALA A 219 -37.00 35.99 -38.34
N THR A 220 -36.34 34.95 -38.78
CA THR A 220 -35.63 35.06 -40.04
C THR A 220 -36.45 34.40 -41.11
N TYR A 221 -36.11 34.69 -42.34
CA TYR A 221 -36.81 34.09 -43.44
C TYR A 221 -35.99 34.14 -44.68
N HIS A 222 -36.38 33.37 -45.64
CA HIS A 222 -35.84 33.48 -46.98
C HIS A 222 -37.05 33.30 -47.86
N THR A 223 -36.95 33.76 -49.11
CA THR A 223 -38.03 33.66 -50.09
C THR A 223 -37.55 32.86 -51.28
N PRO A 224 -37.74 31.53 -51.32
CA PRO A 224 -37.24 30.63 -52.32
C PRO A 224 -37.42 31.12 -53.73
N ALA A 225 -38.56 31.77 -53.96
CA ALA A 225 -38.87 32.28 -55.28
C ALA A 225 -37.78 33.18 -55.83
N THR A 226 -37.13 33.96 -54.97
CA THR A 226 -36.10 34.86 -55.45
C THR A 226 -34.72 34.53 -54.87
N ASP A 227 -34.70 33.78 -53.76
CA ASP A 227 -33.45 33.49 -53.07
C ASP A 227 -32.82 32.17 -53.39
N CYS A 228 -33.58 31.21 -53.92
CA CYS A 228 -33.01 29.90 -54.14
C CYS A 228 -33.06 29.50 -55.59
N SER A 229 -32.51 30.35 -56.46
CA SER A 229 -32.44 30.07 -57.89
C SER A 229 -31.53 28.87 -58.09
N ASP A 230 -31.72 28.07 -59.14
CA ASP A 230 -30.90 26.86 -59.27
C ASP A 230 -29.41 27.15 -59.25
N GLY A 231 -29.02 28.27 -59.80
CA GLY A 231 -27.64 28.67 -59.83
C GLY A 231 -27.28 29.58 -58.66
N ASN A 232 -27.64 30.83 -58.77
CA ASN A 232 -27.21 31.80 -57.79
C ASN A 232 -28.11 31.90 -56.55
N TYR A 233 -27.72 31.20 -55.49
CA TYR A 233 -28.45 31.30 -54.23
C TYR A 233 -28.08 32.60 -53.55
N ASN A 234 -29.03 33.20 -52.86
CA ASN A 234 -28.75 34.44 -52.12
C ASN A 234 -28.11 34.13 -50.79
N ARG A 235 -26.82 34.36 -50.71
CA ARG A 235 -26.05 33.97 -49.54
C ARG A 235 -26.28 34.87 -48.36
N ASN A 236 -27.00 35.96 -48.60
CA ASN A 236 -27.34 36.88 -47.53
C ASN A 236 -28.85 36.92 -47.27
N ALA A 237 -29.62 35.95 -47.79
CA ALA A 237 -31.06 36.07 -47.58
C ALA A 237 -31.49 36.04 -46.12
N SER A 238 -30.88 35.17 -45.31
CA SER A 238 -31.28 35.08 -43.92
C SER A 238 -30.63 36.15 -43.11
N LEU A 239 -29.42 36.57 -43.55
CA LEU A 239 -28.77 37.63 -42.83
C LEU A 239 -29.56 38.90 -43.00
N ASN A 240 -30.05 39.11 -44.22
CA ASN A 240 -30.79 40.31 -44.48
C ASN A 240 -32.08 40.34 -43.73
N SER A 241 -32.74 39.18 -43.54
CA SER A 241 -33.96 39.25 -42.76
C SER A 241 -33.68 39.48 -41.30
N PHE A 242 -32.55 38.96 -40.81
CA PHE A 242 -32.20 39.12 -39.42
C PHE A 242 -32.04 40.60 -39.14
N LYS A 243 -31.35 41.26 -40.08
CA LYS A 243 -31.07 42.70 -40.05
C LYS A 243 -32.28 43.61 -40.09
N GLU A 244 -33.44 43.05 -40.46
CA GLU A 244 -34.64 43.84 -40.47
C GLU A 244 -35.09 44.07 -39.03
N TYR A 245 -34.79 43.12 -38.14
CA TYR A 245 -35.25 43.24 -36.77
C TYR A 245 -34.18 43.86 -35.90
N PHE A 246 -32.91 43.62 -36.25
CA PHE A 246 -31.81 44.15 -35.44
C PHE A 246 -30.74 44.85 -36.24
N ASN A 247 -30.16 45.88 -35.67
CA ASN A 247 -28.98 46.47 -36.25
C ASN A 247 -27.79 45.75 -35.65
N LEU A 248 -26.84 45.35 -36.48
CA LEU A 248 -25.65 44.65 -35.98
C LEU A 248 -24.55 45.67 -35.70
N ARG A 249 -24.11 45.70 -34.45
CA ARG A 249 -23.12 46.67 -33.99
C ARG A 249 -21.93 46.07 -33.25
N ASN A 250 -20.80 46.65 -33.45
CA ASN A 250 -19.52 46.15 -32.79
C ASN A 250 -19.33 44.75 -33.03
N CYS A 251 -19.48 44.24 -34.23
CA CYS A 251 -19.24 42.86 -34.51
C CYS A 251 -17.77 42.59 -34.37
N THR A 252 -17.41 41.50 -33.73
CA THR A 252 -15.98 41.26 -33.58
C THR A 252 -15.52 40.30 -34.63
N PHE A 253 -16.45 39.51 -35.14
CA PHE A 253 -16.17 38.58 -36.20
C PHE A 253 -17.43 38.23 -36.91
N MET A 254 -17.24 37.74 -38.13
CA MET A 254 -18.26 37.08 -38.90
C MET A 254 -17.59 36.07 -39.78
N TYR A 255 -17.88 34.80 -39.56
CA TYR A 255 -17.26 33.71 -40.28
C TYR A 255 -18.28 32.94 -41.04
N THR A 256 -17.91 32.38 -42.18
CA THR A 256 -18.85 31.51 -42.85
C THR A 256 -18.22 30.17 -43.09
N TYR A 257 -19.04 29.15 -43.09
CA TYR A 257 -18.59 27.81 -43.37
C TYR A 257 -19.44 27.28 -44.47
N ASN A 258 -18.88 26.55 -45.39
CA ASN A 258 -19.67 26.01 -46.48
C ASN A 258 -20.26 24.66 -46.17
N ILE A 259 -21.46 24.44 -46.63
CA ILE A 259 -22.18 23.20 -46.50
C ILE A 259 -22.52 22.65 -47.90
N THR A 260 -22.11 21.43 -48.21
CA THR A 260 -22.53 20.85 -49.48
C THR A 260 -23.96 20.38 -49.28
N GLU A 261 -24.86 20.63 -50.23
CA GLU A 261 -26.23 20.18 -50.01
C GLU A 261 -26.45 18.69 -50.20
N ASP A 262 -27.23 18.14 -49.30
CA ASP A 262 -27.66 16.76 -49.31
C ASP A 262 -28.88 16.66 -48.39
N GLU A 263 -29.47 15.45 -48.26
CA GLU A 263 -30.60 15.20 -47.34
C GLU A 263 -30.20 14.21 -46.23
N ILE A 264 -28.91 14.14 -45.97
CA ILE A 264 -28.32 13.22 -45.00
C ILE A 264 -28.46 13.67 -43.54
N LEU A 265 -28.87 12.78 -42.65
CA LEU A 265 -28.94 13.18 -41.24
C LEU A 265 -27.57 13.57 -40.73
N GLU A 266 -27.50 14.74 -40.09
CA GLU A 266 -26.22 15.17 -39.56
C GLU A 266 -26.34 15.70 -38.17
N TRP A 267 -25.23 15.68 -37.48
CA TRP A 267 -25.20 16.24 -36.16
C TRP A 267 -24.36 17.49 -36.09
N PHE A 268 -24.84 18.43 -35.30
CA PHE A 268 -24.17 19.69 -34.99
C PHE A 268 -23.96 19.85 -33.49
N GLY A 269 -22.83 20.37 -33.05
CA GLY A 269 -22.71 20.59 -31.62
C GLY A 269 -21.99 21.85 -31.24
N ILE A 270 -22.28 22.34 -30.06
CA ILE A 270 -21.60 23.51 -29.54
C ILE A 270 -21.19 23.36 -28.08
N THR A 271 -19.94 23.70 -27.78
CA THR A 271 -19.44 23.69 -26.41
C THR A 271 -18.63 24.96 -26.16
N GLN A 272 -18.30 25.28 -24.92
CA GLN A 272 -17.42 26.44 -24.70
C GLN A 272 -16.37 26.17 -23.62
N THR A 273 -15.15 26.56 -23.93
CA THR A 273 -13.99 26.43 -23.05
C THR A 273 -13.25 27.76 -22.97
N ALA A 274 -12.13 27.81 -22.26
CA ALA A 274 -11.32 29.03 -22.19
C ALA A 274 -10.82 29.47 -23.57
N GLN A 275 -10.74 28.52 -24.51
CA GLN A 275 -10.26 28.79 -25.86
C GLN A 275 -11.34 29.36 -26.77
N GLY A 276 -12.57 29.42 -26.30
CA GLY A 276 -13.67 29.90 -27.12
C GLY A 276 -14.75 28.88 -27.33
N VAL A 277 -15.62 29.21 -28.25
CA VAL A 277 -16.77 28.39 -28.57
C VAL A 277 -16.40 27.42 -29.65
N HIS A 278 -16.66 26.16 -29.40
CA HIS A 278 -16.28 25.13 -30.33
C HIS A 278 -17.47 24.62 -31.05
N LEU A 279 -17.38 24.63 -32.36
CA LEU A 279 -18.46 24.16 -33.22
C LEU A 279 -18.06 22.81 -33.77
N PHE A 280 -18.94 21.82 -33.56
CA PHE A 280 -18.72 20.45 -33.97
C PHE A 280 -19.69 20.07 -35.04
N SER A 281 -19.27 19.21 -35.92
CA SER A 281 -20.17 18.69 -36.93
C SER A 281 -19.73 17.35 -37.43
N SER A 282 -20.69 16.54 -37.80
CA SER A 282 -20.38 15.27 -38.41
C SER A 282 -20.08 15.36 -39.91
N ARG A 283 -20.48 16.45 -40.58
CA ARG A 283 -20.39 16.41 -42.03
C ARG A 283 -19.05 16.57 -42.68
N TYR A 284 -18.04 16.99 -41.94
CA TYR A 284 -16.78 17.19 -42.61
C TYR A 284 -15.85 16.00 -42.42
N VAL A 285 -16.21 15.08 -41.50
CA VAL A 285 -15.35 13.93 -41.21
C VAL A 285 -16.09 12.60 -41.30
N ASP A 286 -17.30 12.51 -40.72
CA ASP A 286 -18.01 11.25 -40.63
C ASP A 286 -19.43 11.53 -41.11
N LEU A 287 -19.57 11.79 -42.40
CA LEU A 287 -20.84 12.22 -42.95
C LEU A 287 -21.92 11.19 -42.82
N TYR A 288 -21.58 9.98 -43.08
CA TYR A 288 -22.61 8.97 -43.07
C TYR A 288 -22.73 8.37 -41.71
N GLY A 289 -21.65 8.38 -40.97
CA GLY A 289 -21.61 7.79 -39.65
C GLY A 289 -22.24 8.59 -38.52
N GLY A 290 -22.11 9.92 -38.53
CA GLY A 290 -22.66 10.74 -37.48
C GLY A 290 -21.73 11.21 -36.33
N ASN A 291 -20.47 10.73 -36.24
CA ASN A 291 -19.64 11.22 -35.13
C ASN A 291 -19.28 12.66 -35.38
N MET A 292 -19.27 13.48 -34.33
CA MET A 292 -18.94 14.88 -34.50
C MET A 292 -17.54 15.24 -34.20
N PHE A 293 -16.98 16.04 -35.09
CA PHE A 293 -15.63 16.51 -34.99
C PHE A 293 -15.61 18.01 -35.00
N GLN A 294 -14.64 18.60 -34.37
CA GLN A 294 -14.62 20.04 -34.37
C GLN A 294 -14.28 20.63 -35.71
N PHE A 295 -15.03 21.64 -36.14
CA PHE A 295 -14.68 22.29 -37.40
C PHE A 295 -14.31 23.73 -37.21
N ALA A 296 -14.65 24.30 -36.06
CA ALA A 296 -14.32 25.70 -35.83
C ALA A 296 -14.24 26.04 -34.38
N THR A 297 -13.45 27.05 -34.07
CA THR A 297 -13.41 27.65 -32.74
C THR A 297 -13.67 29.14 -32.93
N LEU A 298 -14.59 29.69 -32.17
CA LEU A 298 -14.92 31.09 -32.30
C LEU A 298 -14.35 31.83 -31.12
N PRO A 299 -13.82 33.05 -31.28
CA PRO A 299 -13.27 33.88 -30.22
C PRO A 299 -14.31 34.57 -29.38
N VAL A 300 -15.10 33.74 -28.73
CA VAL A 300 -16.16 34.16 -27.84
C VAL A 300 -15.71 33.76 -26.45
N TYR A 301 -15.38 34.74 -25.62
CA TYR A 301 -14.81 34.39 -24.34
C TYR A 301 -15.69 34.68 -23.16
N ASP A 302 -16.73 35.45 -23.35
CA ASP A 302 -17.58 35.65 -22.22
C ASP A 302 -18.34 34.33 -22.13
N THR A 303 -18.84 34.00 -20.97
CA THR A 303 -19.54 32.70 -20.83
C THR A 303 -20.94 32.74 -21.40
N ILE A 304 -21.24 31.75 -22.24
CA ILE A 304 -22.57 31.67 -22.75
C ILE A 304 -23.40 31.06 -21.68
N LYS A 305 -24.46 31.73 -21.32
CA LYS A 305 -25.32 31.22 -20.28
C LYS A 305 -26.65 30.86 -20.84
N TYR A 306 -27.06 31.55 -21.90
CA TYR A 306 -28.38 31.39 -22.47
C TYR A 306 -28.38 31.18 -23.93
N TYR A 307 -29.38 30.47 -24.42
CA TYR A 307 -29.54 30.37 -25.85
C TYR A 307 -30.99 30.25 -26.23
N SER A 308 -31.26 30.54 -27.47
CA SER A 308 -32.59 30.39 -27.99
C SER A 308 -32.54 30.01 -29.43
N ILE A 309 -33.64 29.49 -29.93
CA ILE A 309 -33.74 29.15 -31.33
C ILE A 309 -34.33 30.32 -32.07
N ILE A 310 -33.68 30.75 -33.12
CA ILE A 310 -34.23 31.84 -33.87
C ILE A 310 -35.25 31.21 -34.77
N PRO A 311 -36.53 31.55 -34.69
CA PRO A 311 -37.53 30.94 -35.52
C PRO A 311 -37.26 31.36 -36.94
N HIS A 312 -37.54 30.47 -37.87
CA HIS A 312 -37.35 30.73 -39.27
C HIS A 312 -38.59 30.37 -39.98
N SER A 313 -39.00 31.18 -40.94
CA SER A 313 -40.21 30.91 -41.70
C SER A 313 -39.93 31.11 -43.15
N ILE A 314 -40.34 30.17 -43.96
CA ILE A 314 -40.02 30.22 -45.37
C ILE A 314 -41.14 30.87 -46.15
N ARG A 315 -40.83 31.92 -46.90
CA ARG A 315 -41.89 32.63 -47.59
C ARG A 315 -42.18 32.01 -48.94
N SER A 316 -42.71 30.82 -48.87
CA SER A 316 -43.08 30.04 -50.03
C SER A 316 -44.43 30.49 -50.50
N ILE A 317 -44.72 30.26 -51.76
CA ILE A 317 -46.06 30.50 -52.25
C ILE A 317 -46.96 29.39 -51.72
N GLN A 318 -48.26 29.61 -51.74
CA GLN A 318 -49.20 28.65 -51.18
C GLN A 318 -49.15 27.31 -51.89
N SER A 319 -48.83 27.36 -53.17
CA SER A 319 -48.79 26.20 -54.04
C SER A 319 -47.47 25.43 -53.98
N ASP A 320 -46.50 25.93 -53.22
CA ASP A 320 -45.18 25.30 -53.16
C ASP A 320 -44.67 25.19 -51.72
N ARG A 321 -45.53 24.81 -50.80
CA ARG A 321 -45.09 24.62 -49.42
C ARG A 321 -44.40 23.29 -49.24
N LYS A 322 -43.31 23.30 -48.50
CA LYS A 322 -42.58 22.09 -48.25
C LYS A 322 -42.67 21.72 -46.79
N ALA A 323 -42.44 20.46 -46.49
CA ALA A 323 -42.38 20.06 -45.11
C ALA A 323 -40.92 20.16 -44.71
N TRP A 324 -40.63 20.80 -43.60
CA TRP A 324 -39.24 20.92 -43.20
C TRP A 324 -38.99 20.03 -42.01
N ALA A 325 -37.85 19.37 -42.00
CA ALA A 325 -37.54 18.45 -40.92
C ALA A 325 -37.36 19.15 -39.61
N ALA A 326 -37.84 18.53 -38.55
CA ALA A 326 -37.63 19.05 -37.22
C ALA A 326 -36.22 18.78 -36.78
N PHE A 327 -35.67 19.63 -35.94
CA PHE A 327 -34.37 19.37 -35.37
C PHE A 327 -34.51 19.20 -33.88
N TYR A 328 -33.59 18.48 -33.31
CA TYR A 328 -33.71 18.20 -31.90
C TYR A 328 -32.50 18.61 -31.15
N VAL A 329 -32.69 19.31 -30.07
CA VAL A 329 -31.56 19.78 -29.28
C VAL A 329 -31.43 18.99 -28.02
N TYR A 330 -30.24 18.48 -27.76
CA TYR A 330 -30.03 17.66 -26.57
C TYR A 330 -28.92 18.28 -25.76
N LYS A 331 -29.06 18.31 -24.45
CA LYS A 331 -28.01 18.91 -23.63
C LYS A 331 -26.90 17.97 -23.28
N LEU A 332 -25.70 18.53 -23.19
CA LEU A 332 -24.52 17.76 -22.82
C LEU A 332 -24.15 17.86 -21.35
N GLN A 333 -23.49 16.83 -20.87
CA GLN A 333 -23.00 16.78 -19.51
C GLN A 333 -21.83 15.85 -19.45
N PRO A 334 -20.94 16.01 -18.47
CA PRO A 334 -19.77 15.19 -18.23
C PRO A 334 -20.11 13.81 -17.73
N LEU A 335 -20.24 12.89 -18.66
CA LEU A 335 -20.63 11.53 -18.42
C LEU A 335 -19.51 10.58 -18.81
N THR A 336 -19.53 9.37 -18.24
CA THR A 336 -18.60 8.38 -18.73
C THR A 336 -19.39 7.46 -19.66
N PHE A 337 -18.87 7.31 -20.88
CA PHE A 337 -19.43 6.41 -21.88
C PHE A 337 -18.48 5.26 -22.19
N LEU A 338 -19.06 4.12 -22.55
CA LEU A 338 -18.25 3.03 -23.06
C LEU A 338 -18.29 3.25 -24.56
N LEU A 339 -17.14 3.43 -25.21
CA LEU A 339 -17.15 3.73 -26.64
C LEU A 339 -16.51 2.62 -27.45
N ASP A 340 -17.26 2.13 -28.45
CA ASP A 340 -16.78 1.08 -29.33
C ASP A 340 -16.21 1.66 -30.61
N PHE A 341 -14.88 1.65 -30.72
CA PHE A 341 -14.18 2.21 -31.86
C PHE A 341 -13.95 1.12 -32.88
N SER A 342 -14.40 1.36 -34.10
CA SER A 342 -14.27 0.40 -35.19
C SER A 342 -12.88 0.43 -35.72
N VAL A 343 -12.55 -0.43 -36.67
CA VAL A 343 -11.20 -0.45 -37.22
C VAL A 343 -10.87 0.90 -37.84
N ASP A 344 -11.86 1.52 -38.49
CA ASP A 344 -11.69 2.81 -39.14
C ASP A 344 -11.80 3.97 -38.16
N GLY A 345 -11.92 3.66 -36.87
CA GLY A 345 -11.94 4.64 -35.84
C GLY A 345 -13.24 5.28 -35.50
N TYR A 346 -14.31 4.93 -36.17
CA TYR A 346 -15.53 5.62 -35.80
C TYR A 346 -16.25 4.95 -34.70
N ILE A 347 -16.97 5.72 -33.93
CA ILE A 347 -17.75 5.18 -32.84
C ILE A 347 -19.11 4.83 -33.39
N ARG A 348 -19.45 3.56 -33.29
CA ARG A 348 -20.72 3.10 -33.85
C ARG A 348 -21.66 2.65 -32.80
N ARG A 349 -21.11 2.33 -31.65
CA ARG A 349 -21.88 1.83 -30.56
C ARG A 349 -21.33 2.37 -29.26
N ALA A 350 -22.20 2.66 -28.29
CA ALA A 350 -21.75 3.12 -27.00
C ALA A 350 -22.73 2.78 -25.89
N ILE A 351 -22.22 2.80 -24.66
CA ILE A 351 -23.02 2.65 -23.44
C ILE A 351 -22.96 3.92 -22.58
N ASP A 352 -24.11 4.42 -22.15
CA ASP A 352 -24.15 5.52 -21.19
C ASP A 352 -24.03 4.84 -19.82
N CYS A 353 -22.85 4.98 -19.18
CA CYS A 353 -22.60 4.16 -17.99
C CYS A 353 -23.41 4.53 -16.78
N GLY A 354 -24.13 5.66 -16.85
CA GLY A 354 -24.96 6.02 -15.71
C GLY A 354 -26.45 5.85 -15.99
N PHE A 355 -26.81 5.31 -17.14
CA PHE A 355 -28.23 5.19 -17.50
C PHE A 355 -29.02 4.29 -16.60
N ASN A 356 -28.52 3.09 -16.39
CA ASN A 356 -29.15 2.12 -15.54
C ASN A 356 -28.09 1.19 -14.99
N ASP A 357 -28.51 0.22 -14.22
CA ASP A 357 -27.62 -0.72 -13.57
C ASP A 357 -26.98 -1.70 -14.53
N LEU A 358 -27.70 -2.03 -15.58
CA LEU A 358 -27.19 -2.93 -16.60
C LEU A 358 -26.07 -2.23 -17.34
N SER A 359 -26.25 -0.93 -17.60
CA SER A 359 -25.23 -0.17 -18.29
C SER A 359 -23.98 -0.06 -17.44
N GLN A 360 -24.17 0.07 -16.12
CA GLN A 360 -23.03 0.18 -15.20
C GLN A 360 -22.23 -1.08 -15.25
N LEU A 361 -22.91 -2.21 -15.39
CA LEU A 361 -22.25 -3.50 -15.47
C LEU A 361 -21.36 -3.56 -16.70
N HIS A 362 -21.90 -3.13 -17.86
CA HIS A 362 -21.11 -3.21 -19.07
C HIS A 362 -19.91 -2.32 -18.98
N CYS A 363 -20.08 -1.17 -18.37
CA CYS A 363 -18.95 -0.28 -18.26
C CYS A 363 -17.89 -0.83 -17.34
N SER A 364 -18.28 -1.48 -16.23
CA SER A 364 -17.28 -1.95 -15.28
C SER A 364 -16.39 -3.03 -15.86
N TYR A 365 -16.90 -3.74 -16.86
CA TYR A 365 -16.09 -4.77 -17.51
C TYR A 365 -15.52 -4.29 -18.81
N GLU A 366 -15.79 -3.02 -19.13
CA GLU A 366 -15.42 -2.38 -20.37
C GLU A 366 -15.76 -3.23 -21.58
N SER A 367 -16.99 -3.73 -21.59
CA SER A 367 -17.40 -4.59 -22.67
C SER A 367 -18.87 -4.54 -22.93
N PHE A 368 -19.26 -4.80 -24.15
CA PHE A 368 -20.68 -4.82 -24.51
C PHE A 368 -21.29 -6.17 -24.27
N ASP A 369 -20.45 -7.14 -23.95
CA ASP A 369 -20.88 -8.49 -23.69
C ASP A 369 -20.21 -8.98 -22.42
N VAL A 370 -21.02 -9.24 -21.43
CA VAL A 370 -20.51 -9.72 -20.16
C VAL A 370 -21.21 -11.03 -19.95
N GLU A 371 -20.66 -11.87 -19.10
CA GLU A 371 -21.24 -13.17 -18.82
C GLU A 371 -22.46 -13.07 -17.96
N SER A 372 -23.30 -14.10 -18.01
CA SER A 372 -24.48 -14.16 -17.18
C SER A 372 -24.11 -14.27 -15.71
N GLY A 373 -24.91 -13.67 -14.86
CA GLY A 373 -24.64 -13.77 -13.44
C GLY A 373 -25.36 -12.71 -12.66
N VAL A 374 -25.11 -12.69 -11.38
CA VAL A 374 -25.72 -11.69 -10.53
C VAL A 374 -24.56 -10.84 -10.05
N TYR A 375 -24.63 -9.54 -10.32
CA TYR A 375 -23.52 -8.64 -10.00
C TYR A 375 -23.91 -7.46 -9.17
N SER A 376 -23.05 -7.05 -8.28
CA SER A 376 -23.34 -5.85 -7.53
C SER A 376 -22.88 -4.66 -8.33
N VAL A 377 -23.69 -3.62 -8.32
CA VAL A 377 -23.40 -2.38 -9.02
C VAL A 377 -23.59 -1.22 -8.07
N SER A 378 -23.25 -0.03 -8.49
CA SER A 378 -23.41 1.10 -7.61
C SER A 378 -24.84 1.21 -7.09
N SER A 379 -24.94 1.57 -5.82
CA SER A 379 -26.22 1.71 -5.13
C SER A 379 -27.03 2.83 -5.71
N PHE A 380 -28.31 2.78 -5.48
CA PHE A 380 -29.16 3.84 -5.96
C PHE A 380 -29.14 4.88 -4.85
N GLU A 381 -28.55 6.02 -5.14
CA GLU A 381 -28.33 7.02 -4.12
C GLU A 381 -29.58 7.74 -3.69
N ALA A 382 -29.66 7.99 -2.40
CA ALA A 382 -30.69 8.86 -1.89
C ALA A 382 -30.19 10.25 -2.17
N LYS A 383 -31.06 11.18 -2.56
CA LYS A 383 -30.57 12.51 -2.82
C LYS A 383 -31.29 13.46 -1.88
N PRO A 384 -30.67 14.60 -1.50
CA PRO A 384 -31.30 15.61 -0.69
C PRO A 384 -32.53 16.15 -1.34
N SER A 385 -33.53 16.38 -0.51
CA SER A 385 -34.83 16.92 -0.84
C SER A 385 -34.96 18.34 -0.33
N GLY A 386 -33.88 18.83 0.26
CA GLY A 386 -33.84 20.14 0.90
C GLY A 386 -32.61 20.28 1.77
N SER A 387 -32.64 21.26 2.65
CA SER A 387 -31.52 21.53 3.54
C SER A 387 -31.98 22.10 4.86
N VAL A 388 -31.21 21.88 5.92
CA VAL A 388 -31.48 22.50 7.21
C VAL A 388 -30.25 23.28 7.66
N VAL A 389 -30.48 24.47 8.19
CA VAL A 389 -29.36 25.25 8.66
C VAL A 389 -29.61 25.87 10.03
N GLU A 390 -28.63 25.73 10.91
CA GLU A 390 -28.68 26.42 12.20
C GLU A 390 -27.34 27.12 12.37
N GLN A 391 -27.35 28.39 12.74
CA GLN A 391 -26.13 29.13 12.98
C GLN A 391 -26.33 29.99 14.20
N ALA A 392 -25.25 30.36 14.87
CA ALA A 392 -25.46 31.34 15.91
C ALA A 392 -25.95 32.60 15.22
N GLU A 393 -26.97 33.23 15.77
CA GLU A 393 -27.47 34.47 15.22
C GLU A 393 -27.61 35.44 16.36
N GLY A 394 -26.98 36.60 16.25
CA GLY A 394 -27.07 37.52 17.36
C GLY A 394 -26.17 38.73 17.23
N VAL A 395 -25.28 38.85 18.20
CA VAL A 395 -24.36 39.94 18.33
C VAL A 395 -23.33 39.92 17.20
N GLU A 396 -22.94 41.10 16.74
CA GLU A 396 -21.93 41.21 15.70
C GLU A 396 -20.55 40.99 16.41
N CYS A 397 -19.62 40.46 15.54
CA CYS A 397 -18.26 40.35 16.48
C CYS A 397 -17.75 41.87 16.12
N ASP A 398 -17.25 42.17 17.57
CA ASP A 398 -16.85 43.57 17.79
C ASP A 398 -15.41 43.92 17.53
N PHE A 399 -15.17 44.66 16.46
CA PHE A 399 -13.82 45.02 16.07
C PHE A 399 -13.53 46.45 16.49
N SER A 400 -14.38 47.01 17.34
CA SER A 400 -14.18 48.37 17.75
C SER A 400 -12.85 48.67 18.43
N PRO A 401 -12.37 47.92 19.44
CA PRO A 401 -11.08 48.15 20.11
C PRO A 401 -9.96 48.51 19.18
N LEU A 402 -9.97 47.82 18.05
CA LEU A 402 -8.99 47.91 16.98
C LEU A 402 -8.87 49.30 16.42
N LEU A 403 -10.00 49.99 16.38
CA LEU A 403 -10.14 51.27 15.77
C LEU A 403 -9.90 52.44 16.71
N SER A 404 -9.54 52.19 17.97
CA SER A 404 -9.41 53.30 18.91
C SER A 404 -8.10 53.37 19.66
N GLY A 405 -7.36 54.44 19.38
CA GLY A 405 -6.07 54.66 20.04
C GLY A 405 -4.90 54.20 19.20
N THR A 406 -3.71 54.23 19.78
CA THR A 406 -2.51 53.90 19.05
C THR A 406 -2.35 52.38 19.06
N PRO A 407 -2.22 51.68 17.93
CA PRO A 407 -2.01 50.27 17.86
C PRO A 407 -0.68 49.98 18.48
N PRO A 408 -0.47 48.81 19.01
CA PRO A 408 0.74 48.34 19.61
C PRO A 408 1.79 48.06 18.59
N GLN A 409 3.01 47.92 19.04
CA GLN A 409 4.09 47.50 18.17
C GLN A 409 3.96 46.02 17.92
N VAL A 410 4.60 45.52 16.90
CA VAL A 410 4.53 44.11 16.53
C VAL A 410 4.80 43.11 17.64
N TYR A 411 5.63 43.42 18.61
CA TYR A 411 5.92 42.46 19.68
C TYR A 411 4.93 42.51 20.81
N ASN A 412 4.09 43.53 20.80
CA ASN A 412 3.05 43.75 21.78
C ASN A 412 1.69 43.67 21.13
N PHE A 413 1.55 42.88 20.10
CA PHE A 413 0.31 42.84 19.37
C PHE A 413 -0.86 42.59 20.29
N LYS A 414 -2.01 43.14 19.92
CA LYS A 414 -3.18 42.91 20.74
C LYS A 414 -4.05 41.91 20.09
N ARG A 415 -4.71 41.13 20.92
CA ARG A 415 -5.54 40.07 20.44
C ARG A 415 -7.00 40.18 20.78
N LEU A 416 -7.81 40.09 19.75
CA LEU A 416 -9.25 40.08 19.89
C LEU A 416 -9.74 38.68 19.59
N VAL A 417 -10.40 38.04 20.53
CA VAL A 417 -10.87 36.68 20.27
C VAL A 417 -12.35 36.69 20.15
N PHE A 418 -12.82 36.21 19.01
CA PHE A 418 -14.22 36.21 18.71
C PHE A 418 -14.84 34.85 18.75
N THR A 419 -15.84 34.71 19.58
CA THR A 419 -16.61 33.48 19.70
C THR A 419 -18.08 33.84 19.74
N ASN A 420 -18.98 32.93 19.34
CA ASN A 420 -20.42 33.19 19.48
C ASN A 420 -20.89 34.54 18.94
N CYS A 421 -20.54 34.83 17.70
CA CYS A 421 -20.88 36.11 17.09
C CYS A 421 -20.96 36.02 15.58
N ASN A 422 -21.52 37.04 14.96
CA ASN A 422 -21.59 37.10 13.52
C ASN A 422 -20.45 37.94 12.95
N TYR A 423 -19.65 37.38 12.09
CA TYR A 423 -18.52 38.16 11.64
C TYR A 423 -18.75 38.67 10.26
N ASN A 424 -18.06 39.74 9.98
CA ASN A 424 -18.08 40.30 8.63
C ASN A 424 -16.71 40.99 8.42
N LEU A 425 -15.93 40.29 7.51
CA LEU A 425 -14.59 40.83 7.33
C LEU A 425 -14.63 42.09 6.52
N THR A 426 -15.59 42.23 5.62
CA THR A 426 -15.69 43.41 4.76
C THR A 426 -15.86 44.62 5.65
N LYS A 427 -16.64 44.47 6.71
CA LYS A 427 -16.91 45.55 7.66
C LYS A 427 -15.62 46.12 8.20
N LEU A 428 -14.61 45.27 8.42
CA LEU A 428 -13.33 45.72 8.93
C LEU A 428 -12.39 46.15 7.82
N LEU A 429 -12.34 45.37 6.74
CA LEU A 429 -11.41 45.60 5.64
C LEU A 429 -11.70 46.89 4.94
N SER A 430 -12.98 47.24 4.86
CA SER A 430 -13.45 48.45 4.19
C SER A 430 -13.02 49.72 4.86
N LEU A 431 -12.54 49.62 6.09
CA LEU A 431 -12.09 50.78 6.82
C LEU A 431 -10.61 51.06 6.57
N PHE A 432 -9.90 50.18 5.88
CA PHE A 432 -8.47 50.36 5.69
C PHE A 432 -8.10 50.28 4.23
N SER A 433 -7.00 50.89 3.84
CA SER A 433 -6.57 50.67 2.48
C SER A 433 -5.71 49.42 2.50
N VAL A 434 -6.24 48.33 2.02
CA VAL A 434 -5.52 47.07 2.14
C VAL A 434 -4.46 46.99 1.12
N ASN A 435 -3.26 46.68 1.58
CA ASN A 435 -2.14 46.60 0.70
C ASN A 435 -1.87 45.16 0.31
N ASP A 436 -2.08 44.25 1.26
CA ASP A 436 -1.76 42.86 0.98
C ASP A 436 -2.61 41.92 1.84
N PHE A 437 -3.53 41.19 1.25
CA PHE A 437 -4.38 40.27 2.02
C PHE A 437 -4.22 38.85 1.48
N THR A 438 -3.53 38.00 2.23
CA THR A 438 -3.33 36.62 1.77
C THR A 438 -3.71 35.62 2.82
N CYS A 439 -4.07 34.43 2.36
CA CYS A 439 -4.45 33.35 3.25
C CYS A 439 -3.65 32.08 3.06
N SER A 440 -3.54 31.31 4.11
CA SER A 440 -2.82 30.06 4.17
C SER A 440 -3.59 28.97 4.89
N GLN A 441 -3.72 27.84 4.20
CA GLN A 441 -4.46 26.64 4.63
C GLN A 441 -5.96 26.89 4.74
N ILE A 442 -6.42 27.89 4.04
CA ILE A 442 -7.83 28.23 3.90
C ILE A 442 -7.94 29.03 2.62
N SER A 443 -8.97 28.82 1.84
CA SER A 443 -9.12 29.64 0.65
C SER A 443 -9.59 31.03 1.01
N PRO A 444 -9.32 32.03 0.22
CA PRO A 444 -9.91 33.34 0.19
C PRO A 444 -11.43 33.43 0.27
N ALA A 445 -12.10 32.49 -0.42
CA ALA A 445 -13.54 32.53 -0.38
C ALA A 445 -14.02 32.05 0.96
N ALA A 446 -13.33 31.06 1.48
CA ALA A 446 -13.64 30.44 2.75
C ALA A 446 -13.40 31.34 3.94
N ILE A 447 -12.35 32.16 3.90
CA ILE A 447 -12.07 32.93 5.11
C ILE A 447 -13.22 33.83 5.47
N ALA A 448 -13.89 34.34 4.45
CA ALA A 448 -15.02 35.22 4.63
C ALA A 448 -16.38 34.52 4.73
N SER A 449 -16.45 33.20 4.56
CA SER A 449 -17.75 32.53 4.54
C SER A 449 -17.96 31.32 5.47
N ASN A 450 -16.90 30.75 6.04
CA ASN A 450 -17.09 29.57 6.88
C ASN A 450 -17.37 29.89 8.33
N CYS A 451 -17.94 28.92 9.04
CA CYS A 451 -18.11 29.04 10.46
C CYS A 451 -16.87 28.53 11.21
N TYR A 452 -16.56 29.17 12.32
CA TYR A 452 -15.40 28.79 13.12
C TYR A 452 -15.72 28.64 14.59
N SER A 453 -14.92 27.83 15.30
CA SER A 453 -15.03 27.73 16.76
C SER A 453 -14.63 29.06 17.36
N SER A 454 -13.61 29.63 16.74
CA SER A 454 -13.11 30.93 17.16
C SER A 454 -12.40 31.59 16.02
N LEU A 455 -12.38 32.91 16.07
CA LEU A 455 -11.56 33.69 15.15
C LEU A 455 -10.70 34.58 16.01
N ILE A 456 -9.40 34.51 15.81
CA ILE A 456 -8.49 35.31 16.60
C ILE A 456 -7.83 36.35 15.74
N LEU A 457 -8.01 37.60 16.10
CA LEU A 457 -7.45 38.72 15.37
C LEU A 457 -6.34 39.43 16.12
N ASP A 458 -5.13 39.38 15.58
CA ASP A 458 -3.94 40.00 16.17
C ASP A 458 -3.56 41.27 15.45
N TYR A 459 -3.68 42.43 16.09
CA TYR A 459 -3.39 43.65 15.33
C TYR A 459 -2.25 44.42 15.90
N PHE A 460 -1.50 45.05 15.01
CA PHE A 460 -0.33 45.84 15.39
C PHE A 460 0.13 46.83 14.34
N SER A 461 0.90 47.82 14.75
CA SER A 461 1.54 48.72 13.80
C SER A 461 2.63 47.95 13.06
N TYR A 462 2.76 48.18 11.77
CA TYR A 462 3.80 47.48 11.05
C TYR A 462 4.15 48.19 9.76
N PRO A 463 5.42 48.52 9.50
CA PRO A 463 5.82 49.21 8.30
C PRO A 463 5.62 48.26 7.13
N LEU A 464 5.21 48.79 6.00
CA LEU A 464 4.98 47.93 4.85
C LEU A 464 6.29 47.56 4.22
N SER A 465 7.31 48.34 4.50
CA SER A 465 8.64 48.09 3.98
C SER A 465 9.25 46.83 4.52
N MET A 466 8.66 46.30 5.62
CA MET A 466 9.14 45.06 6.22
C MET A 466 8.19 43.91 5.95
N LYS A 467 7.31 44.07 4.95
CA LYS A 467 6.30 43.08 4.56
C LYS A 467 6.78 41.67 4.53
N SER A 468 7.91 41.45 3.91
CA SER A 468 8.47 40.13 3.71
C SER A 468 8.95 39.45 4.96
N ASP A 469 9.17 40.23 6.01
CA ASP A 469 9.72 39.70 7.24
C ASP A 469 8.64 38.90 7.99
N LEU A 470 7.38 39.02 7.55
CA LEU A 470 6.26 38.27 8.12
C LEU A 470 5.98 36.98 7.38
N SER A 471 6.77 36.69 6.35
CA SER A 471 6.61 35.47 5.59
C SER A 471 7.00 34.25 6.42
N VAL A 472 6.34 33.13 6.20
CA VAL A 472 6.67 31.90 6.92
C VAL A 472 8.12 31.49 6.74
N SER A 473 8.62 31.66 5.53
CA SER A 473 9.99 31.33 5.17
C SER A 473 11.05 32.30 5.69
N SER A 474 10.63 33.43 6.25
CA SER A 474 11.55 34.41 6.74
C SER A 474 12.37 34.02 7.95
N ALA A 475 13.63 34.41 7.90
CA ALA A 475 14.56 34.21 8.98
C ALA A 475 14.99 35.52 9.58
N GLY A 476 14.22 36.58 9.31
CA GLY A 476 14.56 37.87 9.86
C GLY A 476 13.99 38.02 11.28
N PRO A 477 14.24 39.15 11.94
CA PRO A 477 13.83 39.49 13.29
C PRO A 477 12.35 39.46 13.60
N ILE A 478 11.47 39.72 12.64
CA ILE A 478 10.08 39.70 13.02
C ILE A 478 9.61 38.32 13.25
N SER A 479 9.93 37.44 12.31
CA SER A 479 9.49 36.07 12.48
C SER A 479 10.27 35.32 13.56
N GLN A 480 11.48 35.79 13.88
CA GLN A 480 12.18 35.08 14.92
C GLN A 480 11.93 35.59 16.32
N PHE A 481 11.72 36.90 16.49
CA PHE A 481 11.57 37.41 17.84
C PHE A 481 10.31 38.19 18.15
N ASN A 482 9.49 38.50 17.17
CA ASN A 482 8.37 39.40 17.48
C ASN A 482 7.01 38.80 17.30
N TYR A 483 6.76 38.26 16.13
CA TYR A 483 5.45 37.73 15.81
C TYR A 483 5.51 36.62 14.80
N LYS A 484 4.85 35.52 15.13
CA LYS A 484 4.81 34.37 14.26
C LYS A 484 3.41 33.81 14.24
N GLN A 485 2.92 33.50 13.02
CA GLN A 485 1.58 32.94 12.87
C GLN A 485 1.60 31.44 13.02
N SER A 486 0.44 30.89 13.37
CA SER A 486 0.27 29.46 13.55
C SER A 486 0.54 28.66 12.32
N PHE A 487 1.14 27.49 12.52
CA PHE A 487 1.39 26.58 11.44
C PHE A 487 0.28 25.52 11.40
N SER A 488 -0.50 25.45 12.48
CA SER A 488 -1.50 24.42 12.65
C SER A 488 -2.88 24.86 12.23
N ASN A 489 -3.24 26.08 12.57
CA ASN A 489 -4.54 26.58 12.26
C ASN A 489 -4.42 27.31 10.96
N PRO A 490 -5.46 27.42 10.15
CA PRO A 490 -5.50 28.29 9.02
C PRO A 490 -5.33 29.72 9.42
N THR A 491 -4.57 30.46 8.64
CA THR A 491 -4.34 31.86 8.96
C THR A 491 -4.41 32.78 7.76
N CYS A 492 -4.67 34.05 8.02
CA CYS A 492 -4.56 35.07 7.03
C CYS A 492 -3.72 36.22 7.57
N LEU A 493 -3.05 36.92 6.68
CA LEU A 493 -2.32 38.11 7.05
C LEU A 493 -2.75 39.27 6.20
N ILE A 494 -3.15 40.33 6.87
CA ILE A 494 -3.56 41.55 6.19
C ILE A 494 -2.63 42.67 6.54
N LEU A 495 -2.10 43.31 5.53
CA LEU A 495 -1.30 44.49 5.74
C LEU A 495 -2.08 45.61 5.14
N ALA A 496 -2.34 46.66 5.91
CA ALA A 496 -3.18 47.73 5.43
C ALA A 496 -2.78 49.07 6.00
N THR A 497 -3.12 50.11 5.27
CA THR A 497 -2.83 51.47 5.67
C THR A 497 -4.05 52.18 6.23
N VAL A 498 -3.85 52.87 7.33
CA VAL A 498 -4.92 53.62 7.95
C VAL A 498 -5.17 54.88 7.10
N PRO A 499 -6.40 55.12 6.62
CA PRO A 499 -6.83 56.26 5.83
C PRO A 499 -6.69 57.54 6.61
N HIS A 500 -6.56 58.66 5.92
CA HIS A 500 -6.40 59.94 6.60
C HIS A 500 -7.60 60.33 7.42
N ASN A 501 -8.79 59.86 7.03
CA ASN A 501 -9.94 60.25 7.76
C ASN A 501 -10.38 59.22 8.85
N LEU A 502 -9.52 58.20 9.04
CA LEU A 502 -9.88 57.26 10.10
C LEU A 502 -9.15 57.82 11.34
N THR A 503 -9.76 58.83 11.96
CA THR A 503 -9.08 59.67 12.95
C THR A 503 -9.08 59.10 14.32
N THR A 504 -9.69 57.97 14.47
CA THR A 504 -9.77 57.31 15.75
C THR A 504 -8.53 56.47 16.04
N ILE A 505 -7.72 56.17 15.00
CA ILE A 505 -6.49 55.41 15.18
C ILE A 505 -5.35 56.40 15.15
N THR A 506 -4.55 56.41 16.18
CA THR A 506 -3.47 57.39 16.27
C THR A 506 -2.16 56.73 15.96
N LYS A 507 -1.11 57.49 15.77
CA LYS A 507 0.14 56.86 15.40
C LYS A 507 1.12 56.89 16.54
N PRO A 508 1.99 55.90 16.66
CA PRO A 508 3.09 55.88 17.56
C PRO A 508 4.12 56.80 16.93
N LEU A 509 5.17 57.11 17.66
CA LEU A 509 6.23 57.95 17.12
C LEU A 509 7.05 57.28 16.04
N LYS A 510 7.20 55.98 16.15
CA LYS A 510 8.00 55.21 15.25
C LYS A 510 7.53 53.78 15.30
N TYR A 511 7.91 52.99 14.30
CA TYR A 511 7.58 51.58 14.36
C TYR A 511 8.78 50.94 15.08
N SER A 512 8.57 49.90 15.85
CA SER A 512 9.74 49.28 16.46
C SER A 512 9.60 47.81 16.59
N TYR A 513 10.72 47.16 16.79
CA TYR A 513 10.74 45.73 16.91
C TYR A 513 11.92 45.26 17.69
N ILE A 514 11.86 44.01 18.08
CA ILE A 514 12.95 43.36 18.76
C ILE A 514 13.85 42.72 17.71
N ASN A 515 15.15 43.01 17.73
CA ASN A 515 16.00 42.37 16.74
C ASN A 515 16.87 41.32 17.39
N LYS A 516 16.80 41.27 18.70
CA LYS A 516 17.54 40.29 19.48
C LYS A 516 16.75 39.97 20.69
N CYS A 517 16.70 38.71 21.04
CA CYS A 517 16.10 38.23 22.26
C CYS A 517 16.80 36.96 22.65
N SER A 518 17.46 36.93 23.79
CA SER A 518 18.25 35.77 24.19
C SER A 518 18.43 35.63 25.67
N ARG A 519 18.82 34.44 26.09
CA ARG A 519 19.17 34.25 27.48
C ARG A 519 20.61 33.97 27.67
N LEU A 520 21.15 34.57 28.69
CA LEU A 520 22.51 34.35 29.09
C LEU A 520 22.40 33.41 30.25
N LEU A 521 23.06 32.29 30.17
CA LEU A 521 22.93 31.30 31.22
C LEU A 521 23.82 31.66 32.38
N SER A 522 23.68 30.98 33.50
CA SER A 522 24.43 31.33 34.72
C SER A 522 25.94 31.35 34.56
N ASP A 523 26.48 30.57 33.62
CA ASP A 523 27.92 30.53 33.36
C ASP A 523 28.46 31.78 32.68
N ASP A 524 27.57 32.54 32.06
CA ASP A 524 27.83 33.75 31.30
C ASP A 524 28.78 33.51 30.14
N ARG A 525 28.71 32.32 29.55
CA ARG A 525 29.49 31.99 28.39
C ARG A 525 28.53 31.68 27.25
N THR A 526 27.43 31.02 27.61
CA THR A 526 26.45 30.61 26.62
C THR A 526 25.26 31.51 26.56
N GLU A 527 24.96 31.89 25.35
CA GLU A 527 23.83 32.73 24.99
C GLU A 527 22.87 31.93 24.11
N VAL A 528 21.62 31.87 24.51
CA VAL A 528 20.62 31.10 23.82
C VAL A 528 19.52 31.96 23.25
N PRO A 529 19.38 32.10 21.93
CA PRO A 529 18.35 32.87 21.28
C PRO A 529 17.00 32.37 21.72
N GLN A 530 16.12 33.31 22.06
CA GLN A 530 14.78 32.96 22.50
C GLN A 530 13.79 33.25 21.41
N LEU A 531 13.44 32.24 20.67
CA LEU A 531 12.61 32.48 19.52
C LEU A 531 11.17 32.53 19.95
N VAL A 532 10.40 33.34 19.26
CA VAL A 532 8.99 33.47 19.56
C VAL A 532 8.24 32.26 19.03
N ASN A 533 7.28 31.78 19.80
CA ASN A 533 6.46 30.67 19.35
C ASN A 533 5.27 31.20 18.59
N ALA A 534 4.68 30.40 17.73
CA ALA A 534 3.53 30.88 17.03
C ALA A 534 2.42 31.21 17.99
N ASN A 535 1.77 32.34 17.72
CA ASN A 535 0.66 32.90 18.49
C ASN A 535 1.02 33.31 19.90
N GLN A 536 2.30 33.40 20.21
CA GLN A 536 2.71 33.80 21.54
C GLN A 536 3.50 35.07 21.52
N TYR A 537 3.79 35.56 22.71
CA TYR A 537 4.61 36.72 22.86
C TYR A 537 6.03 36.28 23.16
N SER A 538 6.99 37.02 22.70
CA SER A 538 8.38 36.81 22.99
C SER A 538 8.64 36.97 24.48
N PRO A 539 9.54 36.19 25.11
CA PRO A 539 9.86 36.31 26.52
C PRO A 539 10.46 37.67 26.86
N CYS A 540 11.00 38.35 25.86
CA CYS A 540 11.60 39.65 26.04
C CYS A 540 10.62 40.78 26.05
N VAL A 541 9.35 40.48 25.84
CA VAL A 541 8.36 41.52 25.83
C VAL A 541 8.33 42.27 27.14
N SER A 542 8.55 41.58 28.25
CA SER A 542 8.57 42.23 29.52
C SER A 542 9.76 43.19 29.73
N ILE A 543 10.83 43.08 28.94
CA ILE A 543 11.97 43.96 29.16
C ILE A 543 12.02 45.08 28.12
N VAL A 544 11.37 44.85 26.98
CA VAL A 544 11.33 45.81 25.90
C VAL A 544 10.15 46.78 26.12
N PRO A 545 10.36 48.10 26.13
CA PRO A 545 9.37 49.15 26.30
C PRO A 545 8.37 49.12 25.16
N SER A 546 7.19 49.74 25.38
CA SER A 546 6.19 49.71 24.33
C SER A 546 6.65 50.39 23.06
N THR A 547 7.57 51.32 23.16
CA THR A 547 8.18 51.95 21.99
C THR A 547 9.69 51.89 22.24
N VAL A 548 10.47 51.42 21.28
CA VAL A 548 11.92 51.44 21.46
C VAL A 548 12.35 52.88 21.35
N TRP A 549 13.10 53.39 22.31
CA TRP A 549 13.49 54.79 22.24
C TRP A 549 14.34 55.07 21.00
N GLU A 550 15.42 54.31 20.87
CA GLU A 550 16.23 54.48 19.68
C GLU A 550 16.80 53.16 19.22
N ASP A 551 17.13 53.10 17.96
CA ASP A 551 17.67 51.89 17.41
C ASP A 551 18.94 51.53 18.13
N GLY A 552 19.06 50.27 18.56
CA GLY A 552 20.23 49.82 19.28
C GLY A 552 20.06 49.73 20.79
N ASP A 553 18.92 50.19 21.32
CA ASP A 553 18.74 50.10 22.77
C ASP A 553 18.84 48.69 23.24
N TYR A 554 19.56 48.49 24.33
CA TYR A 554 19.78 47.16 24.86
C TYR A 554 19.08 47.04 26.18
N TYR A 555 18.38 45.94 26.36
CA TYR A 555 17.60 45.70 27.55
C TYR A 555 18.09 44.49 28.25
N ARG A 556 18.02 44.49 29.61
CA ARG A 556 18.39 43.31 30.36
C ARG A 556 17.58 43.16 31.63
N LYS A 557 17.24 41.88 31.94
CA LYS A 557 16.58 41.52 33.18
C LYS A 557 17.33 40.40 33.88
N GLN A 558 17.51 40.53 35.17
CA GLN A 558 18.09 39.44 35.95
C GLN A 558 16.98 38.45 36.22
N LEU A 559 17.18 37.18 35.85
CA LEU A 559 16.15 36.18 36.07
C LEU A 559 16.30 35.53 37.43
N SER A 560 15.16 35.17 38.02
CA SER A 560 15.18 34.48 39.30
C SER A 560 15.53 33.02 39.05
N PRO A 561 15.88 32.22 40.07
CA PRO A 561 16.15 30.79 39.94
C PRO A 561 14.99 29.98 39.36
N LEU A 562 13.77 30.47 39.51
CA LEU A 562 12.57 29.77 39.06
C LEU A 562 12.34 29.90 37.58
N GLU A 563 13.08 30.87 37.03
CA GLU A 563 13.08 31.23 35.65
C GLU A 563 14.34 30.66 34.98
N GLY A 564 15.12 29.89 35.75
CA GLY A 564 16.34 29.27 35.28
C GLY A 564 17.63 30.06 35.54
N GLY A 565 17.51 31.24 36.11
CA GLY A 565 18.67 32.05 36.41
C GLY A 565 19.22 32.70 35.16
N GLY A 566 20.31 33.43 35.33
CA GLY A 566 20.92 34.10 34.21
C GLY A 566 20.20 35.39 33.88
N TRP A 567 20.42 35.87 32.67
CA TRP A 567 19.86 37.13 32.22
C TRP A 567 19.04 36.98 30.98
N LEU A 568 17.99 37.74 30.88
CA LEU A 568 17.24 37.79 29.64
C LEU A 568 17.65 39.10 29.00
N VAL A 569 18.11 39.07 27.76
CA VAL A 569 18.53 40.33 27.14
C VAL A 569 17.87 40.51 25.79
N ALA A 570 17.78 41.75 25.37
CA ALA A 570 17.18 42.03 24.08
C ALA A 570 17.69 43.31 23.50
N SER A 571 17.58 43.43 22.21
CA SER A 571 17.91 44.67 21.56
C SER A 571 16.75 45.12 20.71
N GLY A 572 16.48 46.40 20.77
CA GLY A 572 15.43 46.98 19.96
C GLY A 572 15.99 47.62 18.71
N SER A 573 15.09 47.90 17.79
CA SER A 573 15.39 48.60 16.57
C SER A 573 14.21 49.38 16.12
N THR A 574 14.43 50.38 15.27
CA THR A 574 13.30 51.21 14.84
C THR A 574 13.21 51.44 13.36
N VAL A 575 12.01 51.80 12.92
CA VAL A 575 11.71 52.21 11.56
C VAL A 575 10.99 53.54 11.57
N ALA A 576 11.44 54.47 10.74
CA ALA A 576 10.80 55.77 10.71
C ALA A 576 9.34 55.66 10.36
N MET A 577 8.54 56.50 10.99
CA MET A 577 7.12 56.52 10.75
C MET A 577 6.78 57.15 9.43
N THR A 578 5.82 56.55 8.80
CA THR A 578 5.21 56.91 7.55
C THR A 578 4.09 57.95 7.71
N GLU A 579 3.64 58.54 6.58
CA GLU A 579 2.60 59.57 6.65
C GLU A 579 1.29 59.02 7.13
N GLN A 580 1.00 57.81 6.72
CA GLN A 580 -0.19 57.12 7.13
C GLN A 580 0.29 55.90 7.89
N LEU A 581 -0.36 55.53 8.98
CA LEU A 581 0.06 54.41 9.73
C LEU A 581 -0.20 53.12 9.03
N GLN A 582 0.80 52.28 9.00
CA GLN A 582 0.62 51.00 8.40
C GLN A 582 0.41 50.00 9.52
N MET A 583 -0.56 49.10 9.35
CA MET A 583 -0.91 48.09 10.33
C MET A 583 -0.99 46.69 9.79
N GLY A 584 -0.59 45.73 10.60
CA GLY A 584 -0.77 44.33 10.27
C GLY A 584 -1.92 43.75 11.08
N PHE A 585 -2.62 42.80 10.47
CA PHE A 585 -3.67 42.08 11.14
C PHE A 585 -3.51 40.60 10.90
N GLY A 586 -3.25 39.84 11.92
CA GLY A 586 -3.17 38.41 11.68
C GLY A 586 -4.51 37.81 12.03
N ILE A 587 -4.98 36.86 11.24
CA ILE A 587 -6.22 36.18 11.58
C ILE A 587 -5.98 34.71 11.68
N THR A 588 -6.36 34.12 12.79
CA THR A 588 -6.22 32.67 12.95
C THR A 588 -7.59 32.08 13.20
N VAL A 589 -7.95 31.02 12.50
CA VAL A 589 -9.26 30.43 12.75
C VAL A 589 -9.18 28.98 13.16
N GLN A 590 -10.04 28.62 14.10
CA GLN A 590 -10.13 27.25 14.56
C GLN A 590 -11.47 26.68 14.19
N TYR A 591 -11.47 25.42 13.79
CA TYR A 591 -12.67 24.72 13.32
C TYR A 591 -13.37 23.64 14.13
N GLY A 592 -13.07 23.45 15.40
CA GLY A 592 -13.82 22.42 16.08
C GLY A 592 -13.42 22.16 17.52
N THR A 593 -13.39 23.22 18.31
CA THR A 593 -13.04 23.10 19.73
C THR A 593 -14.29 23.31 20.54
N ASP A 594 -15.28 23.83 19.86
CA ASP A 594 -16.56 24.22 20.40
C ASP A 594 -17.54 24.23 19.25
N THR A 595 -18.77 24.58 19.54
CA THR A 595 -19.77 24.77 18.49
C THR A 595 -19.18 25.83 17.52
N ASN A 596 -19.23 25.64 16.18
CA ASN A 596 -18.61 26.68 15.36
C ASN A 596 -19.56 27.83 15.20
N SER A 597 -19.53 28.66 16.24
CA SER A 597 -20.45 29.75 16.46
C SER A 597 -20.00 31.08 15.93
N VAL A 598 -18.84 31.14 15.31
CA VAL A 598 -18.42 32.39 14.69
C VAL A 598 -18.76 32.22 13.21
N CYS A 599 -19.86 32.83 12.77
CA CYS A 599 -20.38 32.59 11.42
C CYS A 599 -20.64 33.89 10.73
N PRO A 600 -20.72 33.95 9.41
CA PRO A 600 -21.17 35.12 8.67
C PRO A 600 -22.62 35.27 9.08
N LYS A 601 -23.22 36.43 9.04
CA LYS A 601 -24.65 36.41 9.38
C LYS A 601 -25.41 35.79 8.21
N LEU A 602 -26.49 35.12 8.54
CA LEU A 602 -27.38 34.48 7.59
C LEU A 602 -28.83 34.85 7.81
N GLU A 603 -29.53 35.17 6.73
CA GLU A 603 -30.97 35.41 6.84
C GLU A 603 -31.61 34.03 6.70
N PHE A 604 -32.36 33.59 7.70
CA PHE A 604 -32.94 32.25 7.64
C PHE A 604 -34.33 32.17 7.07
N ALA A 605 -34.53 31.18 6.22
CA ALA A 605 -35.84 30.86 5.70
C ALA A 605 -36.47 29.87 6.68
N ASN A 606 -37.79 29.79 6.74
CA ASN A 606 -38.33 28.80 7.74
C ASN A 606 -38.49 27.48 7.11
N ASP A 607 -38.01 27.24 5.93
CA ASP A 607 -38.04 25.95 5.31
C ASP A 607 -36.68 25.25 5.51
N THR A 608 -35.80 25.85 6.33
CA THR A 608 -34.50 25.27 6.62
C THR A 608 -34.43 24.82 8.06
N LYS A 609 -35.58 24.69 8.64
CA LYS A 609 -35.67 24.21 10.00
C LYS A 609 -35.63 22.68 9.96
N ILE A 610 -35.18 22.07 11.04
CA ILE A 610 -35.17 20.62 11.13
C ILE A 610 -36.56 20.05 11.34
N ALA A 611 -37.33 20.64 12.23
CA ALA A 611 -38.63 20.07 12.55
C ALA A 611 -39.52 19.97 11.32
N SER A 612 -39.38 20.91 10.39
CA SER A 612 -40.22 20.92 9.20
C SER A 612 -39.81 19.91 8.15
N GLN A 613 -38.64 19.28 8.31
CA GLN A 613 -38.16 18.32 7.33
C GLN A 613 -37.80 16.96 7.92
N LEU A 614 -38.47 16.55 8.99
CA LEU A 614 -38.10 15.29 9.57
C LEU A 614 -38.47 14.17 8.63
N GLY A 615 -37.58 13.18 8.56
CA GLY A 615 -37.78 12.01 7.73
C GLY A 615 -37.23 12.17 6.33
N ASN A 616 -36.83 13.39 5.98
CA ASN A 616 -36.32 13.61 4.64
C ASN A 616 -34.81 13.56 4.61
N CYS A 617 -34.29 13.27 3.43
CA CYS A 617 -32.79 13.42 3.31
C CYS A 617 -32.57 14.89 2.92
N VAL A 618 -31.71 15.49 3.80
CA VAL A 618 -31.39 16.89 3.59
C VAL A 618 -29.92 17.14 3.73
N GLU A 619 -29.47 18.23 3.15
CA GLU A 619 -28.11 18.65 3.42
C GLU A 619 -28.20 19.41 4.73
N TYR A 620 -27.18 19.36 5.55
CA TYR A 620 -27.28 20.18 6.73
C TYR A 620 -26.02 20.93 6.98
N SER A 621 -26.20 22.06 7.64
CA SER A 621 -25.09 22.85 8.15
C SER A 621 -25.51 23.35 9.52
N LEU A 622 -24.99 22.74 10.56
CA LEU A 622 -25.38 23.06 11.91
C LEU A 622 -24.19 23.61 12.64
N TYR A 623 -24.13 24.91 12.84
CA TYR A 623 -23.02 25.53 13.51
C TYR A 623 -21.71 25.06 12.97
N GLY A 624 -21.62 25.03 11.65
CA GLY A 624 -20.42 24.68 10.93
C GLY A 624 -20.22 23.22 10.66
N VAL A 625 -21.07 22.39 11.20
CA VAL A 625 -20.96 20.97 11.00
C VAL A 625 -21.84 20.60 9.85
N SER A 626 -21.32 19.89 8.86
CA SER A 626 -22.15 19.63 7.71
C SER A 626 -22.04 18.27 7.15
N GLY A 627 -23.03 17.94 6.34
CA GLY A 627 -23.10 16.65 5.71
C GLY A 627 -24.50 16.41 5.23
N ARG A 628 -24.84 15.17 4.99
CA ARG A 628 -26.18 14.83 4.54
C ARG A 628 -26.78 13.82 5.49
N GLY A 629 -28.07 13.89 5.69
CA GLY A 629 -28.71 12.91 6.55
C GLY A 629 -30.17 13.14 6.74
N VAL A 630 -30.74 12.29 7.56
CA VAL A 630 -32.13 12.29 7.87
C VAL A 630 -32.33 12.54 9.33
N PHE A 631 -33.13 13.53 9.66
CA PHE A 631 -33.37 13.84 11.06
C PHE A 631 -34.60 13.15 11.56
N GLN A 632 -34.55 12.67 12.78
CA GLN A 632 -35.72 12.07 13.40
C GLN A 632 -35.91 12.58 14.80
N ASN A 633 -37.11 12.77 15.24
CA ASN A 633 -37.40 13.13 16.59
C ASN A 633 -37.15 12.00 17.55
N CYS A 634 -36.33 12.06 18.55
CA CYS A 634 -36.07 10.93 19.40
C CYS A 634 -35.61 11.27 20.81
N THR A 635 -35.46 10.29 21.66
CA THR A 635 -35.03 10.49 23.04
C THR A 635 -33.60 10.98 23.14
N ALA A 636 -33.41 12.01 23.95
CA ALA A 636 -32.10 12.59 24.16
C ALA A 636 -31.14 11.69 24.85
N VAL A 637 -29.92 11.69 24.35
CA VAL A 637 -28.78 10.99 24.90
C VAL A 637 -27.58 11.93 24.91
N GLY A 638 -26.58 11.65 25.72
CA GLY A 638 -25.38 12.47 25.70
C GLY A 638 -25.58 13.72 26.55
N VAL A 639 -24.59 14.61 26.54
CA VAL A 639 -24.70 15.82 27.34
C VAL A 639 -25.30 16.93 26.49
N ARG A 640 -26.41 17.50 26.94
CA ARG A 640 -27.12 18.53 26.19
C ARG A 640 -26.32 19.73 25.85
N GLN A 641 -25.49 20.13 26.78
CA GLN A 641 -24.68 21.32 26.65
C GLN A 641 -23.65 21.22 25.56
N GLN A 642 -23.35 20.00 25.13
CA GLN A 642 -22.33 19.79 24.13
C GLN A 642 -22.87 19.79 22.71
N ARG A 643 -24.21 19.86 22.56
CA ARG A 643 -24.90 19.97 21.27
C ARG A 643 -24.82 18.84 20.26
N PHE A 644 -23.63 18.42 19.93
CA PHE A 644 -23.45 17.39 18.91
C PHE A 644 -23.07 16.04 19.49
N VAL A 645 -23.88 15.02 19.19
CA VAL A 645 -23.66 13.68 19.70
C VAL A 645 -23.01 12.85 18.62
N TYR A 646 -21.88 12.24 18.95
CA TYR A 646 -21.13 11.42 18.03
C TYR A 646 -21.13 9.96 18.43
N ASP A 647 -20.99 9.10 17.44
CA ASP A 647 -20.85 7.66 17.69
C ASP A 647 -19.39 7.26 17.82
N ALA A 648 -19.17 5.95 17.89
CA ALA A 648 -17.85 5.37 18.10
C ALA A 648 -16.97 5.40 16.86
N TYR A 649 -17.52 5.80 15.71
CA TYR A 649 -16.78 5.92 14.47
C TYR A 649 -16.65 7.41 14.11
N GLN A 650 -16.98 8.27 15.06
CA GLN A 650 -16.97 9.72 14.96
C GLN A 650 -17.94 10.29 13.94
N ASN A 651 -19.06 9.63 13.70
CA ASN A 651 -20.06 10.18 12.81
C ASN A 651 -20.99 11.04 13.66
N LEU A 652 -21.63 12.06 13.08
CA LEU A 652 -22.60 12.76 13.90
C LEU A 652 -23.86 11.92 13.89
N VAL A 653 -24.35 11.55 15.08
CA VAL A 653 -25.52 10.69 15.15
C VAL A 653 -26.67 11.31 15.90
N GLY A 654 -26.49 12.50 16.42
CA GLY A 654 -27.58 13.15 17.08
C GLY A 654 -27.26 14.60 17.29
N TYR A 655 -28.30 15.37 17.53
CA TYR A 655 -28.14 16.79 17.70
C TYR A 655 -29.18 17.46 18.55
N TYR A 656 -28.71 18.31 19.44
CA TYR A 656 -29.62 19.08 20.25
C TYR A 656 -29.79 20.41 19.56
N SER A 657 -31.01 20.68 19.14
CA SER A 657 -31.34 21.88 18.39
C SER A 657 -31.66 23.07 19.25
N ASP A 658 -31.51 24.26 18.67
CA ASP A 658 -31.91 25.45 19.44
C ASP A 658 -33.43 25.58 19.57
N ASP A 659 -34.21 24.74 18.87
CA ASP A 659 -35.65 24.79 19.02
C ASP A 659 -36.10 23.94 20.23
N GLY A 660 -35.14 23.36 20.97
CA GLY A 660 -35.41 22.57 22.17
C GLY A 660 -35.50 21.06 21.99
N ASN A 661 -35.58 20.60 20.74
CA ASN A 661 -35.68 19.17 20.50
C ASN A 661 -34.37 18.49 20.24
N TYR A 662 -34.35 17.21 20.54
CA TYR A 662 -33.20 16.38 20.21
C TYR A 662 -33.56 15.53 19.02
N TYR A 663 -32.67 15.53 18.05
CA TYR A 663 -32.91 14.74 16.89
C TYR A 663 -31.85 13.70 16.72
N CYS A 664 -32.26 12.56 16.23
CA CYS A 664 -31.33 11.52 15.86
C CYS A 664 -30.96 11.84 14.44
N LEU A 665 -29.72 11.59 14.07
CA LEU A 665 -29.33 11.82 12.70
C LEU A 665 -28.88 10.53 12.08
N ARG A 666 -29.51 10.20 10.97
CA ARG A 666 -29.20 8.97 10.27
C ARG A 666 -28.62 9.36 8.95
N ALA A 667 -27.78 8.54 8.39
CA ALA A 667 -27.23 8.91 7.09
C ALA A 667 -28.31 8.84 6.05
N CYS A 668 -28.21 9.65 5.00
CA CYS A 668 -29.13 9.38 3.94
C CYS A 668 -28.60 8.01 3.56
N VAL A 669 -29.46 7.02 3.40
CA VAL A 669 -29.01 5.67 3.10
C VAL A 669 -29.22 5.28 1.75
N SER A 670 -28.19 4.72 1.17
CA SER A 670 -28.34 4.31 -0.19
C SER A 670 -29.10 3.01 -0.28
N VAL A 671 -29.68 2.77 -1.46
CA VAL A 671 -30.43 1.56 -1.71
C VAL A 671 -29.60 0.56 -2.50
N PRO A 672 -29.16 -0.55 -1.91
CA PRO A 672 -28.39 -1.59 -2.57
C PRO A 672 -28.88 -1.98 -3.92
N VAL A 673 -28.01 -2.22 -4.90
CA VAL A 673 -28.46 -2.72 -6.19
C VAL A 673 -27.61 -3.88 -6.73
N SER A 674 -28.29 -4.95 -7.13
CA SER A 674 -27.65 -6.08 -7.79
C SER A 674 -28.35 -6.30 -9.13
N VAL A 675 -27.59 -6.57 -10.17
CA VAL A 675 -28.19 -6.78 -11.46
C VAL A 675 -28.17 -8.24 -11.76
N ILE A 676 -29.32 -8.76 -12.12
CA ILE A 676 -29.45 -10.16 -12.46
C ILE A 676 -29.44 -10.20 -13.98
N TYR A 677 -28.41 -10.79 -14.59
CA TYR A 677 -28.33 -10.71 -16.06
C TYR A 677 -28.14 -12.02 -16.76
N ASP A 678 -28.92 -12.20 -17.81
CA ASP A 678 -28.79 -13.38 -18.62
C ASP A 678 -28.36 -13.01 -20.04
N LYS A 679 -27.12 -13.40 -20.35
CA LYS A 679 -26.42 -13.12 -21.60
C LYS A 679 -27.11 -13.67 -22.84
N GLU A 680 -27.65 -14.87 -22.72
CA GLU A 680 -28.32 -15.54 -23.82
C GLU A 680 -29.63 -14.86 -24.19
N THR A 681 -30.37 -14.40 -23.19
CA THR A 681 -31.63 -13.76 -23.52
C THR A 681 -31.50 -12.26 -23.64
N LYS A 682 -30.39 -11.68 -23.16
CA LYS A 682 -30.26 -10.24 -23.15
C LYS A 682 -31.36 -9.59 -22.31
N THR A 683 -31.63 -10.20 -21.16
CA THR A 683 -32.65 -9.70 -20.25
C THR A 683 -32.06 -9.55 -18.87
N HIS A 684 -32.71 -8.74 -18.04
CA HIS A 684 -32.24 -8.56 -16.70
C HIS A 684 -33.35 -8.22 -15.75
N ALA A 685 -32.99 -8.30 -14.49
CA ALA A 685 -33.86 -7.97 -13.38
C ALA A 685 -33.02 -7.27 -12.33
N THR A 686 -33.64 -6.43 -11.53
CA THR A 686 -32.89 -5.68 -10.53
C THR A 686 -33.27 -6.06 -9.12
N LEU A 687 -32.28 -6.43 -8.32
CA LEU A 687 -32.51 -6.77 -6.91
C LEU A 687 -32.00 -5.71 -6.00
N PHE A 688 -32.88 -5.28 -5.12
CA PHE A 688 -32.57 -4.28 -4.12
C PHE A 688 -32.47 -5.01 -2.81
N GLY A 689 -31.28 -5.51 -2.54
CA GLY A 689 -31.17 -6.41 -1.44
C GLY A 689 -31.38 -5.70 -0.16
N SER A 690 -32.08 -6.35 0.75
CA SER A 690 -32.35 -5.83 2.09
C SER A 690 -33.37 -4.73 2.13
N VAL A 691 -33.96 -4.38 0.98
CA VAL A 691 -34.89 -3.27 0.91
C VAL A 691 -36.34 -3.69 0.80
N ALA A 692 -37.21 -3.11 1.64
CA ALA A 692 -38.63 -3.40 1.48
C ALA A 692 -39.11 -2.67 0.21
N CYS A 693 -40.05 -3.28 -0.52
CA CYS A 693 -40.54 -2.69 -1.78
C CYS A 693 -41.31 -1.40 -1.61
N GLU A 694 -41.60 -1.02 -0.38
CA GLU A 694 -42.30 0.23 -0.14
C GLU A 694 -41.47 1.42 -0.60
N HIS A 695 -40.15 1.22 -0.77
CA HIS A 695 -39.24 2.27 -1.23
C HIS A 695 -38.97 2.20 -2.71
N ILE A 696 -39.56 1.24 -3.40
CA ILE A 696 -39.25 1.07 -4.80
C ILE A 696 -40.51 1.27 -5.63
N TYR A 718 -45.58 -5.80 -14.54
CA TYR A 718 -45.69 -6.15 -13.12
C TYR A 718 -44.99 -5.11 -12.25
N GLY A 719 -45.47 -4.97 -11.03
CA GLY A 719 -44.87 -4.06 -10.07
C GLY A 719 -43.71 -4.77 -9.41
N PRO A 720 -43.12 -4.21 -8.36
CA PRO A 720 -42.01 -4.77 -7.62
C PRO A 720 -42.45 -6.01 -6.85
N LEU A 721 -41.57 -7.01 -6.76
CA LEU A 721 -41.85 -8.25 -6.01
C LEU A 721 -41.03 -8.36 -4.73
N GLN A 722 -41.70 -8.56 -3.60
CA GLN A 722 -40.90 -8.66 -2.37
C GLN A 722 -40.47 -10.09 -2.20
N THR A 723 -39.16 -10.33 -2.03
CA THR A 723 -38.67 -11.68 -1.86
C THR A 723 -37.90 -11.74 -0.55
N PRO A 724 -37.53 -12.93 -0.05
CA PRO A 724 -36.68 -13.15 1.11
C PRO A 724 -35.31 -12.49 1.10
N VAL A 725 -34.83 -12.04 -0.05
CA VAL A 725 -33.53 -11.40 -0.12
C VAL A 725 -33.61 -9.92 -0.46
N GLY A 726 -34.81 -9.38 -0.60
CA GLY A 726 -34.95 -7.98 -0.97
C GLY A 726 -36.05 -7.78 -1.98
N CYS A 727 -36.13 -6.58 -2.52
CA CYS A 727 -37.19 -6.26 -3.48
C CYS A 727 -36.68 -6.45 -4.89
N VAL A 728 -37.41 -7.17 -5.73
CA VAL A 728 -36.87 -7.36 -7.08
C VAL A 728 -37.82 -6.91 -8.17
N LEU A 729 -37.30 -6.09 -9.08
CA LEU A 729 -38.05 -5.61 -10.24
C LEU A 729 -37.60 -6.41 -11.44
N GLY A 730 -38.50 -6.75 -12.34
CA GLY A 730 -38.09 -7.49 -13.54
C GLY A 730 -38.33 -8.98 -13.41
N LEU A 731 -38.66 -9.45 -12.19
CA LEU A 731 -38.98 -10.84 -12.01
C LEU A 731 -40.46 -11.01 -11.81
N VAL A 732 -40.97 -12.14 -12.26
CA VAL A 732 -42.37 -12.47 -12.02
C VAL A 732 -42.40 -13.71 -11.17
N ASN A 733 -43.24 -13.69 -10.15
CA ASN A 733 -43.30 -14.87 -9.26
C ASN A 733 -43.94 -16.04 -10.02
N SER A 734 -43.19 -17.20 -10.00
CA SER A 734 -43.68 -18.34 -10.78
C SER A 734 -44.15 -19.57 -10.04
N SER A 735 -43.84 -19.70 -8.74
CA SER A 735 -44.17 -20.92 -7.99
C SER A 735 -43.71 -22.18 -8.72
N LEU A 736 -42.50 -22.11 -9.20
CA LEU A 736 -41.83 -23.14 -9.97
C LEU A 736 -40.56 -23.51 -9.27
N PHE A 737 -40.16 -24.78 -9.34
CA PHE A 737 -38.90 -25.21 -8.76
C PHE A 737 -37.85 -25.62 -9.77
N VAL A 738 -36.60 -25.35 -9.42
CA VAL A 738 -35.45 -25.72 -10.23
C VAL A 738 -34.42 -26.47 -9.42
N GLU A 739 -33.49 -27.16 -10.10
CA GLU A 739 -32.38 -27.75 -9.37
C GLU A 739 -31.18 -27.07 -10.01
N ASP A 740 -31.38 -26.85 -11.29
CA ASP A 740 -30.40 -26.31 -12.22
C ASP A 740 -30.41 -24.79 -12.27
N CYS A 741 -29.95 -24.24 -11.15
CA CYS A 741 -30.03 -22.75 -11.05
C CYS A 741 -28.69 -22.12 -11.43
N LYS A 742 -28.85 -21.15 -12.39
CA LYS A 742 -27.68 -20.45 -12.90
C LYS A 742 -27.55 -19.03 -12.35
N LEU A 743 -28.64 -18.49 -11.86
CA LEU A 743 -28.67 -17.13 -11.35
C LEU A 743 -29.24 -17.09 -9.96
N PRO A 744 -28.56 -17.67 -8.97
CA PRO A 744 -29.03 -17.78 -7.62
C PRO A 744 -29.15 -16.40 -7.05
N LEU A 745 -30.19 -16.16 -6.28
CA LEU A 745 -30.37 -14.84 -5.70
C LEU A 745 -29.98 -14.77 -4.26
N GLY A 746 -29.90 -15.92 -3.63
CA GLY A 746 -29.65 -16.00 -2.20
C GLY A 746 -30.76 -16.79 -1.56
N GLN A 747 -30.54 -17.20 -0.33
CA GLN A 747 -31.51 -18.04 0.34
C GLN A 747 -31.74 -19.21 -0.61
N SER A 748 -32.94 -19.53 -1.00
CA SER A 748 -33.09 -20.64 -1.94
C SER A 748 -33.86 -20.22 -3.14
N LEU A 749 -33.61 -18.97 -3.53
CA LEU A 749 -34.24 -18.33 -4.67
C LEU A 749 -33.34 -18.32 -5.87
N CYS A 750 -33.95 -18.34 -7.06
CA CYS A 750 -33.21 -18.33 -8.31
C CYS A 750 -33.92 -17.56 -9.41
N ALA A 751 -33.18 -16.78 -10.19
CA ALA A 751 -33.82 -16.13 -11.34
C ALA A 751 -33.75 -17.08 -12.52
N LEU A 752 -34.90 -17.31 -13.15
CA LEU A 752 -34.99 -18.23 -14.25
C LEU A 752 -35.48 -17.53 -15.51
N PRO A 753 -34.69 -17.38 -16.55
CA PRO A 753 -35.09 -16.67 -17.74
C PRO A 753 -36.22 -17.40 -18.44
N ASP A 754 -37.07 -16.64 -19.11
CA ASP A 754 -38.20 -17.17 -19.89
C ASP A 754 -37.76 -17.33 -21.34
N THR A 755 -37.42 -18.55 -21.70
CA THR A 755 -36.85 -18.87 -22.99
C THR A 755 -36.85 -20.35 -23.28
N PRO A 768 -37.56 -13.13 -25.90
CA PRO A 768 -37.48 -13.60 -24.53
C PRO A 768 -38.44 -12.83 -23.64
N GLY A 769 -38.86 -13.45 -22.54
CA GLY A 769 -39.79 -12.80 -21.63
C GLY A 769 -39.08 -12.28 -20.39
N GLU A 770 -39.84 -12.14 -19.32
CA GLU A 770 -39.30 -11.67 -18.06
C GLU A 770 -38.69 -12.83 -17.32
N MET A 771 -37.74 -12.57 -16.44
CA MET A 771 -37.22 -13.67 -15.68
C MET A 771 -38.24 -14.07 -14.63
N ARG A 772 -38.32 -15.34 -14.38
CA ARG A 772 -39.19 -15.88 -13.36
C ARG A 772 -38.48 -16.00 -12.02
N LEU A 773 -39.20 -15.83 -10.94
CA LEU A 773 -38.61 -16.12 -9.66
C LEU A 773 -38.98 -17.54 -9.29
N ALA A 774 -37.95 -18.38 -9.24
CA ALA A 774 -38.08 -19.80 -8.98
C ALA A 774 -37.43 -20.14 -7.66
N SER A 775 -37.90 -21.22 -7.05
CA SER A 775 -37.29 -21.68 -5.82
C SER A 775 -36.41 -22.88 -6.11
N ILE A 776 -35.34 -23.03 -5.39
CA ILE A 776 -34.49 -24.18 -5.62
C ILE A 776 -35.04 -25.35 -4.82
N ALA A 777 -35.24 -26.46 -5.50
CA ALA A 777 -35.78 -27.65 -4.90
C ALA A 777 -34.77 -28.42 -4.07
N PHE A 778 -35.27 -29.04 -3.02
CA PHE A 778 -34.46 -30.01 -2.33
C PHE A 778 -34.78 -31.31 -3.03
N ASN A 779 -33.77 -32.02 -3.46
CA ASN A 779 -33.99 -33.29 -4.15
C ASN A 779 -33.95 -34.42 -3.14
N HIS A 780 -35.11 -34.96 -2.77
CA HIS A 780 -35.15 -35.96 -1.73
C HIS A 780 -34.56 -37.28 -2.16
N PRO A 781 -33.84 -37.98 -1.27
CA PRO A 781 -33.27 -39.28 -1.49
C PRO A 781 -34.37 -40.30 -1.50
N ILE A 782 -34.07 -41.48 -2.03
CA ILE A 782 -35.06 -42.54 -2.04
C ILE A 782 -35.32 -42.92 -0.61
N GLN A 783 -36.58 -42.96 -0.20
CA GLN A 783 -36.89 -43.27 1.19
C GLN A 783 -37.01 -44.76 1.37
N VAL A 784 -36.25 -45.30 2.31
CA VAL A 784 -36.31 -46.74 2.52
C VAL A 784 -36.71 -46.97 3.95
N ASP A 785 -37.84 -47.61 4.17
CA ASP A 785 -38.36 -47.84 5.51
C ASP A 785 -37.68 -48.92 6.30
N GLN A 786 -37.61 -48.72 7.60
CA GLN A 786 -37.09 -49.75 8.48
C GLN A 786 -38.22 -50.68 8.86
N LEU A 787 -37.90 -51.93 9.13
CA LEU A 787 -38.94 -52.85 9.50
C LEU A 787 -38.95 -53.16 10.98
N ASN A 788 -40.14 -53.35 11.48
CA ASN A 788 -40.39 -53.84 12.89
C ASN A 788 -40.20 -55.30 12.90
N SER A 789 -39.11 -55.85 12.64
CA SER A 789 -38.88 -57.28 12.50
C SER A 789 -37.42 -57.60 12.62
N SER A 790 -37.11 -58.87 12.46
CA SER A 790 -35.75 -59.41 12.45
C SER A 790 -35.13 -59.30 11.05
N TYR A 791 -35.90 -58.81 10.10
CA TYR A 791 -35.48 -58.61 8.72
C TYR A 791 -35.20 -57.14 8.46
N PHE A 792 -34.68 -56.82 7.28
CA PHE A 792 -34.53 -55.43 6.91
C PHE A 792 -34.82 -55.23 5.45
N LYS A 793 -35.17 -54.01 5.09
CA LYS A 793 -35.34 -53.65 3.69
C LYS A 793 -34.03 -53.28 3.03
N LEU A 794 -33.84 -53.85 1.87
CA LEU A 794 -32.70 -53.59 1.04
C LEU A 794 -33.10 -52.87 -0.18
N SER A 795 -32.64 -51.65 -0.33
CA SER A 795 -32.90 -50.94 -1.57
C SER A 795 -31.68 -51.25 -2.43
N ILE A 796 -31.87 -52.03 -3.49
CA ILE A 796 -30.75 -52.51 -4.28
C ILE A 796 -30.98 -52.23 -5.76
N PRO A 797 -29.97 -51.81 -6.53
CA PRO A 797 -30.05 -51.50 -7.94
C PRO A 797 -30.45 -52.69 -8.74
N THR A 798 -31.14 -52.47 -9.86
CA THR A 798 -31.48 -53.55 -10.77
C THR A 798 -30.85 -53.23 -12.09
N ASN A 799 -30.38 -52.00 -12.18
CA ASN A 799 -29.77 -51.49 -13.41
C ASN A 799 -28.57 -50.65 -13.09
N PHE A 800 -27.78 -50.33 -14.06
CA PHE A 800 -26.64 -49.46 -13.85
C PHE A 800 -26.17 -48.80 -15.12
N SER A 801 -25.35 -47.80 -14.91
CA SER A 801 -24.66 -47.14 -15.99
C SER A 801 -23.28 -46.74 -15.53
N PHE A 802 -22.43 -46.40 -16.47
CA PHE A 802 -21.14 -45.86 -16.09
C PHE A 802 -21.20 -44.38 -16.41
N GLY A 803 -20.49 -43.59 -15.67
CA GLY A 803 -20.46 -42.17 -16.03
C GLY A 803 -19.12 -41.63 -15.69
N VAL A 804 -18.81 -40.46 -16.21
CA VAL A 804 -17.51 -39.90 -15.95
C VAL A 804 -17.58 -38.60 -15.21
N THR A 805 -16.93 -38.55 -14.08
CA THR A 805 -16.85 -37.32 -13.35
C THR A 805 -15.58 -36.70 -13.85
N GLN A 806 -15.65 -35.49 -14.35
CA GLN A 806 -14.46 -34.86 -14.86
C GLN A 806 -13.94 -33.95 -13.78
N GLU A 807 -12.64 -33.89 -13.63
CA GLU A 807 -12.08 -33.01 -12.63
C GLU A 807 -10.81 -32.36 -13.08
N TYR A 808 -10.71 -31.08 -12.86
CA TYR A 808 -9.46 -30.42 -13.18
C TYR A 808 -8.75 -29.98 -11.94
N ILE A 809 -7.48 -30.32 -11.86
CA ILE A 809 -6.66 -29.87 -10.76
C ILE A 809 -5.52 -29.05 -11.30
N GLN A 810 -5.43 -27.83 -10.83
CA GLN A 810 -4.37 -26.96 -11.27
C GLN A 810 -3.11 -27.35 -10.54
N THR A 811 -1.99 -27.50 -11.21
CA THR A 811 -0.79 -27.85 -10.47
C THR A 811 0.23 -26.73 -10.50
N THR A 812 0.09 -25.85 -11.49
CA THR A 812 1.01 -24.74 -11.69
C THR A 812 0.28 -23.46 -11.96
N ILE A 813 1.04 -22.38 -11.94
CA ILE A 813 0.58 -21.09 -12.38
C ILE A 813 1.63 -20.66 -13.40
N GLN A 814 1.32 -19.68 -14.23
CA GLN A 814 2.32 -19.18 -15.15
C GLN A 814 3.40 -18.49 -14.33
N LYS A 815 4.65 -18.79 -14.67
CA LYS A 815 5.79 -18.20 -13.99
C LYS A 815 6.16 -16.89 -14.65
N VAL A 816 6.24 -15.84 -13.86
CA VAL A 816 6.53 -14.51 -14.37
C VAL A 816 7.64 -13.85 -13.58
N THR A 817 8.52 -13.16 -14.28
CA THR A 817 9.52 -12.35 -13.61
C THR A 817 9.31 -10.93 -14.05
N VAL A 818 9.78 -9.98 -13.26
CA VAL A 818 9.60 -8.60 -13.64
C VAL A 818 10.88 -7.82 -13.60
N ASP A 819 11.15 -7.06 -14.64
CA ASP A 819 12.31 -6.20 -14.58
C ASP A 819 11.76 -4.96 -13.87
N CYS A 820 11.89 -5.06 -12.54
CA CYS A 820 11.25 -4.00 -11.66
C CYS A 820 11.85 -2.69 -11.93
N LYS A 821 13.09 -2.52 -12.10
CA LYS A 821 13.67 -1.23 -12.33
C LYS A 821 13.11 -0.64 -13.61
N GLN A 822 13.02 -1.45 -14.68
CA GLN A 822 12.45 -0.92 -15.90
C GLN A 822 10.99 -0.63 -15.76
N TYR A 823 10.25 -1.48 -15.06
CA TYR A 823 8.82 -1.30 -14.90
C TYR A 823 8.52 0.03 -14.27
N VAL A 824 9.22 0.34 -13.20
CA VAL A 824 8.96 1.55 -12.47
C VAL A 824 9.48 2.80 -13.15
N CYS A 825 10.72 2.76 -13.62
CA CYS A 825 11.33 4.00 -14.11
C CYS A 825 11.54 4.14 -15.60
N ASN A 826 11.36 3.08 -16.38
CA ASN A 826 11.52 3.17 -17.81
C ASN A 826 12.83 3.73 -18.32
N GLY A 827 13.91 3.47 -17.62
CA GLY A 827 15.21 3.93 -18.08
C GLY A 827 15.55 5.38 -17.72
N PHE A 828 14.67 6.07 -17.01
CA PHE A 828 14.96 7.46 -16.67
C PHE A 828 15.80 7.55 -15.45
N GLN A 829 16.91 8.25 -15.54
CA GLN A 829 17.84 8.32 -14.44
C GLN A 829 17.31 9.06 -13.25
N LYS A 830 16.47 10.07 -13.48
CA LYS A 830 15.96 10.81 -12.35
C LYS A 830 15.08 9.90 -11.53
N CYS A 831 14.25 9.13 -12.20
CA CYS A 831 13.42 8.21 -11.48
C CYS A 831 14.26 7.21 -10.73
N GLU A 832 15.28 6.65 -11.37
CA GLU A 832 16.06 5.63 -10.71
C GLU A 832 16.71 6.19 -9.45
N GLN A 833 17.12 7.44 -9.53
CA GLN A 833 17.70 8.12 -8.39
C GLN A 833 16.74 8.24 -7.24
N LEU A 834 15.46 8.42 -7.55
CA LEU A 834 14.48 8.56 -6.49
C LEU A 834 14.07 7.19 -5.99
N LEU A 835 14.10 6.19 -6.88
CA LEU A 835 13.73 4.83 -6.55
C LEU A 835 14.66 4.26 -5.50
N ARG A 836 15.92 4.68 -5.55
CA ARG A 836 16.90 4.19 -4.59
C ARG A 836 16.57 4.55 -3.17
N GLU A 837 15.74 5.56 -2.95
CA GLU A 837 15.45 6.02 -1.60
C GLU A 837 14.38 5.19 -0.93
N TYR A 838 13.89 4.20 -1.68
CA TYR A 838 12.89 3.27 -1.21
C TYR A 838 13.56 1.95 -0.84
N GLY A 839 14.88 1.93 -0.81
CA GLY A 839 15.61 0.76 -0.41
C GLY A 839 15.73 -0.23 -1.52
N GLN A 840 16.07 -1.47 -1.19
CA GLN A 840 16.29 -2.45 -2.23
C GLN A 840 14.96 -3.08 -2.62
N PHE A 841 14.11 -2.23 -3.17
CA PHE A 841 12.76 -2.61 -3.53
C PHE A 841 12.76 -3.66 -4.58
N CYS A 842 13.52 -3.42 -5.62
CA CYS A 842 13.54 -4.34 -6.72
C CYS A 842 14.22 -5.63 -6.39
N SER A 843 15.12 -5.62 -5.40
CA SER A 843 15.74 -6.88 -5.06
C SER A 843 14.67 -7.75 -4.44
N LYS A 844 13.79 -7.13 -3.64
CA LYS A 844 12.73 -7.88 -2.99
C LYS A 844 11.74 -8.43 -3.99
N ILE A 845 11.43 -7.65 -5.02
CA ILE A 845 10.49 -8.12 -6.03
C ILE A 845 11.07 -9.31 -6.76
N ASN A 846 12.35 -9.21 -7.12
CA ASN A 846 12.95 -10.28 -7.86
C ASN A 846 13.14 -11.53 -7.08
N GLN A 847 13.48 -11.39 -5.81
CA GLN A 847 13.70 -12.57 -5.00
C GLN A 847 12.42 -13.25 -4.67
N ALA A 848 11.36 -12.47 -4.43
CA ALA A 848 10.09 -13.07 -4.12
C ALA A 848 9.57 -13.85 -5.29
N LEU A 849 9.74 -13.32 -6.51
CA LEU A 849 9.25 -14.03 -7.66
C LEU A 849 10.14 -15.18 -7.99
N HIS A 850 11.45 -15.04 -7.74
CA HIS A 850 12.32 -16.14 -8.07
C HIS A 850 11.92 -17.32 -7.24
N GLY A 851 11.68 -17.11 -5.95
CA GLY A 851 11.29 -18.20 -5.08
C GLY A 851 9.97 -18.80 -5.50
N ALA A 852 9.01 -17.93 -5.86
CA ALA A 852 7.70 -18.37 -6.30
C ALA A 852 7.78 -19.17 -7.56
N ASN A 853 8.73 -18.87 -8.43
CA ASN A 853 8.87 -19.59 -9.67
C ASN A 853 9.56 -20.92 -9.44
N LEU A 854 10.51 -20.97 -8.49
CA LEU A 854 11.20 -22.23 -8.19
C LEU A 854 10.20 -23.18 -7.64
N ARG A 855 9.24 -22.65 -6.90
CA ARG A 855 8.22 -23.44 -6.29
C ARG A 855 7.44 -24.25 -7.30
N GLN A 856 7.23 -23.72 -8.52
CA GLN A 856 6.49 -24.51 -9.48
C GLN A 856 7.40 -25.52 -10.07
N ASP A 857 8.66 -25.19 -10.27
CA ASP A 857 9.49 -26.22 -10.85
C ASP A 857 9.61 -27.38 -9.86
N ASP A 858 9.62 -27.08 -8.55
CA ASP A 858 9.72 -28.15 -7.57
C ASP A 858 8.40 -28.90 -7.48
N SER A 859 7.29 -28.18 -7.60
CA SER A 859 5.98 -28.79 -7.53
C SER A 859 5.77 -29.76 -8.67
N VAL A 860 6.18 -29.34 -9.87
CA VAL A 860 6.07 -30.15 -11.06
C VAL A 860 6.96 -31.33 -10.99
N ARG A 861 8.20 -31.14 -10.56
CA ARG A 861 9.12 -32.24 -10.49
C ARG A 861 8.61 -33.32 -9.55
N ASN A 862 8.03 -32.89 -8.42
CA ASN A 862 7.52 -33.83 -7.42
C ASN A 862 6.28 -34.52 -7.90
N LEU A 863 5.42 -33.78 -8.58
CA LEU A 863 4.20 -34.36 -9.05
C LEU A 863 4.49 -35.39 -10.09
N PHE A 864 5.38 -35.10 -11.02
CA PHE A 864 5.61 -36.09 -12.04
C PHE A 864 6.40 -37.25 -11.54
N ALA A 865 7.26 -37.03 -10.57
CA ALA A 865 7.99 -38.14 -10.02
C ALA A 865 7.03 -39.18 -9.48
N SER A 866 5.89 -38.71 -8.95
CA SER A 866 4.88 -39.60 -8.41
C SER A 866 3.94 -40.20 -9.44
N VAL A 867 3.72 -39.55 -10.60
CA VAL A 867 2.81 -40.13 -11.59
C VAL A 867 3.57 -41.24 -12.26
N LYS A 868 4.90 -41.06 -12.36
CA LYS A 868 5.77 -41.99 -13.03
C LYS A 868 5.57 -43.41 -12.58
N SER A 869 5.42 -44.30 -13.56
CA SER A 869 5.26 -45.71 -13.34
C SER A 869 6.61 -46.39 -13.21
N SER A 870 6.68 -47.49 -12.47
CA SER A 870 7.88 -48.30 -12.39
C SER A 870 7.95 -49.24 -13.56
N GLN A 871 6.81 -49.88 -13.79
CA GLN A 871 6.55 -50.91 -14.77
C GLN A 871 5.28 -50.49 -15.49
N SER A 872 5.18 -50.75 -16.78
CA SER A 872 3.99 -50.39 -17.55
C SER A 872 3.87 -51.23 -18.81
N SER A 873 2.66 -51.46 -19.30
CA SER A 873 2.57 -52.14 -20.58
C SER A 873 2.60 -51.10 -21.70
N PRO A 874 3.08 -51.41 -22.90
CA PRO A 874 3.02 -50.56 -24.06
C PRO A 874 1.58 -50.25 -24.45
N ILE A 875 1.33 -49.05 -24.96
CA ILE A 875 0.01 -48.75 -25.48
C ILE A 875 0.06 -49.13 -26.94
N ILE A 876 -0.86 -49.94 -27.38
CA ILE A 876 -0.90 -50.34 -28.76
C ILE A 876 -2.27 -49.94 -29.25
N PRO A 877 -2.51 -49.73 -30.53
CA PRO A 877 -3.84 -49.51 -31.02
C PRO A 877 -4.64 -50.70 -30.58
N GLY A 878 -5.85 -50.52 -30.07
CA GLY A 878 -6.62 -51.71 -29.66
C GLY A 878 -6.52 -51.91 -28.15
N PHE A 879 -5.68 -51.09 -27.51
CA PHE A 879 -5.52 -51.11 -26.07
C PHE A 879 -6.93 -50.92 -25.56
N GLY A 880 -7.32 -51.69 -24.57
CA GLY A 880 -8.67 -51.62 -24.02
C GLY A 880 -9.54 -52.83 -24.43
N GLY A 881 -9.16 -53.52 -25.49
CA GLY A 881 -9.99 -54.66 -25.89
C GLY A 881 -11.38 -54.16 -26.32
N ASP A 882 -12.43 -54.67 -25.66
CA ASP A 882 -13.80 -54.28 -25.98
C ASP A 882 -14.12 -52.91 -25.42
N PHE A 883 -13.23 -52.41 -24.57
CA PHE A 883 -13.39 -51.13 -23.94
C PHE A 883 -12.68 -50.13 -24.83
N ASN A 884 -13.35 -49.22 -25.38
CA ASN A 884 -12.95 -48.23 -26.32
C ASN A 884 -12.07 -47.18 -25.71
N LEU A 885 -10.86 -47.22 -25.62
CA LEU A 885 -9.96 -46.29 -25.00
C LEU A 885 -9.23 -45.47 -26.05
N THR A 886 -9.71 -45.45 -27.31
CA THR A 886 -8.94 -44.76 -28.36
C THR A 886 -8.80 -43.30 -28.07
N LEU A 887 -9.77 -42.78 -27.33
CA LEU A 887 -9.88 -41.42 -26.84
C LEU A 887 -8.63 -41.05 -26.03
N LEU A 888 -8.14 -42.03 -25.28
CA LEU A 888 -7.00 -41.87 -24.40
C LEU A 888 -5.65 -42.29 -25.03
N GLU A 889 -5.68 -43.13 -26.07
CA GLU A 889 -4.45 -43.60 -26.69
C GLU A 889 -3.75 -42.40 -27.32
N PRO A 890 -2.42 -42.31 -27.30
CA PRO A 890 -1.65 -41.26 -27.94
C PRO A 890 -1.93 -41.26 -29.43
N VAL A 891 -2.05 -40.07 -30.02
CA VAL A 891 -2.28 -40.02 -31.46
C VAL A 891 -0.97 -40.13 -32.20
N ALA A 900 3.48 -37.61 -28.19
CA ALA A 900 2.15 -37.59 -28.77
C ALA A 900 1.09 -37.50 -27.69
N ARG A 901 0.21 -36.51 -27.80
CA ARG A 901 -0.88 -36.37 -26.85
C ARG A 901 -2.03 -37.22 -27.32
N SER A 902 -2.93 -37.56 -26.40
CA SER A 902 -4.13 -38.33 -26.73
C SER A 902 -5.15 -37.46 -27.43
N ALA A 903 -6.16 -38.09 -28.03
CA ALA A 903 -7.18 -37.31 -28.69
C ALA A 903 -7.96 -36.41 -27.75
N ILE A 904 -8.27 -36.89 -26.54
CA ILE A 904 -9.04 -36.07 -25.63
C ILE A 904 -8.18 -34.93 -25.14
N GLU A 905 -6.91 -35.21 -24.97
CA GLU A 905 -5.96 -34.24 -24.48
C GLU A 905 -5.81 -33.12 -25.51
N ASP A 906 -5.71 -33.47 -26.80
CA ASP A 906 -5.63 -32.39 -27.80
C ASP A 906 -6.92 -31.62 -27.83
N LEU A 907 -8.06 -32.30 -27.65
CA LEU A 907 -9.30 -31.58 -27.72
C LEU A 907 -9.41 -30.61 -26.57
N LEU A 908 -8.95 -31.06 -25.39
CA LEU A 908 -9.01 -30.23 -24.21
C LEU A 908 -8.20 -28.98 -24.42
N PHE A 909 -7.02 -29.11 -25.01
CA PHE A 909 -6.21 -27.93 -25.27
C PHE A 909 -6.80 -27.05 -26.38
N ASP A 910 -7.33 -27.66 -27.44
CA ASP A 910 -7.86 -26.87 -28.56
C ASP A 910 -9.06 -26.04 -28.19
N LYS A 911 -9.84 -26.52 -27.23
CA LYS A 911 -11.03 -25.83 -26.83
C LYS A 911 -10.83 -24.75 -25.79
N VAL A 912 -9.60 -24.61 -25.28
CA VAL A 912 -9.35 -23.59 -24.26
C VAL A 912 -8.61 -22.43 -24.93
N THR A 913 -9.06 -21.20 -24.71
CA THR A 913 -8.37 -20.11 -25.39
C THR A 913 -7.20 -19.66 -24.57
N ILE A 914 -6.02 -19.90 -25.12
CA ILE A 914 -4.75 -19.62 -24.46
C ILE A 914 -3.89 -18.78 -25.38
N ALA A 915 -3.36 -17.67 -24.91
CA ALA A 915 -2.46 -16.88 -25.74
C ALA A 915 -1.15 -17.63 -25.90
N ASP A 916 -0.52 -17.54 -27.06
CA ASP A 916 0.77 -18.19 -27.26
C ASP A 916 1.91 -17.33 -26.74
N PRO A 917 2.63 -17.72 -25.67
CA PRO A 917 3.69 -16.96 -25.05
C PRO A 917 4.94 -16.78 -25.93
N GLY A 918 5.11 -17.58 -27.01
CA GLY A 918 6.27 -17.29 -27.82
C GLY A 918 7.59 -17.64 -27.17
N TYR A 919 7.66 -18.78 -26.51
CA TYR A 919 8.88 -19.10 -25.79
C TYR A 919 10.14 -19.09 -26.63
N MET A 920 10.08 -19.51 -27.89
CA MET A 920 11.29 -19.55 -28.70
C MET A 920 11.64 -18.23 -29.37
N GLN A 921 10.64 -17.52 -29.90
CA GLN A 921 10.95 -16.27 -30.60
C GLN A 921 9.87 -15.18 -30.50
N GLY A 922 9.12 -15.12 -29.40
CA GLY A 922 8.02 -14.18 -29.22
C GLY A 922 8.43 -12.73 -29.37
N TYR A 923 9.67 -12.44 -29.02
CA TYR A 923 10.23 -11.11 -29.12
C TYR A 923 10.07 -10.61 -30.53
N ASP A 924 10.37 -11.48 -31.48
CA ASP A 924 10.33 -11.16 -32.88
C ASP A 924 8.93 -11.21 -33.43
N ASP A 925 8.10 -12.11 -32.93
CA ASP A 925 6.77 -12.18 -33.49
C ASP A 925 6.06 -10.86 -33.25
N CYS A 926 6.32 -10.29 -32.08
CA CYS A 926 5.68 -9.03 -31.67
C CYS A 926 6.23 -7.83 -32.38
N MET A 927 7.29 -7.98 -33.16
CA MET A 927 7.85 -6.89 -33.92
C MET A 927 7.47 -7.02 -35.39
N GLN A 928 7.57 -8.24 -35.95
CA GLN A 928 7.29 -8.43 -37.37
C GLN A 928 5.81 -8.52 -37.66
N GLN A 929 5.02 -8.96 -36.67
CA GLN A 929 3.59 -9.03 -36.85
C GLN A 929 2.91 -8.00 -35.96
N GLY A 930 3.46 -7.81 -34.77
CA GLY A 930 2.84 -6.91 -33.80
C GLY A 930 1.80 -7.69 -32.98
N PRO A 931 1.08 -7.01 -32.07
CA PRO A 931 0.08 -7.57 -31.19
C PRO A 931 -1.06 -8.21 -31.97
N ALA A 932 -1.55 -9.34 -31.44
CA ALA A 932 -2.67 -10.07 -32.06
C ALA A 932 -3.98 -9.31 -31.93
N SER A 933 -4.17 -8.61 -30.82
CA SER A 933 -5.40 -7.89 -30.57
C SER A 933 -5.22 -6.82 -29.53
N ALA A 934 -6.33 -6.21 -29.14
CA ALA A 934 -6.27 -5.19 -28.10
C ALA A 934 -5.84 -5.86 -26.82
N ARG A 935 -5.06 -5.20 -25.99
CA ARG A 935 -4.68 -5.82 -24.74
C ARG A 935 -3.96 -7.15 -24.88
N ASP A 936 -2.99 -7.20 -25.78
CA ASP A 936 -2.21 -8.41 -25.99
C ASP A 936 -1.11 -8.47 -24.94
N LEU A 937 -1.28 -9.38 -24.00
CA LEU A 937 -0.43 -9.48 -22.83
C LEU A 937 0.84 -10.22 -23.09
N ILE A 938 0.97 -10.75 -24.30
CA ILE A 938 2.22 -11.41 -24.58
C ILE A 938 3.11 -10.34 -25.16
N CYS A 939 2.60 -9.52 -26.05
CA CYS A 939 3.49 -8.50 -26.61
C CYS A 939 3.78 -7.41 -25.61
N ALA A 940 2.90 -7.27 -24.62
CA ALA A 940 3.08 -6.29 -23.58
C ALA A 940 4.33 -6.56 -22.79
N GLN A 941 4.83 -7.79 -22.83
CA GLN A 941 5.99 -8.12 -22.02
C GLN A 941 7.20 -7.29 -22.34
N TYR A 942 7.38 -6.97 -23.62
CA TYR A 942 8.64 -6.37 -24.05
C TYR A 942 8.58 -4.88 -23.95
N VAL A 943 7.38 -4.44 -23.59
CA VAL A 943 7.04 -3.04 -23.48
C VAL A 943 6.97 -2.62 -22.03
N ALA A 944 6.19 -3.39 -21.26
CA ALA A 944 5.95 -3.16 -19.85
C ALA A 944 7.13 -3.53 -18.98
N GLY A 945 7.96 -4.50 -19.36
CA GLY A 945 9.06 -4.87 -18.50
C GLY A 945 8.84 -6.18 -17.73
N TYR A 946 8.03 -7.09 -18.25
CA TYR A 946 7.81 -8.37 -17.56
C TYR A 946 8.03 -9.50 -18.50
N LYS A 947 8.32 -10.67 -17.98
CA LYS A 947 8.55 -11.81 -18.84
C LYS A 947 7.86 -13.06 -18.38
N VAL A 948 7.25 -13.73 -19.33
CA VAL A 948 6.64 -15.03 -19.04
C VAL A 948 7.69 -16.11 -19.28
N LEU A 949 7.91 -16.93 -18.26
CA LEU A 949 8.93 -17.95 -18.35
C LEU A 949 8.32 -19.27 -18.79
N PRO A 950 9.06 -20.12 -19.50
CA PRO A 950 8.65 -21.42 -19.90
C PRO A 950 8.54 -22.36 -18.72
N PRO A 951 7.68 -23.38 -18.81
CA PRO A 951 7.45 -24.43 -17.87
C PRO A 951 8.62 -25.35 -17.82
N LEU A 952 8.73 -26.09 -16.71
CA LEU A 952 9.81 -27.04 -16.47
C LEU A 952 9.93 -28.19 -17.43
N MET A 953 8.80 -28.70 -17.91
CA MET A 953 8.81 -29.82 -18.85
C MET A 953 8.14 -29.43 -20.16
N ASP A 954 8.65 -29.93 -21.30
CA ASP A 954 8.00 -29.63 -22.56
C ASP A 954 6.79 -30.54 -22.67
N VAL A 955 5.97 -30.30 -23.67
CA VAL A 955 4.78 -31.08 -23.92
C VAL A 955 5.02 -32.55 -24.17
N ASN A 956 6.05 -32.90 -24.92
CA ASN A 956 6.19 -34.31 -25.18
C ASN A 956 6.56 -35.07 -23.92
N MET A 957 7.32 -34.45 -23.02
CA MET A 957 7.65 -35.14 -21.79
C MET A 957 6.43 -35.32 -20.93
N GLU A 958 5.58 -34.30 -20.86
CA GLU A 958 4.40 -34.48 -20.02
C GLU A 958 3.51 -35.56 -20.61
N ALA A 959 3.43 -35.60 -21.95
CA ALA A 959 2.63 -36.62 -22.59
C ALA A 959 3.18 -37.99 -22.29
N ALA A 960 4.52 -38.11 -22.26
CA ALA A 960 5.15 -39.38 -21.97
C ALA A 960 4.78 -39.87 -20.60
N TYR A 961 4.66 -38.94 -19.64
CA TYR A 961 4.32 -39.37 -18.31
C TYR A 961 2.91 -39.89 -18.22
N THR A 962 1.96 -39.24 -18.90
CA THR A 962 0.60 -39.72 -18.76
C THR A 962 0.34 -40.91 -19.64
N SER A 963 1.15 -41.06 -20.70
CA SER A 963 1.00 -42.20 -21.55
C SER A 963 1.48 -43.45 -20.85
N SER A 964 2.58 -43.31 -20.10
CA SER A 964 3.10 -44.47 -19.39
C SER A 964 2.20 -44.81 -18.26
N LEU A 965 1.50 -43.79 -17.74
CA LEU A 965 0.55 -43.99 -16.66
C LEU A 965 -0.63 -44.78 -17.18
N LEU A 966 -1.11 -44.45 -18.38
CA LEU A 966 -2.26 -45.16 -18.93
C LEU A 966 -1.98 -46.63 -19.04
N GLY A 967 -0.78 -46.95 -19.49
CA GLY A 967 -0.40 -48.33 -19.73
C GLY A 967 -0.13 -49.11 -18.49
N SER A 968 -0.09 -48.42 -17.36
CA SER A 968 0.18 -49.07 -16.12
C SER A 968 -1.11 -49.39 -15.37
N ILE A 969 -2.26 -48.87 -15.82
CA ILE A 969 -3.43 -48.99 -14.96
C ILE A 969 -3.92 -50.39 -14.71
N ALA A 970 -4.08 -51.19 -15.73
CA ALA A 970 -4.62 -52.52 -15.53
C ALA A 970 -3.74 -53.37 -14.64
N GLY A 971 -2.44 -53.20 -14.75
CA GLY A 971 -1.53 -54.05 -14.01
C GLY A 971 -1.02 -53.51 -12.72
N VAL A 972 -1.49 -52.34 -12.33
CA VAL A 972 -0.97 -51.78 -11.10
C VAL A 972 -2.02 -51.97 -10.03
N GLY A 973 -3.28 -51.67 -10.33
CA GLY A 973 -4.32 -51.79 -9.33
C GLY A 973 -4.87 -53.21 -9.27
N TRP A 974 -3.98 -54.19 -9.11
CA TRP A 974 -4.43 -55.58 -9.20
C TRP A 974 -4.28 -56.34 -7.89
N THR A 975 -3.10 -56.38 -7.29
CA THR A 975 -2.97 -57.12 -6.04
C THR A 975 -2.08 -56.49 -4.99
N ALA A 976 -1.76 -57.26 -3.96
CA ALA A 976 -0.97 -56.76 -2.83
C ALA A 976 0.42 -56.28 -3.24
N GLY A 977 0.86 -55.20 -2.62
CA GLY A 977 2.20 -54.65 -2.81
C GLY A 977 2.23 -53.72 -4.01
N LEU A 978 3.23 -52.86 -4.10
CA LEU A 978 3.34 -51.97 -5.25
C LEU A 978 4.50 -52.37 -6.15
N SER A 979 5.07 -53.53 -5.88
CA SER A 979 6.29 -54.00 -6.51
C SER A 979 6.18 -54.87 -7.76
N SER A 980 5.04 -55.45 -8.03
CA SER A 980 4.97 -56.33 -9.18
C SER A 980 3.96 -55.79 -10.14
N PHE A 981 4.10 -56.15 -11.41
CA PHE A 981 3.16 -55.67 -12.40
C PHE A 981 2.52 -56.80 -13.15
N ALA A 982 1.21 -56.78 -13.17
CA ALA A 982 0.46 -57.81 -13.88
C ALA A 982 0.06 -57.31 -15.25
N ALA A 983 0.70 -57.79 -16.30
CA ALA A 983 0.36 -57.28 -17.61
C ALA A 983 -0.85 -58.00 -18.12
N ILE A 984 -2.00 -57.51 -17.72
CA ILE A 984 -3.26 -58.13 -18.02
C ILE A 984 -4.06 -57.18 -18.86
N PRO A 985 -5.03 -57.63 -19.63
CA PRO A 985 -5.94 -56.83 -20.40
C PRO A 985 -6.69 -55.84 -19.59
N PHE A 986 -6.98 -54.70 -20.14
CA PHE A 986 -7.80 -53.69 -19.52
C PHE A 986 -9.13 -54.26 -19.14
N ALA A 987 -9.73 -55.00 -20.06
CA ALA A 987 -11.03 -55.56 -19.79
C ALA A 987 -11.03 -56.46 -18.58
N GLN A 988 -9.95 -57.21 -18.40
CA GLN A 988 -9.87 -58.14 -17.29
C GLN A 988 -9.81 -57.35 -16.01
N SER A 989 -9.10 -56.22 -16.06
CA SER A 989 -8.99 -55.33 -14.92
C SER A 989 -10.34 -54.77 -14.53
N ILE A 990 -11.14 -54.38 -15.53
CA ILE A 990 -12.46 -53.84 -15.26
C ILE A 990 -13.33 -54.86 -14.59
N PHE A 991 -13.25 -56.11 -15.03
CA PHE A 991 -14.12 -57.06 -14.40
C PHE A 991 -13.70 -57.32 -12.97
N TYR A 992 -12.40 -57.27 -12.67
CA TYR A 992 -12.03 -57.44 -11.27
C TYR A 992 -12.50 -56.25 -10.45
N ARG A 993 -12.42 -55.06 -11.03
CA ARG A 993 -12.89 -53.84 -10.37
C ARG A 993 -14.38 -53.84 -10.10
N LEU A 994 -15.15 -54.40 -11.02
CA LEU A 994 -16.59 -54.48 -10.80
C LEU A 994 -16.92 -55.55 -9.77
N ASN A 995 -16.17 -56.64 -9.78
CA ASN A 995 -16.43 -57.69 -8.83
C ASN A 995 -16.15 -57.22 -7.44
N GLY A 996 -15.15 -56.34 -7.35
CA GLY A 996 -14.72 -55.82 -6.08
C GLY A 996 -15.66 -54.83 -5.45
N VAL A 997 -16.69 -54.41 -6.19
CA VAL A 997 -17.61 -53.46 -5.61
C VAL A 997 -18.96 -54.09 -5.39
N GLY A 998 -19.08 -55.41 -5.56
CA GLY A 998 -20.36 -56.03 -5.32
C GLY A 998 -21.12 -56.57 -6.51
N ILE A 999 -20.53 -56.65 -7.68
CA ILE A 999 -21.27 -57.25 -8.78
C ILE A 999 -20.73 -58.67 -8.91
N THR A 1000 -21.59 -59.67 -8.86
CA THR A 1000 -21.04 -61.03 -8.85
C THR A 1000 -20.48 -61.45 -10.18
N GLN A 1001 -19.69 -62.51 -10.17
CA GLN A 1001 -19.06 -63.01 -11.37
C GLN A 1001 -20.04 -63.62 -12.33
N GLN A 1002 -21.15 -64.13 -11.85
CA GLN A 1002 -22.12 -64.69 -12.76
C GLN A 1002 -22.71 -63.57 -13.60
N VAL A 1003 -22.89 -62.43 -12.98
CA VAL A 1003 -23.46 -61.28 -13.65
C VAL A 1003 -22.49 -60.71 -14.63
N LEU A 1004 -21.24 -60.57 -14.22
CA LEU A 1004 -20.25 -59.98 -15.08
C LEU A 1004 -20.02 -60.86 -16.27
N SER A 1005 -20.08 -62.19 -16.08
CA SER A 1005 -19.87 -63.13 -17.17
C SER A 1005 -20.98 -63.10 -18.19
N GLU A 1006 -22.22 -62.96 -17.73
CA GLU A 1006 -23.36 -62.90 -18.64
C GLU A 1006 -23.39 -61.61 -19.42
N ASN A 1007 -22.96 -60.54 -18.75
CA ASN A 1007 -23.01 -59.20 -19.31
C ASN A 1007 -21.72 -58.60 -19.80
N GLN A 1008 -20.72 -59.37 -20.16
CA GLN A 1008 -19.48 -58.68 -20.53
C GLN A 1008 -19.62 -57.72 -21.69
N LYS A 1009 -20.47 -58.04 -22.66
CA LYS A 1009 -20.60 -57.14 -23.80
C LYS A 1009 -21.44 -55.94 -23.41
N LEU A 1010 -22.38 -56.14 -22.49
CA LEU A 1010 -23.24 -55.05 -22.06
C LEU A 1010 -22.43 -54.06 -21.25
N ILE A 1011 -21.54 -54.58 -20.43
CA ILE A 1011 -20.69 -53.76 -19.60
C ILE A 1011 -19.73 -52.97 -20.46
N ALA A 1012 -19.10 -53.63 -21.43
CA ALA A 1012 -18.20 -52.90 -22.30
C ALA A 1012 -18.97 -51.83 -23.06
N ASN A 1013 -20.20 -52.11 -23.47
CA ASN A 1013 -20.93 -51.09 -24.20
C ASN A 1013 -21.27 -49.92 -23.34
N LYS A 1014 -21.63 -50.17 -22.08
CA LYS A 1014 -21.97 -49.04 -21.22
C LYS A 1014 -20.77 -48.20 -20.91
N PHE A 1015 -19.64 -48.86 -20.74
CA PHE A 1015 -18.40 -48.17 -20.45
C PHE A 1015 -18.08 -47.27 -21.63
N ASN A 1016 -18.22 -47.84 -22.84
CA ASN A 1016 -17.91 -47.10 -24.04
C ASN A 1016 -18.84 -45.94 -24.24
N GLN A 1017 -20.09 -46.07 -23.83
CA GLN A 1017 -21.00 -44.96 -23.94
C GLN A 1017 -20.58 -43.86 -22.99
N ALA A 1018 -20.14 -44.23 -21.78
CA ALA A 1018 -19.74 -43.25 -20.80
C ALA A 1018 -18.59 -42.41 -21.28
N LEU A 1019 -17.63 -43.05 -21.96
CA LEU A 1019 -16.48 -42.30 -22.44
C LEU A 1019 -16.76 -41.64 -23.75
N GLY A 1020 -17.53 -42.29 -24.61
CA GLY A 1020 -17.81 -41.71 -25.91
C GLY A 1020 -18.60 -40.43 -25.76
N ALA A 1021 -19.46 -40.40 -24.74
CA ALA A 1021 -20.32 -39.27 -24.42
C ALA A 1021 -19.55 -38.05 -24.02
N MET A 1022 -18.32 -38.27 -23.63
CA MET A 1022 -17.46 -37.22 -23.17
C MET A 1022 -16.72 -36.52 -24.29
N GLN A 1023 -16.70 -37.11 -25.49
CA GLN A 1023 -15.92 -36.52 -26.58
C GLN A 1023 -16.41 -35.15 -26.92
N THR A 1024 -17.71 -34.93 -26.75
CA THR A 1024 -18.35 -33.68 -27.08
C THR A 1024 -18.65 -32.86 -25.84
N GLY A 1025 -18.07 -33.27 -24.72
CA GLY A 1025 -18.34 -32.63 -23.44
C GLY A 1025 -17.57 -31.35 -23.12
N PHE A 1026 -16.58 -30.95 -23.90
CA PHE A 1026 -15.85 -29.74 -23.53
C PHE A 1026 -16.54 -28.49 -24.00
N THR A 1027 -17.62 -28.21 -23.29
CA THR A 1027 -18.56 -27.16 -23.55
C THR A 1027 -18.92 -26.38 -22.32
N THR A 1028 -19.95 -25.54 -22.47
CA THR A 1028 -20.41 -24.58 -21.45
C THR A 1028 -21.02 -25.23 -20.22
N THR A 1029 -21.44 -26.45 -20.34
CA THR A 1029 -22.09 -27.14 -19.24
C THR A 1029 -21.12 -28.01 -18.46
N ASN A 1030 -19.86 -28.05 -18.87
CA ASN A 1030 -18.85 -28.88 -18.23
C ASN A 1030 -18.05 -28.09 -17.20
N GLU A 1031 -18.39 -28.25 -15.92
CA GLU A 1031 -17.74 -27.45 -14.89
C GLU A 1031 -16.24 -27.64 -14.86
N ALA A 1032 -15.78 -28.87 -15.02
CA ALA A 1032 -14.33 -29.11 -15.00
C ALA A 1032 -13.66 -28.38 -16.13
N PHE A 1033 -14.33 -28.32 -17.26
CA PHE A 1033 -13.79 -27.63 -18.40
C PHE A 1033 -13.69 -26.14 -18.10
N GLN A 1034 -14.74 -25.53 -17.53
CA GLN A 1034 -14.55 -24.11 -17.21
C GLN A 1034 -13.44 -23.92 -16.21
N LYS A 1035 -13.23 -24.84 -15.28
CA LYS A 1035 -12.13 -24.61 -14.37
C LYS A 1035 -10.82 -24.55 -15.12
N VAL A 1036 -10.70 -25.29 -16.21
CA VAL A 1036 -9.47 -25.24 -16.98
C VAL A 1036 -9.33 -23.85 -17.58
N GLN A 1037 -10.42 -23.34 -18.16
CA GLN A 1037 -10.38 -22.00 -18.77
C GLN A 1037 -10.14 -20.93 -17.74
N ASP A 1038 -10.66 -21.12 -16.53
CA ASP A 1038 -10.49 -20.13 -15.50
C ASP A 1038 -9.04 -20.10 -15.03
N ALA A 1039 -8.39 -21.26 -14.96
CA ALA A 1039 -6.99 -21.23 -14.56
C ALA A 1039 -6.21 -20.40 -15.55
N VAL A 1040 -6.58 -20.53 -16.82
CA VAL A 1040 -5.97 -19.78 -17.90
C VAL A 1040 -6.29 -18.30 -17.77
N ASN A 1041 -7.53 -17.98 -17.45
CA ASN A 1041 -7.90 -16.61 -17.31
C ASN A 1041 -7.21 -15.97 -16.13
N ASN A 1042 -6.92 -16.75 -15.09
CA ASN A 1042 -6.26 -16.17 -13.93
C ASN A 1042 -4.84 -15.80 -14.27
N ASN A 1043 -4.22 -16.58 -15.16
CA ASN A 1043 -2.87 -16.22 -15.54
C ASN A 1043 -2.91 -14.92 -16.32
N ALA A 1044 -3.92 -14.79 -17.17
CA ALA A 1044 -4.02 -13.57 -17.96
C ALA A 1044 -4.28 -12.38 -17.08
N GLN A 1045 -5.09 -12.54 -16.04
CA GLN A 1045 -5.39 -11.41 -15.19
C GLN A 1045 -4.16 -10.95 -14.46
N ALA A 1046 -3.33 -11.90 -14.06
CA ALA A 1046 -2.13 -11.53 -13.35
C ALA A 1046 -1.24 -10.66 -14.20
N LEU A 1047 -1.20 -10.93 -15.51
CA LEU A 1047 -0.36 -10.15 -16.39
C LEU A 1047 -0.99 -8.83 -16.74
N SER A 1048 -2.33 -8.78 -16.72
CA SER A 1048 -3.00 -7.57 -17.09
C SER A 1048 -2.77 -6.51 -16.07
N LYS A 1049 -2.42 -6.89 -14.83
CA LYS A 1049 -2.21 -5.83 -13.85
C LYS A 1049 -0.98 -5.05 -14.27
N LEU A 1050 0.06 -5.75 -14.68
CA LEU A 1050 1.25 -5.02 -15.07
C LEU A 1050 1.04 -4.28 -16.36
N ALA A 1051 0.36 -4.88 -17.32
CA ALA A 1051 0.19 -4.18 -18.57
C ALA A 1051 -0.67 -2.92 -18.43
N SER A 1052 -1.71 -2.98 -17.60
CA SER A 1052 -2.64 -1.87 -17.50
C SER A 1052 -2.33 -0.77 -16.53
N GLU A 1053 -1.47 -1.04 -15.55
CA GLU A 1053 -1.22 -0.03 -14.54
C GLU A 1053 -0.22 1.02 -14.90
N LEU A 1054 0.58 0.81 -15.95
CA LEU A 1054 1.58 1.81 -16.29
C LEU A 1054 0.98 3.03 -16.93
N SER A 1055 -0.26 2.96 -17.33
CA SER A 1055 -0.94 4.09 -17.95
C SER A 1055 -1.56 5.02 -16.91
N ASN A 1056 -1.53 4.62 -15.65
CA ASN A 1056 -2.15 5.42 -14.59
C ASN A 1056 -1.22 6.54 -14.20
N THR A 1057 -1.78 7.63 -13.68
CA THR A 1057 -0.91 8.72 -13.29
C THR A 1057 -0.82 8.80 -11.80
N PHE A 1058 -1.77 8.21 -11.10
CA PHE A 1058 -1.76 8.22 -9.66
C PHE A 1058 -1.69 9.62 -9.09
N GLY A 1059 -2.37 10.55 -9.74
CA GLY A 1059 -2.43 11.94 -9.36
C GLY A 1059 -1.42 12.84 -10.04
N ALA A 1060 -0.48 12.24 -10.77
CA ALA A 1060 0.56 12.95 -11.48
C ALA A 1060 0.00 13.60 -12.73
N ILE A 1061 0.73 14.56 -13.26
CA ILE A 1061 0.36 15.28 -14.47
C ILE A 1061 0.43 14.41 -15.73
N SER A 1062 1.22 13.37 -15.66
CA SER A 1062 1.37 12.42 -16.73
C SER A 1062 1.83 11.08 -16.22
N ALA A 1063 1.52 10.02 -16.97
CA ALA A 1063 2.02 8.67 -16.67
C ALA A 1063 3.43 8.51 -17.20
N SER A 1064 3.86 9.48 -17.98
CA SER A 1064 5.17 9.49 -18.56
C SER A 1064 6.18 10.27 -17.76
N ILE A 1065 7.25 9.61 -17.41
CA ILE A 1065 8.33 10.24 -16.67
C ILE A 1065 8.94 11.29 -17.55
N GLY A 1066 9.08 10.98 -18.83
CA GLY A 1066 9.65 11.91 -19.78
C GLY A 1066 8.84 13.21 -19.86
N ASP A 1067 7.50 13.15 -19.72
CA ASP A 1067 6.69 14.37 -19.76
C ASP A 1067 6.90 15.18 -18.52
N ILE A 1068 7.07 14.50 -17.40
CA ILE A 1068 7.28 15.20 -16.15
C ILE A 1068 8.57 15.94 -16.19
N ILE A 1069 9.61 15.28 -16.67
CA ILE A 1069 10.92 15.90 -16.75
C ILE A 1069 10.92 17.05 -17.70
N GLN A 1070 10.31 16.87 -18.87
CA GLN A 1070 10.24 17.91 -19.87
C GLN A 1070 9.46 19.15 -19.43
N ARG A 1071 8.43 18.98 -18.60
CA ARG A 1071 7.63 20.11 -18.17
C ARG A 1071 8.05 20.78 -16.86
N LEU A 1072 8.56 20.02 -15.88
CA LEU A 1072 8.84 20.59 -14.57
C LEU A 1072 10.28 20.63 -14.10
N ASP A 1073 10.59 21.60 -13.25
CA ASP A 1073 11.88 21.68 -12.59
C ASP A 1073 11.92 20.77 -11.37
N PRO A 1074 13.10 20.31 -10.93
CA PRO A 1074 13.33 19.40 -9.83
C PRO A 1074 12.45 19.49 -8.58
N PRO A 1075 12.22 20.61 -7.92
CA PRO A 1075 11.40 20.58 -6.73
C PRO A 1075 9.97 20.09 -6.96
N GLU A 1076 9.44 20.22 -8.18
CA GLU A 1076 8.08 19.77 -8.45
C GLU A 1076 8.14 18.50 -9.25
N GLN A 1077 9.19 18.40 -10.07
CA GLN A 1077 9.43 17.27 -10.94
C GLN A 1077 9.55 16.04 -10.09
N ASP A 1078 10.22 16.21 -8.94
CA ASP A 1078 10.47 15.17 -7.98
C ASP A 1078 9.18 14.64 -7.44
N ALA A 1079 8.28 15.53 -7.04
CA ALA A 1079 7.00 15.15 -6.48
C ALA A 1079 6.16 14.36 -7.46
N GLN A 1080 6.24 14.74 -8.72
CA GLN A 1080 5.44 14.07 -9.74
C GLN A 1080 6.01 12.71 -10.09
N ILE A 1081 7.33 12.59 -10.12
CA ILE A 1081 7.93 11.30 -10.42
C ILE A 1081 7.64 10.41 -9.27
N ASP A 1082 7.74 10.95 -8.07
CA ASP A 1082 7.49 10.18 -6.88
C ASP A 1082 6.06 9.65 -6.86
N ARG A 1083 5.07 10.40 -7.33
CA ARG A 1083 3.75 9.80 -7.38
C ARG A 1083 3.73 8.59 -8.28
N LEU A 1084 4.44 8.66 -9.42
CA LEU A 1084 4.44 7.51 -10.28
C LEU A 1084 5.15 6.37 -9.63
N ILE A 1085 6.23 6.65 -8.90
CA ILE A 1085 6.94 5.57 -8.24
C ILE A 1085 6.04 4.92 -7.23
N ASN A 1086 5.38 5.70 -6.39
CA ASN A 1086 4.58 5.06 -5.37
C ASN A 1086 3.53 4.15 -5.97
N GLY A 1087 2.91 4.60 -7.06
CA GLY A 1087 1.88 3.80 -7.69
C GLY A 1087 2.40 2.53 -8.30
N ARG A 1088 3.60 2.59 -8.84
CA ARG A 1088 4.17 1.43 -9.48
C ARG A 1088 4.76 0.49 -8.47
N LEU A 1089 5.25 1.01 -7.35
CA LEU A 1089 5.80 0.14 -6.34
C LEU A 1089 4.64 -0.63 -5.74
N THR A 1090 3.50 0.06 -5.58
CA THR A 1090 2.30 -0.53 -5.03
C THR A 1090 1.81 -1.62 -5.92
N THR A 1091 1.81 -1.36 -7.22
CA THR A 1091 1.38 -2.34 -8.18
C THR A 1091 2.25 -3.57 -8.14
N LEU A 1092 3.56 -3.38 -8.08
CA LEU A 1092 4.42 -4.54 -8.02
C LEU A 1092 4.29 -5.28 -6.73
N ASN A 1093 4.05 -4.60 -5.63
CA ASN A 1093 3.88 -5.34 -4.40
C ASN A 1093 2.62 -6.16 -4.47
N ALA A 1094 1.57 -5.61 -5.07
CA ALA A 1094 0.32 -6.34 -5.17
C ALA A 1094 0.48 -7.55 -6.06
N PHE A 1095 1.23 -7.39 -7.14
CA PHE A 1095 1.49 -8.47 -8.07
C PHE A 1095 2.22 -9.58 -7.40
N VAL A 1096 3.28 -9.24 -6.69
CA VAL A 1096 4.04 -10.25 -6.03
C VAL A 1096 3.20 -10.92 -4.98
N ALA A 1097 2.46 -10.15 -4.20
CA ALA A 1097 1.66 -10.80 -3.20
C ALA A 1097 0.74 -11.83 -3.82
N GLN A 1098 0.17 -11.52 -4.98
CA GLN A 1098 -0.69 -12.50 -5.61
C GLN A 1098 0.07 -13.64 -6.22
N GLN A 1099 1.27 -13.43 -6.72
CA GLN A 1099 1.96 -14.58 -7.27
C GLN A 1099 2.28 -15.52 -6.16
N LEU A 1100 2.59 -14.99 -4.97
CA LEU A 1100 2.85 -15.87 -3.83
C LEU A 1100 1.57 -16.58 -3.39
N VAL A 1101 0.42 -15.90 -3.41
CA VAL A 1101 -0.81 -16.57 -3.03
C VAL A 1101 -1.18 -17.64 -4.02
N ARG A 1102 -1.05 -17.33 -5.30
CA ARG A 1102 -1.41 -18.24 -6.36
C ARG A 1102 -0.46 -19.40 -6.44
N SER A 1103 0.82 -19.19 -6.17
CA SER A 1103 1.76 -20.30 -6.22
C SER A 1103 1.61 -21.19 -5.00
N GLU A 1104 1.14 -20.62 -3.88
CA GLU A 1104 0.94 -21.45 -2.70
C GLU A 1104 -0.25 -22.33 -2.96
N SER A 1105 -1.30 -21.74 -3.55
CA SER A 1105 -2.50 -22.49 -3.84
C SER A 1105 -2.25 -23.57 -4.84
N ALA A 1106 -1.52 -23.25 -5.90
CA ALA A 1106 -1.22 -24.24 -6.91
C ALA A 1106 -0.39 -25.37 -6.33
N ALA A 1107 0.53 -25.07 -5.42
CA ALA A 1107 1.31 -26.12 -4.81
C ALA A 1107 0.46 -27.06 -3.97
N LEU A 1108 -0.53 -26.52 -3.25
CA LEU A 1108 -1.39 -27.40 -2.46
C LEU A 1108 -2.19 -28.26 -3.37
N SER A 1109 -2.63 -27.66 -4.45
CA SER A 1109 -3.44 -28.32 -5.44
C SER A 1109 -2.63 -29.41 -6.08
N ALA A 1110 -1.36 -29.15 -6.36
CA ALA A 1110 -0.49 -30.17 -6.93
C ALA A 1110 -0.38 -31.37 -6.04
N GLN A 1111 -0.40 -31.17 -4.72
CA GLN A 1111 -0.33 -32.33 -3.84
C GLN A 1111 -1.66 -33.08 -3.89
N LEU A 1112 -2.76 -32.37 -4.15
CA LEU A 1112 -4.02 -33.07 -4.29
C LEU A 1112 -3.98 -33.91 -5.54
N ALA A 1113 -3.40 -33.37 -6.61
CA ALA A 1113 -3.28 -34.10 -7.86
C ALA A 1113 -2.45 -35.34 -7.66
N LYS A 1114 -1.39 -35.22 -6.84
CA LYS A 1114 -0.52 -36.33 -6.52
C LYS A 1114 -1.30 -37.43 -5.86
N ASP A 1115 -2.15 -37.04 -4.89
CA ASP A 1115 -2.94 -38.03 -4.19
C ASP A 1115 -3.94 -38.68 -5.09
N LYS A 1116 -4.54 -37.92 -5.99
CA LYS A 1116 -5.48 -38.54 -6.90
C LYS A 1116 -4.82 -39.47 -7.86
N VAL A 1117 -3.64 -39.16 -8.32
CA VAL A 1117 -3.08 -40.13 -9.21
C VAL A 1117 -2.88 -41.42 -8.44
N ASN A 1118 -2.31 -41.33 -7.24
CA ASN A 1118 -2.04 -42.56 -6.52
C ASN A 1118 -3.27 -43.32 -6.03
N GLU A 1119 -4.30 -42.57 -5.64
CA GLU A 1119 -5.53 -43.12 -5.10
C GLU A 1119 -6.54 -43.50 -6.13
N CYS A 1120 -6.76 -42.81 -7.20
CA CYS A 1120 -7.65 -42.88 -8.20
C CYS A 1120 -7.33 -43.68 -9.48
N VAL A 1121 -6.00 -43.29 -9.85
CA VAL A 1121 -5.57 -43.78 -11.15
C VAL A 1121 -4.77 -45.05 -11.02
N LYS A 1122 -3.86 -45.08 -10.07
CA LYS A 1122 -3.01 -46.24 -9.86
C LYS A 1122 -3.67 -47.25 -8.94
N ALA A 1123 -4.88 -46.95 -8.51
CA ALA A 1123 -5.60 -47.82 -7.62
C ALA A 1123 -7.09 -47.62 -7.77
N GLN A 1124 -7.87 -48.63 -7.40
CA GLN A 1124 -9.30 -48.43 -7.33
C GLN A 1124 -9.57 -47.84 -5.95
N SER A 1125 -10.32 -46.75 -5.87
CA SER A 1125 -10.57 -46.15 -4.57
C SER A 1125 -11.82 -46.65 -3.94
N LYS A 1126 -11.81 -46.78 -2.62
CA LYS A 1126 -12.97 -47.15 -1.84
C LYS A 1126 -13.51 -45.97 -1.04
N ARG A 1127 -12.97 -44.78 -1.31
CA ARG A 1127 -13.36 -43.57 -0.60
C ARG A 1127 -14.48 -42.83 -1.33
N SER A 1128 -15.65 -42.82 -0.74
CA SER A 1128 -16.74 -42.19 -1.44
C SER A 1128 -16.45 -40.74 -1.67
N GLY A 1129 -16.65 -40.29 -2.89
CA GLY A 1129 -16.53 -38.89 -3.24
C GLY A 1129 -15.12 -38.38 -3.40
N PHE A 1130 -14.13 -39.24 -3.19
CA PHE A 1130 -12.78 -38.72 -3.34
C PHE A 1130 -12.44 -38.56 -4.76
N CYS A 1131 -12.77 -39.57 -5.52
CA CYS A 1131 -12.49 -39.58 -6.92
C CYS A 1131 -13.74 -38.96 -7.54
N GLY A 1132 -14.55 -39.74 -8.21
CA GLY A 1132 -15.76 -39.19 -8.76
C GLY A 1132 -16.96 -39.56 -7.91
N GLN A 1133 -18.14 -39.36 -8.49
CA GLN A 1133 -19.37 -39.71 -7.80
C GLN A 1133 -19.72 -41.14 -8.12
N GLY A 1134 -20.52 -41.77 -7.29
CA GLY A 1134 -20.90 -43.15 -7.54
C GLY A 1134 -19.77 -44.02 -7.04
N THR A 1135 -19.76 -45.28 -7.42
CA THR A 1135 -18.69 -46.15 -6.91
C THR A 1135 -17.53 -46.11 -7.87
N HIS A 1136 -16.34 -45.81 -7.39
CA HIS A 1136 -15.21 -45.72 -8.31
C HIS A 1136 -14.79 -47.02 -8.89
N ILE A 1137 -14.55 -46.99 -10.21
CA ILE A 1137 -14.05 -48.13 -10.92
C ILE A 1137 -12.66 -47.86 -11.45
N VAL A 1138 -12.51 -46.88 -12.32
CA VAL A 1138 -11.19 -46.62 -12.92
C VAL A 1138 -11.02 -45.14 -13.23
N SER A 1139 -9.83 -44.59 -13.12
CA SER A 1139 -9.63 -43.21 -13.54
C SER A 1139 -8.50 -43.10 -14.53
N PHE A 1140 -8.58 -42.08 -15.35
CA PHE A 1140 -7.55 -41.81 -16.34
C PHE A 1140 -7.07 -40.38 -16.17
N VAL A 1141 -5.83 -40.10 -16.56
CA VAL A 1141 -5.30 -38.74 -16.51
C VAL A 1141 -4.66 -38.27 -17.80
N VAL A 1142 -5.00 -37.04 -18.18
CA VAL A 1142 -4.37 -36.38 -19.33
C VAL A 1142 -3.88 -35.04 -18.83
N ASN A 1143 -3.01 -34.37 -19.58
CA ASN A 1143 -2.56 -33.08 -19.13
C ASN A 1143 -3.55 -32.02 -19.53
N ALA A 1144 -3.55 -30.94 -18.79
CA ALA A 1144 -4.39 -29.79 -19.02
C ALA A 1144 -3.49 -28.57 -19.03
N PRO A 1145 -3.89 -27.43 -19.59
CA PRO A 1145 -3.12 -26.21 -19.63
C PRO A 1145 -2.34 -25.80 -18.39
N ASN A 1146 -2.94 -25.92 -17.20
CA ASN A 1146 -2.16 -25.56 -16.02
C ASN A 1146 -2.20 -26.68 -14.99
N GLY A 1147 -2.28 -27.93 -15.43
CA GLY A 1147 -2.41 -29.02 -14.48
C GLY A 1147 -2.85 -30.31 -15.11
N LEU A 1148 -3.58 -31.10 -14.33
CA LEU A 1148 -4.03 -32.40 -14.79
C LEU A 1148 -5.55 -32.45 -14.92
N TYR A 1149 -6.01 -33.21 -15.90
CA TYR A 1149 -7.43 -33.38 -16.05
C TYR A 1149 -7.74 -34.85 -15.76
N PHE A 1150 -8.53 -35.09 -14.73
CA PHE A 1150 -8.87 -36.42 -14.27
C PHE A 1150 -10.15 -36.84 -14.89
N MET A 1151 -10.19 -38.10 -15.24
CA MET A 1151 -11.32 -38.63 -15.93
C MET A 1151 -11.82 -39.79 -15.08
N HIS A 1152 -12.78 -39.58 -14.19
CA HIS A 1152 -13.09 -40.66 -13.23
C HIS A 1152 -14.27 -41.45 -13.65
N VAL A 1153 -14.12 -42.75 -13.88
CA VAL A 1153 -15.27 -43.51 -14.32
C VAL A 1153 -15.85 -44.23 -13.12
N GLY A 1154 -17.11 -43.93 -12.85
CA GLY A 1154 -17.76 -44.54 -11.71
C GLY A 1154 -18.94 -45.37 -12.13
N TYR A 1155 -19.40 -46.16 -11.20
CA TYR A 1155 -20.55 -47.02 -11.35
C TYR A 1155 -21.74 -46.35 -10.73
N TYR A 1156 -22.75 -46.15 -11.54
CA TYR A 1156 -23.94 -45.48 -11.11
C TYR A 1156 -25.14 -46.38 -11.16
N PRO A 1157 -25.71 -46.74 -10.03
CA PRO A 1157 -26.82 -47.63 -9.93
C PRO A 1157 -28.08 -46.94 -10.37
N SER A 1158 -29.07 -47.71 -10.78
CA SER A 1158 -30.39 -47.16 -11.06
C SER A 1158 -31.48 -48.20 -10.89
N ASN A 1159 -32.72 -47.72 -10.92
CA ASN A 1159 -33.88 -48.59 -10.81
C ASN A 1159 -33.84 -49.47 -9.59
N HIS A 1160 -33.60 -48.88 -8.44
CA HIS A 1160 -33.54 -49.62 -7.23
C HIS A 1160 -34.87 -50.23 -6.89
N ILE A 1161 -34.83 -51.42 -6.31
CA ILE A 1161 -36.03 -52.08 -5.83
C ILE A 1161 -35.86 -52.42 -4.39
N GLU A 1162 -36.95 -52.65 -3.69
CA GLU A 1162 -36.82 -53.09 -2.33
C GLU A 1162 -37.10 -54.56 -2.19
N VAL A 1163 -36.20 -55.25 -1.48
CA VAL A 1163 -36.36 -56.65 -1.18
C VAL A 1163 -36.17 -56.85 0.30
N VAL A 1164 -36.57 -58.01 0.80
CA VAL A 1164 -36.40 -58.31 2.20
C VAL A 1164 -35.17 -59.16 2.43
N SER A 1165 -34.33 -58.71 3.35
CA SER A 1165 -33.07 -59.35 3.65
C SER A 1165 -32.90 -59.82 5.07
N ALA A 1166 -32.04 -60.83 5.21
CA ALA A 1166 -31.68 -61.40 6.51
C ALA A 1166 -30.37 -60.82 7.00
N TYR A 1167 -30.16 -60.81 8.30
CA TYR A 1167 -28.86 -60.39 8.80
C TYR A 1167 -27.89 -61.54 8.69
N GLY A 1168 -28.45 -62.73 8.64
CA GLY A 1168 -27.74 -63.98 8.55
C GLY A 1168 -28.74 -65.11 8.69
N LEU A 1169 -28.27 -66.32 8.43
CA LEU A 1169 -29.08 -67.53 8.48
C LEU A 1169 -28.45 -68.57 9.36
N CYS A 1170 -29.22 -69.23 10.20
CA CYS A 1170 -28.78 -70.30 11.05
C CYS A 1170 -29.49 -71.59 10.80
N ASP A 1171 -28.85 -72.71 10.98
CA ASP A 1171 -29.55 -73.96 10.91
C ASP A 1171 -30.47 -74.08 12.10
N ALA A 1172 -31.78 -74.17 11.87
CA ALA A 1172 -32.72 -74.23 12.98
C ALA A 1172 -32.48 -75.44 13.87
N ALA A 1173 -32.06 -76.56 13.29
CA ALA A 1173 -31.80 -77.77 14.05
C ALA A 1173 -30.45 -77.69 14.75
N ASN A 1174 -29.55 -76.91 14.15
CA ASN A 1174 -28.18 -76.76 14.63
C ASN A 1174 -27.87 -75.28 14.75
N PRO A 1175 -28.41 -74.59 15.76
CA PRO A 1175 -28.48 -73.15 15.95
C PRO A 1175 -27.16 -72.43 16.13
N THR A 1176 -26.09 -73.17 16.33
CA THR A 1176 -24.80 -72.54 16.47
C THR A 1176 -24.08 -72.46 15.13
N ASN A 1177 -24.67 -73.08 14.08
CA ASN A 1177 -24.05 -73.08 12.76
C ASN A 1177 -24.71 -72.00 11.89
N CYS A 1178 -24.07 -70.85 11.81
CA CYS A 1178 -24.66 -69.71 11.11
C CYS A 1178 -23.77 -69.12 10.07
N ILE A 1179 -24.39 -68.52 9.08
CA ILE A 1179 -23.73 -67.80 8.01
C ILE A 1179 -24.21 -66.39 7.80
N ALA A 1180 -23.33 -65.62 7.25
CA ALA A 1180 -23.60 -64.26 6.87
C ALA A 1180 -23.12 -64.14 5.45
N PRO A 1181 -23.69 -63.25 4.65
CA PRO A 1181 -23.29 -63.04 3.28
C PRO A 1181 -21.97 -62.29 3.21
N VAL A 1182 -21.24 -62.52 2.13
CA VAL A 1182 -20.03 -61.79 1.89
C VAL A 1182 -20.13 -60.88 0.71
N ASN A 1183 -20.01 -59.57 0.95
CA ASN A 1183 -20.13 -58.52 -0.07
C ASN A 1183 -21.45 -58.57 -0.83
N GLY A 1184 -22.50 -58.87 -0.11
CA GLY A 1184 -23.81 -59.03 -0.67
C GLY A 1184 -24.81 -59.28 0.39
N TYR A 1185 -25.98 -59.72 -0.02
CA TYR A 1185 -27.08 -59.91 0.88
C TYR A 1185 -27.78 -61.23 0.69
N PHE A 1186 -28.37 -61.71 1.78
CA PHE A 1186 -29.26 -62.85 1.73
C PHE A 1186 -30.66 -62.29 1.56
N ILE A 1187 -31.35 -62.67 0.49
CA ILE A 1187 -32.67 -62.14 0.16
C ILE A 1187 -33.72 -63.22 0.02
N LYS A 1188 -34.98 -62.83 0.26
CA LYS A 1188 -36.07 -63.77 0.08
C LYS A 1188 -36.50 -63.81 -1.35
N THR A 1189 -36.77 -65.01 -1.84
CA THR A 1189 -37.23 -65.22 -3.20
C THR A 1189 -37.78 -66.61 -3.39
N GLU A 1197 -35.80 -70.67 -1.09
CA GLU A 1197 -36.33 -69.59 -0.26
C GLU A 1197 -35.35 -68.45 -0.18
N TRP A 1198 -34.22 -68.69 0.45
CA TRP A 1198 -33.18 -67.68 0.56
C TRP A 1198 -32.20 -67.80 -0.56
N SER A 1199 -31.73 -66.68 -1.06
CA SER A 1199 -30.72 -66.68 -2.09
C SER A 1199 -29.79 -65.54 -1.83
N TYR A 1200 -28.70 -65.49 -2.56
CA TYR A 1200 -27.70 -64.46 -2.39
C TYR A 1200 -27.68 -63.47 -3.54
N THR A 1201 -27.44 -62.20 -3.24
CA THR A 1201 -27.24 -61.25 -4.35
C THR A 1201 -26.03 -60.39 -4.02
N GLY A 1202 -25.28 -59.95 -5.01
CA GLY A 1202 -24.14 -59.07 -4.74
C GLY A 1202 -24.64 -57.71 -4.31
N SER A 1203 -23.86 -56.96 -3.55
CA SER A 1203 -24.37 -55.69 -3.06
C SER A 1203 -24.66 -54.61 -4.05
N SER A 1204 -24.05 -54.65 -5.22
CA SER A 1204 -24.28 -53.56 -6.16
C SER A 1204 -25.24 -53.87 -7.26
N PHE A 1205 -25.73 -55.09 -7.31
CA PHE A 1205 -26.60 -55.37 -8.43
C PHE A 1205 -27.49 -56.52 -8.08
N TYR A 1206 -28.79 -56.31 -8.21
CA TYR A 1206 -29.69 -57.37 -7.86
C TYR A 1206 -29.68 -58.45 -8.88
N ALA A 1207 -29.29 -59.61 -8.44
CA ALA A 1207 -29.17 -60.74 -9.32
C ALA A 1207 -29.07 -61.97 -8.47
N PRO A 1208 -30.18 -62.55 -8.02
CA PRO A 1208 -30.18 -63.65 -7.09
C PRO A 1208 -29.45 -64.86 -7.66
N GLU A 1209 -28.69 -65.54 -6.80
CA GLU A 1209 -27.95 -66.74 -7.13
C GLU A 1209 -27.98 -67.60 -5.88
N PRO A 1210 -27.73 -68.88 -5.93
CA PRO A 1210 -27.71 -69.75 -4.77
C PRO A 1210 -26.70 -69.33 -3.73
N ILE A 1211 -27.03 -69.60 -2.47
CA ILE A 1211 -26.13 -69.38 -1.38
C ILE A 1211 -25.19 -70.55 -1.36
N THR A 1212 -23.91 -70.26 -1.41
CA THR A 1212 -22.87 -71.28 -1.48
C THR A 1212 -21.76 -70.89 -0.53
N SER A 1213 -20.78 -71.74 -0.37
CA SER A 1213 -19.65 -71.44 0.47
C SER A 1213 -18.76 -70.33 -0.08
N LEU A 1214 -18.96 -69.97 -1.35
CA LEU A 1214 -18.17 -68.92 -1.98
C LEU A 1214 -18.74 -67.52 -1.75
N ASN A 1215 -19.93 -67.42 -1.17
CA ASN A 1215 -20.55 -66.12 -0.98
C ASN A 1215 -21.01 -65.92 0.45
N THR A 1216 -20.55 -66.80 1.32
CA THR A 1216 -20.86 -66.78 2.73
C THR A 1216 -19.64 -66.92 3.61
N LYS A 1217 -19.81 -66.55 4.85
CA LYS A 1217 -18.81 -66.77 5.86
C LYS A 1217 -19.50 -67.32 7.08
N TYR A 1218 -18.82 -68.16 7.85
CA TYR A 1218 -19.44 -68.64 9.05
C TYR A 1218 -19.27 -67.60 10.12
N VAL A 1219 -20.32 -67.42 10.87
CA VAL A 1219 -20.36 -66.45 11.94
C VAL A 1219 -20.88 -67.00 13.25
N ALA A 1220 -20.65 -66.26 14.31
CA ALA A 1220 -21.26 -66.60 15.58
C ALA A 1220 -22.75 -66.34 15.44
N PRO A 1221 -23.63 -67.10 16.11
CA PRO A 1221 -25.07 -66.92 16.08
C PRO A 1221 -25.50 -65.61 16.70
N GLN A 1222 -26.55 -65.04 16.14
CA GLN A 1222 -27.13 -63.80 16.64
C GLN A 1222 -28.64 -63.89 16.66
N VAL A 1223 -29.25 -63.10 17.50
CA VAL A 1223 -30.69 -63.04 17.66
C VAL A 1223 -31.43 -62.60 16.40
N THR A 1224 -30.75 -61.90 15.51
CA THR A 1224 -31.34 -61.42 14.28
C THR A 1224 -31.19 -62.35 13.10
N TYR A 1225 -30.53 -63.48 13.31
CA TYR A 1225 -30.34 -64.41 12.22
C TYR A 1225 -31.61 -65.25 12.13
N GLN A 1226 -31.96 -65.69 10.93
CA GLN A 1226 -33.17 -66.47 10.76
C GLN A 1226 -32.93 -67.93 11.05
N ASN A 1227 -33.91 -68.63 11.64
CA ASN A 1227 -33.78 -70.04 11.83
C ASN A 1227 -34.37 -70.81 10.69
N ILE A 1228 -33.60 -71.41 9.82
CA ILE A 1228 -34.15 -72.08 8.64
C ILE A 1228 -34.13 -73.59 8.82
N SER A 1229 -35.26 -74.21 8.51
CA SER A 1229 -35.46 -75.64 8.70
C SER A 1229 -35.78 -76.50 7.48
N THR A 1230 -35.85 -75.92 6.30
CA THR A 1230 -36.22 -76.69 5.12
C THR A 1230 -35.14 -76.65 4.06
N ASN A 1231 -35.20 -75.66 3.20
CA ASN A 1231 -34.22 -75.60 2.12
C ASN A 1231 -32.96 -74.93 2.59
N LEU A 1232 -32.18 -75.71 3.33
CA LEU A 1232 -30.96 -75.24 3.96
C LEU A 1232 -29.94 -75.17 2.84
N PRO A 1233 -29.15 -74.09 2.73
CA PRO A 1233 -28.12 -73.96 1.75
C PRO A 1233 -26.97 -74.90 2.13
N PRO A 1234 -26.16 -75.34 1.20
CA PRO A 1234 -25.01 -76.19 1.40
C PRO A 1234 -24.04 -75.84 2.54
N PRO A 1235 -23.70 -74.58 2.89
CA PRO A 1235 -22.85 -74.31 4.03
C PRO A 1235 -23.47 -74.71 5.37
N LEU A 1236 -24.82 -74.81 5.44
CA LEU A 1236 -25.49 -75.25 6.67
C LEU A 1236 -25.88 -76.73 6.64
N LEU A 1237 -25.77 -77.38 5.49
CA LEU A 1237 -26.13 -78.81 5.43
C LEU A 1237 -25.00 -79.66 5.95
N GLY A 1238 -24.83 -79.62 7.28
CA GLY A 1238 -23.73 -80.30 7.94
C GLY A 1238 -24.26 -81.26 8.99
N THR B 32 -8.71 50.27 30.73
CA THR B 32 -8.61 49.53 31.98
C THR B 32 -9.89 49.53 32.78
N VAL B 33 -9.95 48.61 33.73
CA VAL B 33 -11.11 48.39 34.57
C VAL B 33 -10.98 48.85 35.98
N ASP B 34 -11.97 49.58 36.40
CA ASP B 34 -12.08 50.08 37.75
C ASP B 34 -12.50 48.90 38.62
N VAL B 35 -11.68 48.57 39.62
CA VAL B 35 -11.89 47.42 40.49
C VAL B 35 -12.12 47.87 41.92
N GLY B 36 -12.58 49.10 42.05
CA GLY B 36 -12.90 49.67 43.34
C GLY B 36 -11.68 50.39 43.86
N PRO B 37 -11.78 51.03 45.02
CA PRO B 37 -10.76 51.84 45.66
C PRO B 37 -9.62 51.01 46.23
N ASP B 38 -8.49 51.68 46.41
CA ASP B 38 -7.34 51.11 47.09
C ASP B 38 -7.63 50.97 48.57
N SER B 39 -6.97 50.05 49.22
CA SER B 39 -7.05 49.96 50.66
C SER B 39 -6.44 51.22 51.27
N VAL B 40 -7.02 51.65 52.37
CA VAL B 40 -6.54 52.81 53.06
C VAL B 40 -5.84 52.48 54.37
N LYS B 41 -5.58 51.21 54.60
CA LYS B 41 -4.91 50.85 55.82
C LYS B 41 -3.40 51.07 55.70
N SER B 42 -2.80 51.51 56.79
CA SER B 42 -1.36 51.76 56.89
C SER B 42 -0.53 50.52 57.17
N ALA B 43 -1.23 49.44 57.45
CA ALA B 43 -0.61 48.19 57.77
C ALA B 43 -1.47 47.04 57.37
N CYS B 44 -0.80 45.93 57.13
CA CYS B 44 -1.39 44.64 56.85
C CYS B 44 -1.51 43.82 58.12
N ILE B 45 -2.38 42.84 58.13
CA ILE B 45 -2.42 41.97 59.29
C ILE B 45 -1.24 41.03 59.22
N GLU B 46 -0.57 40.91 60.36
CA GLU B 46 0.61 40.07 60.54
C GLU B 46 0.29 38.64 60.18
N VAL B 47 1.20 38.00 59.46
CA VAL B 47 0.99 36.62 59.06
C VAL B 47 2.02 35.70 59.69
N ASP B 48 1.52 34.68 60.37
CA ASP B 48 2.32 33.67 61.02
C ASP B 48 2.48 32.44 60.15
N ILE B 49 3.67 32.18 59.63
CA ILE B 49 3.82 31.04 58.76
C ILE B 49 4.41 29.88 59.57
N GLN B 50 3.65 28.81 59.75
CA GLN B 50 4.18 27.65 60.50
C GLN B 50 3.88 26.38 59.74
N GLN B 51 4.73 26.05 58.78
CA GLN B 51 4.47 24.96 57.85
C GLN B 51 4.31 23.63 58.52
N THR B 52 4.94 23.43 59.66
CA THR B 52 4.82 22.16 60.35
C THR B 52 3.37 21.75 60.53
N PHE B 53 2.51 22.71 60.83
CA PHE B 53 1.12 22.44 61.12
C PHE B 53 0.33 22.02 59.90
N PHE B 54 0.86 22.32 58.73
CA PHE B 54 0.21 22.04 57.49
C PHE B 54 0.84 20.84 56.79
N ASP B 55 1.83 20.20 57.43
CA ASP B 55 2.49 19.06 56.81
C ASP B 55 1.73 17.78 57.15
N LYS B 56 0.59 17.63 56.48
CA LYS B 56 -0.33 16.53 56.73
C LYS B 56 -0.29 15.53 55.61
N THR B 57 -0.59 14.30 55.94
CA THR B 57 -0.67 13.24 54.95
C THR B 57 -2.07 12.69 54.84
N TRP B 58 -2.78 13.19 53.85
CA TRP B 58 -4.18 12.89 53.58
C TRP B 58 -4.32 12.59 52.10
N PRO B 59 -3.69 11.54 51.57
CA PRO B 59 -3.56 11.28 50.17
C PRO B 59 -4.85 10.99 49.46
N ARG B 60 -5.03 11.61 48.31
CA ARG B 60 -6.19 11.41 47.46
C ARG B 60 -5.73 11.47 46.04
N PRO B 61 -5.06 10.45 45.52
CA PRO B 61 -4.51 10.42 44.21
C PRO B 61 -5.58 10.30 43.18
N ILE B 62 -5.27 10.63 41.96
CA ILE B 62 -6.25 10.47 40.92
C ILE B 62 -6.57 9.03 40.67
N ASP B 63 -7.86 8.74 40.73
CA ASP B 63 -8.37 7.42 40.42
C ASP B 63 -9.06 7.54 39.08
N VAL B 64 -8.40 7.13 38.03
CA VAL B 64 -8.93 7.33 36.70
C VAL B 64 -10.14 6.42 36.49
N SER B 65 -10.17 5.29 37.18
CA SER B 65 -11.27 4.33 37.07
C SER B 65 -12.57 4.86 37.60
N LYS B 66 -12.49 5.97 38.34
CA LYS B 66 -13.63 6.64 38.95
C LYS B 66 -13.84 7.98 38.20
N ALA B 67 -13.06 8.15 37.12
CA ALA B 67 -12.96 9.31 36.25
C ALA B 67 -12.56 10.62 36.98
N ASP B 68 -11.67 10.51 37.98
CA ASP B 68 -11.22 11.71 38.65
C ASP B 68 -10.43 12.62 37.73
N GLY B 69 -10.69 13.91 37.82
CA GLY B 69 -9.90 14.89 37.12
C GLY B 69 -10.17 15.05 35.65
N ILE B 70 -11.21 14.41 35.14
CA ILE B 70 -11.45 14.52 33.72
C ILE B 70 -12.28 15.67 33.23
N ILE B 71 -11.69 16.35 32.26
CA ILE B 71 -12.29 17.42 31.52
C ILE B 71 -12.95 16.74 30.35
N TYR B 72 -14.21 17.01 30.14
CA TYR B 72 -15.00 16.36 29.12
C TYR B 72 -14.52 16.78 27.73
N PRO B 73 -14.49 15.94 26.68
CA PRO B 73 -14.06 16.36 25.35
C PRO B 73 -14.87 17.60 25.04
N GLN B 74 -14.22 18.65 24.59
CA GLN B 74 -14.91 19.92 24.52
C GLN B 74 -15.92 20.25 23.46
N GLY B 75 -15.74 19.79 22.25
CA GLY B 75 -16.68 20.24 21.23
C GLY B 75 -17.82 19.30 20.94
N ARG B 76 -17.94 18.25 21.73
CA ARG B 76 -18.92 17.23 21.43
C ARG B 76 -19.25 16.34 22.57
N THR B 77 -20.26 15.52 22.39
CA THR B 77 -20.58 14.49 23.34
C THR B 77 -20.75 13.16 22.65
N TYR B 78 -20.76 12.14 23.46
CA TYR B 78 -20.90 10.75 23.01
C TYR B 78 -21.89 10.05 23.90
N SER B 79 -22.50 8.97 23.43
CA SER B 79 -23.45 8.24 24.25
C SER B 79 -23.33 6.74 24.21
N ASN B 80 -23.13 6.17 25.40
CA ASN B 80 -23.07 4.73 25.55
C ASN B 80 -21.92 4.10 24.73
N ILE B 81 -20.76 4.70 24.65
CA ILE B 81 -19.65 4.09 23.90
C ILE B 81 -18.37 4.09 24.71
N THR B 82 -17.44 3.25 24.33
CA THR B 82 -16.10 3.33 24.89
C THR B 82 -15.10 3.65 23.79
N ILE B 83 -14.43 4.78 23.91
CA ILE B 83 -13.42 5.16 22.90
C ILE B 83 -12.15 5.69 23.53
N THR B 84 -11.05 5.66 22.79
CA THR B 84 -9.90 6.40 23.29
C THR B 84 -10.00 7.84 22.87
N TYR B 85 -9.38 8.69 23.65
CA TYR B 85 -9.37 10.11 23.40
C TYR B 85 -8.08 10.76 23.86
N GLN B 86 -7.58 11.64 23.02
CA GLN B 86 -6.37 12.39 23.30
C GLN B 86 -6.68 13.76 23.88
N GLY B 87 -6.11 14.08 25.04
CA GLY B 87 -6.39 15.38 25.64
C GLY B 87 -5.60 15.62 26.91
N LEU B 88 -5.89 16.72 27.60
CA LEU B 88 -5.13 17.02 28.81
C LEU B 88 -5.79 16.39 30.00
N PHE B 89 -5.06 15.45 30.59
CA PHE B 89 -5.53 14.66 31.70
C PHE B 89 -4.46 14.55 32.77
N PRO B 90 -4.82 14.34 34.04
CA PRO B 90 -3.91 14.06 35.12
C PRO B 90 -3.46 12.59 34.98
N TYR B 91 -2.34 12.21 35.55
CA TYR B 91 -1.88 10.85 35.50
C TYR B 91 -2.55 9.99 36.56
N GLN B 92 -2.83 8.74 36.19
CA GLN B 92 -3.34 7.80 37.18
C GLN B 92 -2.37 7.67 38.30
N GLY B 93 -2.87 7.78 39.53
CA GLY B 93 -2.02 7.63 40.69
C GLY B 93 -1.34 8.89 41.17
N ASP B 94 -1.54 9.99 40.46
CA ASP B 94 -0.89 11.23 40.86
C ASP B 94 -1.46 11.74 42.14
N HIS B 95 -0.62 11.91 43.15
CA HIS B 95 -1.05 12.43 44.44
C HIS B 95 -1.33 13.89 44.42
N GLY B 96 -0.66 14.59 43.54
CA GLY B 96 -0.84 16.02 43.43
C GLY B 96 -0.21 16.72 44.59
N ASP B 97 -0.54 17.98 44.71
CA ASP B 97 -0.04 18.83 45.76
C ASP B 97 -1.18 19.20 46.67
N MET B 98 -1.09 18.83 47.93
CA MET B 98 -2.19 19.16 48.83
C MET B 98 -1.98 20.49 49.49
N TYR B 99 -3.04 21.27 49.55
CA TYR B 99 -3.01 22.55 50.22
C TYR B 99 -4.15 22.64 51.21
N VAL B 100 -3.92 23.17 52.40
CA VAL B 100 -5.03 23.31 53.32
C VAL B 100 -5.03 24.69 53.94
N TYR B 101 -6.19 25.30 53.99
CA TYR B 101 -6.39 26.59 54.61
C TYR B 101 -6.80 26.40 56.04
N SER B 102 -6.47 27.34 56.91
CA SER B 102 -6.81 27.24 58.34
C SER B 102 -7.40 28.49 58.96
N ALA B 103 -7.74 28.32 60.23
CA ALA B 103 -8.18 29.41 61.07
C ALA B 103 -6.97 30.20 61.51
N GLY B 104 -7.16 31.47 61.74
CA GLY B 104 -6.08 32.30 62.25
C GLY B 104 -6.01 32.17 63.75
N HIS B 105 -5.12 32.96 64.34
CA HIS B 105 -4.91 32.98 65.77
C HIS B 105 -6.01 33.77 66.39
N ALA B 106 -6.37 33.47 67.63
CA ALA B 106 -7.41 34.20 68.33
C ALA B 106 -7.16 34.19 69.80
N THR B 107 -7.93 34.99 70.50
CA THR B 107 -7.96 34.94 71.96
C THR B 107 -9.41 35.16 72.31
N GLY B 108 -10.13 34.08 72.55
CA GLY B 108 -11.54 34.23 72.79
C GLY B 108 -12.25 34.80 71.57
N THR B 109 -12.92 35.92 71.76
CA THR B 109 -13.71 36.58 70.74
C THR B 109 -13.02 37.61 69.87
N THR B 110 -11.73 37.79 70.06
CA THR B 110 -10.99 38.77 69.27
C THR B 110 -9.90 38.11 68.42
N PRO B 111 -10.15 37.83 67.12
CA PRO B 111 -9.24 37.22 66.18
C PRO B 111 -8.00 38.04 66.14
N GLN B 112 -6.85 37.43 65.94
CA GLN B 112 -5.61 38.16 65.91
C GLN B 112 -4.85 38.03 64.60
N LYS B 113 -3.76 37.29 64.65
CA LYS B 113 -2.79 37.08 63.59
C LYS B 113 -3.26 36.02 62.60
N LEU B 114 -2.87 36.14 61.33
CA LEU B 114 -3.31 35.12 60.38
C LEU B 114 -2.38 33.93 60.51
N PHE B 115 -2.91 32.73 60.27
CA PHE B 115 -2.08 31.53 60.35
C PHE B 115 -2.07 30.78 59.03
N VAL B 116 -0.90 30.73 58.41
CA VAL B 116 -0.76 30.13 57.10
C VAL B 116 0.39 29.15 56.95
N ALA B 117 0.30 28.43 55.86
CA ALA B 117 1.34 27.56 55.32
C ALA B 117 2.30 28.37 54.48
N ASN B 118 3.43 27.81 54.13
CA ASN B 118 4.41 28.55 53.25
C ASN B 118 3.97 28.47 51.82
N TYR B 119 2.80 28.85 51.45
CA TYR B 119 2.30 28.65 50.09
C TYR B 119 2.66 29.74 49.14
N SER B 120 2.77 30.98 49.61
CA SER B 120 2.97 32.06 48.66
C SER B 120 4.33 32.03 48.01
N GLN B 121 5.24 31.38 48.68
CA GLN B 121 6.62 31.29 48.24
C GLN B 121 6.88 30.03 47.45
N ASP B 122 5.90 29.13 47.43
CA ASP B 122 6.02 27.86 46.76
C ASP B 122 5.48 28.01 45.33
N VAL B 123 6.29 28.52 44.42
CA VAL B 123 5.83 28.79 43.09
C VAL B 123 6.09 27.60 42.18
N LYS B 124 5.05 27.19 41.48
CA LYS B 124 5.12 26.03 40.63
C LYS B 124 5.10 26.37 39.17
N GLN B 125 5.65 25.48 38.36
CA GLN B 125 5.61 25.68 36.93
C GLN B 125 4.19 25.29 36.48
N PHE B 126 3.54 26.14 35.69
CA PHE B 126 2.19 25.93 35.18
C PHE B 126 2.10 24.83 34.15
N ALA B 127 3.03 24.79 33.23
CA ALA B 127 3.03 23.82 32.15
C ALA B 127 1.74 23.83 31.38
N ASN B 128 0.98 22.74 31.42
CA ASN B 128 -0.24 22.65 30.63
C ASN B 128 -1.47 22.99 31.44
N GLY B 129 -1.30 23.38 32.69
CA GLY B 129 -2.44 23.65 33.52
C GLY B 129 -2.67 22.55 34.52
N PHE B 130 -3.77 22.68 35.24
CA PHE B 130 -4.07 21.80 36.34
C PHE B 130 -5.54 21.66 36.65
N VAL B 131 -5.83 20.60 37.41
CA VAL B 131 -7.16 20.38 37.93
C VAL B 131 -7.09 20.33 39.43
N VAL B 132 -8.17 20.70 40.08
CA VAL B 132 -8.20 20.75 41.51
C VAL B 132 -9.35 19.99 42.10
N ARG B 133 -9.07 19.15 43.07
CA ARG B 133 -10.10 18.40 43.79
C ARG B 133 -10.49 19.28 44.97
N ILE B 134 -11.76 19.76 45.02
CA ILE B 134 -12.16 20.70 46.07
C ILE B 134 -13.26 20.15 47.01
N GLY B 135 -12.99 20.13 48.31
CA GLY B 135 -14.00 19.68 49.27
C GLY B 135 -14.15 18.18 49.45
N ALA B 136 -13.14 17.40 49.08
CA ALA B 136 -13.25 15.95 49.18
C ALA B 136 -13.53 15.45 50.57
N ALA B 137 -13.00 16.12 51.56
CA ALA B 137 -13.17 15.72 52.94
C ALA B 137 -14.40 16.31 53.59
N ALA B 138 -15.18 17.07 52.87
CA ALA B 138 -16.32 17.69 53.52
C ALA B 138 -17.21 16.63 54.12
N ASN B 139 -17.79 17.01 55.27
CA ASN B 139 -18.66 16.23 56.15
C ASN B 139 -17.93 15.25 57.02
N SER B 140 -16.64 15.10 56.86
CA SER B 140 -15.88 14.20 57.70
C SER B 140 -15.44 14.97 58.91
N THR B 141 -15.15 14.29 60.01
CA THR B 141 -14.59 15.04 61.12
C THR B 141 -13.11 15.24 60.82
N GLY B 142 -12.65 16.46 60.97
CA GLY B 142 -11.27 16.79 60.73
C GLY B 142 -10.65 17.54 61.84
N THR B 143 -9.53 18.17 61.52
CA THR B 143 -8.77 18.90 62.50
C THR B 143 -8.76 20.36 62.19
N VAL B 144 -8.70 21.13 63.24
CA VAL B 144 -8.47 22.53 63.08
C VAL B 144 -6.94 22.63 63.01
N ILE B 145 -6.39 23.13 61.94
CA ILE B 145 -4.94 23.05 61.77
C ILE B 145 -4.17 23.77 62.84
N ILE B 146 -4.64 24.94 63.20
CA ILE B 146 -4.02 25.77 64.21
C ILE B 146 -4.04 25.17 65.59
N SER B 147 -4.98 24.27 65.84
CA SER B 147 -5.13 23.60 67.11
C SER B 147 -5.37 22.11 66.88
N PRO B 148 -4.32 21.29 66.76
CA PRO B 148 -4.35 19.88 66.42
C PRO B 148 -5.23 19.02 67.32
N SER B 149 -5.43 19.44 68.57
CA SER B 149 -6.27 18.67 69.48
C SER B 149 -7.76 18.98 69.32
N THR B 150 -8.06 20.00 68.54
CA THR B 150 -9.44 20.42 68.33
C THR B 150 -9.95 19.82 67.04
N SER B 151 -11.10 19.17 67.13
CA SER B 151 -11.74 18.59 65.97
C SER B 151 -12.95 19.38 65.58
N ALA B 152 -13.31 19.31 64.32
CA ALA B 152 -14.48 19.98 63.81
C ALA B 152 -14.94 19.32 62.54
N THR B 153 -16.21 19.50 62.17
CA THR B 153 -16.66 18.99 60.88
C THR B 153 -15.97 19.76 59.77
N ILE B 154 -15.49 19.04 58.77
CA ILE B 154 -14.81 19.64 57.63
C ILE B 154 -15.77 20.28 56.65
N ARG B 155 -15.45 21.52 56.28
CA ARG B 155 -16.26 22.25 55.33
C ARG B 155 -15.49 22.59 54.07
N LYS B 156 -16.18 22.59 52.94
CA LYS B 156 -15.52 22.95 51.70
C LYS B 156 -15.09 24.39 51.66
N ILE B 157 -13.88 24.59 51.15
CA ILE B 157 -13.35 25.89 50.96
C ILE B 157 -12.75 25.96 49.56
N TYR B 158 -12.80 27.09 48.89
CA TYR B 158 -12.29 27.19 47.55
C TYR B 158 -10.90 27.72 47.55
N PRO B 159 -10.06 27.21 46.67
CA PRO B 159 -8.69 27.60 46.50
C PRO B 159 -8.56 28.95 45.88
N ALA B 160 -7.50 29.65 46.22
CA ALA B 160 -7.19 30.92 45.59
C ALA B 160 -5.89 30.77 44.83
N PHE B 161 -5.81 31.34 43.64
CA PHE B 161 -4.59 31.19 42.85
C PHE B 161 -4.05 32.48 42.32
N MET B 162 -2.74 32.53 42.21
CA MET B 162 -2.07 33.66 41.57
C MET B 162 -1.26 33.07 40.41
N LEU B 163 -1.47 33.55 39.19
CA LEU B 163 -0.81 32.99 38.03
C LEU B 163 -0.13 34.04 37.15
N GLY B 164 1.00 33.71 36.53
CA GLY B 164 1.57 34.71 35.65
C GLY B 164 2.75 34.26 34.84
N SER B 165 3.33 35.23 34.14
CA SER B 165 4.43 35.04 33.22
C SER B 165 5.81 35.10 33.82
N SER B 166 5.94 35.81 34.93
CA SER B 166 7.24 36.05 35.53
C SER B 166 7.16 36.20 37.01
N VAL B 167 8.13 35.59 37.68
CA VAL B 167 8.22 35.62 39.12
C VAL B 167 9.57 36.04 39.64
N GLY B 168 9.61 36.43 40.88
CA GLY B 168 10.83 36.79 41.55
C GLY B 168 10.55 37.07 42.98
N ASN B 169 11.43 37.81 43.63
CA ASN B 169 11.28 38.08 45.02
C ASN B 169 10.72 39.44 45.36
N PHE B 170 10.39 39.61 46.60
CA PHE B 170 9.91 40.81 47.22
C PHE B 170 11.08 41.58 47.82
N SER B 171 10.81 42.71 48.45
CA SER B 171 11.82 43.61 48.94
C SER B 171 12.78 42.98 49.89
N ASP B 172 12.33 42.05 50.73
CA ASP B 172 13.22 41.42 51.69
C ASP B 172 13.87 40.13 51.20
N GLY B 173 13.69 39.78 49.93
CA GLY B 173 14.25 38.57 49.40
C GLY B 173 13.33 37.35 49.38
N LYS B 174 12.13 37.47 49.96
CA LYS B 174 11.26 36.28 49.92
C LYS B 174 10.66 36.12 48.55
N MET B 175 10.47 34.89 48.10
CA MET B 175 9.89 34.70 46.78
C MET B 175 8.39 34.69 46.76
N GLY B 176 7.85 34.81 45.55
CA GLY B 176 6.42 34.76 45.39
C GLY B 176 5.87 36.02 44.76
N ARG B 177 6.77 36.92 44.35
CA ARG B 177 6.30 38.11 43.70
C ARG B 177 6.08 37.83 42.23
N PHE B 178 4.95 38.30 41.70
CA PHE B 178 4.65 38.16 40.29
C PHE B 178 4.80 39.52 39.64
N PHE B 179 5.30 39.53 38.42
CA PHE B 179 5.54 40.79 37.73
C PHE B 179 4.58 41.00 36.59
N ASN B 180 4.37 42.26 36.28
CA ASN B 180 3.50 42.63 35.13
C ASN B 180 2.08 42.13 35.52
N HIS B 181 1.36 41.74 34.41
CA HIS B 181 0.01 41.31 34.73
C HIS B 181 -0.05 39.94 35.26
N THR B 182 -0.78 39.81 36.34
CA THR B 182 -0.95 38.58 37.05
C THR B 182 -2.41 38.24 37.10
N LEU B 183 -2.73 36.99 36.86
CA LEU B 183 -4.08 36.52 36.93
C LEU B 183 -4.37 36.02 38.32
N VAL B 184 -5.39 36.56 38.92
CA VAL B 184 -5.75 36.15 40.24
C VAL B 184 -7.13 35.56 40.23
N LEU B 185 -7.23 34.35 40.75
CA LEU B 185 -8.50 33.68 40.89
C LEU B 185 -8.78 33.68 42.38
N LEU B 186 -9.69 34.52 42.82
CA LEU B 186 -9.90 34.70 44.24
C LEU B 186 -11.35 34.50 44.64
N PRO B 187 -11.72 33.39 45.27
CA PRO B 187 -13.05 33.13 45.68
C PRO B 187 -13.39 34.14 46.75
N ASP B 188 -14.63 34.54 46.83
CA ASP B 188 -15.05 35.52 47.81
C ASP B 188 -16.49 35.28 48.24
N GLY B 189 -16.98 36.14 49.11
CA GLY B 189 -18.37 36.04 49.55
C GLY B 189 -18.58 34.81 50.39
N CYS B 190 -17.56 34.41 51.12
CA CYS B 190 -17.61 33.21 51.96
C CYS B 190 -17.90 31.98 51.09
N GLY B 191 -17.31 31.94 49.89
CA GLY B 191 -17.51 30.80 49.01
C GLY B 191 -18.71 30.91 48.05
N THR B 192 -19.21 32.13 47.80
CA THR B 192 -20.35 32.25 46.89
C THR B 192 -19.98 32.79 45.53
N LEU B 193 -18.79 33.36 45.37
CA LEU B 193 -18.42 33.83 44.05
C LEU B 193 -16.95 33.55 43.75
N LEU B 194 -16.65 33.34 42.49
CA LEU B 194 -15.27 33.29 42.05
C LEU B 194 -14.93 34.57 41.36
N ARG B 195 -13.94 35.30 41.84
CA ARG B 195 -13.55 36.53 41.16
C ARG B 195 -12.25 36.38 40.42
N ALA B 196 -12.30 36.56 39.11
CA ALA B 196 -11.13 36.42 38.27
C ALA B 196 -10.67 37.76 37.73
N PHE B 197 -9.42 38.12 37.96
CA PHE B 197 -8.97 39.40 37.43
C PHE B 197 -7.56 39.34 36.96
N TYR B 198 -7.24 40.19 36.01
CA TYR B 198 -5.89 40.22 35.46
C TYR B 198 -5.40 41.61 35.64
N CYS B 199 -4.35 41.71 36.44
CA CYS B 199 -3.98 43.10 36.84
C CYS B 199 -2.49 43.08 37.27
N ILE B 200 -1.97 44.32 37.45
CA ILE B 200 -0.62 44.43 37.98
C ILE B 200 -0.70 44.56 39.46
N LEU B 201 0.07 43.76 40.18
CA LEU B 201 0.02 43.81 41.62
C LEU B 201 1.19 44.60 42.13
N GLU B 202 0.90 45.73 42.73
CA GLU B 202 1.90 46.64 43.24
C GLU B 202 2.03 46.49 44.75
N PRO B 203 3.08 45.91 45.27
CA PRO B 203 3.19 45.66 46.68
C PRO B 203 3.07 46.93 47.48
N ARG B 204 2.28 46.87 48.55
CA ARG B 204 2.12 48.00 49.42
C ARG B 204 3.27 48.02 50.39
N SER B 205 3.62 49.20 50.84
CA SER B 205 4.76 49.44 51.72
C SER B 205 4.51 49.52 53.20
N GLY B 206 3.30 49.28 53.62
CA GLY B 206 2.96 49.42 55.03
C GLY B 206 3.47 48.25 55.86
N ASN B 207 3.15 48.28 57.13
CA ASN B 207 3.69 47.27 58.05
C ASN B 207 3.17 45.89 57.70
N HIS B 208 4.08 44.93 57.55
CA HIS B 208 3.78 43.54 57.21
C HIS B 208 3.29 43.35 55.78
N CYS B 209 3.45 44.36 54.97
CA CYS B 209 3.04 44.28 53.57
C CYS B 209 4.31 43.93 52.80
N PRO B 210 4.24 43.39 51.59
CA PRO B 210 5.39 42.96 50.78
C PRO B 210 6.46 43.97 50.44
N ALA B 211 6.16 45.28 50.45
CA ALA B 211 7.22 46.25 50.20
C ALA B 211 7.58 46.98 51.49
N GLY B 212 7.07 46.49 52.63
CA GLY B 212 7.29 47.12 53.91
C GLY B 212 8.13 46.31 54.89
N ASN B 213 8.02 46.63 56.17
CA ASN B 213 8.78 45.98 57.20
C ASN B 213 8.09 44.75 57.75
N SER B 214 8.87 43.82 58.29
CA SER B 214 8.36 42.62 58.93
C SER B 214 7.42 41.79 58.06
N TYR B 215 7.76 41.67 56.80
CA TYR B 215 7.00 40.88 55.86
C TYR B 215 7.38 39.43 55.92
N THR B 216 6.38 38.59 55.88
CA THR B 216 6.48 37.15 55.88
C THR B 216 5.87 36.61 54.61
N SER B 217 4.56 36.63 54.57
CA SER B 217 3.77 36.23 53.44
C SER B 217 2.51 37.04 53.38
N PHE B 218 2.05 37.31 52.19
CA PHE B 218 0.78 37.96 52.03
C PHE B 218 -0.24 36.87 52.22
N ALA B 219 -1.45 37.22 52.57
CA ALA B 219 -2.48 36.22 52.68
C ALA B 219 -3.80 36.88 52.53
N THR B 220 -4.81 36.14 52.12
CA THR B 220 -6.14 36.69 52.13
C THR B 220 -6.86 36.18 53.36
N TYR B 221 -7.95 36.82 53.68
CA TYR B 221 -8.74 36.40 54.80
C TYR B 221 -10.13 36.93 54.69
N HIS B 222 -11.00 36.36 55.47
CA HIS B 222 -12.32 36.91 55.67
C HIS B 222 -12.56 36.72 57.14
N THR B 223 -13.50 37.50 57.70
CA THR B 223 -13.86 37.46 59.12
C THR B 223 -15.31 37.07 59.24
N PRO B 224 -15.67 35.79 59.38
CA PRO B 224 -17.02 35.28 59.39
C PRO B 224 -17.96 36.06 60.26
N ALA B 225 -17.43 36.54 61.40
CA ALA B 225 -18.24 37.28 62.33
C ALA B 225 -18.90 38.48 61.71
N THR B 226 -18.24 39.13 60.74
CA THR B 226 -18.83 40.30 60.12
C THR B 226 -19.08 40.09 58.62
N ASP B 227 -18.39 39.11 58.02
CA ASP B 227 -18.48 38.89 56.59
C ASP B 227 -19.45 37.85 56.14
N CYS B 228 -19.84 36.93 57.03
CA CYS B 228 -20.69 35.83 56.58
C CYS B 228 -22.01 35.81 57.33
N SER B 229 -22.72 36.94 57.31
CA SER B 229 -24.03 37.05 57.94
C SER B 229 -24.98 36.14 57.20
N ASP B 230 -26.02 35.60 57.85
CA ASP B 230 -26.88 34.64 57.15
C ASP B 230 -27.46 35.19 55.86
N GLY B 231 -27.74 36.47 55.84
CA GLY B 231 -28.28 37.11 54.67
C GLY B 231 -27.18 37.75 53.81
N ASN B 232 -26.72 38.90 54.24
CA ASN B 232 -25.80 39.65 53.42
C ASN B 232 -24.32 39.27 53.59
N TYR B 233 -23.83 38.41 52.70
CA TYR B 233 -22.41 38.04 52.72
C TYR B 233 -21.61 39.18 52.12
N ASN B 234 -20.42 39.40 52.63
CA ASN B 234 -19.55 40.44 52.08
C ASN B 234 -18.82 39.94 50.85
N ARG B 235 -19.27 40.38 49.70
CA ARG B 235 -18.77 39.85 48.44
C ARG B 235 -17.42 40.36 48.09
N ASN B 236 -16.93 41.33 48.89
CA ASN B 236 -15.60 41.87 48.69
C ASN B 236 -14.69 41.54 49.88
N ALA B 237 -15.07 40.62 50.76
CA ALA B 237 -14.20 40.41 51.92
C ALA B 237 -12.80 39.93 51.57
N SER B 238 -12.68 39.02 50.61
CA SER B 238 -11.36 38.51 50.27
C SER B 238 -10.65 39.44 49.34
N LEU B 239 -11.43 40.16 48.52
CA LEU B 239 -10.80 41.13 47.64
C LEU B 239 -10.19 42.21 48.47
N ASN B 240 -10.91 42.64 49.51
CA ASN B 240 -10.43 43.70 50.33
C ASN B 240 -9.20 43.30 51.08
N SER B 241 -9.09 42.03 51.52
CA SER B 241 -7.86 41.66 52.20
C SER B 241 -6.71 41.57 51.25
N PHE B 242 -6.98 41.17 50.00
CA PHE B 242 -5.92 41.04 49.01
C PHE B 242 -5.30 42.39 48.80
N LYS B 243 -6.19 43.39 48.69
CA LYS B 243 -5.86 44.80 48.48
C LYS B 243 -5.05 45.45 49.60
N GLU B 244 -5.00 44.79 50.77
CA GLU B 244 -4.22 45.33 51.84
C GLU B 244 -2.75 45.08 51.54
N TYR B 245 -2.42 44.01 50.80
CA TYR B 245 -1.04 43.70 50.53
C TYR B 245 -0.61 44.28 49.20
N PHE B 246 -1.55 44.37 48.26
CA PHE B 246 -1.21 44.88 46.92
C PHE B 246 -2.15 45.95 46.41
N ASN B 247 -1.62 46.89 45.68
CA ASN B 247 -2.47 47.82 44.96
C ASN B 247 -2.74 47.21 43.61
N LEU B 248 -3.99 47.21 43.17
CA LEU B 248 -4.33 46.64 41.86
C LEU B 248 -4.29 47.75 40.80
N ARG B 249 -3.43 47.55 39.80
CA ARG B 249 -3.19 48.53 38.76
C ARG B 249 -3.32 48.00 37.34
N ASN B 250 -3.82 48.83 36.48
CA ASN B 250 -4.00 48.41 35.02
C ASN B 250 -4.73 47.18 34.92
N CYS B 251 -5.82 46.97 35.61
CA CYS B 251 -6.60 45.77 35.48
C CYS B 251 -7.23 45.76 34.13
N THR B 252 -7.20 44.63 33.44
CA THR B 252 -7.80 44.64 32.12
C THR B 252 -9.19 44.08 32.20
N PHE B 253 -9.44 43.28 33.23
CA PHE B 253 -10.74 42.72 33.47
C PHE B 253 -10.87 42.33 34.90
N MET B 254 -12.12 42.20 35.32
CA MET B 254 -12.49 41.58 36.57
C MET B 254 -13.86 40.98 36.37
N TYR B 255 -13.93 39.65 36.45
CA TYR B 255 -15.16 38.92 36.23
C TYR B 255 -15.56 38.18 37.46
N THR B 256 -16.85 38.01 37.67
CA THR B 256 -17.26 37.18 38.78
C THR B 256 -18.16 36.09 38.29
N TYR B 257 -18.10 34.96 38.97
CA TYR B 257 -18.97 33.85 38.66
C TYR B 257 -19.66 33.46 39.92
N ASN B 258 -20.91 33.11 39.86
CA ASN B 258 -21.63 32.72 41.06
C ASN B 258 -21.51 31.25 41.36
N ILE B 259 -21.42 30.92 42.63
CA ILE B 259 -21.37 29.59 43.13
C ILE B 259 -22.55 29.34 44.10
N THR B 260 -23.38 28.36 43.84
CA THR B 260 -24.43 28.04 44.81
C THR B 260 -23.75 27.28 45.93
N GLU B 261 -24.05 27.58 47.19
CA GLU B 261 -23.39 26.84 48.26
C GLU B 261 -23.91 25.44 48.48
N ASP B 262 -22.98 24.53 48.69
CA ASP B 262 -23.21 23.14 49.02
C ASP B 262 -21.92 22.59 49.62
N GLU B 263 -21.92 21.31 50.01
CA GLU B 263 -20.71 20.62 50.53
C GLU B 263 -20.28 19.48 49.61
N ILE B 264 -20.68 19.59 48.35
CA ILE B 264 -20.44 18.58 47.32
C ILE B 264 -19.01 18.62 46.74
N LEU B 265 -18.36 17.46 46.62
CA LEU B 265 -17.02 17.47 46.00
C LEU B 265 -17.10 17.98 44.57
N GLU B 266 -16.23 18.94 44.24
CA GLU B 266 -16.23 19.46 42.90
C GLU B 266 -14.87 19.59 42.34
N TRP B 267 -14.80 19.60 41.03
CA TRP B 267 -13.54 19.81 40.38
C TRP B 267 -13.48 21.13 39.66
N PHE B 268 -12.31 21.74 39.74
CA PHE B 268 -11.96 22.98 39.05
C PHE B 268 -10.76 22.79 38.14
N GLY B 269 -10.76 23.39 36.96
CA GLY B 269 -9.54 23.25 36.16
C GLY B 269 -9.17 24.49 35.40
N ILE B 270 -7.90 24.60 35.09
CA ILE B 270 -7.42 25.71 34.29
C ILE B 270 -6.43 25.28 33.21
N THR B 271 -6.65 25.76 31.99
CA THR B 271 -5.72 25.51 30.87
C THR B 271 -5.50 26.80 30.10
N GLN B 272 -4.52 26.86 29.21
CA GLN B 272 -4.36 28.05 28.39
C GLN B 272 -4.04 27.72 26.94
N THR B 273 -4.73 28.40 26.04
CA THR B 273 -4.57 28.28 24.60
C THR B 273 -4.42 29.66 23.97
N ALA B 274 -4.32 29.73 22.65
CA ALA B 274 -4.27 31.04 21.96
C ALA B 274 -5.51 31.88 22.23
N GLN B 275 -6.63 31.23 22.57
CA GLN B 275 -7.88 31.93 22.84
C GLN B 275 -7.96 32.49 24.25
N GLY B 276 -6.99 32.20 25.09
CA GLY B 276 -7.03 32.67 26.46
C GLY B 276 -7.02 31.55 27.47
N VAL B 277 -7.29 31.92 28.70
CA VAL B 277 -7.28 31.00 29.81
C VAL B 277 -8.65 30.43 29.99
N HIS B 278 -8.72 29.12 30.03
CA HIS B 278 -9.99 28.45 30.12
C HIS B 278 -10.21 27.92 31.50
N LEU B 279 -11.34 28.28 32.06
CA LEU B 279 -11.71 27.84 33.40
C LEU B 279 -12.77 26.77 33.26
N PHE B 280 -12.50 25.63 33.89
CA PHE B 280 -13.37 24.47 33.85
C PHE B 280 -13.94 24.20 35.20
N SER B 281 -15.13 23.67 35.23
CA SER B 281 -15.72 23.27 36.49
C SER B 281 -16.75 22.21 36.29
N SER B 282 -16.87 21.34 37.27
CA SER B 282 -17.92 20.36 37.26
C SER B 282 -19.28 20.88 37.74
N ARG B 283 -19.32 22.00 38.45
CA ARG B 283 -20.58 22.35 39.10
C ARG B 283 -21.67 22.92 38.26
N TYR B 284 -21.40 23.32 37.04
CA TYR B 284 -22.47 23.92 36.27
C TYR B 284 -23.11 22.91 35.32
N VAL B 285 -22.47 21.74 35.14
CA VAL B 285 -22.98 20.74 34.21
C VAL B 285 -23.13 19.36 34.84
N ASP B 286 -22.12 18.90 35.61
CA ASP B 286 -22.11 17.54 36.13
C ASP B 286 -21.77 17.67 37.60
N LEU B 287 -22.70 18.21 38.38
CA LEU B 287 -22.45 18.52 39.77
C LEU B 287 -22.17 17.31 40.60
N TYR B 288 -22.92 16.29 40.38
CA TYR B 288 -22.76 15.14 41.23
C TYR B 288 -21.75 14.20 40.64
N GLY B 289 -21.62 14.23 39.33
CA GLY B 289 -20.73 13.34 38.63
C GLY B 289 -19.24 13.69 38.65
N GLY B 290 -18.91 14.99 38.60
CA GLY B 290 -17.52 15.40 38.59
C GLY B 290 -16.85 15.72 37.24
N ASN B 291 -17.49 15.48 36.08
CA ASN B 291 -16.80 15.82 34.83
C ASN B 291 -16.72 17.33 34.71
N MET B 292 -15.59 17.83 34.21
CA MET B 292 -15.45 19.28 34.07
C MET B 292 -15.73 19.80 32.71
N PHE B 293 -16.47 20.89 32.70
CA PHE B 293 -16.87 21.56 31.50
C PHE B 293 -16.40 22.99 31.55
N GLN B 294 -16.14 23.59 30.42
CA GLN B 294 -15.70 24.95 30.46
C GLN B 294 -16.79 25.91 30.84
N PHE B 295 -16.50 26.84 31.75
CA PHE B 295 -17.50 27.83 32.10
C PHE B 295 -17.06 29.22 31.73
N ALA B 296 -15.78 29.41 31.49
CA ALA B 296 -15.30 30.74 31.15
C ALA B 296 -14.01 30.72 30.38
N THR B 297 -13.81 31.74 29.58
CA THR B 297 -12.53 31.98 28.92
C THR B 297 -12.10 33.40 29.29
N LEU B 298 -10.87 33.56 29.76
CA LEU B 298 -10.39 34.86 30.16
C LEU B 298 -9.44 35.37 29.10
N PRO B 299 -9.43 36.67 28.78
CA PRO B 299 -8.56 37.29 27.82
C PRO B 299 -7.16 37.53 28.33
N VAL B 300 -6.51 36.44 28.66
CA VAL B 300 -5.16 36.42 29.16
C VAL B 300 -4.33 35.77 28.08
N TYR B 301 -3.48 36.55 27.42
CA TYR B 301 -2.79 36.00 26.28
C TYR B 301 -1.32 35.81 26.47
N ASP B 302 -0.75 36.40 27.50
CA ASP B 302 0.65 36.14 27.69
C ASP B 302 0.65 34.73 28.25
N THR B 303 1.75 34.02 28.11
CA THR B 303 1.78 32.64 28.59
C THR B 303 1.94 32.54 30.09
N ILE B 304 1.08 31.76 30.72
CA ILE B 304 1.24 31.56 32.13
C ILE B 304 2.32 30.55 32.29
N LYS B 305 3.31 30.90 33.08
CA LYS B 305 4.41 29.99 33.29
C LYS B 305 4.44 29.54 34.71
N TYR B 306 3.95 30.39 35.61
CA TYR B 306 4.04 30.13 37.03
C TYR B 306 2.76 30.31 37.75
N TYR B 307 2.59 29.56 38.82
CA TYR B 307 1.42 29.80 39.66
C TYR B 307 1.74 29.52 41.10
N SER B 308 0.92 30.05 41.96
CA SER B 308 1.05 29.79 43.37
C SER B 308 -0.29 29.79 44.02
N ILE B 309 -0.37 29.22 45.20
CA ILE B 309 -1.59 29.23 45.96
C ILE B 309 -1.57 30.43 46.88
N ILE B 310 -2.61 31.22 46.86
CA ILE B 310 -2.65 32.34 47.74
C ILE B 310 -3.13 31.78 49.05
N PRO B 311 -2.38 31.83 50.14
CA PRO B 311 -2.79 31.28 51.39
C PRO B 311 -3.96 32.08 51.87
N HIS B 312 -4.89 31.43 52.53
CA HIS B 312 -6.06 32.07 53.07
C HIS B 312 -6.20 31.67 54.50
N SER B 313 -6.56 32.60 55.34
CA SER B 313 -6.73 32.30 56.76
C SER B 313 -8.00 32.91 57.24
N ILE B 314 -8.78 32.14 57.96
CA ILE B 314 -10.09 32.62 58.37
C ILE B 314 -10.02 33.22 59.76
N ARG B 315 -10.46 34.46 59.91
CA ARG B 315 -10.34 35.11 61.20
C ARG B 315 -11.52 34.82 62.08
N SER B 316 -11.59 33.56 62.46
CA SER B 316 -12.63 33.04 63.33
C SER B 316 -12.26 33.34 64.75
N ILE B 317 -13.24 33.38 65.61
CA ILE B 317 -12.97 33.48 67.02
C ILE B 317 -12.45 32.13 67.50
N GLN B 318 -11.82 32.09 68.65
CA GLN B 318 -11.23 30.87 69.15
C GLN B 318 -12.25 29.78 69.40
N SER B 319 -13.45 30.22 69.76
CA SER B 319 -14.55 29.34 70.10
C SER B 319 -15.35 28.84 68.90
N ASP B 320 -15.00 29.31 67.70
CA ASP B 320 -15.75 28.94 66.49
C ASP B 320 -14.81 28.56 65.34
N ARG B 321 -13.77 27.81 65.61
CA ARG B 321 -12.89 27.38 64.55
C ARG B 321 -13.47 26.18 63.81
N LYS B 322 -13.35 26.21 62.50
CA LYS B 322 -13.85 25.14 61.67
C LYS B 322 -12.71 24.41 61.03
N ALA B 323 -12.96 23.18 60.63
CA ALA B 323 -11.96 22.45 59.89
C ALA B 323 -12.25 22.73 58.42
N TRP B 324 -11.27 23.11 57.65
CA TRP B 324 -11.54 23.39 56.25
C TRP B 324 -10.93 22.29 55.42
N ALA B 325 -11.66 21.87 54.38
CA ALA B 325 -11.19 20.79 53.54
C ALA B 325 -9.96 21.16 52.77
N ALA B 326 -9.05 20.21 52.64
CA ALA B 326 -7.87 20.41 51.83
C ALA B 326 -8.24 20.30 50.37
N PHE B 327 -7.52 21.00 49.52
CA PHE B 327 -7.72 20.85 48.10
C PHE B 327 -6.47 20.30 47.48
N TYR B 328 -6.65 19.64 46.37
CA TYR B 328 -5.49 19.00 45.76
C TYR B 328 -5.30 19.42 44.37
N VAL B 329 -4.09 19.78 44.02
CA VAL B 329 -3.81 20.24 42.67
C VAL B 329 -3.06 19.19 41.90
N TYR B 330 -3.54 18.86 40.71
CA TYR B 330 -2.91 17.83 39.92
C TYR B 330 -2.54 18.42 38.58
N LYS B 331 -1.38 18.09 38.06
CA LYS B 331 -0.98 18.65 36.77
C LYS B 331 -1.51 17.88 35.59
N LEU B 332 -1.79 18.61 34.52
CA LEU B 332 -2.26 18.01 33.28
C LEU B 332 -1.19 17.81 32.24
N GLN B 333 -1.40 16.83 31.40
CA GLN B 333 -0.51 16.54 30.29
C GLN B 333 -1.28 15.86 29.20
N PRO B 334 -0.83 15.92 27.96
CA PRO B 334 -1.43 15.30 26.79
C PRO B 334 -1.27 13.80 26.78
N LEU B 335 -2.28 13.15 27.32
CA LEU B 335 -2.31 11.71 27.48
C LEU B 335 -3.45 11.12 26.67
N THR B 336 -3.35 9.83 26.34
CA THR B 336 -4.50 9.18 25.75
C THR B 336 -5.20 8.41 26.85
N PHE B 337 -6.49 8.67 27.00
CA PHE B 337 -7.35 7.95 27.93
C PHE B 337 -8.41 7.12 27.22
N LEU B 338 -8.79 6.02 27.83
CA LEU B 338 -9.93 5.26 27.35
C LEU B 338 -11.10 5.85 28.13
N LEU B 339 -12.10 6.40 27.45
CA LEU B 339 -13.20 7.05 28.18
C LEU B 339 -14.50 6.31 27.98
N ASP B 340 -15.15 5.95 29.09
CA ASP B 340 -16.43 5.27 29.07
C ASP B 340 -17.58 6.25 29.23
N PHE B 341 -18.28 6.51 28.13
CA PHE B 341 -19.37 7.47 28.10
C PHE B 341 -20.67 6.74 28.37
N SER B 342 -21.41 7.18 29.38
CA SER B 342 -22.67 6.57 29.75
C SER B 342 -23.74 7.01 28.79
N VAL B 343 -24.95 6.48 28.95
CA VAL B 343 -26.03 6.87 28.04
C VAL B 343 -26.28 8.36 28.12
N ASP B 344 -26.17 8.93 29.32
CA ASP B 344 -26.39 10.34 29.55
C ASP B 344 -25.15 11.18 29.21
N GLY B 345 -24.13 10.53 28.66
CA GLY B 345 -22.95 11.20 28.22
C GLY B 345 -21.88 11.48 29.21
N TYR B 346 -22.04 11.11 30.46
CA TYR B 346 -20.97 11.45 31.36
C TYR B 346 -19.93 10.40 31.41
N ILE B 347 -18.72 10.80 31.70
CA ILE B 347 -17.63 9.87 31.82
C ILE B 347 -17.59 9.41 33.26
N ARG B 348 -17.74 8.12 33.44
CA ARG B 348 -17.77 7.58 34.80
C ARG B 348 -16.59 6.72 35.09
N ARG B 349 -16.00 6.23 34.04
CA ARG B 349 -14.89 5.33 34.14
C ARG B 349 -13.89 5.62 33.04
N ALA B 350 -12.60 5.49 33.33
CA ALA B 350 -11.58 5.69 32.34
C ALA B 350 -10.31 4.90 32.62
N ILE B 351 -9.52 4.71 31.57
CA ILE B 351 -8.19 4.11 31.67
C ILE B 351 -7.10 5.10 31.24
N ASP B 352 -6.05 5.25 32.05
CA ASP B 352 -4.89 6.05 31.66
C ASP B 352 -4.03 5.08 30.86
N CYS B 353 -3.98 5.27 29.51
CA CYS B 353 -3.37 4.25 28.67
C CYS B 353 -1.87 4.14 28.80
N GLY B 354 -1.25 5.09 29.52
CA GLY B 354 0.19 4.99 29.68
C GLY B 354 0.59 4.62 31.11
N PHE B 355 -0.37 4.33 31.96
CA PHE B 355 -0.07 4.04 33.37
C PHE B 355 0.77 2.81 33.58
N ASN B 356 0.33 1.71 33.00
CA ASN B 356 1.03 0.46 33.08
C ASN B 356 0.72 -0.36 31.85
N ASP B 357 1.25 -1.56 31.80
CA ASP B 357 1.09 -2.45 30.67
C ASP B 357 -0.31 -3.02 30.55
N LEU B 358 -0.94 -3.20 31.68
CA LEU B 358 -2.31 -3.70 31.70
C LEU B 358 -3.23 -2.64 31.11
N SER B 359 -2.96 -1.38 31.45
CA SER B 359 -3.77 -0.29 30.93
C SER B 359 -3.58 -0.17 29.43
N GLN B 360 -2.35 -0.40 28.96
CA GLN B 360 -2.08 -0.32 27.52
C GLN B 360 -2.89 -1.34 26.79
N LEU B 361 -3.04 -2.52 27.41
CA LEU B 361 -3.81 -3.60 26.81
C LEU B 361 -5.27 -3.17 26.66
N HIS B 362 -5.83 -2.59 27.70
CA HIS B 362 -7.24 -2.20 27.61
C HIS B 362 -7.43 -1.16 26.55
N CYS B 363 -6.49 -0.24 26.46
CA CYS B 363 -6.64 0.77 25.45
C CYS B 363 -6.52 0.23 24.05
N SER B 364 -5.63 -0.74 23.83
CA SER B 364 -5.45 -1.25 22.46
C SER B 364 -6.67 -1.96 21.94
N TYR B 365 -7.50 -2.47 22.84
CA TYR B 365 -8.72 -3.13 22.41
C TYR B 365 -9.91 -2.24 22.58
N GLU B 366 -9.66 -1.01 23.03
CA GLU B 366 -10.67 -0.02 23.34
C GLU B 366 -11.78 -0.59 24.19
N SER B 367 -11.39 -1.28 25.24
CA SER B 367 -12.37 -1.91 26.10
C SER B 367 -11.89 -2.06 27.50
N PHE B 368 -12.82 -2.09 28.44
CA PHE B 368 -12.47 -2.28 29.84
C PHE B 368 -12.41 -3.73 30.21
N ASP B 369 -12.83 -4.57 29.28
CA ASP B 369 -12.85 -6.00 29.46
C ASP B 369 -12.25 -6.66 28.24
N VAL B 370 -11.12 -7.32 28.44
CA VAL B 370 -10.45 -7.98 27.37
C VAL B 370 -10.37 -9.42 27.81
N GLU B 371 -10.17 -10.33 26.88
CA GLU B 371 -10.08 -11.74 27.19
C GLU B 371 -8.77 -12.10 27.83
N SER B 372 -8.76 -13.22 28.54
CA SER B 372 -7.53 -13.71 29.16
C SER B 372 -6.52 -14.11 28.11
N GLY B 373 -5.25 -13.91 28.41
CA GLY B 373 -4.22 -14.31 27.47
C GLY B 373 -2.93 -13.64 27.76
N VAL B 374 -1.96 -13.90 26.92
CA VAL B 374 -0.68 -13.27 27.07
C VAL B 374 -0.53 -12.37 25.85
N TYR B 375 -0.31 -11.07 26.10
CA TYR B 375 -0.28 -10.09 25.03
C TYR B 375 0.96 -9.27 24.99
N SER B 376 1.44 -8.94 23.83
CA SER B 376 2.57 -8.04 23.75
C SER B 376 2.07 -6.62 23.80
N VAL B 377 2.77 -5.79 24.54
CA VAL B 377 2.43 -4.38 24.68
C VAL B 377 3.68 -3.55 24.43
N SER B 378 3.55 -2.25 24.40
CA SER B 378 4.71 -1.43 24.15
C SER B 378 5.82 -1.73 25.14
N SER B 379 7.04 -1.72 24.61
CA SER B 379 8.24 -2.01 25.39
C SER B 379 8.47 -0.95 26.42
N PHE B 380 9.23 -1.30 27.43
CA PHE B 380 9.55 -0.33 28.44
C PHE B 380 10.79 0.38 27.92
N GLU B 381 10.64 1.66 27.61
CA GLU B 381 11.71 2.38 26.95
C GLU B 381 12.86 2.72 27.85
N ALA B 382 14.05 2.62 27.30
CA ALA B 382 15.22 3.12 27.98
C ALA B 382 15.18 4.61 27.74
N LYS B 383 15.55 5.43 28.72
CA LYS B 383 15.52 6.85 28.48
C LYS B 383 16.93 7.37 28.68
N PRO B 384 17.32 8.47 28.01
CA PRO B 384 18.59 9.11 28.20
C PRO B 384 18.78 9.56 29.61
N SER B 385 20.00 9.38 30.08
CA SER B 385 20.48 9.74 31.39
C SER B 385 21.42 10.92 31.31
N GLY B 386 21.57 11.45 30.11
CA GLY B 386 22.49 12.53 29.81
C GLY B 386 22.69 12.67 28.32
N SER B 387 23.75 13.39 27.94
CA SER B 387 24.06 13.62 26.54
C SER B 387 25.55 13.74 26.33
N VAL B 388 26.01 13.42 25.12
CA VAL B 388 27.41 13.63 24.74
C VAL B 388 27.47 14.49 23.50
N VAL B 389 28.39 15.44 23.48
CA VAL B 389 28.50 16.28 22.31
C VAL B 389 29.95 16.47 21.87
N GLU B 390 30.20 16.30 20.58
CA GLU B 390 31.50 16.62 20.02
C GLU B 390 31.26 17.48 18.79
N GLN B 391 31.96 18.60 18.69
CA GLN B 391 31.83 19.48 17.52
C GLN B 391 33.21 19.94 17.13
N ALA B 392 33.38 20.33 15.89
CA ALA B 392 34.66 20.95 15.59
C ALA B 392 34.70 22.23 16.42
N GLU B 393 35.82 22.50 17.05
CA GLU B 393 35.98 23.73 17.81
C GLU B 393 37.29 24.34 17.40
N GLY B 394 37.27 25.58 16.96
CA GLY B 394 38.54 26.15 16.53
C GLY B 394 38.39 27.51 15.87
N VAL B 395 38.82 27.53 14.62
CA VAL B 395 38.85 28.72 13.81
C VAL B 395 37.44 29.17 13.46
N GLU B 396 37.25 30.48 13.40
CA GLU B 396 35.95 31.04 13.03
C GLU B 396 35.84 30.90 11.48
N CYS B 397 34.52 30.80 11.08
CA CYS B 397 34.64 30.72 9.42
C CYS B 397 34.59 32.34 9.22
N ASP B 398 35.67 32.36 8.08
CA ASP B 398 36.11 33.71 7.69
C ASP B 398 35.33 34.37 6.57
N PHE B 399 34.58 35.39 6.93
CA PHE B 399 33.74 36.09 5.97
C PHE B 399 34.40 37.39 5.56
N SER B 400 35.68 37.55 5.91
CA SER B 400 36.34 38.78 5.58
C SER B 400 36.40 39.14 4.11
N PRO B 401 36.79 38.26 3.16
CA PRO B 401 36.83 38.55 1.72
C PRO B 401 35.66 39.34 1.21
N LEU B 402 34.49 38.97 1.75
CA LEU B 402 33.20 39.50 1.44
C LEU B 402 33.10 40.99 1.66
N LEU B 403 33.80 41.44 2.69
CA LEU B 403 33.76 42.79 3.17
C LEU B 403 34.80 43.70 2.54
N SER B 404 35.60 43.21 1.60
CA SER B 404 36.66 44.06 1.07
C SER B 404 36.72 44.18 -0.44
N GLY B 405 36.49 45.40 -0.91
CA GLY B 405 36.51 45.69 -2.33
C GLY B 405 35.13 45.69 -2.95
N THR B 406 35.08 45.79 -4.27
CA THR B 406 33.83 45.89 -4.97
C THR B 406 33.28 44.47 -5.18
N PRO B 407 32.06 44.12 -4.75
CA PRO B 407 31.46 42.84 -4.97
C PRO B 407 31.30 42.65 -6.45
N PRO B 408 31.26 41.44 -6.93
CA PRO B 408 31.07 41.07 -8.30
C PRO B 408 29.65 41.26 -8.74
N GLN B 409 29.42 41.25 -10.02
CA GLN B 409 28.08 41.28 -10.55
C GLN B 409 27.48 39.90 -10.38
N VAL B 410 26.17 39.81 -10.44
CA VAL B 410 25.45 38.55 -10.26
C VAL B 410 25.94 37.37 -11.08
N TYR B 411 26.47 37.58 -12.27
CA TYR B 411 26.92 36.46 -13.09
C TYR B 411 28.34 36.04 -12.78
N ASN B 412 29.03 36.84 -12.00
CA ASN B 412 30.39 36.62 -11.58
C ASN B 412 30.45 36.44 -10.07
N PHE B 413 29.40 35.92 -9.48
CA PHE B 413 29.35 35.84 -8.04
C PHE B 413 30.56 35.15 -7.48
N LYS B 414 30.96 35.55 -6.29
CA LYS B 414 32.11 34.90 -5.68
C LYS B 414 31.65 33.96 -4.64
N ARG B 415 32.41 32.89 -4.51
CA ARG B 415 32.05 31.84 -3.60
C ARG B 415 33.04 31.58 -2.49
N LEU B 416 32.52 31.61 -1.28
CA LEU B 416 33.30 31.29 -0.10
C LEU B 416 32.82 29.95 0.42
N VAL B 417 33.71 28.98 0.51
CA VAL B 417 33.29 27.66 0.98
C VAL B 417 33.87 27.43 2.34
N PHE B 418 32.99 27.17 3.29
CA PHE B 418 33.38 26.98 4.64
C PHE B 418 33.26 25.57 5.10
N THR B 419 34.37 25.03 5.57
CA THR B 419 34.44 23.69 6.12
C THR B 419 35.26 23.74 7.39
N ASN B 420 35.06 22.82 8.34
CA ASN B 420 35.90 22.75 9.54
C ASN B 420 36.10 24.08 10.25
N CYS B 421 34.99 24.74 10.58
CA CYS B 421 35.04 26.04 11.23
C CYS B 421 33.78 26.32 12.04
N ASN B 422 33.85 27.35 12.87
CA ASN B 422 32.69 27.75 13.65
C ASN B 422 31.97 28.91 12.96
N TYR B 423 30.70 28.75 12.67
CA TYR B 423 30.05 29.82 11.94
C TYR B 423 29.17 30.59 12.86
N ASN B 424 28.95 31.82 12.43
CA ASN B 424 28.02 32.68 13.13
C ASN B 424 27.43 33.65 12.06
N LEU B 425 26.10 33.37 11.82
CA LEU B 425 25.51 34.17 10.76
C LEU B 425 25.24 35.57 11.24
N THR B 426 24.97 35.74 12.53
CA THR B 426 24.67 37.06 13.08
C THR B 426 25.87 37.96 12.85
N LYS B 427 27.06 37.39 12.99
CA LYS B 427 28.30 38.12 12.81
C LYS B 427 28.35 38.78 11.44
N LEU B 428 27.80 38.11 10.42
CA LEU B 428 27.79 38.64 9.08
C LEU B 428 26.56 39.51 8.82
N LEU B 429 25.40 39.05 9.28
CA LEU B 429 24.13 39.71 9.04
C LEU B 429 24.07 41.06 9.67
N SER B 430 24.71 41.18 10.84
CA SER B 430 24.74 42.40 11.63
C SER B 430 25.50 43.52 10.98
N LEU B 431 26.27 43.20 9.95
CA LEU B 431 27.03 44.21 9.25
C LEU B 431 26.24 44.82 8.09
N PHE B 432 25.07 44.29 7.78
CA PHE B 432 24.31 44.78 6.64
C PHE B 432 22.90 45.14 7.04
N SER B 433 22.27 46.02 6.29
CA SER B 433 20.87 46.24 6.58
C SER B 433 20.10 45.21 5.77
N VAL B 434 19.60 44.19 6.42
CA VAL B 434 18.99 43.11 5.69
C VAL B 434 17.62 43.47 5.26
N ASN B 435 17.36 43.30 3.98
CA ASN B 435 16.09 43.66 3.44
C ASN B 435 15.19 42.44 3.34
N ASP B 436 15.80 41.29 3.01
CA ASP B 436 14.99 40.11 2.81
C ASP B 436 15.79 38.84 3.08
N PHE B 437 15.49 38.13 4.16
CA PHE B 437 16.24 36.90 4.47
C PHE B 437 15.28 35.72 4.54
N THR B 438 15.32 34.84 3.53
CA THR B 438 14.41 33.69 3.53
C THR B 438 15.14 32.40 3.31
N CYS B 439 14.56 31.32 3.79
CA CYS B 439 15.13 30.00 3.65
C CYS B 439 14.21 29.00 2.99
N SER B 440 14.80 28.02 2.34
CA SER B 440 14.14 26.95 1.64
C SER B 440 14.75 25.59 1.90
N GLN B 441 13.88 24.67 2.32
CA GLN B 441 14.20 23.29 2.69
C GLN B 441 15.05 23.21 3.96
N ILE B 442 14.99 24.25 4.75
CA ILE B 442 15.63 24.34 6.05
C ILE B 442 14.87 25.40 6.81
N SER B 443 14.62 25.20 8.09
CA SER B 443 13.95 26.26 8.82
C SER B 443 14.89 27.39 9.12
N PRO B 444 14.43 28.60 9.31
CA PRO B 444 15.08 29.74 9.90
C PRO B 444 15.87 29.52 11.17
N ALA B 445 15.32 28.68 12.06
CA ALA B 445 16.02 28.44 13.30
C ALA B 445 17.20 27.54 13.04
N ALA B 446 17.01 26.60 12.14
CA ALA B 446 18.00 25.63 11.76
C ALA B 446 19.17 26.24 11.00
N ILE B 447 18.92 27.23 10.14
CA ILE B 447 20.05 27.71 9.34
C ILE B 447 21.14 28.25 10.20
N ALA B 448 20.76 28.87 11.30
CA ALA B 448 21.71 29.44 12.23
C ALA B 448 22.19 28.50 13.34
N SER B 449 21.66 27.28 13.43
CA SER B 449 22.03 26.40 14.53
C SER B 449 22.53 24.98 14.22
N ASN B 450 22.36 24.49 12.99
CA ASN B 450 22.76 23.13 12.69
C ASN B 450 24.20 23.01 12.23
N CYS B 451 24.74 21.81 12.34
CA CYS B 451 26.05 21.53 11.79
C CYS B 451 25.94 21.09 10.33
N TYR B 452 26.93 21.47 9.53
CA TYR B 452 26.94 21.13 8.11
C TYR B 452 28.26 20.54 7.67
N SER B 453 28.24 19.75 6.58
CA SER B 453 29.48 19.27 5.96
C SER B 453 30.20 20.46 5.38
N SER B 454 29.41 21.35 4.82
CA SER B 454 29.93 22.57 4.23
C SER B 454 28.86 23.62 4.19
N LEU B 455 29.30 24.86 4.21
CA LEU B 455 28.41 25.99 3.98
C LEU B 455 29.00 26.78 2.84
N ILE B 456 28.23 27.00 1.81
CA ILE B 456 28.72 27.74 0.66
C ILE B 456 28.02 29.07 0.55
N LEU B 457 28.80 30.13 0.60
CA LEU B 457 28.27 31.48 0.51
C LEU B 457 28.62 32.18 -0.79
N ASP B 458 27.60 32.48 -1.59
CA ASP B 458 27.74 33.15 -2.89
C ASP B 458 27.37 34.61 -2.81
N TYR B 459 28.31 35.53 -2.97
CA TYR B 459 27.92 36.93 -2.80
C TYR B 459 28.13 37.74 -4.04
N PHE B 460 27.24 38.69 -4.23
CA PHE B 460 27.27 39.57 -5.39
C PHE B 460 26.49 40.86 -5.24
N SER B 461 26.79 41.84 -6.08
CA SER B 461 25.99 43.05 -6.13
C SER B 461 24.63 42.71 -6.74
N TYR B 462 23.57 43.29 -6.21
CA TYR B 462 22.27 42.99 -6.80
C TYR B 462 21.26 44.06 -6.44
N PRO B 463 20.57 44.69 -7.39
CA PRO B 463 19.61 45.71 -7.12
C PRO B 463 18.42 45.07 -6.40
N LEU B 464 17.83 45.78 -5.47
CA LEU B 464 16.71 45.21 -4.75
C LEU B 464 15.47 45.26 -5.60
N SER B 465 15.48 46.13 -6.58
CA SER B 465 14.36 46.27 -7.49
C SER B 465 14.14 45.05 -8.34
N MET B 466 15.15 44.15 -8.39
CA MET B 466 15.05 42.93 -9.16
C MET B 466 14.90 41.72 -8.24
N LYS B 467 14.53 41.96 -6.97
CA LYS B 467 14.35 40.94 -5.94
C LYS B 467 13.67 39.68 -6.41
N SER B 468 12.57 39.84 -7.10
CA SER B 468 11.73 38.74 -7.54
C SER B 468 12.34 37.88 -8.60
N ASP B 469 13.36 38.40 -9.27
CA ASP B 469 13.97 37.68 -10.38
C ASP B 469 14.84 36.53 -9.84
N LEU B 470 15.09 36.52 -8.52
CA LEU B 470 15.84 35.46 -7.86
C LEU B 470 14.95 34.36 -7.31
N SER B 471 13.65 34.49 -7.50
CA SER B 471 12.70 33.50 -7.04
C SER B 471 12.83 32.20 -7.83
N VAL B 472 12.59 31.07 -7.21
CA VAL B 472 12.66 29.79 -7.90
C VAL B 472 11.72 29.72 -9.08
N SER B 473 10.54 30.27 -8.91
CA SER B 473 9.50 30.31 -9.94
C SER B 473 9.76 31.30 -11.08
N SER B 474 10.77 32.15 -10.94
CA SER B 474 11.06 33.15 -11.94
C SER B 474 11.57 32.61 -13.27
N ALA B 475 11.08 33.23 -14.32
CA ALA B 475 11.49 32.95 -15.67
C ALA B 475 12.21 34.12 -16.29
N GLY B 476 12.66 35.05 -15.44
CA GLY B 476 13.37 36.20 -15.96
C GLY B 476 14.86 35.87 -16.15
N PRO B 477 15.64 36.82 -16.65
CA PRO B 477 17.07 36.73 -16.94
C PRO B 477 17.99 36.35 -15.81
N ILE B 478 17.68 36.67 -14.56
CA ILE B 478 18.61 36.31 -13.53
C ILE B 478 18.58 34.83 -13.30
N SER B 479 17.39 34.30 -13.15
CA SER B 479 17.30 32.87 -12.91
C SER B 479 17.60 32.03 -14.15
N GLN B 480 17.49 32.62 -15.33
CA GLN B 480 17.80 31.82 -16.48
C GLN B 480 19.25 31.90 -16.94
N PHE B 481 19.89 33.06 -16.79
CA PHE B 481 21.25 33.19 -17.31
C PHE B 481 22.31 33.61 -16.34
N ASN B 482 21.98 34.00 -15.11
CA ASN B 482 23.01 34.56 -14.27
C ASN B 482 23.31 33.78 -13.01
N TYR B 483 22.28 33.52 -12.24
CA TYR B 483 22.45 32.86 -10.97
C TYR B 483 21.23 32.06 -10.57
N LYS B 484 21.46 30.81 -10.20
CA LYS B 484 20.40 29.94 -9.79
C LYS B 484 20.84 29.14 -8.58
N GLN B 485 19.97 29.06 -7.57
CA GLN B 485 20.26 28.32 -6.35
C GLN B 485 19.92 26.86 -6.49
N SER B 486 20.57 26.03 -5.69
CA SER B 486 20.35 24.59 -5.69
C SER B 486 18.95 24.20 -5.36
N PHE B 487 18.49 23.15 -6.03
CA PHE B 487 17.18 22.60 -5.74
C PHE B 487 17.32 21.41 -4.80
N SER B 488 18.56 20.92 -4.68
CA SER B 488 18.83 19.71 -3.92
C SER B 488 19.25 19.97 -2.49
N ASN B 489 20.08 20.97 -2.31
CA ASN B 489 20.57 21.29 -1.00
C ASN B 489 19.66 22.33 -0.43
N PRO B 490 19.50 22.44 0.88
CA PRO B 490 18.85 23.55 1.51
C PRO B 490 19.56 24.84 1.22
N THR B 491 18.79 25.88 0.97
CA THR B 491 19.38 27.17 0.68
C THR B 491 18.71 28.33 1.37
N CYS B 492 19.44 29.42 1.51
CA CYS B 492 18.86 30.67 1.95
C CYS B 492 19.29 31.78 1.00
N LEU B 493 18.47 32.78 0.88
CA LEU B 493 18.82 33.96 0.11
C LEU B 493 18.67 35.20 0.96
N ILE B 494 19.74 35.96 1.01
CA ILE B 494 19.74 37.21 1.75
C ILE B 494 19.95 38.36 0.82
N LEU B 495 19.07 39.32 0.89
CA LEU B 495 19.24 40.54 0.13
C LEU B 495 19.45 41.61 1.17
N ALA B 496 20.54 42.36 1.04
CA ALA B 496 20.86 43.34 2.06
C ALA B 496 21.56 44.54 1.49
N THR B 497 21.43 45.64 2.18
CA THR B 497 22.06 46.90 1.79
C THR B 497 23.31 47.20 2.61
N VAL B 498 24.35 47.62 1.91
CA VAL B 498 25.59 47.97 2.56
C VAL B 498 25.39 49.33 3.26
N PRO B 499 25.62 49.45 4.58
CA PRO B 499 25.51 50.66 5.39
C PRO B 499 26.50 51.69 4.94
N HIS B 500 26.22 52.96 5.21
CA HIS B 500 27.11 54.03 4.78
C HIS B 500 28.46 53.97 5.45
N ASN B 501 28.54 53.40 6.65
CA ASN B 501 29.80 53.36 7.31
C ASN B 501 30.58 52.04 7.11
N LEU B 502 30.03 51.17 6.23
CA LEU B 502 30.79 49.96 5.98
C LEU B 502 31.66 50.31 4.75
N THR B 503 32.76 50.99 5.03
CA THR B 503 33.54 51.67 3.98
C THR B 503 34.51 50.79 3.28
N THR B 504 34.56 49.56 3.69
CA THR B 504 35.45 48.60 3.10
C THR B 504 34.87 47.95 1.84
N ILE B 505 33.53 48.09 1.65
CA ILE B 505 32.89 47.55 0.45
C ILE B 505 32.65 48.72 -0.48
N THR B 506 33.15 48.61 -1.69
CA THR B 506 33.04 49.72 -2.62
C THR B 506 31.97 49.42 -3.65
N LYS B 507 31.57 50.38 -4.43
CA LYS B 507 30.49 50.12 -5.36
C LYS B 507 31.01 50.04 -6.77
N PRO B 508 30.40 49.23 -7.63
CA PRO B 508 30.64 49.19 -9.03
C PRO B 508 29.93 50.41 -9.58
N LEU B 509 30.16 50.73 -10.84
CA LEU B 509 29.48 51.86 -11.45
C LEU B 509 28.01 51.65 -11.66
N LYS B 510 27.62 50.42 -11.90
CA LYS B 510 26.26 50.06 -12.19
C LYS B 510 26.07 48.60 -11.86
N TYR B 511 24.82 48.18 -11.74
CA TYR B 511 24.58 46.76 -11.54
C TYR B 511 24.44 46.20 -12.96
N SER B 512 24.85 44.98 -13.20
CA SER B 512 24.63 44.45 -14.55
C SER B 512 24.34 43.00 -14.55
N TYR B 513 23.80 42.54 -15.64
CA TYR B 513 23.44 41.16 -15.78
C TYR B 513 23.41 40.74 -17.21
N ILE B 514 23.37 39.44 -17.39
CA ILE B 514 23.23 38.86 -18.70
C ILE B 514 21.75 38.68 -19.00
N ASN B 515 21.26 39.20 -20.12
CA ASN B 515 19.84 39.00 -20.40
C ASN B 515 19.67 38.00 -21.53
N LYS B 516 20.78 37.62 -22.11
CA LYS B 516 20.78 36.63 -23.17
C LYS B 516 22.04 35.87 -23.11
N CYS B 517 21.97 34.58 -23.27
CA CYS B 517 23.11 33.69 -23.38
C CYS B 517 22.72 32.53 -24.24
N SER B 518 23.36 32.34 -25.36
CA SER B 518 22.96 31.29 -26.30
C SER B 518 24.07 30.80 -27.19
N ARG B 519 23.87 29.64 -27.80
CA ARG B 519 24.82 29.18 -28.77
C ARG B 519 24.23 29.13 -30.14
N LEU B 520 25.02 29.56 -31.09
CA LEU B 520 24.65 29.49 -32.48
C LEU B 520 25.38 28.29 -32.98
N LEU B 521 24.66 27.37 -33.58
CA LEU B 521 25.29 26.14 -34.01
C LEU B 521 25.95 26.36 -35.35
N SER B 522 26.76 25.40 -35.80
CA SER B 522 27.52 25.57 -37.04
C SER B 522 26.71 25.91 -38.28
N ASP B 523 25.44 25.51 -38.31
CA ASP B 523 24.56 25.81 -39.43
C ASP B 523 24.12 27.28 -39.52
N ASP B 524 24.27 27.98 -38.41
CA ASP B 524 23.88 29.37 -38.22
C ASP B 524 22.40 29.61 -38.49
N ARG B 525 21.58 28.62 -38.18
CA ARG B 525 20.15 28.74 -38.30
C ARG B 525 19.54 28.56 -36.92
N THR B 526 20.14 27.64 -36.16
CA THR B 526 19.64 27.31 -34.84
C THR B 526 20.42 27.96 -33.75
N GLU B 527 19.65 28.57 -32.86
CA GLU B 527 20.13 29.24 -31.68
C GLU B 527 19.59 28.53 -30.45
N VAL B 528 20.48 28.13 -29.55
CA VAL B 528 20.11 27.39 -28.38
C VAL B 528 20.41 28.13 -27.09
N PRO B 529 19.42 28.57 -26.32
CA PRO B 529 19.60 29.28 -25.08
C PRO B 529 20.43 28.44 -24.14
N GLN B 530 21.40 29.08 -23.50
CA GLN B 530 22.27 28.39 -22.56
C GLN B 530 21.90 28.75 -21.17
N LEU B 531 21.13 27.90 -20.53
CA LEU B 531 20.63 28.27 -19.23
C LEU B 531 21.66 27.95 -18.20
N VAL B 532 21.68 28.74 -17.15
CA VAL B 532 22.63 28.52 -16.07
C VAL B 532 22.14 27.37 -15.20
N ASN B 533 23.07 26.54 -14.76
CA ASN B 533 22.73 25.44 -13.88
C ASN B 533 22.82 25.92 -12.45
N ALA B 534 22.11 25.27 -11.55
CA ALA B 534 22.20 25.68 -10.17
C ALA B 534 23.61 25.54 -9.67
N ASN B 535 24.04 26.56 -8.94
CA ASN B 535 25.35 26.69 -8.33
C ASN B 535 26.50 26.80 -9.32
N GLN B 536 26.19 27.04 -10.58
CA GLN B 536 27.25 27.17 -11.57
C GLN B 536 27.27 28.51 -12.20
N TYR B 537 28.28 28.74 -13.01
CA TYR B 537 28.38 29.96 -13.74
C TYR B 537 27.86 29.72 -15.15
N SER B 538 27.27 30.73 -15.73
CA SER B 538 26.80 30.71 -17.09
C SER B 538 27.97 30.54 -18.05
N PRO B 539 27.85 29.81 -19.16
CA PRO B 539 28.91 29.63 -20.14
C PRO B 539 29.34 30.94 -20.77
N CYS B 540 28.48 31.95 -20.71
CA CYS B 540 28.75 33.24 -21.27
C CYS B 540 29.56 34.13 -20.37
N VAL B 541 29.88 33.67 -19.18
CA VAL B 541 30.64 34.48 -18.28
C VAL B 541 31.97 34.85 -18.86
N SER B 542 32.59 33.94 -19.63
CA SER B 542 33.84 34.25 -20.24
C SER B 542 33.77 35.32 -21.35
N ILE B 543 32.59 35.63 -21.88
CA ILE B 543 32.53 36.63 -22.95
C ILE B 543 31.99 37.96 -22.43
N VAL B 544 31.26 37.90 -21.32
CA VAL B 544 30.69 39.08 -20.72
C VAL B 544 31.70 39.73 -19.75
N PRO B 545 32.03 41.02 -19.89
CA PRO B 545 32.96 41.77 -19.07
C PRO B 545 32.46 41.85 -17.64
N SER B 546 33.36 42.16 -16.69
CA SER B 546 32.95 42.22 -15.30
C SER B 546 31.87 43.26 -15.05
N THR B 547 31.84 44.31 -15.86
CA THR B 547 30.78 45.30 -15.80
C THR B 547 30.28 45.47 -17.23
N VAL B 548 28.97 45.41 -17.46
CA VAL B 548 28.48 45.65 -18.82
C VAL B 548 28.63 47.13 -19.07
N TRP B 549 29.24 47.52 -20.18
CA TRP B 549 29.44 48.94 -20.42
C TRP B 549 28.11 49.66 -20.53
N GLU B 550 27.27 49.19 -21.43
CA GLU B 550 25.96 49.81 -21.55
C GLU B 550 24.91 48.77 -21.88
N ASP B 551 23.69 49.10 -21.55
CA ASP B 551 22.61 48.19 -21.80
C ASP B 551 22.52 47.90 -23.27
N GLY B 552 22.43 46.61 -23.64
CA GLY B 552 22.34 46.23 -25.03
C GLY B 552 23.66 45.72 -25.63
N ASP B 553 24.76 45.81 -24.88
CA ASP B 553 26.02 45.33 -25.43
C ASP B 553 25.93 43.90 -25.81
N TYR B 554 26.44 43.57 -26.99
CA TYR B 554 26.38 42.21 -27.50
C TYR B 554 27.76 41.63 -27.53
N TYR B 555 27.88 40.41 -27.07
CA TYR B 555 29.17 39.74 -26.98
C TYR B 555 29.14 38.50 -27.80
N ARG B 556 30.31 38.15 -28.41
CA ARG B 556 30.39 36.91 -29.15
C ARG B 556 31.77 36.29 -29.07
N LYS B 557 31.78 34.94 -28.99
CA LYS B 557 33.01 34.16 -29.04
C LYS B 557 32.90 33.06 -30.07
N GLN B 558 33.93 32.89 -30.87
CA GLN B 558 33.97 31.77 -31.80
C GLN B 558 34.40 30.55 -31.01
N LEU B 559 33.61 29.47 -31.06
CA LEU B 559 33.95 28.28 -30.31
C LEU B 559 34.81 27.35 -31.14
N SER B 560 35.72 26.64 -30.45
CA SER B 560 36.56 25.66 -31.13
C SER B 560 35.73 24.41 -31.37
N PRO B 561 36.16 23.47 -32.21
CA PRO B 561 35.50 22.19 -32.43
C PRO B 561 35.29 21.35 -31.18
N LEU B 562 36.13 21.54 -30.17
CA LEU B 562 36.07 20.77 -28.93
C LEU B 562 34.99 21.23 -28.00
N GLU B 563 34.50 22.42 -28.33
CA GLU B 563 33.45 23.12 -27.64
C GLU B 563 32.15 22.98 -28.42
N GLY B 564 32.20 22.20 -29.52
CA GLY B 564 31.05 21.96 -30.36
C GLY B 564 30.92 22.88 -31.58
N GLY B 565 31.82 23.83 -31.71
CA GLY B 565 31.78 24.73 -32.83
C GLY B 565 30.71 25.78 -32.67
N GLY B 566 30.58 26.63 -33.69
CA GLY B 566 29.57 27.66 -33.62
C GLY B 566 30.03 28.84 -32.78
N TRP B 567 29.06 29.64 -32.36
CA TRP B 567 29.34 30.85 -31.60
C TRP B 567 28.64 30.86 -30.28
N LEU B 568 29.28 31.42 -29.29
CA LEU B 568 28.60 31.63 -28.03
C LEU B 568 28.28 33.11 -28.02
N VAL B 569 27.03 33.49 -27.80
CA VAL B 569 26.72 34.91 -27.81
C VAL B 569 25.96 35.31 -26.56
N ALA B 570 26.02 36.57 -26.23
CA ALA B 570 25.31 37.06 -25.06
C ALA B 570 24.99 38.51 -25.17
N SER B 571 24.01 38.92 -24.43
CA SER B 571 23.70 40.33 -24.34
C SER B 571 23.66 40.75 -22.90
N GLY B 572 24.24 41.91 -22.64
CA GLY B 572 24.23 42.45 -21.31
C GLY B 572 23.13 43.48 -21.15
N SER B 573 22.87 43.82 -19.90
CA SER B 573 21.92 44.85 -19.54
C SER B 573 22.34 45.48 -18.25
N THR B 574 21.84 46.68 -17.98
CA THR B 574 22.26 47.37 -16.76
C THR B 574 21.13 47.95 -15.94
N VAL B 575 21.43 48.17 -14.67
CA VAL B 575 20.55 48.84 -13.73
C VAL B 575 21.31 49.98 -13.04
N ALA B 576 20.70 51.14 -12.99
CA ALA B 576 21.38 52.26 -12.37
C ALA B 576 21.72 51.97 -10.93
N MET B 577 22.87 52.47 -10.51
CA MET B 577 23.33 52.27 -9.16
C MET B 577 22.58 53.14 -8.19
N THR B 578 22.32 52.55 -7.06
CA THR B 578 21.66 53.10 -5.91
C THR B 578 22.62 53.83 -4.96
N GLU B 579 22.08 54.60 -3.99
CA GLU B 579 22.93 55.36 -3.08
C GLU B 579 23.76 54.47 -2.20
N GLN B 580 23.17 53.37 -1.80
CA GLN B 580 23.84 52.38 -0.99
C GLN B 580 23.88 51.13 -1.82
N LEU B 581 24.96 50.38 -1.81
CA LEU B 581 25.04 49.20 -2.60
C LEU B 581 24.18 48.11 -2.08
N GLN B 582 23.42 47.51 -2.97
CA GLN B 582 22.60 46.41 -2.58
C GLN B 582 23.33 45.13 -2.98
N MET B 583 23.35 44.15 -2.10
CA MET B 583 24.01 42.87 -2.31
C MET B 583 23.16 41.66 -2.03
N GLY B 584 23.35 40.62 -2.82
CA GLY B 584 22.73 39.35 -2.56
C GLY B 584 23.73 38.37 -1.98
N PHE B 585 23.26 37.50 -1.12
CA PHE B 585 24.08 36.44 -0.55
C PHE B 585 23.35 35.13 -0.64
N GLY B 586 23.84 34.19 -1.40
CA GLY B 586 23.16 32.92 -1.41
C GLY B 586 23.87 32.01 -0.44
N ILE B 587 23.14 31.22 0.31
CA ILE B 587 23.77 30.26 1.20
C ILE B 587 23.28 28.88 0.87
N THR B 588 24.20 27.96 0.64
CA THR B 588 23.82 26.59 0.38
C THR B 588 24.47 25.70 1.42
N VAL B 589 23.71 24.80 2.03
CA VAL B 589 24.35 23.93 3.03
C VAL B 589 24.20 22.47 2.71
N GLN B 590 25.26 21.72 2.97
CA GLN B 590 25.26 20.28 2.76
C GLN B 590 25.38 19.59 4.09
N TYR B 591 24.66 18.49 4.23
CA TYR B 591 24.59 17.73 5.47
C TYR B 591 25.26 16.37 5.64
N GLY B 592 26.12 15.92 4.74
CA GLY B 592 26.71 14.63 5.02
C GLY B 592 27.64 14.09 3.95
N THR B 593 28.61 14.90 3.58
CA THR B 593 29.59 14.50 2.57
C THR B 593 30.92 14.26 3.27
N ASP B 594 30.96 14.74 4.48
CA ASP B 594 32.11 14.74 5.35
C ASP B 594 31.60 14.85 6.78
N THR B 595 32.51 14.88 7.71
CA THR B 595 32.15 15.13 9.10
C THR B 595 31.41 16.49 9.11
N ASN B 596 30.27 16.64 9.81
CA ASN B 596 29.62 17.96 9.72
C ASN B 596 30.28 18.91 10.67
N SER B 597 31.39 19.43 10.17
CA SER B 597 32.34 20.25 10.89
C SER B 597 32.10 21.73 10.82
N VAL B 598 31.06 22.16 10.12
CA VAL B 598 30.75 23.58 10.12
C VAL B 598 29.62 23.74 11.14
N CYS B 599 29.95 24.21 12.33
CA CYS B 599 28.98 24.23 13.44
C CYS B 599 28.94 25.59 14.06
N PRO B 600 27.89 25.97 14.78
CA PRO B 600 27.85 27.16 15.58
C PRO B 600 28.90 26.94 16.64
N LYS B 601 29.51 27.94 17.24
CA LYS B 601 30.42 27.56 18.31
C LYS B 601 29.61 27.14 19.53
N LEU B 602 30.17 26.21 20.29
CA LEU B 602 29.59 25.67 21.49
C LEU B 602 30.55 25.70 22.66
N GLU B 603 30.07 26.15 23.81
CA GLU B 603 30.89 26.08 25.01
C GLU B 603 30.63 24.68 25.58
N PHE B 604 31.67 23.86 25.74
CA PHE B 604 31.47 22.50 26.20
C PHE B 604 31.60 22.30 27.69
N ALA B 605 30.68 21.55 28.24
CA ALA B 605 30.74 21.12 29.63
C ALA B 605 31.55 19.82 29.65
N ASN B 606 32.17 19.48 30.76
CA ASN B 606 32.95 18.18 30.70
C ASN B 606 32.08 17.06 31.10
N ASP B 607 30.80 17.22 31.26
CA ASP B 607 29.90 16.14 31.52
C ASP B 607 29.23 15.69 30.22
N THR B 608 29.70 16.21 29.07
CA THR B 608 29.17 15.84 27.78
C THR B 608 30.18 15.07 27.00
N LYS B 609 31.16 14.58 27.70
CA LYS B 609 32.18 13.76 27.08
C LYS B 609 31.65 12.33 27.02
N ILE B 610 32.16 11.55 26.06
CA ILE B 610 31.76 10.15 25.95
C ILE B 610 32.40 9.31 27.03
N ALA B 611 33.68 9.49 27.28
CA ALA B 611 34.37 8.63 28.24
C ALA B 611 33.72 8.67 29.60
N SER B 612 33.17 9.83 29.99
CA SER B 612 32.57 9.98 31.30
C SER B 612 31.18 9.36 31.42
N GLN B 613 30.59 8.94 30.30
CA GLN B 613 29.24 8.38 30.32
C GLN B 613 29.16 7.00 29.67
N LEU B 614 30.23 6.23 29.70
CA LEU B 614 30.15 4.94 29.05
C LEU B 614 29.18 4.05 29.78
N GLY B 615 28.41 3.30 29.01
CA GLY B 615 27.45 2.36 29.54
C GLY B 615 26.08 2.96 29.75
N ASN B 616 25.98 4.28 29.63
CA ASN B 616 24.71 4.92 29.85
C ASN B 616 23.98 5.16 28.55
N CYS B 617 22.65 5.29 28.67
CA CYS B 617 21.93 5.75 27.44
C CYS B 617 21.95 7.28 27.49
N VAL B 618 22.49 7.78 26.33
CA VAL B 618 22.60 9.23 26.22
C VAL B 618 22.12 9.71 24.88
N GLU B 619 21.77 10.98 24.82
CA GLU B 619 21.50 11.56 23.53
C GLU B 619 22.87 11.93 22.99
N TYR B 620 23.08 11.88 21.70
CA TYR B 620 24.37 12.33 21.22
C TYR B 620 24.23 13.23 20.05
N SER B 621 25.21 14.10 19.93
CA SER B 621 25.39 14.92 18.74
C SER B 621 26.88 14.98 18.46
N LEU B 622 27.31 14.23 17.47
CA LEU B 622 28.71 14.12 17.16
C LEU B 622 28.95 14.68 15.79
N TYR B 623 29.49 15.87 15.69
CA TYR B 623 29.73 16.51 14.41
C TYR B 623 28.54 16.44 13.52
N GLY B 624 27.39 16.77 14.09
CA GLY B 624 26.13 16.84 13.40
C GLY B 624 25.35 15.56 13.29
N VAL B 625 25.94 14.48 13.73
CA VAL B 625 25.28 13.19 13.68
C VAL B 625 24.60 12.97 15.00
N SER B 626 23.33 12.64 14.99
CA SER B 626 22.66 12.53 16.28
C SER B 626 21.73 11.39 16.40
N GLY B 627 21.39 11.11 17.63
CA GLY B 627 20.51 10.03 17.96
C GLY B 627 20.67 9.66 19.40
N ARG B 628 20.24 8.47 19.77
CA ARG B 628 20.36 8.01 21.14
C ARG B 628 21.12 6.70 21.14
N GLY B 629 21.91 6.48 22.18
CA GLY B 629 22.60 5.22 22.27
C GLY B 629 23.50 5.11 23.46
N VAL B 630 24.17 3.99 23.51
CA VAL B 630 25.06 3.65 24.58
C VAL B 630 26.45 3.48 24.03
N PHE B 631 27.40 4.18 24.60
CA PHE B 631 28.77 4.09 24.13
C PHE B 631 29.54 3.07 24.94
N GLN B 632 30.39 2.31 24.26
CA GLN B 632 31.25 1.36 24.96
C GLN B 632 32.66 1.47 24.46
N ASN B 633 33.63 1.31 25.30
CA ASN B 633 35.01 1.26 24.89
C ASN B 633 35.34 -0.01 24.16
N CYS B 634 35.81 -0.06 22.95
CA CYS B 634 36.04 -1.29 22.26
C CYS B 634 37.12 -1.24 21.19
N THR B 635 37.46 -2.36 20.59
CA THR B 635 38.47 -2.44 19.54
C THR B 635 38.05 -1.72 18.28
N ALA B 636 38.96 -0.91 17.75
CA ALA B 636 38.72 -0.17 16.53
C ALA B 636 38.58 -1.02 15.32
N VAL B 637 37.60 -0.66 14.50
CA VAL B 637 37.32 -1.26 13.20
C VAL B 637 37.07 -0.14 12.21
N GLY B 638 37.20 -0.42 10.93
CA GLY B 638 36.88 0.59 9.93
C GLY B 638 38.08 1.52 9.73
N VAL B 639 37.91 2.55 8.92
CA VAL B 639 38.99 3.49 8.66
C VAL B 639 38.92 4.64 9.65
N ARG B 640 39.96 4.86 10.41
CA ARG B 640 39.99 5.89 11.45
C ARG B 640 39.72 7.26 10.96
N GLN B 641 40.25 7.56 9.81
CA GLN B 641 40.12 8.88 9.22
C GLN B 641 38.72 9.25 8.86
N GLN B 642 37.84 8.26 8.76
CA GLN B 642 36.48 8.50 8.34
C GLN B 642 35.54 8.76 9.53
N ARG B 643 36.05 8.61 10.76
CA ARG B 643 35.32 8.92 12.00
C ARG B 643 34.09 8.11 12.39
N PHE B 644 33.14 8.02 11.49
CA PHE B 644 31.89 7.33 11.79
C PHE B 644 31.79 5.97 11.13
N VAL B 645 31.58 4.93 11.94
CA VAL B 645 31.50 3.58 11.44
C VAL B 645 30.02 3.17 11.38
N TYR B 646 29.60 2.73 10.20
CA TYR B 646 28.23 2.32 9.97
C TYR B 646 28.11 0.84 9.71
N ASP B 647 26.95 0.30 10.03
CA ASP B 647 26.66 -1.11 9.73
C ASP B 647 25.97 -1.25 8.39
N ALA B 648 25.51 -2.46 8.11
CA ALA B 648 24.91 -2.82 6.83
C ALA B 648 23.48 -2.32 6.68
N TYR B 649 22.91 -1.75 7.74
CA TYR B 649 21.57 -1.18 7.71
C TYR B 649 21.67 0.35 7.83
N GLN B 650 22.89 0.86 7.69
CA GLN B 650 23.24 2.27 7.79
C GLN B 650 23.02 2.89 9.17
N ASN B 651 23.12 2.09 10.23
CA ASN B 651 23.01 2.67 11.56
C ASN B 651 24.41 3.10 11.98
N LEU B 652 24.54 4.07 12.86
CA LEU B 652 25.88 4.37 13.34
C LEU B 652 26.19 3.33 14.40
N VAL B 653 27.29 2.59 14.22
CA VAL B 653 27.62 1.54 15.18
C VAL B 653 28.96 1.72 15.82
N GLY B 654 29.68 2.75 15.46
CA GLY B 654 30.93 3.00 16.11
C GLY B 654 31.41 4.38 15.79
N TYR B 655 32.33 4.86 16.60
CA TYR B 655 32.84 6.19 16.44
C TYR B 655 34.23 6.41 16.96
N TYR B 656 35.02 7.09 16.15
CA TYR B 656 36.35 7.45 16.57
C TYR B 656 36.27 8.84 17.12
N SER B 657 36.56 8.97 18.40
CA SER B 657 36.46 10.24 19.10
C SER B 657 37.70 11.10 19.00
N ASP B 658 37.52 12.40 19.20
CA ASP B 658 38.71 13.27 19.22
C ASP B 658 39.56 13.06 20.49
N ASP B 659 39.07 12.30 21.47
CA ASP B 659 39.86 12.04 22.65
C ASP B 659 40.82 10.84 22.42
N GLY B 660 40.81 10.27 21.20
CA GLY B 660 41.69 9.19 20.81
C GLY B 660 41.11 7.78 20.91
N ASN B 661 39.97 7.65 21.56
CA ASN B 661 39.36 6.33 21.72
C ASN B 661 38.34 5.99 20.67
N TYR B 662 38.18 4.70 20.46
CA TYR B 662 37.12 4.21 19.60
C TYR B 662 36.02 3.65 20.45
N TYR B 663 34.80 4.06 20.15
CA TYR B 663 33.70 3.55 20.90
C TYR B 663 32.75 2.81 20.03
N CYS B 664 32.17 1.77 20.58
CA CYS B 664 31.12 1.06 19.91
C CYS B 664 29.86 1.79 20.29
N LEU B 665 28.92 1.87 19.39
CA LEU B 665 27.67 2.51 19.73
C LEU B 665 26.54 1.52 19.60
N ARG B 666 25.80 1.37 20.68
CA ARG B 666 24.70 0.44 20.71
C ARG B 666 23.45 1.25 20.86
N ALA B 667 22.34 0.78 20.36
CA ALA B 667 21.13 1.56 20.55
C ALA B 667 20.73 1.55 22.00
N CYS B 668 20.07 2.59 22.46
CA CYS B 668 19.51 2.43 23.77
C CYS B 668 18.53 1.34 23.44
N VAL B 669 18.48 0.28 24.23
CA VAL B 669 17.61 -0.84 23.92
C VAL B 669 16.45 -0.91 24.76
N SER B 670 15.33 -1.12 24.12
CA SER B 670 14.13 -1.19 24.91
C SER B 670 14.00 -2.53 25.57
N VAL B 671 13.22 -2.58 26.64
CA VAL B 671 12.97 -3.81 27.36
C VAL B 671 11.61 -4.40 26.99
N PRO B 672 11.55 -5.51 26.28
CA PRO B 672 10.33 -6.20 25.89
C PRO B 672 9.31 -6.31 26.97
N VAL B 673 8.03 -6.14 26.67
CA VAL B 673 7.00 -6.36 27.68
C VAL B 673 5.81 -7.18 27.16
N SER B 674 5.44 -8.21 27.90
CA SER B 674 4.25 -9.00 27.62
C SER B 674 3.39 -9.01 28.88
N VAL B 675 2.09 -8.86 28.72
CA VAL B 675 1.21 -8.84 29.88
C VAL B 675 0.50 -10.15 29.95
N ILE B 676 0.57 -10.77 31.10
CA ILE B 676 -0.09 -12.03 31.32
C ILE B 676 -1.37 -11.69 32.06
N TYR B 677 -2.54 -11.90 31.45
CA TYR B 677 -3.78 -11.43 32.10
C TYR B 677 -4.85 -12.46 32.21
N ASP B 678 -5.43 -12.52 33.40
CA ASP B 678 -6.53 -13.41 33.64
C ASP B 678 -7.79 -12.62 33.99
N LYS B 679 -8.74 -12.69 33.04
CA LYS B 679 -10.01 -11.97 33.06
C LYS B 679 -10.90 -12.31 34.24
N GLU B 680 -10.93 -13.58 34.62
CA GLU B 680 -11.76 -14.05 35.71
C GLU B 680 -11.25 -13.57 37.06
N THR B 681 -9.93 -13.53 37.23
CA THR B 681 -9.43 -13.07 38.52
C THR B 681 -9.13 -11.59 38.53
N LYS B 682 -9.05 -10.96 37.35
CA LYS B 682 -8.65 -9.56 37.28
C LYS B 682 -7.24 -9.37 37.85
N THR B 683 -6.36 -10.29 37.50
CA THR B 683 -4.98 -10.23 37.95
C THR B 683 -4.05 -10.32 36.77
N HIS B 684 -2.81 -9.89 36.96
CA HIS B 684 -1.85 -9.97 35.90
C HIS B 684 -0.45 -10.10 36.40
N ALA B 685 0.42 -10.43 35.47
CA ALA B 685 1.84 -10.54 35.70
C ALA B 685 2.55 -9.99 34.49
N THR B 686 3.76 -9.52 34.65
CA THR B 686 4.48 -8.92 33.54
C THR B 686 5.71 -9.70 33.16
N LEU B 687 5.82 -10.06 31.89
CA LEU B 687 6.98 -10.80 31.40
C LEU B 687 7.84 -9.92 30.54
N PHE B 688 9.12 -9.90 30.90
CA PHE B 688 10.11 -9.14 30.17
C PHE B 688 10.93 -10.14 29.41
N GLY B 689 10.46 -10.47 28.22
CA GLY B 689 11.05 -11.57 27.54
C GLY B 689 12.43 -11.26 27.12
N SER B 690 13.30 -12.25 27.26
CA SER B 690 14.71 -12.14 26.85
C SER B 690 15.55 -11.28 27.77
N VAL B 691 14.97 -10.78 28.86
CA VAL B 691 15.68 -9.88 29.75
C VAL B 691 16.12 -10.53 31.05
N ALA B 692 17.40 -10.36 31.41
CA ALA B 692 17.83 -10.85 32.72
C ALA B 692 17.22 -9.93 33.79
N CYS B 693 16.86 -10.50 34.94
CA CYS B 693 16.21 -9.72 36.01
C CYS B 693 17.10 -8.69 36.65
N GLU B 694 18.37 -8.68 36.32
CA GLU B 694 19.29 -7.69 36.85
C GLU B 694 18.89 -6.28 36.40
N HIS B 695 18.08 -6.18 35.34
CA HIS B 695 17.61 -4.91 34.82
C HIS B 695 16.23 -4.55 35.31
N ILE B 696 15.63 -5.40 36.11
CA ILE B 696 14.27 -5.15 36.52
C ILE B 696 14.21 -4.98 38.05
N TYR B 718 6.90 -10.40 46.55
CA TYR B 718 8.03 -11.11 45.93
C TYR B 718 8.76 -10.22 44.94
N GLY B 719 10.04 -10.48 44.76
CA GLY B 719 10.84 -9.74 43.82
C GLY B 719 10.65 -10.37 42.45
N PRO B 720 11.43 -9.99 41.43
CA PRO B 720 11.36 -10.50 40.08
C PRO B 720 11.81 -11.95 40.03
N LEU B 721 11.19 -12.76 39.18
CA LEU B 721 11.54 -14.17 39.01
C LEU B 721 12.20 -14.45 37.66
N GLN B 722 13.38 -15.05 37.66
CA GLN B 722 14.02 -15.31 36.37
C GLN B 722 13.51 -16.62 35.85
N THR B 723 12.98 -16.65 34.63
CA THR B 723 12.47 -17.89 34.06
C THR B 723 13.20 -18.13 32.74
N PRO B 724 13.07 -19.30 32.12
CA PRO B 724 13.59 -19.66 30.80
C PRO B 724 13.15 -18.77 29.63
N VAL B 725 12.13 -17.95 29.81
CA VAL B 725 11.66 -17.09 28.74
C VAL B 725 11.88 -15.61 29.04
N GLY B 726 12.48 -15.29 30.17
CA GLY B 726 12.67 -13.89 30.54
C GLY B 726 12.39 -13.66 31.99
N CYS B 727 12.36 -12.40 32.39
CA CYS B 727 12.15 -12.04 33.79
C CYS B 727 10.67 -11.78 34.04
N VAL B 728 10.08 -12.38 35.05
CA VAL B 728 8.66 -12.13 35.24
C VAL B 728 8.32 -11.60 36.62
N LEU B 729 7.58 -10.50 36.64
CA LEU B 729 7.11 -9.90 37.90
C LEU B 729 5.64 -10.26 38.06
N GLY B 730 5.21 -10.53 39.27
CA GLY B 730 3.80 -10.85 39.47
C GLY B 730 3.55 -12.35 39.56
N LEU B 731 4.56 -13.15 39.23
CA LEU B 731 4.43 -14.59 39.35
C LEU B 731 5.22 -15.07 40.55
N VAL B 732 4.73 -16.11 41.16
CA VAL B 732 5.46 -16.76 42.24
C VAL B 732 5.80 -18.16 41.80
N ASN B 733 7.04 -18.55 42.03
CA ASN B 733 7.43 -19.92 41.59
C ASN B 733 6.73 -20.95 42.48
N SER B 734 6.04 -21.91 41.76
CA SER B 734 5.26 -22.89 42.53
C SER B 734 5.71 -24.33 42.52
N SER B 735 6.60 -24.73 41.61
CA SER B 735 7.00 -26.14 41.48
C SER B 735 5.80 -27.07 41.38
N LEU B 736 4.86 -26.65 40.57
CA LEU B 736 3.59 -27.30 40.33
C LEU B 736 3.48 -27.59 38.85
N PHE B 737 2.84 -28.71 38.49
CA PHE B 737 2.62 -29.03 37.10
C PHE B 737 1.16 -28.96 36.67
N VAL B 738 0.97 -28.56 35.41
CA VAL B 738 -0.34 -28.49 34.79
C VAL B 738 -0.37 -29.21 33.47
N GLU B 739 -1.58 -29.53 32.98
CA GLU B 739 -1.67 -30.06 31.62
C GLU B 739 -2.53 -29.03 30.92
N ASP B 740 -3.43 -28.53 31.73
CA ASP B 740 -4.48 -27.60 31.37
C ASP B 740 -4.06 -26.15 31.46
N CYS B 741 -3.16 -25.83 30.53
CA CYS B 741 -2.58 -24.45 30.62
C CYS B 741 -3.31 -23.50 29.66
N LYS B 742 -3.73 -22.38 30.32
CA LYS B 742 -4.48 -21.35 29.58
C LYS B 742 -3.64 -20.13 29.24
N LEU B 743 -2.56 -19.93 29.98
CA LEU B 743 -1.71 -18.77 29.81
C LEU B 743 -0.27 -19.21 29.63
N PRO B 744 0.06 -19.87 28.52
CA PRO B 744 1.38 -20.41 28.27
C PRO B 744 2.34 -19.27 28.13
N LEU B 745 3.52 -19.42 28.68
CA LEU B 745 4.50 -18.34 28.59
C LEU B 745 5.55 -18.57 27.56
N GLY B 746 5.69 -19.81 27.14
CA GLY B 746 6.72 -20.20 26.20
C GLY B 746 7.51 -21.32 26.83
N GLN B 747 8.32 -21.98 26.01
CA GLN B 747 9.06 -23.13 26.49
C GLN B 747 8.00 -24.03 27.10
N SER B 748 8.13 -24.46 28.33
CA SER B 748 7.08 -25.32 28.87
C SER B 748 6.54 -24.76 30.15
N LEU B 749 6.50 -23.44 30.18
CA LEU B 749 6.05 -22.66 31.31
C LEU B 749 4.63 -22.17 31.12
N CYS B 750 3.92 -22.00 32.23
CA CYS B 750 2.54 -21.55 32.21
C CYS B 750 2.20 -20.66 33.40
N ALA B 751 1.44 -19.59 33.17
CA ALA B 751 0.98 -18.80 34.32
C ALA B 751 -0.33 -19.40 34.81
N LEU B 752 -0.41 -19.66 36.10
CA LEU B 752 -1.56 -20.27 36.69
C LEU B 752 -2.17 -19.40 37.76
N PRO B 753 -3.35 -18.83 37.59
CA PRO B 753 -3.94 -17.94 38.56
C PRO B 753 -4.24 -18.67 39.84
N ASP B 754 -4.16 -17.95 40.95
CA ASP B 754 -4.46 -18.45 42.30
C ASP B 754 -5.92 -18.16 42.62
N THR B 755 -6.77 -19.17 42.45
CA THR B 755 -8.20 -19.03 42.58
C THR B 755 -8.90 -20.37 42.67
N PRO B 768 -8.50 -12.98 44.86
CA PRO B 768 -7.54 -13.77 44.10
C PRO B 768 -6.13 -13.45 44.54
N GLY B 769 -5.23 -14.38 44.32
CA GLY B 769 -3.82 -14.17 44.71
C GLY B 769 -2.96 -13.85 43.52
N GLU B 770 -1.68 -14.14 43.65
CA GLU B 770 -0.73 -13.90 42.57
C GLU B 770 -0.75 -15.07 41.63
N MET B 771 -0.38 -14.87 40.39
CA MET B 771 -0.32 -16.02 39.51
C MET B 771 0.90 -16.85 39.86
N ARG B 772 0.75 -18.14 39.77
CA ARG B 772 1.83 -19.07 39.99
C ARG B 772 2.57 -19.38 38.71
N LEU B 773 3.86 -19.64 38.82
CA LEU B 773 4.57 -20.12 37.66
C LEU B 773 4.60 -21.62 37.74
N ALA B 774 3.92 -22.25 36.78
CA ALA B 774 3.74 -23.69 36.71
C ALA B 774 4.44 -24.22 35.49
N SER B 775 4.83 -25.47 35.55
CA SER B 775 5.44 -26.12 34.40
C SER B 775 4.41 -27.02 33.73
N ILE B 776 4.48 -27.15 32.43
CA ILE B 776 3.54 -28.02 31.76
C ILE B 776 4.09 -29.44 31.80
N ALA B 777 3.26 -30.35 32.25
CA ALA B 777 3.64 -31.74 32.38
C ALA B 777 3.63 -32.48 31.06
N PHE B 778 4.54 -33.43 30.95
CA PHE B 778 4.45 -34.37 29.87
C PHE B 778 3.62 -35.50 30.44
N ASN B 779 2.57 -35.87 29.74
CA ASN B 779 1.70 -36.93 30.22
C ASN B 779 2.17 -38.26 29.64
N HIS B 780 2.84 -39.08 30.44
CA HIS B 780 3.41 -40.30 29.93
C HIS B 780 2.37 -41.33 29.57
N PRO B 781 2.55 -42.09 28.49
CA PRO B 781 1.71 -43.15 28.05
C PRO B 781 1.89 -44.34 28.97
N ILE B 782 0.94 -45.27 28.90
CA ILE B 782 1.06 -46.46 29.72
C ILE B 782 2.26 -47.22 29.23
N GLN B 783 3.16 -47.60 30.14
CA GLN B 783 4.35 -48.30 29.71
C GLN B 783 4.10 -49.78 29.66
N VAL B 784 4.36 -50.39 28.51
CA VAL B 784 4.12 -51.83 28.40
C VAL B 784 5.43 -52.47 28.04
N ASP B 785 5.92 -53.36 28.88
CA ASP B 785 7.21 -54.01 28.66
C ASP B 785 7.22 -55.11 27.65
N GLN B 786 8.33 -55.23 26.95
CA GLN B 786 8.50 -56.34 26.02
C GLN B 786 9.04 -57.51 26.79
N LEU B 787 8.74 -58.72 26.32
CA LEU B 787 9.23 -59.89 27.00
C LEU B 787 10.37 -60.56 26.27
N ASN B 788 11.27 -61.08 27.04
CA ASN B 788 12.41 -61.94 26.55
C ASN B 788 11.87 -63.29 26.33
N SER B 789 10.99 -63.56 25.47
CA SER B 789 10.32 -64.82 25.29
C SER B 789 9.65 -64.89 23.95
N SER B 790 8.98 -66.01 23.71
CA SER B 790 8.18 -66.24 22.50
C SER B 790 6.77 -65.68 22.66
N TYR B 791 6.48 -65.11 23.82
CA TYR B 791 5.20 -64.51 24.15
C TYR B 791 5.32 -62.98 24.08
N PHE B 792 4.20 -62.30 24.23
CA PHE B 792 4.26 -60.84 24.33
C PHE B 792 3.23 -60.34 25.32
N LYS B 793 3.47 -59.16 25.85
CA LYS B 793 2.49 -58.50 26.69
C LYS B 793 1.46 -57.74 25.90
N LEU B 794 0.24 -57.95 26.29
CA LEU B 794 -0.90 -57.27 25.72
C LEU B 794 -1.51 -56.35 26.69
N SER B 795 -1.47 -55.08 26.41
CA SER B 795 -2.15 -54.13 27.28
C SER B 795 -3.53 -53.99 26.62
N ILE B 796 -4.56 -54.49 27.27
CA ILE B 796 -5.88 -54.54 26.67
C ILE B 796 -6.93 -53.95 27.62
N PRO B 797 -7.90 -53.16 27.14
CA PRO B 797 -8.94 -52.52 27.91
C PRO B 797 -9.80 -53.53 28.60
N THR B 798 -10.34 -53.16 29.77
CA THR B 798 -11.29 -54.04 30.46
C THR B 798 -12.58 -53.26 30.58
N ASN B 799 -12.48 -51.99 30.27
CA ASN B 799 -13.62 -51.09 30.37
C ASN B 799 -13.64 -50.15 29.20
N PHE B 800 -14.71 -49.44 29.00
CA PHE B 800 -14.78 -48.46 27.94
C PHE B 800 -15.85 -47.43 28.19
N SER B 801 -15.75 -46.38 27.41
CA SER B 801 -16.75 -45.34 27.37
C SER B 801 -16.87 -44.83 25.97
N PHE B 802 -17.95 -44.11 25.70
CA PHE B 802 -18.04 -43.44 24.41
C PHE B 802 -17.82 -41.98 24.69
N GLY B 803 -17.28 -41.28 23.73
CA GLY B 803 -17.15 -39.84 23.95
C GLY B 803 -17.32 -39.15 22.63
N VAL B 804 -17.51 -37.85 22.66
CA VAL B 804 -17.72 -37.15 21.43
C VAL B 804 -16.67 -36.10 21.19
N THR B 805 -16.00 -36.23 20.06
CA THR B 805 -15.05 -35.22 19.69
C THR B 805 -15.87 -34.26 18.85
N GLN B 806 -15.87 -33.01 19.21
CA GLN B 806 -16.64 -32.06 18.44
C GLN B 806 -15.70 -31.36 17.51
N GLU B 807 -16.14 -31.11 16.30
CA GLU B 807 -15.30 -30.42 15.37
C GLU B 807 -16.04 -29.45 14.50
N TYR B 808 -15.52 -28.27 14.35
CA TYR B 808 -16.13 -27.33 13.46
C TYR B 808 -15.28 -27.08 12.25
N ILE B 809 -15.93 -27.20 11.09
CA ILE B 809 -15.24 -26.90 9.86
C ILE B 809 -15.94 -25.76 9.17
N GLN B 810 -15.22 -24.71 8.91
CA GLN B 810 -15.80 -23.58 8.24
C GLN B 810 -15.89 -23.89 6.77
N THR B 811 -17.01 -23.64 6.12
CA THR B 811 -17.05 -23.94 4.69
C THR B 811 -17.19 -22.68 3.87
N THR B 812 -17.67 -21.62 4.52
CA THR B 812 -17.91 -20.35 3.87
C THR B 812 -17.40 -19.19 4.68
N ILE B 813 -17.40 -18.04 4.05
CA ILE B 813 -17.16 -16.78 4.72
C ILE B 813 -18.34 -15.92 4.33
N GLN B 814 -18.59 -14.84 5.05
CA GLN B 814 -19.66 -13.95 4.65
C GLN B 814 -19.26 -13.29 3.35
N LYS B 815 -20.20 -13.26 2.40
CA LYS B 815 -19.97 -12.65 1.09
C LYS B 815 -20.29 -11.18 1.16
N VAL B 816 -19.33 -10.37 0.75
CA VAL B 816 -19.49 -8.92 0.80
C VAL B 816 -19.12 -8.29 -0.53
N THR B 817 -19.89 -7.30 -0.92
CA THR B 817 -19.54 -6.50 -2.09
C THR B 817 -19.37 -5.08 -1.63
N VAL B 818 -18.62 -4.29 -2.38
CA VAL B 818 -18.43 -2.92 -1.99
C VAL B 818 -18.74 -1.95 -3.10
N ASP B 819 -19.49 -0.91 -2.78
CA ASP B 819 -19.69 0.11 -3.79
C ASP B 819 -18.47 1.00 -3.60
N CYS B 820 -17.46 0.59 -4.37
CA CYS B 820 -16.11 1.26 -4.21
C CYS B 820 -16.19 2.68 -4.54
N LYS B 821 -16.85 3.12 -5.53
CA LYS B 821 -16.90 4.51 -5.87
C LYS B 821 -17.52 5.29 -4.72
N GLN B 822 -18.63 4.77 -4.15
CA GLN B 822 -19.22 5.48 -3.03
C GLN B 822 -18.33 5.44 -1.82
N TYR B 823 -17.69 4.31 -1.56
CA TYR B 823 -16.85 4.19 -0.39
C TYR B 823 -15.78 5.24 -0.37
N VAL B 824 -15.11 5.37 -1.51
CA VAL B 824 -14.00 6.28 -1.59
C VAL B 824 -14.41 7.75 -1.65
N CYS B 825 -15.38 8.07 -2.51
CA CYS B 825 -15.68 9.48 -2.74
C CYS B 825 -16.97 10.03 -2.18
N ASN B 826 -17.87 9.19 -1.69
CA ASN B 826 -19.11 9.66 -1.12
C ASN B 826 -19.96 10.57 -1.98
N GLY B 827 -19.96 10.35 -3.28
CA GLY B 827 -20.78 11.15 -4.16
C GLY B 827 -20.19 12.49 -4.57
N PHE B 828 -18.98 12.81 -4.13
CA PHE B 828 -18.40 14.10 -4.48
C PHE B 828 -17.73 14.02 -5.82
N GLN B 829 -18.10 14.93 -6.70
CA GLN B 829 -17.59 14.89 -8.06
C GLN B 829 -16.13 15.20 -8.16
N LYS B 830 -15.62 16.05 -7.27
CA LYS B 830 -14.21 16.37 -7.35
C LYS B 830 -13.41 15.14 -7.03
N CYS B 831 -13.83 14.42 -6.02
CA CYS B 831 -13.14 13.21 -5.67
C CYS B 831 -13.20 12.23 -6.81
N GLU B 832 -14.39 12.05 -7.41
CA GLU B 832 -14.51 11.06 -8.46
C GLU B 832 -13.58 11.40 -9.61
N GLN B 833 -13.45 12.68 -9.89
CA GLN B 833 -12.55 13.15 -10.92
C GLN B 833 -11.11 12.80 -10.65
N LEU B 834 -10.72 12.80 -9.37
CA LEU B 834 -9.36 12.48 -9.04
C LEU B 834 -9.18 10.98 -8.99
N LEU B 835 -10.24 10.26 -8.62
CA LEU B 835 -10.22 8.81 -8.52
C LEU B 835 -9.96 8.19 -9.86
N ARG B 836 -10.44 8.83 -10.91
CA ARG B 836 -10.24 8.31 -12.26
C ARG B 836 -8.79 8.23 -12.67
N GLU B 837 -7.92 8.97 -12.00
CA GLU B 837 -6.53 9.02 -12.40
C GLU B 837 -5.74 7.87 -11.83
N TYR B 838 -6.43 7.03 -11.07
CA TYR B 838 -5.89 5.82 -10.48
C TYR B 838 -6.28 4.60 -11.29
N GLY B 839 -6.88 4.84 -12.46
CA GLY B 839 -7.24 3.75 -13.35
C GLY B 839 -8.53 3.12 -12.94
N GLN B 840 -8.79 1.92 -13.44
CA GLN B 840 -10.07 1.29 -13.17
C GLN B 840 -9.99 0.56 -11.85
N PHE B 841 -9.78 1.32 -10.79
CA PHE B 841 -9.58 0.81 -9.47
C PHE B 841 -10.79 0.07 -8.98
N CYS B 842 -11.93 0.71 -9.14
CA CYS B 842 -13.13 0.12 -8.64
C CYS B 842 -13.57 -1.06 -9.46
N SER B 843 -13.15 -1.14 -10.72
CA SER B 843 -13.55 -2.30 -11.47
C SER B 843 -12.81 -3.48 -10.90
N LYS B 844 -11.56 -3.26 -10.49
CA LYS B 844 -10.77 -4.33 -9.92
C LYS B 844 -11.31 -4.79 -8.59
N ILE B 845 -11.79 -3.85 -7.77
CA ILE B 845 -12.35 -4.21 -6.48
C ILE B 845 -13.59 -5.05 -6.68
N ASN B 846 -14.44 -4.63 -7.61
CA ASN B 846 -15.67 -5.35 -7.82
C ASN B 846 -15.49 -6.69 -8.42
N GLN B 847 -14.55 -6.82 -9.33
CA GLN B 847 -14.34 -8.10 -9.97
C GLN B 847 -13.69 -9.06 -9.04
N ALA B 848 -12.77 -8.58 -8.21
CA ALA B 848 -12.12 -9.47 -7.28
C ALA B 848 -13.10 -10.01 -6.28
N LEU B 849 -14.03 -9.18 -5.82
CA LEU B 849 -14.98 -9.65 -4.85
C LEU B 849 -16.02 -10.48 -5.51
N HIS B 850 -16.37 -10.18 -6.75
CA HIS B 850 -17.39 -10.96 -7.40
C HIS B 850 -16.89 -12.38 -7.51
N GLY B 851 -15.63 -12.54 -7.93
CA GLY B 851 -15.07 -13.87 -8.07
C GLY B 851 -15.00 -14.59 -6.74
N ALA B 852 -14.59 -13.85 -5.69
CA ALA B 852 -14.50 -14.40 -4.36
C ALA B 852 -15.83 -14.83 -3.83
N ASN B 853 -16.89 -14.14 -4.22
CA ASN B 853 -18.22 -14.49 -3.76
C ASN B 853 -18.75 -15.69 -4.52
N LEU B 854 -18.42 -15.79 -5.82
CA LEU B 854 -18.87 -16.93 -6.62
C LEU B 854 -18.25 -18.16 -6.06
N ARG B 855 -17.03 -18.02 -5.57
CA ARG B 855 -16.30 -19.12 -5.01
C ARG B 855 -17.04 -19.78 -3.87
N GLN B 856 -17.79 -19.01 -3.07
CA GLN B 856 -18.49 -19.66 -1.98
C GLN B 856 -19.73 -20.30 -2.53
N ASP B 857 -20.37 -19.70 -3.52
CA ASP B 857 -21.55 -20.37 -3.99
C ASP B 857 -21.14 -21.70 -4.63
N ASP B 858 -19.97 -21.75 -5.27
CA ASP B 858 -19.52 -22.99 -5.87
C ASP B 858 -19.09 -23.97 -4.82
N SER B 859 -18.45 -23.47 -3.76
CA SER B 859 -17.98 -24.31 -2.68
C SER B 859 -19.13 -24.98 -1.98
N VAL B 860 -20.19 -24.21 -1.72
CA VAL B 860 -21.38 -24.69 -1.07
C VAL B 860 -22.11 -25.66 -1.93
N ARG B 861 -22.25 -25.35 -3.21
CA ARG B 861 -22.96 -26.24 -4.09
C ARG B 861 -22.28 -27.60 -4.15
N ASN B 862 -20.94 -27.60 -4.19
CA ASN B 862 -20.17 -28.82 -4.28
C ASN B 862 -20.21 -29.60 -2.99
N LEU B 863 -20.16 -28.88 -1.88
CA LEU B 863 -20.17 -29.54 -0.61
C LEU B 863 -21.49 -30.20 -0.39
N PHE B 864 -22.58 -29.53 -0.69
CA PHE B 864 -23.85 -30.17 -0.44
C PHE B 864 -24.15 -31.24 -1.41
N ALA B 865 -23.67 -31.12 -2.63
CA ALA B 865 -23.90 -32.18 -3.59
C ALA B 865 -23.32 -33.48 -3.06
N SER B 866 -22.22 -33.38 -2.31
CA SER B 866 -21.59 -34.55 -1.74
C SER B 866 -22.19 -35.04 -0.42
N VAL B 867 -22.85 -34.17 0.34
CA VAL B 867 -23.44 -34.65 1.60
C VAL B 867 -24.70 -35.38 1.23
N LYS B 868 -25.34 -34.93 0.13
CA LYS B 868 -26.59 -35.49 -0.33
C LYS B 868 -26.56 -36.98 -0.44
N SER B 869 -27.59 -37.61 0.13
CA SER B 869 -27.76 -39.04 0.11
C SER B 869 -28.48 -39.46 -1.16
N SER B 870 -28.24 -40.68 -1.62
CA SER B 870 -28.98 -41.24 -2.74
C SER B 870 -30.29 -41.83 -2.26
N GLN B 871 -30.15 -42.59 -1.19
CA GLN B 871 -31.18 -43.37 -0.52
C GLN B 871 -31.06 -43.02 0.96
N SER B 872 -32.17 -42.96 1.67
CA SER B 872 -32.15 -42.66 3.10
C SER B 872 -33.41 -43.16 3.78
N SER B 873 -33.34 -43.48 5.07
CA SER B 873 -34.57 -43.82 5.75
C SER B 873 -35.20 -42.54 6.32
N PRO B 874 -36.52 -42.45 6.47
CA PRO B 874 -37.19 -41.35 7.14
C PRO B 874 -36.76 -41.24 8.59
N ILE B 875 -36.70 -40.01 9.11
CA ILE B 875 -36.43 -39.84 10.53
C ILE B 875 -37.79 -39.83 11.18
N ILE B 876 -37.99 -40.66 12.17
CA ILE B 876 -39.25 -40.69 12.87
C ILE B 876 -38.90 -40.46 14.32
N PRO B 877 -39.79 -39.97 15.17
CA PRO B 877 -39.52 -39.90 16.58
C PRO B 877 -39.16 -41.28 17.00
N GLY B 878 -38.13 -41.47 17.81
CA GLY B 878 -37.81 -42.84 18.22
C GLY B 878 -36.66 -43.40 17.39
N PHE B 879 -36.26 -42.63 16.37
CA PHE B 879 -35.14 -42.98 15.53
C PHE B 879 -34.00 -43.18 16.51
N GLY B 880 -33.24 -44.25 16.33
CA GLY B 880 -32.14 -44.58 17.24
C GLY B 880 -32.46 -45.77 18.14
N GLY B 881 -33.73 -46.10 18.31
CA GLY B 881 -34.04 -47.22 19.19
C GLY B 881 -33.61 -46.91 20.62
N ASP B 882 -32.75 -47.76 21.19
CA ASP B 882 -32.27 -47.57 22.54
C ASP B 882 -31.22 -46.47 22.61
N PHE B 883 -30.76 -46.04 21.44
CA PHE B 883 -29.77 -45.01 21.32
C PHE B 883 -30.52 -43.70 21.19
N ASN B 884 -30.39 -42.82 22.07
CA ASN B 884 -31.05 -41.58 22.22
C ASN B 884 -30.61 -40.58 21.20
N LEU B 885 -31.10 -40.40 20.10
CA LEU B 885 -30.71 -39.51 19.06
C LEU B 885 -31.65 -38.32 18.98
N THR B 886 -32.49 -38.08 20.01
CA THR B 886 -33.50 -37.01 19.89
C THR B 886 -32.86 -35.67 19.68
N LEU B 887 -31.64 -35.55 20.19
CA LEU B 887 -30.76 -34.40 20.10
C LEU B 887 -30.55 -34.02 18.63
N LEU B 888 -30.45 -35.05 17.79
CA LEU B 888 -30.18 -34.91 16.37
C LEU B 888 -31.46 -34.90 15.50
N GLU B 889 -32.57 -35.43 16.01
CA GLU B 889 -33.79 -35.49 15.22
C GLU B 889 -34.27 -34.06 14.97
N PRO B 890 -34.83 -33.73 13.80
CA PRO B 890 -35.38 -32.42 13.50
C PRO B 890 -36.50 -32.10 14.46
N VAL B 891 -36.57 -30.85 14.91
CA VAL B 891 -37.64 -30.49 15.81
C VAL B 891 -38.89 -30.15 15.04
N ALA B 900 -36.81 -27.93 9.30
CA ALA B 900 -36.66 -28.02 10.75
C ALA B 900 -35.25 -28.40 11.14
N ARG B 901 -34.64 -27.60 11.99
CA ARG B 901 -33.31 -27.91 12.48
C ARG B 901 -33.43 -28.82 13.69
N SER B 902 -32.36 -29.55 14.00
CA SER B 902 -32.34 -30.42 15.17
C SER B 902 -32.18 -29.62 16.45
N ALA B 903 -32.40 -30.24 17.59
CA ALA B 903 -32.25 -29.53 18.84
C ALA B 903 -30.83 -29.06 19.08
N ILE B 904 -29.84 -29.88 18.74
CA ILE B 904 -28.46 -29.47 19.00
C ILE B 904 -28.10 -28.36 18.05
N GLU B 905 -28.62 -28.43 16.85
CA GLU B 905 -28.34 -27.44 15.83
C GLU B 905 -28.92 -26.10 16.24
N ASP B 906 -30.15 -26.07 16.78
CA ASP B 906 -30.68 -24.80 17.24
C ASP B 906 -29.88 -24.29 18.41
N LEU B 907 -29.43 -25.19 19.29
CA LEU B 907 -28.69 -24.74 20.43
C LEU B 907 -27.38 -24.12 20.00
N LEU B 908 -26.75 -24.75 19.00
CA LEU B 908 -25.47 -24.27 18.50
C LEU B 908 -25.64 -22.88 17.96
N PHE B 909 -26.71 -22.64 17.21
CA PHE B 909 -26.93 -21.30 16.70
C PHE B 909 -27.31 -20.31 17.78
N ASP B 910 -28.14 -20.71 18.75
CA ASP B 910 -28.58 -19.78 19.79
C ASP B 910 -27.47 -19.30 20.68
N LYS B 911 -26.47 -20.16 20.86
CA LYS B 911 -25.35 -19.83 21.74
C LYS B 911 -24.25 -19.03 21.09
N VAL B 912 -24.34 -18.78 19.79
CA VAL B 912 -23.29 -18.03 19.10
C VAL B 912 -23.83 -16.62 18.83
N THR B 913 -23.06 -15.60 19.18
CA THR B 913 -23.59 -14.26 18.96
C THR B 913 -23.30 -13.82 17.54
N ILE B 914 -24.38 -13.68 16.77
CA ILE B 914 -24.33 -13.35 15.36
C ILE B 914 -25.22 -12.15 15.10
N ALA B 915 -24.72 -11.12 14.45
CA ALA B 915 -25.58 -9.98 14.12
C ALA B 915 -26.55 -10.42 13.03
N ASP B 916 -27.77 -9.92 13.05
CA ASP B 916 -28.74 -10.25 12.00
C ASP B 916 -28.55 -9.34 10.79
N PRO B 917 -28.11 -9.85 9.62
CA PRO B 917 -27.85 -9.09 8.42
C PRO B 917 -29.08 -8.46 7.79
N GLY B 918 -30.31 -8.92 8.13
CA GLY B 918 -31.44 -8.23 7.53
C GLY B 918 -31.61 -8.47 6.05
N TYR B 919 -31.44 -9.70 5.61
CA TYR B 919 -31.49 -9.96 4.19
C TYR B 919 -32.77 -9.50 3.51
N MET B 920 -33.93 -9.60 4.16
CA MET B 920 -35.16 -9.21 3.51
C MET B 920 -35.47 -7.72 3.59
N GLN B 921 -35.23 -7.08 4.74
CA GLN B 921 -35.57 -5.66 4.88
C GLN B 921 -34.66 -4.87 5.82
N GLY B 922 -33.37 -5.23 5.93
CA GLY B 922 -32.43 -4.58 6.83
C GLY B 922 -32.29 -3.09 6.61
N TYR B 923 -32.47 -2.68 5.36
CA TYR B 923 -32.39 -1.28 4.99
C TYR B 923 -33.34 -0.48 5.84
N ASP B 924 -34.55 -1.01 6.01
CA ASP B 924 -35.58 -0.37 6.75
C ASP B 924 -35.42 -0.53 8.24
N ASP B 925 -34.91 -1.66 8.67
CA ASP B 925 -34.79 -1.83 10.10
C ASP B 925 -33.85 -0.78 10.65
N CYS B 926 -32.83 -0.48 9.87
CA CYS B 926 -31.80 0.48 10.29
C CYS B 926 -32.26 1.91 10.21
N MET B 927 -33.44 2.15 9.66
CA MET B 927 -33.98 3.49 9.59
C MET B 927 -35.09 3.66 10.64
N GLN B 928 -35.97 2.67 10.77
CA GLN B 928 -37.09 2.80 11.70
C GLN B 928 -36.68 2.50 13.14
N GLN B 929 -35.64 1.68 13.32
CA GLN B 929 -35.15 1.39 14.66
C GLN B 929 -33.78 2.02 14.85
N GLY B 930 -32.98 2.00 13.79
CA GLY B 930 -31.62 2.49 13.88
C GLY B 930 -30.69 1.36 14.37
N PRO B 931 -29.40 1.64 14.56
CA PRO B 931 -28.38 0.69 14.98
C PRO B 931 -28.71 0.07 16.32
N ALA B 932 -28.40 -1.23 16.44
CA ALA B 932 -28.62 -1.97 17.69
C ALA B 932 -27.68 -1.54 18.80
N SER B 933 -26.45 -1.19 18.44
CA SER B 933 -25.45 -0.80 19.42
C SER B 933 -24.33 0.00 18.80
N ALA B 934 -23.32 0.26 19.60
CA ALA B 934 -22.16 0.98 19.08
C ALA B 934 -21.50 0.11 18.03
N ARG B 935 -20.95 0.68 16.98
CA ARG B 935 -20.28 -0.16 16.01
C ARG B 935 -21.15 -1.25 15.41
N ASP B 936 -22.36 -0.89 14.99
CA ASP B 936 -23.27 -1.84 14.37
C ASP B 936 -22.91 -1.95 12.90
N LEU B 937 -22.33 -3.09 12.53
CA LEU B 937 -21.78 -3.31 11.22
C LEU B 937 -22.81 -3.72 10.22
N ILE B 938 -24.03 -3.90 10.69
CA ILE B 938 -25.05 -4.22 9.71
C ILE B 938 -25.60 -2.88 9.25
N CYS B 939 -25.86 -1.98 10.18
CA CYS B 939 -26.40 -0.70 9.72
C CYS B 939 -25.37 0.14 9.02
N ALA B 940 -24.10 -0.14 9.31
CA ALA B 940 -23.01 0.56 8.66
C ALA B 940 -23.02 0.33 7.19
N GLN B 941 -23.65 -0.72 6.72
CA GLN B 941 -23.61 -1.03 5.30
C GLN B 941 -24.17 0.06 4.43
N TYR B 942 -25.23 0.72 4.92
CA TYR B 942 -25.96 1.64 4.06
C TYR B 942 -25.39 3.01 4.14
N VAL B 943 -24.40 3.13 5.01
CA VAL B 943 -23.73 4.37 5.32
C VAL B 943 -22.36 4.37 4.68
N ALA B 944 -21.60 3.30 4.94
CA ALA B 944 -20.25 3.12 4.46
C ALA B 944 -20.16 2.77 2.99
N GLY B 945 -21.17 2.10 2.44
CA GLY B 945 -21.06 1.74 1.04
C GLY B 945 -20.73 0.26 0.78
N TYR B 946 -21.09 -0.62 1.71
CA TYR B 946 -20.80 -2.04 1.51
C TYR B 946 -22.04 -2.84 1.74
N LYS B 947 -22.11 -4.03 1.18
CA LYS B 947 -23.28 -4.85 1.35
C LYS B 947 -22.98 -6.29 1.67
N VAL B 948 -23.69 -6.80 2.65
CA VAL B 948 -23.59 -8.21 2.98
C VAL B 948 -24.59 -8.98 2.14
N LEU B 949 -24.11 -9.97 1.41
CA LEU B 949 -24.97 -10.74 0.53
C LEU B 949 -25.46 -11.99 1.22
N PRO B 950 -26.66 -12.47 0.89
CA PRO B 950 -27.22 -13.69 1.40
C PRO B 950 -26.46 -14.90 0.87
N PRO B 951 -26.48 -16.00 1.62
CA PRO B 951 -25.90 -17.28 1.32
C PRO B 951 -26.68 -17.95 0.23
N LEU B 952 -26.05 -18.91 -0.44
CA LEU B 952 -26.63 -19.68 -1.55
C LEU B 952 -27.84 -20.50 -1.21
N MET B 953 -27.90 -21.06 -0.01
CA MET B 953 -29.02 -21.90 0.39
C MET B 953 -29.69 -21.32 1.64
N ASP B 954 -31.03 -21.41 1.73
CA ASP B 954 -31.69 -20.94 2.94
C ASP B 954 -31.51 -21.99 4.00
N VAL B 955 -31.90 -21.66 5.22
CA VAL B 955 -31.81 -22.56 6.34
C VAL B 955 -32.59 -23.85 6.19
N ASN B 956 -33.78 -23.82 5.65
CA ASN B 956 -34.50 -25.06 5.60
C ASN B 956 -33.86 -26.03 4.62
N MET B 957 -33.26 -25.53 3.55
CA MET B 957 -32.61 -26.43 2.63
C MET B 957 -31.39 -27.04 3.25
N GLU B 958 -30.61 -26.26 4.01
CA GLU B 958 -29.44 -26.86 4.62
C GLU B 958 -29.86 -27.89 5.63
N ALA B 959 -30.95 -27.61 6.36
CA ALA B 959 -31.44 -28.57 7.34
C ALA B 959 -31.86 -29.85 6.64
N ALA B 960 -32.49 -29.71 5.46
CA ALA B 960 -32.93 -30.87 4.71
C ALA B 960 -31.77 -31.75 4.34
N TYR B 961 -30.64 -31.13 4.02
CA TYR B 961 -29.50 -31.95 3.64
C TYR B 961 -28.94 -32.72 4.81
N THR B 962 -28.88 -32.11 5.99
CA THR B 962 -28.28 -32.86 7.08
C THR B 962 -29.28 -33.82 7.69
N SER B 963 -30.56 -33.54 7.49
CA SER B 963 -31.57 -34.44 8.00
C SER B 963 -31.59 -35.70 7.18
N SER B 964 -31.43 -35.56 5.86
CA SER B 964 -31.44 -36.73 5.01
C SER B 964 -30.19 -37.51 5.23
N LEU B 965 -29.11 -36.81 5.64
CA LEU B 965 -27.85 -37.45 5.91
C LEU B 965 -27.98 -38.29 7.16
N LEU B 966 -28.66 -37.76 8.18
CA LEU B 966 -28.83 -38.52 9.43
C LEU B 966 -29.50 -39.84 9.17
N GLY B 967 -30.52 -39.79 8.34
CA GLY B 967 -31.32 -40.98 8.06
C GLY B 967 -30.65 -41.98 7.19
N SER B 968 -29.52 -41.59 6.62
CA SER B 968 -28.81 -42.49 5.76
C SER B 968 -27.70 -43.21 6.49
N ILE B 969 -27.38 -42.83 7.74
CA ILE B 969 -26.17 -43.37 8.33
C ILE B 969 -26.16 -44.87 8.57
N ALA B 970 -27.20 -45.39 9.18
CA ALA B 970 -27.20 -46.80 9.49
C ALA B 970 -27.12 -47.67 8.26
N GLY B 971 -27.77 -47.24 7.18
CA GLY B 971 -27.83 -48.07 6.00
C GLY B 971 -26.82 -47.78 4.94
N VAL B 972 -25.91 -46.86 5.21
CA VAL B 972 -24.95 -46.54 4.17
C VAL B 972 -23.63 -47.19 4.55
N GLY B 973 -23.22 -47.05 5.80
CA GLY B 973 -21.94 -47.62 6.22
C GLY B 973 -22.09 -49.08 6.61
N TRP B 974 -22.66 -49.89 5.71
CA TRP B 974 -22.97 -51.27 6.09
C TRP B 974 -22.20 -52.30 5.29
N THR B 975 -22.23 -52.26 3.96
CA THR B 975 -21.48 -53.27 3.20
C THR B 975 -20.82 -52.75 1.94
N ALA B 976 -20.34 -53.69 1.12
CA ALA B 976 -19.61 -53.35 -0.11
C ALA B 976 -20.43 -52.53 -1.09
N GLY B 977 -19.78 -51.57 -1.74
CA GLY B 977 -20.39 -50.75 -2.78
C GLY B 977 -21.11 -49.56 -2.18
N LEU B 978 -21.37 -48.54 -2.97
CA LEU B 978 -22.10 -47.38 -2.47
C LEU B 978 -23.50 -47.32 -3.05
N SER B 979 -23.90 -48.38 -3.72
CA SER B 979 -25.14 -48.44 -4.48
C SER B 979 -26.40 -48.97 -3.82
N SER B 980 -26.28 -49.66 -2.71
CA SER B 980 -27.49 -50.22 -2.11
C SER B 980 -27.66 -49.66 -0.75
N PHE B 981 -28.88 -49.65 -0.27
CA PHE B 981 -29.13 -49.13 1.06
C PHE B 981 -29.82 -50.12 1.95
N ALA B 982 -29.23 -50.35 3.10
CA ALA B 982 -29.80 -51.29 4.04
C ALA B 982 -30.60 -50.54 5.09
N ALA B 983 -31.91 -50.62 5.03
CA ALA B 983 -32.69 -49.86 6.00
C ALA B 983 -32.79 -50.65 7.28
N ILE B 984 -31.77 -50.50 8.09
CA ILE B 984 -31.64 -51.26 9.31
C ILE B 984 -31.68 -50.29 10.46
N PRO B 985 -32.02 -50.70 11.66
CA PRO B 985 -32.00 -49.91 12.85
C PRO B 985 -30.68 -49.33 13.17
N PHE B 986 -30.65 -48.15 13.74
CA PHE B 986 -29.44 -47.51 14.17
C PHE B 986 -28.69 -48.39 15.13
N ALA B 987 -29.41 -48.97 16.07
CA ALA B 987 -28.78 -49.81 17.05
C ALA B 987 -28.05 -50.98 16.41
N GLN B 988 -28.62 -51.54 15.35
CA GLN B 988 -28.02 -52.68 14.70
C GLN B 988 -26.73 -52.25 14.05
N SER B 989 -26.74 -51.03 13.50
CA SER B 989 -25.57 -50.45 12.88
C SER B 989 -24.46 -50.26 13.88
N ILE B 990 -24.80 -49.79 15.09
CA ILE B 990 -23.80 -49.60 16.13
C ILE B 990 -23.17 -50.91 16.50
N PHE B 991 -23.96 -51.96 16.61
CA PHE B 991 -23.33 -53.19 17.01
C PHE B 991 -22.41 -53.71 15.93
N TYR B 992 -22.75 -53.49 14.66
CA TYR B 992 -21.80 -53.94 13.64
C TYR B 992 -20.53 -53.11 13.69
N ARG B 993 -20.68 -51.81 13.96
CA ARG B 993 -19.54 -50.92 14.09
C ARG B 993 -18.63 -51.25 15.25
N LEU B 994 -19.21 -51.70 16.36
CA LEU B 994 -18.41 -52.12 17.49
C LEU B 994 -17.73 -53.44 17.23
N ASN B 995 -18.43 -54.34 16.55
CA ASN B 995 -17.84 -55.62 16.26
C ASN B 995 -16.66 -55.46 15.34
N GLY B 996 -16.76 -54.48 14.47
CA GLY B 996 -15.75 -54.21 13.49
C GLY B 996 -14.49 -53.61 14.04
N VAL B 997 -14.48 -53.23 15.32
CA VAL B 997 -13.29 -52.64 15.87
C VAL B 997 -12.68 -53.54 16.92
N GLY B 998 -13.19 -54.78 17.04
CA GLY B 998 -12.60 -55.66 18.02
C GLY B 998 -13.41 -56.02 19.23
N ILE B 999 -14.69 -55.69 19.29
CA ILE B 999 -15.45 -56.12 20.45
C ILE B 999 -16.24 -57.33 20.00
N THR B 1000 -16.12 -58.46 20.66
CA THR B 1000 -16.78 -59.65 20.14
C THR B 1000 -18.28 -59.61 20.29
N GLN B 1001 -18.96 -60.48 19.56
CA GLN B 1001 -20.42 -60.53 19.57
C GLN B 1001 -20.95 -61.04 20.87
N GLN B 1002 -20.20 -61.87 21.58
CA GLN B 1002 -20.70 -62.35 22.86
C GLN B 1002 -20.79 -61.19 23.81
N VAL B 1003 -19.82 -60.28 23.72
CA VAL B 1003 -19.76 -59.13 24.59
C VAL B 1003 -20.85 -58.15 24.25
N LEU B 1004 -21.02 -57.90 22.97
CA LEU B 1004 -22.01 -56.95 22.55
C LEU B 1004 -23.39 -57.44 22.91
N SER B 1005 -23.60 -58.75 22.81
CA SER B 1005 -24.90 -59.34 23.12
C SER B 1005 -25.23 -59.25 24.60
N GLU B 1006 -24.24 -59.46 25.45
CA GLU B 1006 -24.48 -59.40 26.89
C GLU B 1006 -24.69 -57.98 27.35
N ASN B 1007 -24.00 -57.04 26.70
CA ASN B 1007 -24.02 -55.65 27.07
C ASN B 1007 -24.83 -54.71 26.21
N GLN B 1008 -25.84 -55.16 25.49
CA GLN B 1008 -26.50 -54.19 24.62
C GLN B 1008 -27.11 -53.01 25.35
N LYS B 1009 -27.62 -53.21 26.57
CA LYS B 1009 -28.22 -52.10 27.27
C LYS B 1009 -27.14 -51.23 27.87
N LEU B 1010 -26.01 -51.82 28.22
CA LEU B 1010 -24.93 -51.06 28.80
C LEU B 1010 -24.31 -50.17 27.74
N ILE B 1011 -24.20 -50.69 26.54
CA ILE B 1011 -23.64 -49.98 25.43
C ILE B 1011 -24.54 -48.83 25.04
N ALA B 1012 -25.85 -49.09 24.95
CA ALA B 1012 -26.76 -48.00 24.63
C ALA B 1012 -26.71 -46.94 25.70
N ASN B 1013 -26.56 -47.33 26.97
CA ASN B 1013 -26.54 -46.33 28.00
C ASN B 1013 -25.29 -45.50 27.93
N LYS B 1014 -24.15 -46.12 27.62
CA LYS B 1014 -22.94 -45.32 27.53
C LYS B 1014 -22.96 -44.39 26.37
N PHE B 1015 -23.54 -44.85 25.26
CA PHE B 1015 -23.65 -44.02 24.09
C PHE B 1015 -24.49 -42.81 24.42
N ASN B 1016 -25.61 -43.07 25.10
CA ASN B 1016 -26.53 -42.02 25.47
C ASN B 1016 -25.91 -41.03 26.43
N GLN B 1017 -25.03 -41.50 27.30
CA GLN B 1017 -24.37 -40.58 28.19
C GLN B 1017 -23.42 -39.69 27.40
N ALA B 1018 -22.73 -40.28 26.42
CA ALA B 1018 -21.79 -39.51 25.62
C ALA B 1018 -22.46 -38.39 24.88
N LEU B 1019 -23.66 -38.64 24.37
CA LEU B 1019 -24.35 -37.59 23.63
C LEU B 1019 -25.11 -36.69 24.56
N GLY B 1020 -25.68 -37.23 25.61
CA GLY B 1020 -26.45 -36.40 26.52
C GLY B 1020 -25.56 -35.37 27.18
N ALA B 1021 -24.31 -35.75 27.44
CA ALA B 1021 -23.29 -34.93 28.07
C ALA B 1021 -22.94 -33.73 27.26
N MET B 1022 -23.24 -33.80 25.98
CA MET B 1022 -22.93 -32.77 25.05
C MET B 1022 -23.99 -31.68 24.99
N GLN B 1023 -25.17 -31.94 25.53
CA GLN B 1023 -26.25 -30.96 25.41
C GLN B 1023 -25.88 -29.66 26.08
N THR B 1024 -25.09 -29.74 27.13
CA THR B 1024 -24.68 -28.59 27.91
C THR B 1024 -23.25 -28.18 27.59
N GLY B 1025 -22.70 -28.75 26.51
CA GLY B 1025 -21.32 -28.51 26.14
C GLY B 1025 -21.01 -27.23 25.36
N PHE B 1026 -21.98 -26.46 24.91
CA PHE B 1026 -21.64 -25.28 24.13
C PHE B 1026 -21.32 -24.11 25.02
N THR B 1027 -20.15 -24.21 25.62
CA THR B 1027 -19.60 -23.33 26.61
C THR B 1027 -18.17 -22.96 26.36
N THR B 1028 -17.56 -22.32 27.35
CA THR B 1028 -16.21 -21.76 27.29
C THR B 1028 -15.10 -22.79 27.18
N THR B 1029 -15.40 -24.00 27.57
CA THR B 1029 -14.40 -25.05 27.56
C THR B 1029 -14.46 -25.91 26.30
N ASN B 1030 -15.39 -25.59 25.40
CA ASN B 1030 -15.58 -26.36 24.17
C ASN B 1030 -14.84 -25.73 23.00
N GLU B 1031 -13.67 -26.25 22.66
CA GLU B 1031 -12.86 -25.64 21.63
C GLU B 1031 -13.58 -25.54 20.30
N ALA B 1032 -14.31 -26.58 19.92
CA ALA B 1032 -15.02 -26.55 18.65
C ALA B 1032 -16.04 -25.44 18.65
N PHE B 1033 -16.67 -25.22 19.80
CA PHE B 1033 -17.64 -24.18 19.90
C PHE B 1033 -16.98 -22.81 19.74
N GLN B 1034 -15.82 -22.57 20.39
CA GLN B 1034 -15.20 -21.28 20.14
C GLN B 1034 -14.83 -21.14 18.68
N LYS B 1035 -14.43 -22.21 18.00
CA LYS B 1035 -14.10 -22.01 16.61
C LYS B 1035 -15.31 -21.52 15.83
N VAL B 1036 -16.51 -21.93 16.25
CA VAL B 1036 -17.69 -21.45 15.55
C VAL B 1036 -17.82 -19.95 15.78
N GLN B 1037 -17.65 -19.53 17.04
CA GLN B 1037 -17.76 -18.11 17.36
C GLN B 1037 -16.67 -17.31 16.68
N ASP B 1038 -15.48 -17.88 16.54
CA ASP B 1038 -14.40 -17.16 15.92
C ASP B 1038 -14.66 -16.99 14.44
N ALA B 1039 -15.26 -17.98 13.78
CA ALA B 1039 -15.56 -17.80 12.38
C ALA B 1039 -16.48 -16.61 12.21
N VAL B 1040 -17.41 -16.48 13.16
CA VAL B 1040 -18.35 -15.38 13.20
C VAL B 1040 -17.63 -14.07 13.46
N ASN B 1041 -16.69 -14.08 14.39
CA ASN B 1041 -15.99 -12.88 14.71
C ASN B 1041 -15.13 -12.44 13.55
N ASN B 1042 -14.62 -13.39 12.76
CA ASN B 1042 -13.79 -13.02 11.64
C ASN B 1042 -14.60 -12.32 10.59
N ASN B 1043 -15.87 -12.71 10.45
CA ASN B 1043 -16.69 -12.02 9.48
C ASN B 1043 -16.92 -10.60 9.95
N ALA B 1044 -17.12 -10.44 11.26
CA ALA B 1044 -17.34 -9.11 11.79
C ALA B 1044 -16.12 -8.25 11.62
N GLN B 1045 -14.95 -8.82 11.81
CA GLN B 1045 -13.75 -8.01 11.70
C GLN B 1045 -13.56 -7.52 10.28
N ALA B 1046 -13.90 -8.37 9.32
CA ALA B 1046 -13.75 -7.98 7.94
C ALA B 1046 -14.59 -6.77 7.63
N LEU B 1047 -15.77 -6.69 8.23
CA LEU B 1047 -16.65 -5.56 7.96
C LEU B 1047 -16.25 -4.35 8.73
N SER B 1048 -15.60 -4.56 9.89
CA SER B 1048 -15.22 -3.43 10.71
C SER B 1048 -14.15 -2.65 10.05
N LYS B 1049 -13.39 -3.25 9.12
CA LYS B 1049 -12.36 -2.46 8.51
C LYS B 1049 -13.01 -1.38 7.67
N LEU B 1050 -14.05 -1.74 6.94
CA LEU B 1050 -14.69 -0.72 6.13
C LEU B 1050 -15.44 0.26 6.98
N ALA B 1051 -16.12 -0.20 8.01
CA ALA B 1051 -16.85 0.76 8.81
C ALA B 1051 -15.96 1.75 9.54
N SER B 1052 -14.81 1.29 10.04
CA SER B 1052 -13.95 2.15 10.84
C SER B 1052 -12.94 2.99 10.13
N GLU B 1053 -12.60 2.66 8.89
CA GLU B 1053 -11.56 3.41 8.23
C GLU B 1053 -12.00 4.69 7.57
N LEU B 1054 -13.30 4.90 7.39
CA LEU B 1054 -13.73 6.12 6.72
C LEU B 1054 -13.60 7.33 7.60
N SER B 1055 -13.39 7.13 8.89
CA SER B 1055 -13.24 8.24 9.82
C SER B 1055 -11.82 8.74 9.89
N ASN B 1056 -10.89 8.04 9.22
CA ASN B 1056 -9.50 8.43 9.28
C ASN B 1056 -9.23 9.56 8.32
N THR B 1057 -8.21 10.36 8.60
CA THR B 1057 -7.94 11.46 7.70
C THR B 1057 -6.71 11.18 6.88
N PHE B 1058 -5.87 10.27 7.34
CA PHE B 1058 -4.68 9.91 6.62
C PHE B 1058 -3.80 11.11 6.34
N GLY B 1059 -3.74 12.02 7.30
CA GLY B 1059 -2.96 13.23 7.22
C GLY B 1059 -3.72 14.46 6.71
N ALA B 1060 -4.94 14.23 6.21
CA ALA B 1060 -5.78 15.30 5.70
C ALA B 1060 -6.37 16.12 6.83
N ILE B 1061 -6.83 17.31 6.50
CA ILE B 1061 -7.46 18.23 7.45
C ILE B 1061 -8.80 17.73 7.96
N SER B 1062 -9.44 16.86 7.20
CA SER B 1062 -10.68 16.27 7.55
C SER B 1062 -10.91 14.95 6.85
N ALA B 1063 -11.71 14.07 7.45
CA ALA B 1063 -12.10 12.81 6.81
C ALA B 1063 -13.24 13.05 5.82
N SER B 1064 -13.79 14.25 5.88
CA SER B 1064 -14.87 14.65 5.03
C SER B 1064 -14.41 15.39 3.80
N ILE B 1065 -14.81 14.87 2.66
CA ILE B 1065 -14.50 15.49 1.40
C ILE B 1065 -15.18 16.82 1.34
N GLY B 1066 -16.42 16.87 1.83
CA GLY B 1066 -17.17 18.11 1.84
C GLY B 1066 -16.46 19.20 2.63
N ASP B 1067 -15.77 18.87 3.73
CA ASP B 1067 -15.04 19.88 4.51
C ASP B 1067 -13.85 20.37 3.74
N ILE B 1068 -13.21 19.49 3.02
CA ILE B 1068 -12.04 19.86 2.26
C ILE B 1068 -12.44 20.83 1.18
N ILE B 1069 -13.52 20.50 0.48
CA ILE B 1069 -13.98 21.37 -0.59
C ILE B 1069 -14.43 22.71 -0.08
N GLN B 1070 -15.17 22.70 1.02
CA GLN B 1070 -15.64 23.93 1.61
C GLN B 1070 -14.53 24.85 2.13
N ARG B 1071 -13.43 24.29 2.62
CA ARG B 1071 -12.35 25.10 3.13
C ARG B 1071 -11.24 25.49 2.16
N LEU B 1072 -10.90 24.62 1.20
CA LEU B 1072 -9.75 24.88 0.33
C LEU B 1072 -10.01 25.07 -1.14
N ASP B 1073 -9.14 25.84 -1.79
CA ASP B 1073 -9.15 25.99 -3.24
C ASP B 1073 -8.44 24.82 -3.91
N PRO B 1074 -8.76 24.50 -5.18
CA PRO B 1074 -8.23 23.40 -5.95
C PRO B 1074 -6.76 23.00 -5.80
N PRO B 1075 -5.75 23.86 -5.87
CA PRO B 1075 -4.39 23.37 -5.75
C PRO B 1075 -4.08 22.69 -4.41
N GLU B 1076 -4.83 23.03 -3.36
CA GLU B 1076 -4.57 22.42 -2.05
C GLU B 1076 -5.67 21.43 -1.75
N GLN B 1077 -6.85 21.73 -2.27
CA GLN B 1077 -8.05 20.93 -2.10
C GLN B 1077 -7.77 19.57 -2.68
N ASP B 1078 -7.07 19.57 -3.82
CA ASP B 1078 -6.70 18.38 -4.55
C ASP B 1078 -5.82 17.50 -3.71
N ALA B 1079 -4.81 18.07 -3.09
CA ALA B 1079 -3.87 17.33 -2.27
C ALA B 1079 -4.55 16.67 -1.09
N GLN B 1080 -5.52 17.36 -0.52
CA GLN B 1080 -6.22 16.84 0.64
C GLN B 1080 -7.18 15.73 0.27
N ILE B 1081 -7.86 15.88 -0.87
CA ILE B 1081 -8.78 14.85 -1.30
C ILE B 1081 -7.97 13.65 -1.65
N ASP B 1082 -6.84 13.88 -2.30
CA ASP B 1082 -5.98 12.81 -2.71
C ASP B 1082 -5.48 12.03 -1.50
N ARG B 1083 -5.18 12.68 -0.37
CA ARG B 1083 -4.80 11.87 0.78
C ARG B 1083 -5.93 10.94 1.18
N LEU B 1084 -7.16 11.43 1.13
CA LEU B 1084 -8.25 10.56 1.52
C LEU B 1084 -8.40 9.44 0.52
N ILE B 1085 -8.18 9.73 -0.76
CA ILE B 1085 -8.30 8.67 -1.75
C ILE B 1085 -7.25 7.63 -1.49
N ASN B 1086 -6.00 8.03 -1.30
CA ASN B 1086 -4.99 7.01 -1.13
C ASN B 1086 -5.30 6.11 0.04
N GLY B 1087 -5.78 6.68 1.13
CA GLY B 1087 -6.08 5.91 2.31
C GLY B 1087 -7.22 4.95 2.11
N ARG B 1088 -8.20 5.37 1.32
CA ARG B 1088 -9.36 4.53 1.10
C ARG B 1088 -9.08 3.48 0.05
N LEU B 1089 -8.21 3.80 -0.90
CA LEU B 1089 -7.89 2.82 -1.92
C LEU B 1089 -7.10 1.72 -1.23
N THR B 1090 -6.23 2.12 -0.30
CA THR B 1090 -5.41 1.20 0.45
C THR B 1090 -6.26 0.30 1.28
N THR B 1091 -7.27 0.87 1.93
CA THR B 1091 -8.18 0.10 2.74
C THR B 1091 -8.93 -0.91 1.90
N LEU B 1092 -9.41 -0.50 0.74
CA LEU B 1092 -10.12 -1.46 -0.08
C LEU B 1092 -9.22 -2.51 -0.63
N ASN B 1093 -7.97 -2.19 -0.94
CA ASN B 1093 -7.11 -3.23 -1.43
C ASN B 1093 -6.85 -4.23 -0.34
N ALA B 1094 -6.68 -3.75 0.90
CA ALA B 1094 -6.44 -4.66 2.01
C ALA B 1094 -7.63 -5.55 2.25
N PHE B 1095 -8.82 -4.98 2.14
CA PHE B 1095 -10.05 -5.72 2.32
C PHE B 1095 -10.17 -6.81 1.33
N VAL B 1096 -9.95 -6.47 0.06
CA VAL B 1096 -10.07 -7.45 -0.97
C VAL B 1096 -9.01 -8.50 -0.78
N ALA B 1097 -7.79 -8.11 -0.48
CA ALA B 1097 -6.78 -9.14 -0.32
C ALA B 1097 -7.21 -10.13 0.74
N GLN B 1098 -7.82 -9.65 1.83
CA GLN B 1098 -8.25 -10.58 2.85
C GLN B 1098 -9.46 -11.37 2.44
N GLN B 1099 -10.37 -10.81 1.65
CA GLN B 1099 -11.49 -11.64 1.28
C GLN B 1099 -11.01 -12.75 0.41
N LEU B 1100 -10.00 -12.49 -0.42
CA LEU B 1100 -9.44 -13.56 -1.24
C LEU B 1100 -8.71 -14.59 -0.37
N VAL B 1101 -7.99 -14.15 0.66
CA VAL B 1101 -7.32 -15.12 1.52
C VAL B 1101 -8.31 -15.95 2.28
N ARG B 1102 -9.33 -15.31 2.81
CA ARG B 1102 -10.33 -15.97 3.61
C ARG B 1102 -11.20 -16.88 2.78
N SER B 1103 -11.50 -16.51 1.53
CA SER B 1103 -12.31 -17.37 0.70
C SER B 1103 -11.51 -18.55 0.20
N GLU B 1104 -10.19 -18.38 0.06
CA GLU B 1104 -9.37 -19.50 -0.37
C GLU B 1104 -9.31 -20.50 0.75
N SER B 1105 -9.14 -19.99 1.98
CA SER B 1105 -9.07 -20.84 3.14
C SER B 1105 -10.35 -21.57 3.37
N ALA B 1106 -11.48 -20.87 3.27
CA ALA B 1106 -12.76 -21.50 3.47
C ALA B 1106 -13.00 -22.56 2.42
N ALA B 1107 -12.56 -22.33 1.17
CA ALA B 1107 -12.75 -23.34 0.15
C ALA B 1107 -11.96 -24.60 0.44
N LEU B 1108 -10.73 -24.45 0.97
CA LEU B 1108 -9.96 -25.65 1.29
C LEU B 1108 -10.62 -26.39 2.40
N SER B 1109 -11.13 -25.62 3.34
CA SER B 1109 -11.78 -26.16 4.50
C SER B 1109 -13.04 -26.88 4.06
N ALA B 1110 -13.77 -26.32 3.12
CA ALA B 1110 -14.95 -26.98 2.60
C ALA B 1110 -14.63 -28.33 2.01
N GLN B 1111 -13.47 -28.48 1.38
CA GLN B 1111 -13.13 -29.78 0.85
C GLN B 1111 -12.80 -30.73 1.99
N LEU B 1112 -12.29 -30.20 3.11
CA LEU B 1112 -12.05 -31.06 4.25
C LEU B 1112 -13.37 -31.54 4.78
N ALA B 1113 -14.36 -30.64 4.84
CA ALA B 1113 -15.68 -31.00 5.31
C ALA B 1113 -16.28 -32.07 4.44
N LYS B 1114 -16.05 -31.96 3.13
CA LYS B 1114 -16.53 -32.94 2.17
C LYS B 1114 -15.94 -34.30 2.48
N ASP B 1115 -14.63 -34.33 2.75
CA ASP B 1115 -14.01 -35.60 3.06
C ASP B 1115 -14.50 -36.17 4.33
N LYS B 1116 -14.74 -35.33 5.34
CA LYS B 1116 -15.26 -35.88 6.57
C LYS B 1116 -16.65 -36.39 6.44
N VAL B 1117 -17.48 -35.75 5.66
CA VAL B 1117 -18.77 -36.35 5.56
C VAL B 1117 -18.63 -37.73 4.94
N ASN B 1118 -17.85 -37.84 3.87
CA ASN B 1118 -17.77 -39.15 3.23
C ASN B 1118 -17.04 -40.21 4.02
N GLU B 1119 -16.00 -39.80 4.76
CA GLU B 1119 -15.16 -40.69 5.55
C GLU B 1119 -15.67 -40.98 6.92
N CYS B 1120 -16.26 -40.09 7.66
CA CYS B 1120 -16.70 -40.07 8.93
C CYS B 1120 -18.17 -40.46 9.25
N VAL B 1121 -18.97 -39.73 8.28
CA VAL B 1121 -20.40 -39.79 8.52
C VAL B 1121 -21.05 -40.88 7.71
N LYS B 1122 -20.68 -40.97 6.45
CA LYS B 1122 -21.25 -41.97 5.57
C LYS B 1122 -20.50 -43.29 5.65
N ALA B 1123 -19.50 -43.34 6.49
CA ALA B 1123 -18.69 -44.53 6.65
C ALA B 1123 -18.09 -44.58 8.03
N GLN B 1124 -17.73 -45.77 8.47
CA GLN B 1124 -16.95 -45.87 9.70
C GLN B 1124 -15.50 -45.72 9.28
N SER B 1125 -14.75 -44.83 9.94
CA SER B 1125 -13.36 -44.64 9.53
C SER B 1125 -12.42 -45.50 10.30
N LYS B 1126 -11.37 -45.96 9.63
CA LYS B 1126 -10.30 -46.73 10.24
C LYS B 1126 -9.02 -45.91 10.36
N ARG B 1127 -9.13 -44.61 10.07
CA ARG B 1127 -7.98 -43.72 10.12
C ARG B 1127 -7.85 -43.05 11.47
N SER B 1128 -6.81 -43.40 12.22
CA SER B 1128 -6.69 -42.84 13.53
C SER B 1128 -6.58 -41.35 13.44
N GLY B 1129 -7.36 -40.65 14.24
CA GLY B 1129 -7.27 -39.21 14.36
C GLY B 1129 -7.89 -38.41 13.24
N PHE B 1130 -8.43 -39.09 12.24
CA PHE B 1130 -9.01 -38.32 11.16
C PHE B 1130 -10.31 -37.74 11.57
N CYS B 1131 -11.11 -38.57 12.19
CA CYS B 1131 -12.40 -38.16 12.64
C CYS B 1131 -12.15 -37.66 14.05
N GLY B 1132 -12.57 -38.40 15.05
CA GLY B 1132 -12.31 -37.95 16.40
C GLY B 1132 -11.17 -38.74 17.01
N GLN B 1133 -11.05 -38.62 18.32
CA GLN B 1133 -10.03 -39.36 19.05
C GLN B 1133 -10.59 -40.71 19.45
N GLY B 1134 -9.71 -41.66 19.71
CA GLY B 1134 -10.19 -42.99 20.11
C GLY B 1134 -10.56 -43.73 18.84
N THR B 1135 -11.27 -44.83 18.96
CA THR B 1135 -11.60 -45.58 17.76
C THR B 1135 -12.93 -45.08 17.21
N HIS B 1136 -12.97 -44.70 15.95
CA HIS B 1136 -14.22 -44.16 15.43
C HIS B 1136 -15.32 -45.17 15.30
N ILE B 1137 -16.51 -44.77 15.74
CA ILE B 1137 -17.69 -45.58 15.62
C ILE B 1137 -18.69 -44.93 14.68
N VAL B 1138 -19.17 -43.74 15.02
CA VAL B 1138 -20.18 -43.10 14.17
C VAL B 1138 -20.07 -41.58 14.24
N SER B 1139 -20.34 -40.87 13.17
CA SER B 1139 -20.35 -39.42 13.27
C SER B 1139 -21.66 -38.85 12.77
N PHE B 1140 -22.00 -37.67 13.28
CA PHE B 1140 -23.19 -36.98 12.88
C PHE B 1140 -22.83 -35.58 12.44
N VAL B 1141 -23.64 -34.98 11.57
CA VAL B 1141 -23.41 -33.61 11.13
C VAL B 1141 -24.63 -32.71 11.23
N VAL B 1142 -24.41 -31.52 11.77
CA VAL B 1142 -25.44 -30.48 11.82
C VAL B 1142 -24.84 -29.24 11.21
N ASN B 1143 -25.65 -28.26 10.84
CA ASN B 1143 -25.08 -27.06 10.28
C ASN B 1143 -24.64 -26.14 11.38
N ALA B 1144 -23.67 -25.31 11.06
CA ALA B 1144 -23.13 -24.31 11.95
C ALA B 1144 -23.16 -22.98 11.21
N PRO B 1145 -23.10 -21.84 11.89
CA PRO B 1145 -23.10 -20.52 11.29
C PRO B 1145 -22.30 -20.30 10.03
N ASN B 1146 -21.07 -20.81 9.95
CA ASN B 1146 -20.32 -20.63 8.71
C ASN B 1146 -19.79 -21.96 8.19
N GLY B 1147 -20.52 -23.04 8.43
CA GLY B 1147 -20.01 -24.34 8.03
C GLY B 1147 -20.74 -25.49 8.67
N LEU B 1148 -20.01 -26.58 8.88
CA LEU B 1148 -20.59 -27.79 9.45
C LEU B 1148 -20.02 -28.08 10.83
N TYR B 1149 -20.85 -28.64 11.68
CA TYR B 1149 -20.38 -29.04 12.99
C TYR B 1149 -20.47 -30.57 13.05
N PHE B 1150 -19.32 -31.19 13.21
CA PHE B 1150 -19.19 -32.64 13.23
C PHE B 1150 -19.26 -33.11 14.64
N MET B 1151 -19.93 -34.23 14.79
CA MET B 1151 -20.15 -34.78 16.10
C MET B 1151 -19.57 -36.19 16.07
N HIS B 1152 -18.32 -36.40 16.46
CA HIS B 1152 -17.72 -37.71 16.21
C HIS B 1152 -17.78 -38.59 17.42
N VAL B 1153 -18.44 -39.73 17.35
CA VAL B 1153 -18.52 -40.57 18.53
C VAL B 1153 -17.48 -41.65 18.42
N GLY B 1154 -16.59 -41.68 19.39
CA GLY B 1154 -15.53 -42.67 19.37
C GLY B 1154 -15.59 -43.56 20.57
N TYR B 1155 -14.86 -44.65 20.48
CA TYR B 1155 -14.72 -45.63 21.52
C TYR B 1155 -13.46 -45.38 22.27
N TYR B 1156 -13.60 -45.17 23.58
CA TYR B 1156 -12.49 -44.86 24.41
C TYR B 1156 -12.26 -45.93 25.44
N PRO B 1157 -11.18 -46.67 25.37
CA PRO B 1157 -10.87 -47.75 26.24
C PRO B 1157 -10.44 -47.21 27.58
N SER B 1158 -10.57 -48.03 28.62
CA SER B 1158 -10.04 -47.69 29.92
C SER B 1158 -9.72 -48.92 30.74
N ASN B 1159 -9.03 -48.70 31.86
CA ASN B 1159 -8.67 -49.76 32.78
C ASN B 1159 -7.95 -50.89 32.10
N HIS B 1160 -6.92 -50.57 31.36
CA HIS B 1160 -6.16 -51.59 30.67
C HIS B 1160 -5.46 -52.50 31.64
N ILE B 1161 -5.37 -53.77 31.27
CA ILE B 1161 -4.63 -54.74 32.05
C ILE B 1161 -3.62 -55.39 31.18
N GLU B 1162 -2.61 -55.99 31.77
CA GLU B 1162 -1.66 -56.73 30.97
C GLU B 1162 -1.88 -58.22 31.08
N VAL B 1163 -1.91 -58.87 29.92
CA VAL B 1163 -2.04 -60.30 29.86
C VAL B 1163 -0.95 -60.84 28.96
N VAL B 1164 -0.72 -62.13 29.01
CA VAL B 1164 0.29 -62.74 28.16
C VAL B 1164 -0.35 -63.38 26.94
N SER B 1165 0.17 -63.03 25.78
CA SER B 1165 -0.36 -63.47 24.51
C SER B 1165 0.61 -64.25 23.65
N ALA B 1166 0.02 -65.08 22.78
CA ALA B 1166 0.76 -65.87 21.82
C ALA B 1166 0.74 -65.21 20.45
N TYR B 1167 1.74 -65.49 19.63
CA TYR B 1167 1.69 -64.97 18.27
C TYR B 1167 0.79 -65.85 17.44
N GLY B 1168 0.63 -67.07 17.90
CA GLY B 1168 -0.15 -68.11 17.27
C GLY B 1168 0.08 -69.39 18.03
N LEU B 1169 -0.74 -70.39 17.69
CA LEU B 1169 -0.70 -71.70 18.32
C LEU B 1169 -0.57 -72.80 17.30
N CYS B 1170 0.27 -73.78 17.54
CA CYS B 1170 0.43 -74.92 16.68
C CYS B 1170 0.15 -76.23 17.38
N ASP B 1171 -0.34 -77.20 16.68
CA ASP B 1171 -0.47 -78.51 17.27
C ASP B 1171 0.91 -79.10 17.48
N ALA B 1172 1.28 -79.38 18.73
CA ALA B 1172 2.62 -79.88 19.00
C ALA B 1172 2.88 -81.21 18.30
N ALA B 1173 1.84 -82.05 18.17
CA ALA B 1173 1.99 -83.34 17.52
C ALA B 1173 1.98 -83.19 16.00
N ASN B 1174 1.31 -82.14 15.55
CA ASN B 1174 1.14 -81.85 14.14
C ASN B 1174 1.55 -80.41 13.87
N PRO B 1175 2.86 -80.12 13.87
CA PRO B 1175 3.50 -78.81 13.90
C PRO B 1175 3.27 -77.92 12.69
N THR B 1176 2.71 -78.47 11.63
CA THR B 1176 2.43 -77.67 10.46
C THR B 1176 1.01 -77.12 10.50
N ASN B 1177 0.22 -77.56 11.50
CA ASN B 1177 -1.16 -77.11 11.62
C ASN B 1177 -1.26 -76.00 12.66
N CYS B 1178 -1.25 -74.75 12.19
CA CYS B 1178 -1.20 -73.61 13.10
C CYS B 1178 -2.30 -72.62 12.86
N ILE B 1179 -2.65 -71.92 13.91
CA ILE B 1179 -3.62 -70.84 13.90
C ILE B 1179 -3.13 -69.54 14.48
N ALA B 1180 -3.77 -68.50 14.02
CA ALA B 1180 -3.54 -67.16 14.49
C ALA B 1180 -4.89 -66.60 14.77
N PRO B 1181 -5.03 -65.67 15.70
CA PRO B 1181 -6.28 -65.04 16.04
C PRO B 1181 -6.70 -64.07 14.96
N VAL B 1182 -8.01 -63.87 14.85
CA VAL B 1182 -8.54 -62.89 13.93
C VAL B 1182 -9.19 -61.75 14.65
N ASN B 1183 -8.64 -60.55 14.48
CA ASN B 1183 -9.10 -59.32 15.13
C ASN B 1183 -9.15 -59.42 16.64
N GLY B 1184 -8.16 -60.09 17.19
CA GLY B 1184 -8.09 -60.34 18.60
C GLY B 1184 -6.82 -61.04 18.94
N TYR B 1185 -6.77 -61.56 20.14
CA TYR B 1185 -5.58 -62.18 20.65
C TYR B 1185 -5.82 -63.51 21.29
N PHE B 1186 -4.80 -64.35 21.26
CA PHE B 1186 -4.79 -65.60 22.00
C PHE B 1186 -4.10 -65.29 23.32
N ILE B 1187 -4.81 -65.50 24.43
CA ILE B 1187 -4.31 -65.16 25.75
C ILE B 1187 -4.28 -66.34 26.70
N LYS B 1188 -3.39 -66.27 27.69
CA LYS B 1188 -3.33 -67.34 28.69
C LYS B 1188 -4.35 -67.09 29.76
N THR B 1189 -5.01 -68.16 30.19
CA THR B 1189 -5.99 -68.09 31.25
C THR B 1189 -6.32 -69.47 31.77
N GLU B 1197 -6.58 -73.54 28.75
CA GLU B 1197 -5.32 -72.82 28.86
C GLU B 1197 -5.34 -71.57 28.00
N TRP B 1198 -5.41 -71.75 26.71
CA TRP B 1198 -5.47 -70.63 25.79
C TRP B 1198 -6.90 -70.27 25.47
N SER B 1199 -7.17 -68.99 25.36
CA SER B 1199 -8.49 -68.55 24.99
C SER B 1199 -8.35 -67.36 24.11
N TYR B 1200 -9.43 -66.92 23.51
CA TYR B 1200 -9.43 -65.78 22.60
C TYR B 1200 -10.08 -64.56 23.19
N THR B 1201 -9.56 -63.38 22.90
CA THR B 1201 -10.27 -62.17 23.31
C THR B 1201 -10.27 -61.21 22.12
N GLY B 1202 -11.31 -60.39 21.97
CA GLY B 1202 -11.34 -59.42 20.88
C GLY B 1202 -10.33 -58.32 21.17
N SER B 1203 -9.82 -57.66 20.14
CA SER B 1203 -8.77 -56.67 20.40
C SER B 1203 -9.13 -55.44 21.19
N SER B 1204 -10.40 -55.08 21.23
CA SER B 1204 -10.74 -53.85 21.93
C SER B 1204 -11.32 -54.05 23.30
N PHE B 1205 -11.50 -55.27 23.71
CA PHE B 1205 -12.14 -55.43 24.99
C PHE B 1205 -11.80 -56.78 25.55
N TYR B 1206 -11.25 -56.80 26.75
CA TYR B 1206 -10.87 -58.06 27.31
C TYR B 1206 -12.06 -58.82 27.77
N ALA B 1207 -12.24 -59.95 27.17
CA ALA B 1207 -13.38 -60.79 27.45
C ALA B 1207 -13.09 -62.15 26.89
N PRO B 1208 -12.39 -63.02 27.61
CA PRO B 1208 -11.95 -64.30 27.11
C PRO B 1208 -13.15 -65.16 26.70
N GLU B 1209 -12.99 -65.88 25.60
CA GLU B 1209 -13.98 -66.79 25.06
C GLU B 1209 -13.19 -67.93 24.43
N PRO B 1210 -13.74 -69.11 24.18
CA PRO B 1210 -13.05 -70.21 23.58
C PRO B 1210 -12.52 -69.89 22.20
N ILE B 1211 -11.40 -70.51 21.86
CA ILE B 1211 -10.84 -70.41 20.54
C ILE B 1211 -11.62 -71.36 19.66
N THR B 1212 -12.16 -70.83 18.59
CA THR B 1212 -13.00 -71.58 17.67
C THR B 1212 -12.61 -71.24 16.27
N SER B 1213 -13.18 -71.91 15.30
CA SER B 1213 -12.91 -71.62 13.91
C SER B 1213 -13.42 -70.26 13.46
N LEU B 1214 -14.28 -69.64 14.27
CA LEU B 1214 -14.83 -68.33 13.93
C LEU B 1214 -13.95 -67.17 14.37
N ASN B 1215 -12.90 -67.44 15.13
CA ASN B 1215 -12.04 -66.37 15.63
C ASN B 1215 -10.58 -66.64 15.33
N THR B 1216 -10.34 -67.61 14.46
CA THR B 1216 -9.01 -68.00 14.04
C THR B 1216 -8.88 -68.12 12.55
N LYS B 1217 -7.65 -68.12 12.10
CA LYS B 1217 -7.34 -68.40 10.71
C LYS B 1217 -6.18 -69.35 10.69
N TYR B 1218 -6.12 -70.22 9.69
CA TYR B 1218 -4.97 -71.09 9.61
C TYR B 1218 -3.84 -70.35 8.99
N VAL B 1219 -2.67 -70.56 9.53
CA VAL B 1219 -1.47 -69.91 9.09
C VAL B 1219 -0.31 -70.86 8.88
N ALA B 1220 0.70 -70.38 8.18
CA ALA B 1220 1.93 -71.14 8.07
C ALA B 1220 2.58 -71.14 9.46
N PRO B 1221 3.30 -72.19 9.85
CA PRO B 1221 3.98 -72.29 11.12
C PRO B 1221 5.10 -71.29 11.24
N GLN B 1222 5.31 -70.80 12.45
CA GLN B 1222 6.37 -69.86 12.76
C GLN B 1222 7.04 -70.23 14.06
N VAL B 1223 8.28 -69.80 14.22
CA VAL B 1223 9.09 -70.06 15.39
C VAL B 1223 8.51 -69.46 16.67
N THR B 1224 7.68 -68.46 16.54
CA THR B 1224 7.07 -67.79 17.68
C THR B 1224 5.72 -68.35 18.09
N TYR B 1225 5.25 -69.35 17.37
CA TYR B 1225 3.97 -69.93 17.71
C TYR B 1225 4.20 -70.93 18.82
N GLN B 1226 3.23 -71.12 19.70
CA GLN B 1226 3.39 -72.04 20.80
C GLN B 1226 3.08 -73.45 20.39
N ASN B 1227 3.80 -74.45 20.91
CA ASN B 1227 3.45 -75.82 20.66
C ASN B 1227 2.52 -76.36 21.70
N ILE B 1228 1.27 -76.58 21.44
CA ILE B 1228 0.34 -77.01 22.47
C ILE B 1228 0.00 -78.49 22.30
N SER B 1229 0.06 -79.21 23.40
CA SER B 1229 -0.14 -80.66 23.43
C SER B 1229 -1.26 -81.23 24.27
N THR B 1230 -2.03 -80.39 24.94
CA THR B 1230 -3.09 -80.89 25.80
C THR B 1230 -4.47 -80.38 25.39
N ASN B 1231 -4.83 -79.24 25.91
CA ASN B 1231 -6.17 -78.73 25.59
C ASN B 1231 -6.15 -77.98 24.29
N LEU B 1232 -6.12 -78.75 23.22
CA LEU B 1232 -6.02 -78.25 21.87
C LEU B 1232 -7.38 -77.69 21.54
N PRO B 1233 -7.50 -76.49 20.95
CA PRO B 1233 -8.76 -75.93 20.54
C PRO B 1233 -9.24 -76.70 19.32
N PRO B 1234 -10.54 -76.74 19.04
CA PRO B 1234 -11.16 -77.38 17.91
C PRO B 1234 -10.56 -77.14 16.52
N PRO B 1235 -10.02 -75.97 16.11
CA PRO B 1235 -9.37 -75.84 14.82
C PRO B 1235 -8.09 -76.68 14.69
N LEU B 1236 -7.45 -77.05 15.81
CA LEU B 1236 -6.25 -77.90 15.78
C LEU B 1236 -6.57 -79.37 16.07
N LEU B 1237 -7.78 -79.69 16.52
CA LEU B 1237 -8.10 -81.09 16.79
C LEU B 1237 -8.45 -81.81 15.52
N GLY B 1238 -7.42 -82.08 14.72
CA GLY B 1238 -7.57 -82.70 13.41
C GLY B 1238 -6.77 -83.96 13.32
N THR C 32 45.25 38.32 -5.49
CA THR C 32 46.02 37.33 -6.22
C THR C 32 47.28 36.90 -5.50
N VAL C 33 47.80 35.77 -5.94
CA VAL C 33 48.95 35.12 -5.37
C VAL C 33 50.23 35.24 -6.16
N ASP C 34 51.25 35.64 -5.47
CA ASP C 34 52.58 35.74 -6.02
C ASP C 34 53.13 34.33 -6.13
N VAL C 35 53.48 33.92 -7.35
CA VAL C 35 53.95 32.57 -7.64
C VAL C 35 55.38 32.58 -8.13
N GLY C 36 56.09 33.64 -7.74
CA GLY C 36 57.49 33.79 -8.08
C GLY C 36 57.59 34.58 -9.36
N PRO C 37 58.79 34.88 -9.82
CA PRO C 37 59.11 35.67 -10.98
C PRO C 37 58.81 34.95 -12.28
N ASP C 38 58.66 35.76 -13.34
CA ASP C 38 58.52 35.26 -14.69
C ASP C 38 59.84 34.70 -15.18
N SER C 39 59.79 33.78 -16.12
CA SER C 39 61.01 33.32 -16.75
C SER C 39 61.62 34.47 -17.54
N VAL C 40 62.93 34.49 -17.55
CA VAL C 40 63.66 35.52 -18.26
C VAL C 40 64.32 35.00 -19.53
N LYS C 41 64.00 33.79 -19.92
CA LYS C 41 64.61 33.27 -21.12
C LYS C 41 63.88 33.78 -22.36
N SER C 42 64.65 34.04 -23.41
CA SER C 42 64.16 34.53 -24.69
C SER C 42 63.62 33.44 -25.61
N ALA C 43 63.84 32.21 -25.18
CA ALA C 43 63.42 31.06 -25.93
C ALA C 43 63.13 29.90 -25.03
N CYS C 44 62.28 29.03 -25.55
CA CYS C 44 61.91 27.78 -24.94
C CYS C 44 62.77 26.65 -25.49
N ILE C 45 62.87 25.55 -24.79
CA ILE C 45 63.58 24.43 -25.35
C ILE C 45 62.69 23.77 -26.39
N GLU C 46 63.30 23.50 -27.54
CA GLU C 46 62.65 22.88 -28.68
C GLU C 46 62.05 21.55 -28.29
N VAL C 47 60.84 21.30 -28.75
CA VAL C 47 60.17 20.05 -28.43
C VAL C 47 59.93 19.21 -29.67
N ASP C 48 60.42 17.98 -29.61
CA ASP C 48 60.27 17.00 -30.67
C ASP C 48 59.09 16.08 -30.43
N ILE C 49 58.03 16.20 -31.22
CA ILE C 49 56.88 15.36 -30.97
C ILE C 49 56.93 14.17 -31.93
N GLN C 50 57.09 12.96 -31.41
CA GLN C 50 57.11 11.78 -32.28
C GLN C 50 56.22 10.71 -31.70
N GLN C 51 54.93 10.79 -31.98
CA GLN C 51 53.94 9.94 -31.34
C GLN C 51 54.15 8.48 -31.58
N THR C 52 54.75 8.12 -32.70
CA THR C 52 54.99 6.71 -32.99
C THR C 52 55.66 6.01 -31.83
N PHE C 53 56.62 6.68 -31.20
CA PHE C 53 57.40 6.08 -30.14
C PHE C 53 56.62 5.86 -28.88
N PHE C 54 55.49 6.53 -28.75
CA PHE C 54 54.67 6.46 -27.58
C PHE C 54 53.42 5.61 -27.83
N ASP C 55 53.30 5.03 -29.03
CA ASP C 55 52.14 4.22 -29.35
C ASP C 55 52.36 2.79 -28.90
N LYS C 56 52.28 2.60 -27.59
CA LYS C 56 52.56 1.32 -26.97
C LYS C 56 51.31 0.66 -26.48
N THR C 57 51.33 -0.65 -26.43
CA THR C 57 50.20 -1.42 -25.92
C THR C 57 50.58 -2.17 -24.67
N TRP C 58 50.24 -1.59 -23.54
CA TRP C 58 50.56 -2.06 -22.22
C TRP C 58 49.30 -2.00 -21.38
N PRO C 59 48.25 -2.75 -21.71
CA PRO C 59 46.93 -2.61 -21.14
C PRO C 59 46.84 -2.96 -19.67
N ARG C 60 46.18 -2.11 -18.93
CA ARG C 60 45.93 -2.31 -17.53
C ARG C 60 44.55 -1.80 -17.21
N PRO C 61 43.50 -2.51 -17.58
CA PRO C 61 42.13 -2.11 -17.42
C PRO C 61 41.74 -2.17 -15.99
N ILE C 62 40.68 -1.48 -15.64
CA ILE C 62 40.20 -1.55 -14.28
C ILE C 62 39.71 -2.92 -13.94
N ASP C 63 40.25 -3.45 -12.85
CA ASP C 63 39.81 -4.72 -12.32
C ASP C 63 39.05 -4.40 -11.05
N VAL C 64 37.74 -4.41 -11.13
CA VAL C 64 36.94 -3.97 -10.00
C VAL C 64 37.03 -5.02 -8.89
N SER C 65 37.27 -6.27 -9.24
CA SER C 65 37.37 -7.36 -8.27
C SER C 65 38.58 -7.24 -7.39
N LYS C 66 39.51 -6.36 -7.78
CA LYS C 66 40.74 -6.09 -7.05
C LYS C 66 40.64 -4.67 -6.44
N ALA C 67 39.43 -4.08 -6.59
CA ALA C 67 39.04 -2.73 -6.20
C ALA C 67 39.86 -1.61 -6.85
N ASP C 68 40.24 -1.79 -8.11
CA ASP C 68 40.98 -0.73 -8.79
C ASP C 68 40.14 0.50 -8.99
N GLY C 69 40.73 1.66 -8.75
CA GLY C 69 40.09 2.92 -9.06
C GLY C 69 39.04 3.39 -8.09
N ILE C 70 38.88 2.71 -6.97
CA ILE C 70 37.85 3.12 -6.05
C ILE C 70 38.19 4.19 -5.03
N ILE C 71 37.32 5.19 -5.04
CA ILE C 71 37.30 6.27 -4.12
C ILE C 71 36.41 5.80 -2.99
N TYR C 72 36.92 5.87 -1.78
CA TYR C 72 36.22 5.36 -0.61
C TYR C 72 34.97 6.22 -0.35
N PRO C 73 33.82 5.68 0.12
CA PRO C 73 32.65 6.49 0.42
C PRO C 73 33.14 7.59 1.33
N GLN C 74 32.80 8.83 1.03
CA GLN C 74 33.46 9.92 1.71
C GLN C 74 33.13 10.32 3.12
N GLY C 75 31.90 10.22 3.55
CA GLY C 75 31.62 10.73 4.88
C GLY C 75 31.60 9.69 5.98
N ARG C 76 31.99 8.47 5.66
CA ARG C 76 31.87 7.39 6.61
C ARG C 76 32.69 6.20 6.29
N THR C 77 32.76 5.28 7.24
CA THR C 77 33.37 4.00 7.00
C THR C 77 32.46 2.88 7.43
N TYR C 78 32.81 1.70 7.00
CA TYR C 78 32.07 0.48 7.29
C TYR C 78 33.05 -0.60 7.68
N SER C 79 32.60 -1.62 8.40
CA SER C 79 33.48 -2.70 8.78
C SER C 79 32.93 -4.09 8.64
N ASN C 80 33.65 -4.89 7.86
CA ASN C 80 33.30 -6.29 7.68
C ASN C 80 31.89 -6.47 7.04
N ILE C 81 31.49 -5.65 6.10
CA ILE C 81 30.16 -5.84 5.49
C ILE C 81 30.26 -5.80 3.98
N THR C 82 29.25 -6.33 3.31
CA THR C 82 29.13 -6.14 1.88
C THR C 82 27.86 -5.38 1.57
N ILE C 83 28.00 -4.20 0.97
CA ILE C 83 26.82 -3.40 0.61
C ILE C 83 26.92 -2.81 -0.79
N THR C 84 25.80 -2.44 -1.38
CA THR C 84 25.92 -1.67 -2.59
C THR C 84 26.07 -0.21 -2.24
N TYR C 85 26.69 0.52 -3.14
CA TYR C 85 26.93 1.93 -2.96
C TYR C 85 26.92 2.68 -4.27
N GLN C 86 26.27 3.82 -4.27
CA GLN C 86 26.18 4.69 -5.43
C GLN C 86 27.24 5.78 -5.39
N GLY C 87 28.04 5.91 -6.45
CA GLY C 87 29.07 6.94 -6.44
C GLY C 87 29.85 6.99 -7.73
N LEU C 88 30.89 7.80 -7.78
CA LEU C 88 31.65 7.92 -9.01
C LEU C 88 32.75 6.90 -9.06
N PHE C 89 32.62 6.01 -10.02
CA PHE C 89 33.51 4.88 -10.20
C PHE C 89 33.88 4.72 -11.66
N PRO C 90 35.03 4.13 -11.98
CA PRO C 90 35.43 3.76 -13.31
C PRO C 90 34.64 2.47 -13.70
N TYR C 91 34.49 2.18 -14.96
CA TYR C 91 33.83 0.99 -15.40
C TYR C 91 34.74 -0.22 -15.36
N GLN C 92 34.16 -1.35 -14.99
CA GLN C 92 34.93 -2.60 -15.07
C GLN C 92 35.38 -2.82 -16.48
N GLY C 93 36.67 -3.12 -16.64
CA GLY C 93 37.20 -3.41 -17.95
C GLY C 93 37.68 -2.20 -18.73
N ASP C 94 37.53 -1.01 -18.16
CA ASP C 94 37.95 0.18 -18.87
C ASP C 94 39.43 0.24 -18.99
N HIS C 95 39.94 0.30 -20.21
CA HIS C 95 41.38 0.38 -20.46
C HIS C 95 41.95 1.73 -20.14
N GLY C 96 41.12 2.75 -20.26
CA GLY C 96 41.56 4.10 -19.99
C GLY C 96 42.46 4.58 -21.08
N ASP C 97 43.09 5.70 -20.80
CA ASP C 97 44.02 6.32 -21.72
C ASP C 97 45.40 6.24 -21.16
N MET C 98 46.30 5.58 -21.87
CA MET C 98 47.65 5.46 -21.35
C MET C 98 48.52 6.60 -21.80
N TYR C 99 49.30 7.12 -20.87
CA TYR C 99 50.24 8.17 -21.18
C TYR C 99 51.62 7.79 -20.66
N VAL C 100 52.66 8.04 -21.43
CA VAL C 100 53.99 7.74 -20.92
C VAL C 100 54.93 8.89 -21.17
N TYR C 101 55.70 9.23 -20.16
CA TYR C 101 56.70 10.27 -20.24
C TYR C 101 58.03 9.65 -20.60
N SER C 102 58.90 10.39 -21.27
CA SER C 102 60.20 9.87 -21.68
C SER C 102 61.37 10.77 -21.41
N ALA C 103 62.54 10.24 -21.76
CA ALA C 103 63.78 10.97 -21.74
C ALA C 103 63.84 11.84 -22.98
N GLY C 104 64.51 12.95 -22.88
CA GLY C 104 64.71 13.81 -24.02
C GLY C 104 65.88 13.33 -24.83
N HIS C 105 66.22 14.09 -25.87
CA HIS C 105 67.32 13.79 -26.75
C HIS C 105 68.58 14.19 -26.07
N ALA C 106 69.68 13.52 -26.37
CA ALA C 106 70.97 13.84 -25.79
C ALA C 106 72.09 13.50 -26.74
N THR C 107 73.27 13.94 -26.37
CA THR C 107 74.47 13.52 -27.07
C THR C 107 75.49 13.37 -25.97
N GLY C 108 75.69 12.15 -25.51
CA GLY C 108 76.59 11.96 -24.39
C GLY C 108 76.07 12.68 -23.15
N THR C 109 76.89 13.57 -22.61
CA THR C 109 76.60 14.30 -21.40
C THR C 109 75.88 15.63 -21.53
N THR C 110 75.51 16.00 -22.74
CA THR C 110 74.81 17.27 -22.95
C THR C 110 73.40 17.06 -23.51
N PRO C 111 72.35 17.07 -22.67
CA PRO C 111 70.96 16.91 -23.02
C PRO C 111 70.61 17.92 -24.05
N GLN C 112 69.73 17.61 -24.96
CA GLN C 112 69.36 18.54 -26.00
C GLN C 112 67.89 18.90 -26.02
N LYS C 113 67.21 18.38 -27.03
CA LYS C 113 65.81 18.63 -27.36
C LYS C 113 64.87 17.79 -26.49
N LEU C 114 63.67 18.30 -26.22
CA LEU C 114 62.77 17.48 -25.41
C LEU C 114 62.07 16.50 -26.32
N PHE C 115 61.74 15.32 -25.80
CA PHE C 115 61.05 14.31 -26.60
C PHE C 115 59.72 13.94 -25.99
N VAL C 116 58.65 14.25 -26.71
CA VAL C 116 57.31 14.05 -26.20
C VAL C 116 56.35 13.37 -27.17
N ALA C 117 55.25 12.96 -26.58
CA ALA C 117 54.07 12.45 -27.26
C ALA C 117 53.18 13.62 -27.65
N ASN C 118 52.19 13.40 -28.49
CA ASN C 118 51.25 14.50 -28.88
C ASN C 118 50.22 14.70 -27.79
N TYR C 119 50.58 14.93 -26.57
CA TYR C 119 49.61 15.00 -25.48
C TYR C 119 49.00 16.34 -25.28
N SER C 120 49.71 17.40 -25.56
CA SER C 120 49.17 18.72 -25.21
C SER C 120 48.01 19.10 -26.07
N GLN C 121 47.94 18.49 -27.24
CA GLN C 121 46.92 18.78 -28.22
C GLN C 121 45.74 17.83 -28.10
N ASP C 122 45.90 16.79 -27.29
CA ASP C 122 44.89 15.78 -27.10
C ASP C 122 43.99 16.19 -25.93
N VAL C 123 43.02 17.04 -26.17
CA VAL C 123 42.20 17.56 -25.09
C VAL C 123 40.97 16.71 -24.92
N LYS C 124 40.73 16.29 -23.69
CA LYS C 124 39.62 15.43 -23.38
C LYS C 124 38.52 16.12 -22.64
N GLN C 125 37.32 15.57 -22.75
CA GLN C 125 36.22 16.11 -21.99
C GLN C 125 36.36 15.58 -20.56
N PHE C 126 36.26 16.46 -19.58
CA PHE C 126 36.39 16.15 -18.15
C PHE C 126 35.24 15.35 -17.61
N ALA C 127 34.02 15.73 -17.97
CA ALA C 127 32.83 15.07 -17.49
C ALA C 127 32.78 15.04 -15.98
N ASN C 128 32.82 13.84 -15.37
CA ASN C 128 32.69 13.74 -13.93
C ASN C 128 34.03 13.61 -13.25
N GLY C 129 35.12 13.71 -14.00
CA GLY C 129 36.41 13.53 -13.41
C GLY C 129 37.01 12.20 -13.74
N PHE C 130 38.15 11.94 -13.13
CA PHE C 130 38.93 10.75 -13.46
C PHE C 130 39.81 10.27 -12.35
N VAL C 131 40.25 9.03 -12.50
CA VAL C 131 41.23 8.44 -11.61
C VAL C 131 42.43 8.01 -12.41
N VAL C 132 43.58 8.01 -11.77
CA VAL C 132 44.79 7.69 -12.46
C VAL C 132 45.59 6.61 -11.77
N ARG C 133 46.00 5.61 -12.53
CA ARG C 133 46.83 4.52 -12.02
C ARG C 133 48.27 4.98 -12.21
N ILE C 134 49.03 5.18 -11.14
CA ILE C 134 50.40 5.73 -11.25
C ILE C 134 51.50 4.79 -10.79
N GLY C 135 52.46 4.48 -11.66
CA GLY C 135 53.58 3.62 -11.27
C GLY C 135 53.32 2.13 -11.29
N ALA C 136 52.33 1.67 -12.02
CA ALA C 136 51.99 0.25 -12.04
C ALA C 136 53.12 -0.64 -12.50
N ALA C 137 53.93 -0.15 -13.42
CA ALA C 137 55.02 -0.92 -13.96
C ALA C 137 56.31 -0.75 -13.19
N ALA C 138 56.31 0.01 -12.12
CA ALA C 138 57.56 0.24 -11.43
C ALA C 138 58.13 -1.09 -11.00
N ASN C 139 59.48 -1.14 -11.05
CA ASN C 139 60.37 -2.25 -10.74
C ASN C 139 60.45 -3.28 -11.85
N SER C 140 59.68 -3.13 -12.90
CA SER C 140 59.75 -4.05 -14.02
C SER C 140 60.80 -3.55 -14.96
N THR C 141 61.37 -4.41 -15.78
CA THR C 141 62.27 -3.88 -16.79
C THR C 141 61.42 -3.33 -17.92
N GLY C 142 61.71 -2.12 -18.34
CA GLY C 142 60.97 -1.50 -19.41
C GLY C 142 61.85 -0.95 -20.46
N THR C 143 61.28 -0.06 -21.25
CA THR C 143 61.96 0.53 -22.36
C THR C 143 62.15 2.00 -22.16
N VAL C 144 63.25 2.47 -22.71
CA VAL C 144 63.44 3.89 -22.76
C VAL C 144 62.72 4.27 -24.06
N ILE C 145 61.73 5.13 -23.99
CA ILE C 145 60.90 5.37 -25.16
C ILE C 145 61.67 5.93 -26.34
N ILE C 146 62.54 6.85 -26.05
CA ILE C 146 63.37 7.51 -27.06
C ILE C 146 64.34 6.58 -27.75
N SER C 147 64.70 5.49 -27.08
CA SER C 147 65.62 4.51 -27.61
C SER C 147 65.06 3.11 -27.35
N PRO C 148 64.23 2.56 -28.24
CA PRO C 148 63.52 1.30 -28.10
C PRO C 148 64.40 0.09 -27.81
N SER C 149 65.66 0.13 -28.23
CA SER C 149 66.57 -0.98 -27.99
C SER C 149 67.21 -0.93 -26.60
N THR C 150 67.02 0.18 -25.91
CA THR C 150 67.60 0.37 -24.59
C THR C 150 66.57 0.04 -23.53
N SER C 151 66.98 -0.82 -22.60
CA SER C 151 66.11 -1.20 -21.50
C SER C 151 66.60 -0.58 -20.23
N ALA C 152 65.68 -0.40 -19.31
CA ALA C 152 66.00 0.15 -18.00
C ALA C 152 64.95 -0.24 -17.00
N THR C 153 65.28 -0.22 -15.72
CA THR C 153 64.25 -0.46 -14.70
C THR C 153 63.25 0.68 -14.73
N ILE C 154 61.97 0.35 -14.68
CA ILE C 154 60.90 1.32 -14.69
C ILE C 154 60.72 2.00 -13.35
N ARG C 155 60.66 3.33 -13.39
CA ARG C 155 60.45 4.12 -12.19
C ARG C 155 59.16 4.90 -12.22
N LYS C 156 58.54 5.05 -11.07
CA LYS C 156 57.32 5.83 -11.01
C LYS C 156 57.53 7.29 -11.31
N ILE C 157 56.63 7.83 -12.10
CA ILE C 157 56.63 9.22 -12.42
C ILE C 157 55.21 9.75 -12.24
N TYR C 158 55.02 10.98 -11.83
CA TYR C 158 53.71 11.51 -11.60
C TYR C 158 53.23 12.28 -12.78
N PRO C 159 51.96 12.18 -13.11
CA PRO C 159 51.31 12.83 -14.19
C PRO C 159 51.16 14.30 -13.96
N ALA C 160 51.17 15.08 -15.02
CA ALA C 160 50.91 16.51 -14.92
C ALA C 160 49.63 16.79 -15.69
N PHE C 161 48.78 17.64 -15.15
CA PHE C 161 47.52 17.93 -15.82
C PHE C 161 47.23 19.39 -15.99
N MET C 162 46.55 19.73 -17.05
CA MET C 162 46.06 21.07 -17.28
C MET C 162 44.56 20.96 -17.44
N LEU C 163 43.78 21.68 -16.63
CA LEU C 163 42.33 21.57 -16.66
C LEU C 163 41.61 22.92 -16.77
N GLY C 164 40.48 22.97 -17.46
CA GLY C 164 39.81 24.25 -17.48
C GLY C 164 38.45 24.24 -18.13
N SER C 165 37.90 25.45 -18.26
CA SER C 165 36.57 25.72 -18.77
C SER C 165 36.47 25.88 -20.25
N SER C 166 37.55 26.30 -20.88
CA SER C 166 37.52 26.61 -22.30
C SER C 166 38.84 26.38 -22.95
N VAL C 167 38.78 25.81 -24.15
CA VAL C 167 39.94 25.49 -24.94
C VAL C 167 39.88 26.01 -26.35
N GLY C 168 41.03 26.07 -26.98
CA GLY C 168 41.14 26.48 -28.36
C GLY C 168 42.55 26.33 -28.80
N ASN C 169 42.91 27.03 -29.85
CA ASN C 169 44.22 26.91 -30.41
C ASN C 169 45.18 28.01 -30.03
N PHE C 170 46.43 27.79 -30.35
CA PHE C 170 47.54 28.69 -30.17
C PHE C 170 47.73 29.49 -31.46
N SER C 171 48.74 30.35 -31.49
CA SER C 171 48.97 31.27 -32.58
C SER C 171 49.12 30.61 -33.91
N ASP C 172 49.74 29.43 -33.96
CA ASP C 172 49.94 28.78 -35.24
C ASP C 172 48.82 27.78 -35.61
N GLY C 173 47.75 27.74 -34.84
CA GLY C 173 46.66 26.83 -35.12
C GLY C 173 46.69 25.50 -34.36
N LYS C 174 47.76 25.23 -33.59
CA LYS C 174 47.76 23.96 -32.87
C LYS C 174 46.84 24.05 -31.68
N MET C 175 46.17 22.95 -31.34
CA MET C 175 45.27 23.00 -30.20
C MET C 175 45.94 22.71 -28.89
N GLY C 176 45.21 23.03 -27.82
CA GLY C 176 45.71 22.76 -26.49
C GLY C 176 45.83 24.01 -25.66
N ARG C 177 45.36 25.13 -26.19
CA ARG C 177 45.41 26.34 -25.42
C ARG C 177 44.20 26.40 -24.51
N PHE C 178 44.41 26.76 -23.26
CA PHE C 178 43.34 26.94 -22.30
C PHE C 178 43.15 28.42 -22.06
N PHE C 179 41.91 28.83 -21.89
CA PHE C 179 41.62 30.25 -21.70
C PHE C 179 41.17 30.55 -20.31
N ASN C 180 41.41 31.79 -19.92
CA ASN C 180 40.96 32.26 -18.57
C ASN C 180 41.78 31.43 -17.56
N HIS C 181 41.06 31.19 -16.40
CA HIS C 181 41.81 30.46 -15.40
C HIS C 181 41.84 29.00 -15.67
N THR C 182 43.04 28.48 -15.58
CA THR C 182 43.33 27.10 -15.82
C THR C 182 43.94 26.49 -14.59
N LEU C 183 43.48 25.30 -14.25
CA LEU C 183 44.01 24.58 -13.12
C LEU C 183 45.15 23.71 -13.58
N VAL C 184 46.28 23.87 -12.96
CA VAL C 184 47.42 23.09 -13.32
C VAL C 184 47.86 22.27 -12.14
N LEU C 185 47.96 20.98 -12.37
CA LEU C 185 48.45 20.05 -11.36
C LEU C 185 49.82 19.63 -11.85
N LEU C 186 50.86 20.15 -11.23
CA LEU C 186 52.20 19.92 -11.74
C LEU C 186 53.13 19.36 -10.68
N PRO C 187 53.48 18.08 -10.73
CA PRO C 187 54.35 17.48 -9.77
C PRO C 187 55.70 18.11 -9.98
N ASP C 188 56.46 18.22 -8.91
CA ASP C 188 57.77 18.84 -8.98
C ASP C 188 58.72 18.23 -7.96
N GLY C 189 59.94 18.73 -7.93
CA GLY C 189 60.91 18.26 -6.94
C GLY C 189 61.32 16.85 -7.22
N CYS C 190 61.34 16.47 -8.49
CA CYS C 190 61.69 15.12 -8.90
C CYS C 190 60.71 14.10 -8.27
N GLY C 191 59.43 14.47 -8.20
CA GLY C 191 58.42 13.58 -7.64
C GLY C 191 58.21 13.71 -6.11
N THR C 192 58.62 14.83 -5.51
CA THR C 192 58.41 14.96 -4.07
C THR C 192 57.27 15.89 -3.69
N LEU C 193 56.79 16.69 -4.63
CA LEU C 193 55.66 17.54 -4.28
C LEU C 193 54.66 17.62 -5.41
N LEU C 194 53.41 17.80 -5.06
CA LEU C 194 52.40 18.12 -6.05
C LEU C 194 52.05 19.58 -5.96
N ARG C 195 52.23 20.35 -7.03
CA ARG C 195 51.88 21.75 -6.98
C ARG C 195 50.61 22.04 -7.76
N ALA C 196 49.61 22.53 -7.06
CA ALA C 196 48.31 22.83 -7.67
C ALA C 196 48.09 24.31 -7.74
N PHE C 197 47.81 24.84 -8.92
CA PHE C 197 47.56 26.28 -9.01
C PHE C 197 46.51 26.60 -10.00
N TYR C 198 45.84 27.71 -9.77
CA TYR C 198 44.77 28.13 -10.68
C TYR C 198 45.13 29.49 -11.14
N CYS C 199 45.34 29.59 -12.44
CA CYS C 199 45.95 30.88 -12.91
C CYS C 199 45.63 31.03 -14.41
N ILE C 200 45.92 32.25 -14.90
CA ILE C 200 45.77 32.47 -16.33
C ILE C 200 47.10 32.21 -16.98
N LEU C 201 47.08 31.42 -18.03
CA LEU C 201 48.32 31.09 -18.71
C LEU C 201 48.46 31.94 -19.94
N GLU C 202 49.45 32.80 -19.93
CA GLU C 202 49.71 33.73 -21.02
C GLU C 202 50.84 33.23 -21.87
N PRO C 203 50.62 32.73 -23.08
CA PRO C 203 51.66 32.17 -23.87
C PRO C 203 52.79 33.15 -24.10
N ARG C 204 54.01 32.67 -23.95
CA ARG C 204 55.17 33.50 -24.21
C ARG C 204 55.46 33.48 -25.67
N SER C 205 56.04 34.56 -26.16
CA SER C 205 56.32 34.78 -27.57
C SER C 205 57.70 34.43 -28.08
N GLY C 206 58.52 33.87 -27.23
CA GLY C 206 59.89 33.59 -27.64
C GLY C 206 59.99 32.36 -28.54
N ASN C 207 61.21 32.01 -28.87
CA ASN C 207 61.41 30.93 -29.84
C ASN C 207 60.93 29.61 -29.27
N HIS C 208 60.09 28.89 -30.03
CA HIS C 208 59.51 27.60 -29.65
C HIS C 208 58.49 27.70 -28.53
N CYS C 209 58.05 28.90 -28.24
CA CYS C 209 57.05 29.08 -27.19
C CYS C 209 55.71 29.19 -27.93
N PRO C 210 54.57 28.97 -27.29
CA PRO C 210 53.24 28.98 -27.92
C PRO C 210 52.78 30.23 -28.64
N ALA C 211 53.34 31.41 -28.32
CA ALA C 211 52.94 32.59 -29.08
C ALA C 211 54.08 33.02 -30.00
N GLY C 212 55.10 32.18 -30.14
CA GLY C 212 56.27 32.50 -30.94
C GLY C 212 56.45 31.64 -32.19
N ASN C 213 57.67 31.61 -32.70
CA ASN C 213 57.98 30.86 -33.91
C ASN C 213 58.36 29.44 -33.61
N SER C 214 58.16 28.56 -34.61
CA SER C 214 58.56 27.16 -34.53
C SER C 214 58.00 26.42 -33.32
N TYR C 215 56.76 26.69 -32.99
CA TYR C 215 56.09 26.03 -31.90
C TYR C 215 55.50 24.71 -32.33
N THR C 216 55.67 23.74 -31.47
CA THR C 216 55.17 22.39 -31.61
C THR C 216 54.23 22.08 -30.47
N SER C 217 54.81 21.86 -29.32
CA SER C 217 54.09 21.62 -28.09
C SER C 217 54.87 22.17 -26.94
N PHE C 218 54.17 22.64 -25.93
CA PHE C 218 54.83 23.05 -24.73
C PHE C 218 55.11 21.79 -23.98
N ALA C 219 56.06 21.79 -23.09
CA ALA C 219 56.31 20.62 -22.28
C ALA C 219 57.01 21.04 -21.03
N THR C 220 56.89 20.26 -20.00
CA THR C 220 57.68 20.53 -18.81
C THR C 220 58.86 19.59 -18.81
N TYR C 221 59.83 19.92 -17.99
CA TYR C 221 60.99 19.09 -17.88
C TYR C 221 61.71 19.36 -16.60
N HIS C 222 62.58 18.45 -16.25
CA HIS C 222 63.51 18.67 -15.17
C HIS C 222 64.80 18.09 -15.70
N THR C 223 65.92 18.51 -15.13
CA THR C 223 67.26 18.04 -15.52
C THR C 223 67.91 17.38 -14.32
N PRO C 224 67.79 16.05 -14.14
CA PRO C 224 68.26 15.31 -12.99
C PRO C 224 69.65 15.66 -12.57
N ALA C 225 70.50 15.92 -13.57
CA ALA C 225 71.88 16.25 -13.30
C ALA C 225 72.05 17.42 -12.36
N THR C 226 71.14 18.39 -12.44
CA THR C 226 71.25 19.56 -11.56
C THR C 226 70.06 19.69 -10.62
N ASP C 227 68.93 19.03 -10.96
CA ASP C 227 67.72 19.18 -10.19
C ASP C 227 67.46 18.10 -9.17
N CYS C 228 68.09 16.94 -9.31
CA CYS C 228 67.77 15.86 -8.40
C CYS C 228 68.99 15.40 -7.61
N SER C 229 69.64 16.34 -6.94
CA SER C 229 70.81 16.04 -6.11
C SER C 229 70.34 15.18 -4.95
N ASP C 230 71.18 14.31 -4.39
CA ASP C 230 70.69 13.42 -3.33
C ASP C 230 70.05 14.15 -2.18
N GLY C 231 70.57 15.32 -1.88
CA GLY C 231 70.04 16.12 -0.80
C GLY C 231 69.02 17.15 -1.30
N ASN C 232 69.52 18.23 -1.87
CA ASN C 232 68.65 19.31 -2.25
C ASN C 232 68.00 19.19 -3.63
N TYR C 233 66.76 18.69 -3.64
CA TYR C 233 66.03 18.59 -4.91
C TYR C 233 65.51 19.98 -5.26
N ASN C 234 65.45 20.29 -6.54
CA ASN C 234 64.93 21.58 -6.98
C ASN C 234 63.42 21.54 -7.03
N ARG C 235 62.79 22.17 -6.05
CA ARG C 235 61.35 22.08 -5.88
C ARG C 235 60.61 22.91 -6.88
N ASN C 236 61.34 23.72 -7.64
CA ASN C 236 60.75 24.53 -8.68
C ASN C 236 61.22 24.10 -10.07
N ALA C 237 61.84 22.92 -10.21
CA ALA C 237 62.34 22.59 -11.55
C ALA C 237 61.26 22.49 -12.62
N SER C 238 60.12 21.89 -12.29
CA SER C 238 59.07 21.73 -13.29
C SER C 238 58.27 23.00 -13.40
N LEU C 239 58.17 23.74 -12.29
CA LEU C 239 57.45 24.99 -12.37
C LEU C 239 58.20 25.93 -13.26
N ASN C 240 59.52 25.93 -13.13
CA ASN C 240 60.31 26.83 -13.92
C ASN C 240 60.25 26.48 -15.37
N SER C 241 60.17 25.20 -15.73
CA SER C 241 60.07 24.90 -17.14
C SER C 241 58.71 25.27 -17.68
N PHE C 242 57.68 25.15 -16.85
CA PHE C 242 56.33 25.48 -17.29
C PHE C 242 56.29 26.94 -17.67
N LYS C 243 56.92 27.74 -16.80
CA LYS C 243 57.04 29.19 -16.93
C LYS C 243 57.80 29.68 -18.15
N GLU C 244 58.54 28.78 -18.80
CA GLU C 244 59.25 29.16 -20.00
C GLU C 244 58.24 29.28 -21.13
N TYR C 245 57.15 28.51 -21.09
CA TYR C 245 56.20 28.55 -22.17
C TYR C 245 55.07 29.50 -21.86
N PHE C 246 54.74 29.65 -20.58
CA PHE C 246 53.63 30.54 -20.20
C PHE C 246 53.97 31.50 -19.09
N ASN C 247 53.41 32.69 -19.15
CA ASN C 247 53.49 33.59 -18.02
C ASN C 247 52.29 33.29 -17.15
N LEU C 248 52.50 33.18 -15.83
CA LEU C 248 51.39 32.91 -14.92
C LEU C 248 50.84 34.22 -14.39
N ARG C 249 49.55 34.45 -14.65
CA ARG C 249 48.88 35.69 -14.30
C ARG C 249 47.59 35.52 -13.52
N ASN C 250 47.36 36.42 -12.62
CA ASN C 250 46.10 36.38 -11.77
C ASN C 250 45.96 35.09 -11.13
N CYS C 251 46.97 34.51 -10.53
CA CYS C 251 46.84 33.26 -9.85
C CYS C 251 46.00 33.48 -8.63
N THR C 252 45.08 32.58 -8.37
CA THR C 252 44.24 32.80 -7.19
C THR C 252 44.77 31.99 -6.05
N PHE C 253 45.49 30.94 -6.37
CA PHE C 253 46.11 30.09 -5.37
C PHE C 253 47.24 29.33 -5.98
N MET C 254 48.12 28.88 -5.11
CA MET C 254 49.13 27.90 -5.42
C MET C 254 49.40 27.12 -4.16
N TYR C 255 49.09 25.83 -4.20
CA TYR C 255 49.23 24.96 -3.06
C TYR C 255 50.22 23.87 -3.34
N THR C 256 50.94 23.42 -2.33
CA THR C 256 51.79 22.27 -2.55
C THR C 256 51.45 21.18 -1.57
N TYR C 257 51.64 19.96 -2.00
CA TYR C 257 51.43 18.82 -1.15
C TYR C 257 52.67 18.00 -1.18
N ASN C 258 53.08 17.44 -0.07
CA ASN C 258 54.28 16.64 -0.07
C ASN C 258 54.03 15.19 -0.37
N ILE C 259 54.94 14.59 -1.09
CA ILE C 259 54.93 13.19 -1.43
C ILE C 259 56.19 12.50 -0.90
N THR C 260 56.05 11.47 -0.09
CA THR C 260 57.23 10.72 0.34
C THR C 260 57.62 9.85 -0.84
N GLU C 261 58.90 9.76 -1.20
CA GLU C 261 59.26 8.91 -2.32
C GLU C 261 59.24 7.43 -2.03
N ASP C 262 58.71 6.69 -2.99
CA ASP C 262 58.66 5.25 -3.00
C ASP C 262 58.40 4.81 -4.44
N GLU C 263 58.33 3.49 -4.69
CA GLU C 263 57.98 2.94 -6.01
C GLU C 263 56.67 2.18 -5.98
N ILE C 264 55.83 2.52 -5.01
CA ILE C 264 54.55 1.87 -4.77
C ILE C 264 53.43 2.31 -5.72
N LEU C 265 52.67 1.37 -6.27
CA LEU C 265 51.55 1.79 -7.13
C LEU C 265 50.56 2.61 -6.34
N GLU C 266 50.19 3.76 -6.89
CA GLU C 266 49.22 4.60 -6.20
C GLU C 266 48.17 5.12 -7.10
N TRP C 267 47.06 5.47 -6.53
CA TRP C 267 46.00 6.08 -7.30
C TRP C 267 45.79 7.53 -6.93
N PHE C 268 45.50 8.29 -7.96
CA PHE C 268 45.16 9.72 -7.88
C PHE C 268 43.80 9.98 -8.48
N GLY C 269 43.00 10.86 -7.88
CA GLY C 269 41.74 11.16 -8.54
C GLY C 269 41.32 12.60 -8.45
N ILE C 270 40.51 13.02 -9.40
CA ILE C 270 39.98 14.37 -9.38
C ILE C 270 38.48 14.42 -9.72
N THR C 271 37.72 15.13 -8.91
CA THR C 271 36.29 15.35 -9.17
C THR C 271 35.94 16.81 -8.93
N GLN C 272 34.77 17.27 -9.34
CA GLN C 272 34.40 18.64 -9.03
C GLN C 272 32.94 18.75 -8.61
N THR C 273 32.72 19.50 -7.54
CA THR C 273 31.39 19.78 -6.97
C THR C 273 31.24 21.28 -6.73
N ALA C 274 30.12 21.71 -6.17
CA ALA C 274 29.92 23.12 -5.82
C ALA C 274 30.98 23.63 -4.84
N GLN C 275 31.57 22.71 -4.06
CA GLN C 275 32.58 23.07 -3.08
C GLN C 275 33.96 23.24 -3.67
N GLY C 276 34.13 22.92 -4.95
CA GLY C 276 35.43 23.01 -5.57
C GLY C 276 35.92 21.70 -6.12
N VAL C 277 37.20 21.70 -6.47
CA VAL C 277 37.83 20.55 -7.06
C VAL C 277 38.43 19.70 -5.99
N HIS C 278 38.09 18.43 -6.01
CA HIS C 278 38.53 17.53 -4.97
C HIS C 278 39.61 16.65 -5.47
N LEU C 279 40.71 16.63 -4.76
CA LEU C 279 41.85 15.80 -5.12
C LEU C 279 41.90 14.62 -4.18
N PHE C 280 41.93 13.44 -4.76
CA PHE C 280 41.93 12.18 -4.03
C PHE C 280 43.22 11.47 -4.22
N SER C 281 43.64 10.74 -3.22
CA SER C 281 44.83 9.93 -3.34
C SER C 281 44.81 8.78 -2.39
N SER C 282 45.42 7.69 -2.80
CA SER C 282 45.57 6.55 -1.92
C SER C 282 46.75 6.69 -0.95
N ARG C 283 47.72 7.56 -1.22
CA ARG C 283 48.94 7.49 -0.43
C ARG C 283 48.92 8.03 0.96
N TYR C 284 47.91 8.77 1.33
CA TYR C 284 47.95 9.33 2.67
C TYR C 284 47.13 8.49 3.65
N VAL C 285 46.32 7.56 3.13
CA VAL C 285 45.46 6.74 3.99
C VAL C 285 45.64 5.24 3.75
N ASP C 286 45.66 4.81 2.49
CA ASP C 286 45.66 3.39 2.17
C ASP C 286 46.78 3.19 1.14
N LEU C 287 48.02 3.34 1.60
CA LEU C 287 49.16 3.33 0.70
C LEU C 287 49.35 2.04 0.01
N TYR C 288 49.18 0.97 0.72
CA TYR C 288 49.46 -0.31 0.12
C TYR C 288 48.23 -0.86 -0.51
N GLY C 289 47.08 -0.48 0.02
CA GLY C 289 45.81 -0.98 -0.45
C GLY C 289 45.26 -0.37 -1.73
N GLY C 290 45.47 0.93 -1.94
CA GLY C 290 44.96 1.60 -3.13
C GLY C 290 43.63 2.37 -3.04
N ASN C 291 42.88 2.31 -1.93
CA ASN C 291 41.63 3.08 -1.89
C ASN C 291 41.95 4.56 -1.83
N MET C 292 41.19 5.37 -2.55
CA MET C 292 41.45 6.80 -2.54
C MET C 292 40.61 7.60 -1.61
N PHE C 293 41.28 8.49 -0.92
CA PHE C 293 40.67 9.36 0.05
C PHE C 293 40.94 10.79 -0.32
N GLN C 294 40.07 11.68 0.04
CA GLN C 294 40.32 13.05 -0.31
C GLN C 294 41.44 13.66 0.48
N PHE C 295 42.36 14.37 -0.18
CA PHE C 295 43.42 15.03 0.56
C PHE C 295 43.35 16.53 0.41
N ALA C 296 42.61 17.01 -0.58
CA ALA C 296 42.53 18.45 -0.77
C ALA C 296 41.29 18.86 -1.51
N THR C 297 40.85 20.07 -1.25
CA THR C 297 39.79 20.72 -2.03
C THR C 297 40.35 22.05 -2.52
N LEU C 298 40.23 22.31 -3.81
CA LEU C 298 40.74 23.53 -4.37
C LEU C 298 39.58 24.46 -4.66
N PRO C 299 39.72 25.77 -4.46
CA PRO C 299 38.70 26.77 -4.72
C PRO C 299 38.58 27.14 -6.18
N VAL C 300 38.22 26.14 -6.95
CA VAL C 300 38.00 26.24 -8.37
C VAL C 300 36.52 26.06 -8.60
N TYR C 301 35.82 27.13 -8.97
CA TYR C 301 34.39 27.02 -9.03
C TYR C 301 33.83 27.07 -10.41
N ASP C 302 34.61 27.47 -11.38
CA ASP C 302 34.05 27.44 -12.71
C ASP C 302 34.07 25.97 -13.04
N THR C 303 33.22 25.53 -13.95
CA THR C 303 33.18 24.10 -14.26
C THR C 303 34.32 23.66 -15.16
N ILE C 304 35.01 22.61 -14.75
CA ILE C 304 36.05 22.09 -15.60
C ILE C 304 35.37 21.30 -16.65
N LYS C 305 35.67 21.60 -17.90
CA LYS C 305 35.07 20.91 -18.99
C LYS C 305 36.10 20.12 -19.73
N TYR C 306 37.33 20.61 -19.72
CA TYR C 306 38.40 20.02 -20.50
C TYR C 306 39.63 19.76 -19.73
N TYR C 307 40.37 18.76 -20.14
CA TYR C 307 41.68 18.56 -19.54
C TYR C 307 42.65 17.98 -20.54
N SER C 308 43.91 18.11 -20.22
CA SER C 308 44.93 17.53 -21.04
C SER C 308 46.09 17.13 -20.19
N ILE C 309 46.93 16.27 -20.73
CA ILE C 309 48.13 15.86 -20.04
C ILE C 309 49.26 16.76 -20.47
N ILE C 310 49.96 17.32 -19.51
CA ILE C 310 51.07 18.17 -19.87
C ILE C 310 52.20 17.20 -20.12
N PRO C 311 52.79 17.12 -21.31
CA PRO C 311 53.84 16.20 -21.58
C PRO C 311 55.02 16.62 -20.76
N HIS C 312 55.80 15.66 -20.32
CA HIS C 312 56.98 15.92 -19.53
C HIS C 312 58.10 15.14 -20.13
N SER C 313 59.27 15.75 -20.20
CA SER C 313 60.43 15.08 -20.77
C SER C 313 61.60 15.30 -19.86
N ILE C 314 62.32 14.24 -19.58
CA ILE C 314 63.41 14.35 -18.62
C ILE C 314 64.71 14.57 -19.34
N ARG C 315 65.43 15.63 -18.97
CA ARG C 315 66.65 15.95 -19.70
C ARG C 315 67.84 15.22 -19.12
N SER C 316 67.80 13.92 -19.29
CA SER C 316 68.83 13.02 -18.84
C SER C 316 69.94 13.01 -19.85
N ILE C 317 71.12 12.65 -19.41
CA ILE C 317 72.21 12.44 -20.33
C ILE C 317 71.95 11.13 -21.08
N GLN C 318 72.60 10.93 -22.21
CA GLN C 318 72.36 9.75 -23.02
C GLN C 318 72.70 8.46 -22.28
N SER C 319 73.68 8.55 -21.40
CA SER C 319 74.19 7.43 -20.64
C SER C 319 73.40 7.12 -19.38
N ASP C 320 72.38 7.93 -19.08
CA ASP C 320 71.61 7.74 -17.85
C ASP C 320 70.11 7.85 -18.11
N ARG C 321 69.63 7.26 -19.18
CA ARG C 321 68.20 7.28 -19.44
C ARG C 321 67.48 6.23 -18.63
N LYS C 322 66.33 6.61 -18.08
CA LYS C 322 65.55 5.70 -17.29
C LYS C 322 64.26 5.39 -17.99
N ALA C 323 63.66 4.28 -17.62
CA ALA C 323 62.36 3.96 -18.16
C ALA C 323 61.35 4.53 -17.17
N TRP C 324 60.38 5.28 -17.63
CA TRP C 324 59.42 5.84 -16.70
C TRP C 324 58.10 5.13 -16.86
N ALA C 325 57.45 4.85 -15.74
CA ALA C 325 56.19 4.13 -15.78
C ALA C 325 55.12 4.90 -16.45
N ALA C 326 54.29 4.21 -17.22
CA ALA C 326 53.13 4.82 -17.83
C ALA C 326 52.05 5.02 -16.80
N PHE C 327 51.24 6.04 -16.98
CA PHE C 327 50.10 6.22 -16.10
C PHE C 327 48.84 6.07 -16.91
N TYR C 328 47.78 5.70 -16.24
CA TYR C 328 46.55 5.46 -16.97
C TYR C 328 45.44 6.24 -16.43
N VAL C 329 44.71 6.90 -17.30
CA VAL C 329 43.60 7.74 -16.87
C VAL C 329 42.29 7.07 -17.17
N TYR C 330 41.43 6.96 -16.18
CA TYR C 330 40.14 6.31 -16.38
C TYR C 330 39.04 7.27 -16.03
N LYS C 331 37.97 7.31 -16.80
CA LYS C 331 36.89 8.24 -16.48
C LYS C 331 35.92 7.71 -15.48
N LEU C 332 35.38 8.62 -14.67
CA LEU C 332 34.38 8.28 -13.68
C LEU C 332 32.95 8.55 -14.11
N GLN C 333 32.04 7.79 -13.54
CA GLN C 333 30.63 7.96 -13.80
C GLN C 333 29.86 7.45 -12.61
N PRO C 334 28.63 7.91 -12.39
CA PRO C 334 27.75 7.50 -11.32
C PRO C 334 27.20 6.11 -11.51
N LEU C 335 27.90 5.16 -10.93
CA LEU C 335 27.60 3.75 -11.03
C LEU C 335 27.26 3.17 -9.67
N THR C 336 26.54 2.06 -9.65
CA THR C 336 26.36 1.38 -8.38
C THR C 336 27.36 0.23 -8.35
N PHE C 337 28.16 0.20 -7.28
CA PHE C 337 29.11 -0.88 -7.03
C PHE C 337 28.73 -1.68 -5.79
N LEU C 338 29.09 -2.96 -5.81
CA LEU C 338 28.96 -3.77 -4.61
C LEU C 338 30.32 -3.63 -3.96
N LEU C 339 30.40 -3.12 -2.73
CA LEU C 339 31.70 -2.90 -2.11
C LEU C 339 31.91 -3.79 -0.90
N ASP C 340 33.02 -4.53 -0.91
CA ASP C 340 33.37 -5.42 0.19
C ASP C 340 34.34 -4.74 1.15
N PHE C 341 33.82 -4.35 2.32
CA PHE C 341 34.60 -3.62 3.32
C PHE C 341 35.18 -4.64 4.28
N SER C 342 36.49 -4.61 4.45
CA SER C 342 37.19 -5.52 5.34
C SER C 342 37.03 -5.07 6.75
N VAL C 343 37.54 -5.84 7.71
CA VAL C 343 37.40 -5.44 9.11
C VAL C 343 38.04 -4.09 9.35
N ASP C 344 39.17 -3.84 8.69
CA ASP C 344 39.90 -2.59 8.82
C ASP C 344 39.31 -1.47 7.95
N GLY C 345 38.19 -1.76 7.29
CA GLY C 345 37.48 -0.80 6.51
C GLY C 345 37.91 -0.57 5.11
N TYR C 346 38.91 -1.28 4.64
CA TYR C 346 39.28 -0.99 3.27
C TYR C 346 38.52 -1.80 2.30
N ILE C 347 38.33 -1.25 1.12
CA ILE C 347 37.64 -1.97 0.08
C ILE C 347 38.68 -2.76 -0.70
N ARG C 348 38.50 -4.05 -0.71
CA ARG C 348 39.48 -4.91 -1.37
C ARG C 348 38.91 -5.59 -2.57
N ARG C 349 37.61 -5.67 -2.60
CA ARG C 349 36.91 -6.35 -3.64
C ARG C 349 35.63 -5.62 -3.96
N ALA C 350 35.24 -5.57 -5.23
CA ALA C 350 34.00 -4.94 -5.62
C ALA C 350 33.41 -5.52 -6.90
N ILE C 351 32.11 -5.29 -7.08
CA ILE C 351 31.40 -5.63 -8.31
C ILE C 351 30.86 -4.37 -8.99
N ASP C 352 31.11 -4.23 -10.30
CA ASP C 352 30.50 -3.16 -11.09
C ASP C 352 29.13 -3.71 -11.48
N CYS C 353 28.05 -3.19 -10.85
CA CYS C 353 26.75 -3.84 -11.01
C CYS C 353 26.13 -3.69 -12.38
N GLY C 354 26.75 -2.85 -13.23
CA GLY C 354 26.20 -2.72 -14.57
C GLY C 354 27.08 -3.35 -15.64
N PHE C 355 28.15 -4.03 -15.25
CA PHE C 355 29.09 -4.59 -16.20
C PHE C 355 28.50 -5.66 -17.08
N ASN C 356 27.86 -6.64 -16.47
CA ASN C 356 27.23 -7.72 -17.16
C ASN C 356 26.09 -8.24 -16.32
N ASP C 357 25.43 -9.26 -16.80
CA ASP C 357 24.29 -9.85 -16.15
C ASP C 357 24.65 -10.63 -14.90
N LEU C 358 25.82 -11.20 -14.91
CA LEU C 358 26.31 -11.95 -13.75
C LEU C 358 26.57 -10.95 -12.62
N SER C 359 27.12 -9.80 -12.96
CA SER C 359 27.40 -8.78 -11.96
C SER C 359 26.10 -8.26 -11.38
N GLN C 360 25.07 -8.13 -12.23
CA GLN C 360 23.78 -7.64 -11.75
C GLN C 360 23.22 -8.58 -10.74
N LEU C 361 23.44 -9.87 -10.95
CA LEU C 361 22.96 -10.90 -10.03
C LEU C 361 23.62 -10.73 -8.67
N HIS C 362 24.94 -10.55 -8.67
CA HIS C 362 25.63 -10.41 -7.38
C HIS C 362 25.16 -9.20 -6.66
N CYS C 363 24.93 -8.12 -7.39
CA CYS C 363 24.48 -6.93 -6.72
C CYS C 363 23.10 -7.07 -6.16
N SER C 364 22.19 -7.77 -6.87
CA SER C 364 20.81 -7.88 -6.38
C SER C 364 20.72 -8.64 -5.08
N TYR C 365 21.68 -9.52 -4.83
CA TYR C 365 21.69 -10.27 -3.58
C TYR C 365 22.64 -9.69 -2.59
N GLU C 366 23.29 -8.58 -2.98
CA GLU C 366 24.31 -7.90 -2.21
C GLU C 366 25.35 -8.87 -1.70
N SER C 367 25.83 -9.73 -2.57
CA SER C 367 26.79 -10.72 -2.18
C SER C 367 27.71 -11.13 -3.29
N PHE C 368 28.90 -11.56 -2.95
CA PHE C 368 29.85 -12.03 -3.95
C PHE C 368 29.67 -13.50 -4.23
N ASP C 369 28.83 -14.14 -3.44
CA ASP C 369 28.54 -15.54 -3.59
C ASP C 369 27.05 -15.75 -3.54
N VAL C 370 26.49 -16.22 -4.63
CA VAL C 370 25.08 -16.45 -4.71
C VAL C 370 24.97 -17.91 -5.07
N GLU C 371 23.82 -18.50 -4.82
CA GLU C 371 23.60 -19.89 -5.10
C GLU C 371 23.42 -20.15 -6.58
N SER C 372 23.65 -21.39 -6.99
CA SER C 372 23.47 -21.78 -8.37
C SER C 372 22.00 -21.71 -8.75
N GLY C 373 21.74 -21.35 -9.99
CA GLY C 373 20.35 -21.31 -10.43
C GLY C 373 20.21 -20.49 -11.68
N VAL C 374 18.98 -20.35 -12.12
CA VAL C 374 18.71 -19.55 -13.29
C VAL C 374 17.93 -18.37 -12.78
N TYR C 375 18.44 -17.16 -13.03
CA TYR C 375 17.82 -15.95 -12.49
C TYR C 375 17.49 -14.92 -13.53
N SER C 376 16.41 -14.22 -13.35
CA SER C 376 16.11 -13.14 -14.26
C SER C 376 16.82 -11.90 -13.78
N VAL C 377 17.38 -11.17 -14.73
CA VAL C 377 18.09 -9.93 -14.45
C VAL C 377 17.55 -8.85 -15.37
N SER C 378 18.00 -7.63 -15.19
CA SER C 378 17.52 -6.57 -16.04
C SER C 378 17.74 -6.89 -17.50
N SER C 379 16.75 -6.52 -18.31
CA SER C 379 16.76 -6.76 -19.75
C SER C 379 17.84 -5.98 -20.42
N PHE C 380 18.22 -6.41 -21.58
CA PHE C 380 19.23 -5.70 -22.33
C PHE C 380 18.44 -4.65 -23.12
N GLU C 381 18.65 -3.40 -22.78
CA GLU C 381 17.85 -2.34 -23.35
C GLU C 381 18.17 -2.03 -24.78
N ALA C 382 17.14 -1.76 -25.54
CA ALA C 382 17.33 -1.24 -26.88
C ALA C 382 17.62 0.23 -26.67
N LYS C 383 18.52 0.82 -27.44
CA LYS C 383 18.77 2.24 -27.24
C LYS C 383 18.46 2.95 -28.53
N PRO C 384 18.06 4.23 -28.50
CA PRO C 384 17.83 5.03 -29.67
C PRO C 384 19.06 5.13 -30.51
N SER C 385 18.84 5.07 -31.81
CA SER C 385 19.83 5.17 -32.87
C SER C 385 19.70 6.50 -33.59
N GLY C 386 18.79 7.32 -33.11
CA GLY C 386 18.46 8.60 -33.72
C GLY C 386 17.17 9.15 -33.15
N SER C 387 16.60 10.12 -33.85
CA SER C 387 15.36 10.75 -33.43
C SER C 387 14.54 11.21 -34.61
N VAL C 388 13.22 11.29 -34.43
CA VAL C 388 12.34 11.85 -35.45
C VAL C 388 11.54 12.99 -34.85
N VAL C 389 11.41 14.07 -35.60
CA VAL C 389 10.63 15.17 -35.09
C VAL C 389 9.66 15.74 -36.13
N GLU C 390 8.43 15.95 -35.71
CA GLU C 390 7.47 16.65 -36.56
C GLU C 390 6.83 17.73 -35.71
N GLN C 391 6.76 18.94 -36.22
CA GLN C 391 6.13 20.05 -35.50
C GLN C 391 5.32 20.85 -36.49
N ALA C 392 4.32 21.56 -36.01
CA ALA C 392 3.68 22.46 -36.94
C ALA C 392 4.75 23.48 -37.33
N GLU C 393 4.85 23.79 -38.61
CA GLU C 393 5.80 24.79 -39.08
C GLU C 393 5.05 25.72 -39.99
N GLY C 394 5.07 27.00 -39.71
CA GLY C 394 4.32 27.90 -40.56
C GLY C 394 4.25 29.32 -40.06
N VAL C 395 3.03 29.74 -39.83
CA VAL C 395 2.70 31.08 -39.39
C VAL C 395 3.21 31.32 -37.97
N GLU C 396 3.65 32.55 -37.72
CA GLU C 396 4.11 32.94 -36.39
C GLU C 396 2.82 33.17 -35.55
N CYS C 397 3.06 32.93 -34.20
CA CYS C 397 1.59 33.29 -33.49
C CYS C 397 1.95 34.88 -33.29
N ASP C 398 0.53 35.37 -33.66
CA ASP C 398 0.42 36.85 -33.79
C ASP C 398 0.04 37.60 -32.54
N PHE C 399 1.02 38.35 -32.01
CA PHE C 399 0.80 39.09 -30.78
C PHE C 399 0.57 40.54 -31.11
N SER C 400 0.33 40.86 -32.38
CA SER C 400 0.14 42.23 -32.75
C SER C 400 -1.01 42.96 -32.05
N PRO C 401 -2.25 42.42 -31.97
CA PRO C 401 -3.38 43.07 -31.28
C PRO C 401 -3.02 43.74 -29.98
N LEU C 402 -2.15 43.03 -29.25
CA LEU C 402 -1.66 43.38 -27.94
C LEU C 402 -0.96 44.71 -27.91
N LEU C 403 -0.29 45.01 -29.01
CA LEU C 403 0.56 46.16 -29.14
C LEU C 403 -0.16 47.37 -29.71
N SER C 404 -1.46 47.30 -29.97
CA SER C 404 -2.12 48.43 -30.59
C SER C 404 -3.37 48.94 -29.89
N GLY C 405 -3.27 50.17 -29.40
CA GLY C 405 -4.38 50.81 -28.71
C GLY C 405 -4.27 50.72 -27.21
N THR C 406 -5.31 51.14 -26.51
CA THR C 406 -5.29 51.16 -25.07
C THR C 406 -5.66 49.78 -24.56
N PRO C 407 -4.85 49.10 -23.72
CA PRO C 407 -5.17 47.82 -23.14
C PRO C 407 -6.38 47.99 -22.28
N PRO C 408 -7.14 46.96 -22.05
CA PRO C 408 -8.31 46.93 -21.23
C PRO C 408 -7.96 46.94 -19.79
N GLN C 409 -8.93 47.21 -18.95
CA GLN C 409 -8.75 47.12 -17.52
C GLN C 409 -8.75 45.65 -17.14
N VAL C 410 -8.24 45.33 -15.97
CA VAL C 410 -8.16 43.96 -15.50
C VAL C 410 -9.43 43.14 -15.56
N TYR C 411 -10.60 43.75 -15.42
CA TYR C 411 -11.84 42.97 -15.46
C TYR C 411 -12.36 42.75 -16.87
N ASN C 412 -11.78 43.45 -17.81
CA ASN C 412 -12.11 43.38 -19.22
C ASN C 412 -10.94 42.85 -20.01
N PHE C 413 -10.14 42.01 -19.42
CA PHE C 413 -8.93 41.56 -20.08
C PHE C 413 -9.24 40.99 -21.45
N LYS C 414 -8.30 41.14 -22.37
CA LYS C 414 -8.52 40.60 -23.68
C LYS C 414 -7.75 39.34 -23.84
N ARG C 415 -8.31 38.44 -24.60
CA ARG C 415 -7.71 37.15 -24.79
C ARG C 415 -7.32 36.81 -26.20
N LEU C 416 -6.07 36.43 -26.34
CA LEU C 416 -5.55 35.98 -27.61
C LEU C 416 -5.31 34.49 -27.51
N VAL C 417 -5.95 33.71 -28.37
CA VAL C 417 -5.77 32.27 -28.28
C VAL C 417 -4.98 31.81 -29.47
N PHE C 418 -3.87 31.15 -29.18
CA PHE C 418 -2.97 30.71 -30.20
C PHE C 418 -2.98 29.24 -30.37
N THR C 419 -3.26 28.81 -31.59
CA THR C 419 -3.26 27.41 -31.97
C THR C 419 -2.55 27.30 -33.32
N ASN C 420 -1.95 26.14 -33.65
CA ASN C 420 -1.37 25.94 -34.98
C ASN C 420 -0.44 27.05 -35.44
N CYS C 421 0.54 27.38 -34.61
CA CYS C 421 1.46 28.46 -34.91
C CYS C 421 2.79 28.30 -34.21
N ASN C 422 3.79 29.07 -34.64
CA ASN C 422 5.09 29.05 -34.00
C ASN C 422 5.21 30.18 -32.99
N TYR C 423 5.49 29.86 -31.75
CA TYR C 423 5.51 30.93 -30.77
C TYR C 423 6.92 31.28 -30.43
N ASN C 424 7.04 32.50 -29.99
CA ASN C 424 8.33 32.97 -29.48
C ASN C 424 8.01 34.05 -28.40
N LEU C 425 8.32 33.59 -27.13
CA LEU C 425 7.97 34.52 -26.07
C LEU C 425 8.92 35.66 -26.01
N THR C 426 10.18 35.46 -26.40
CA THR C 426 11.18 36.52 -26.37
C THR C 426 10.73 37.64 -27.25
N LYS C 427 10.12 37.30 -28.38
CA LYS C 427 9.63 38.28 -29.34
C LYS C 427 8.67 39.24 -28.68
N LEU C 428 7.86 38.76 -27.73
CA LEU C 428 6.91 39.61 -27.04
C LEU C 428 7.54 40.26 -25.81
N LEU C 429 8.30 39.49 -25.04
CA LEU C 429 8.89 39.95 -23.78
C LEU C 429 9.86 41.06 -24.00
N SER C 430 10.57 41.00 -25.13
CA SER C 430 11.61 41.96 -25.49
C SER C 430 11.07 43.34 -25.78
N LEU C 431 9.76 43.44 -25.96
CA LEU C 431 9.14 44.71 -26.23
C LEU C 431 8.72 45.43 -24.95
N PHE C 432 8.84 44.78 -23.80
CA PHE C 432 8.38 45.40 -22.56
C PHE C 432 9.47 45.38 -21.51
N SER C 433 9.42 46.28 -20.56
CA SER C 433 10.36 46.16 -19.48
C SER C 433 9.72 45.24 -18.46
N VAL C 434 10.17 44.01 -18.38
CA VAL C 434 9.50 43.05 -17.53
C VAL C 434 9.89 43.26 -16.12
N ASN C 435 8.89 43.36 -15.27
CA ASN C 435 9.13 43.59 -13.89
C ASN C 435 9.07 42.30 -13.11
N ASP C 436 8.17 41.40 -13.51
CA ASP C 436 8.00 40.17 -12.77
C ASP C 436 7.46 39.06 -13.65
N PHE C 437 8.27 38.05 -13.94
CA PHE C 437 7.81 36.95 -14.80
C PHE C 437 7.94 35.64 -14.05
N THR C 438 6.81 35.06 -13.63
CA THR C 438 6.86 33.80 -12.88
C THR C 438 5.93 32.77 -13.46
N CYS C 439 6.27 31.51 -13.24
CA CYS C 439 5.48 30.40 -13.72
C CYS C 439 5.04 29.44 -12.64
N SER C 440 3.92 28.78 -12.88
CA SER C 440 3.31 27.82 -11.99
C SER C 440 2.82 26.58 -12.70
N GLN C 441 3.27 25.44 -12.19
CA GLN C 441 3.02 24.09 -12.72
C GLN C 441 3.65 23.86 -14.08
N ILE C 442 4.66 24.64 -14.37
CA ILE C 442 5.49 24.51 -15.56
C ILE C 442 6.80 25.19 -15.23
N SER C 443 7.92 24.64 -15.66
CA SER C 443 9.16 25.32 -15.39
C SER C 443 9.32 26.50 -16.31
N PRO C 444 10.08 27.51 -15.95
CA PRO C 444 10.63 28.56 -16.76
C PRO C 444 11.26 28.18 -18.08
N ALA C 445 11.99 27.05 -18.07
CA ALA C 445 12.62 26.65 -19.30
C ALA C 445 11.59 26.09 -20.24
N ALA C 446 10.63 25.39 -19.67
CA ALA C 446 9.56 24.75 -20.39
C ALA C 446 8.58 25.73 -21.00
N ILE C 447 8.28 26.84 -20.32
CA ILE C 447 7.26 27.71 -20.89
C ILE C 447 7.64 28.21 -22.25
N ALA C 448 8.93 28.45 -22.42
CA ALA C 448 9.45 28.94 -23.68
C ALA C 448 9.86 27.87 -24.68
N SER C 449 9.79 26.57 -24.32
CA SER C 449 10.27 25.53 -25.22
C SER C 449 9.33 24.36 -25.56
N ASN C 450 8.25 24.18 -24.82
CA ASN C 450 7.38 23.03 -25.08
C ASN C 450 6.31 23.30 -26.11
N CYS C 451 5.78 22.23 -26.68
CA CYS C 451 4.63 22.35 -27.56
C CYS C 451 3.33 22.28 -26.77
N TYR C 452 2.33 23.04 -27.21
CA TYR C 452 1.04 23.07 -26.54
C TYR C 452 -0.12 22.88 -27.50
N SER C 453 -1.26 22.40 -26.98
CA SER C 453 -2.50 22.33 -27.76
C SER C 453 -2.94 23.74 -28.06
N SER C 454 -2.77 24.58 -27.06
CA SER C 454 -3.11 25.98 -27.16
C SER C 454 -2.33 26.78 -26.18
N LEU C 455 -2.13 28.04 -26.52
CA LEU C 455 -1.56 29.00 -25.59
C LEU C 455 -2.53 30.15 -25.52
N ILE C 456 -2.98 30.48 -24.32
CA ILE C 456 -3.92 31.55 -24.15
C ILE C 456 -3.28 32.71 -23.44
N LEU C 457 -3.27 33.86 -24.09
CA LEU C 457 -2.68 35.06 -23.53
C LEU C 457 -3.71 36.12 -23.16
N ASP C 458 -3.81 36.43 -21.88
CA ASP C 458 -4.75 37.40 -21.34
C ASP C 458 -4.06 38.70 -20.98
N TYR C 459 -4.33 39.79 -21.69
CA TYR C 459 -3.58 41.00 -21.37
C TYR C 459 -4.45 42.12 -20.91
N PHE C 460 -3.90 42.92 -20.01
CA PHE C 460 -4.62 44.04 -19.42
C PHE C 460 -3.73 45.09 -18.76
N SER C 461 -4.26 46.29 -18.58
CA SER C 461 -3.56 47.30 -17.81
C SER C 461 -3.55 46.87 -16.34
N TYR C 462 -2.45 47.09 -15.64
CA TYR C 462 -2.43 46.71 -14.25
C TYR C 462 -1.33 47.44 -13.50
N PRO C 463 -1.63 48.15 -12.41
CA PRO C 463 -0.64 48.87 -11.66
C PRO C 463 0.30 47.87 -11.01
N LEU C 464 1.57 48.18 -10.92
CA LEU C 464 2.51 47.25 -10.32
C LEU C 464 2.38 47.28 -8.83
N SER C 465 1.83 48.36 -8.32
CA SER C 465 1.63 48.51 -6.89
C SER C 465 0.64 47.52 -6.34
N MET C 466 -0.15 46.88 -7.22
CA MET C 466 -1.12 45.88 -6.82
C MET C 466 -0.67 44.48 -7.18
N LYS C 467 0.63 44.31 -7.47
CA LYS C 467 1.26 43.06 -7.87
C LYS C 467 0.79 41.85 -7.09
N SER C 468 0.77 41.98 -5.79
CA SER C 468 0.44 40.88 -4.89
C SER C 468 -1.00 40.44 -4.94
N ASP C 469 -1.86 41.30 -5.47
CA ASP C 469 -3.28 41.01 -5.49
C ASP C 469 -3.59 39.95 -6.55
N LEU C 470 -2.61 39.65 -7.41
CA LEU C 470 -2.74 38.62 -8.44
C LEU C 470 -2.21 37.27 -7.98
N SER C 471 -1.73 37.19 -6.75
CA SER C 471 -1.22 35.96 -6.19
C SER C 471 -2.35 34.96 -5.98
N VAL C 472 -2.06 33.68 -6.12
CA VAL C 472 -3.07 32.64 -5.90
C VAL C 472 -3.65 32.70 -4.50
N SER C 473 -2.80 32.96 -3.52
CA SER C 473 -3.17 33.07 -2.12
C SER C 473 -3.93 34.34 -1.75
N SER C 474 -4.01 35.30 -2.65
CA SER C 474 -4.67 36.55 -2.38
C SER C 474 -6.18 36.47 -2.19
N ALA C 475 -6.63 37.24 -1.22
CA ALA C 475 -8.03 37.39 -0.92
C ALA C 475 -8.51 38.79 -1.19
N GLY C 476 -7.72 39.54 -1.96
CA GLY C 476 -8.12 40.90 -2.28
C GLY C 476 -9.06 40.91 -3.49
N PRO C 477 -9.53 42.09 -3.89
CA PRO C 477 -10.46 42.35 -4.98
C PRO C 477 -10.05 41.87 -6.37
N ILE C 478 -8.77 41.80 -6.69
CA ILE C 478 -8.46 41.37 -8.02
C ILE C 478 -8.71 39.91 -8.17
N SER C 479 -8.21 39.14 -7.23
CA SER C 479 -8.41 37.71 -7.34
C SER C 479 -9.85 37.28 -7.02
N GLN C 480 -10.60 38.12 -6.30
CA GLN C 480 -11.95 37.70 -6.06
C GLN C 480 -12.96 38.17 -7.07
N PHE C 481 -12.77 39.35 -7.67
CA PHE C 481 -13.77 39.86 -8.58
C PHE C 481 -13.33 40.22 -9.97
N ASN C 482 -12.03 40.22 -10.26
CA ASN C 482 -11.62 40.73 -11.57
C ASN C 482 -10.96 39.72 -12.46
N TYR C 483 -9.92 39.09 -11.96
CA TYR C 483 -9.15 38.18 -12.76
C TYR C 483 -8.51 37.09 -11.93
N LYS C 484 -8.70 35.85 -12.37
CA LYS C 484 -8.13 34.72 -11.68
C LYS C 484 -7.58 33.75 -12.70
N GLN C 485 -6.36 33.25 -12.43
CA GLN C 485 -5.73 32.29 -13.32
C GLN C 485 -6.15 30.87 -13.02
N SER C 486 -6.02 30.01 -14.01
CA SER C 486 -6.37 28.60 -13.88
C SER C 486 -5.58 27.89 -12.84
N PHE C 487 -6.25 26.97 -12.15
CA PHE C 487 -5.58 26.13 -11.17
C PHE C 487 -5.25 24.78 -11.81
N SER C 488 -5.85 24.53 -12.98
CA SER C 488 -5.72 23.23 -13.63
C SER C 488 -4.65 23.20 -14.69
N ASN C 489 -4.56 24.27 -15.47
CA ASN C 489 -3.60 24.32 -16.53
C ASN C 489 -2.38 25.00 -15.96
N PRO C 490 -1.18 24.74 -16.47
CA PRO C 490 -0.01 25.51 -16.16
C PRO C 490 -0.17 26.94 -16.58
N THR C 491 0.30 27.86 -15.75
CA THR C 491 0.17 29.27 -16.07
C THR C 491 1.43 30.06 -15.76
N CYS C 492 1.54 31.19 -16.42
CA CYS C 492 2.57 32.17 -16.11
C CYS C 492 1.93 33.53 -15.96
N LEU C 493 2.53 34.36 -15.14
CA LEU C 493 2.08 35.74 -15.01
C LEU C 493 3.24 36.67 -15.25
N ILE C 494 3.04 37.60 -16.18
CA ILE C 494 4.05 38.58 -16.49
C ILE C 494 3.53 39.95 -16.18
N LEU C 495 4.28 40.68 -15.40
CA LEU C 495 3.96 42.06 -15.13
C LEU C 495 5.05 42.86 -15.77
N ALA C 496 4.69 43.80 -16.62
CA ALA C 496 5.69 44.55 -17.36
C ALA C 496 5.27 45.97 -17.65
N THR C 497 6.26 46.81 -17.83
CA THR C 497 6.04 48.21 -18.13
C THR C 497 6.25 48.52 -19.60
N VAL C 498 5.32 49.28 -20.15
CA VAL C 498 5.40 49.70 -21.54
C VAL C 498 6.50 50.77 -21.65
N PRO C 499 7.53 50.61 -22.49
CA PRO C 499 8.63 51.52 -22.75
C PRO C 499 8.12 52.80 -23.34
N HIS C 500 8.87 53.88 -23.18
CA HIS C 500 8.44 55.17 -23.70
C HIS C 500 8.36 55.20 -25.20
N ASN C 501 9.14 54.37 -25.88
CA ASN C 501 9.11 54.41 -27.30
C ASN C 501 8.18 53.35 -27.94
N LEU C 502 7.42 52.65 -27.06
CA LEU C 502 6.48 51.69 -27.64
C LEU C 502 5.18 52.51 -27.79
N THR C 503 5.12 53.29 -28.86
CA THR C 503 4.09 54.34 -28.99
C THR C 503 2.80 53.87 -29.53
N THR C 504 2.74 52.60 -29.82
CA THR C 504 1.53 52.01 -30.35
C THR C 504 0.56 51.61 -29.24
N ILE C 505 1.04 51.54 -27.99
CA ILE C 505 0.17 51.21 -26.86
C ILE C 505 -0.13 52.50 -26.14
N THR C 506 -1.40 52.79 -25.98
CA THR C 506 -1.78 54.07 -25.39
C THR C 506 -2.24 53.83 -23.97
N LYS C 507 -2.41 54.88 -23.19
CA LYS C 507 -2.77 54.66 -21.81
C LYS C 507 -4.20 55.03 -21.57
N PRO C 508 -4.89 54.37 -20.65
CA PRO C 508 -6.18 54.73 -20.17
C PRO C 508 -5.93 55.89 -19.23
N LEU C 509 -6.99 56.56 -18.80
CA LEU C 509 -6.84 57.65 -17.86
C LEU C 509 -6.41 57.23 -16.48
N LYS C 510 -6.82 56.05 -16.08
CA LYS C 510 -6.54 55.53 -14.77
C LYS C 510 -6.64 54.03 -14.83
N TYR C 511 -6.10 53.35 -13.81
CA TYR C 511 -6.26 51.92 -13.77
C TYR C 511 -7.55 51.72 -12.97
N SER C 512 -8.33 50.70 -13.26
CA SER C 512 -9.51 50.50 -12.42
C SER C 512 -9.84 49.06 -12.23
N TYR C 513 -10.64 48.80 -11.23
CA TYR C 513 -11.02 47.45 -10.92
C TYR C 513 -12.33 47.41 -10.19
N ILE C 514 -12.87 46.21 -10.13
CA ILE C 514 -14.08 45.97 -9.39
C ILE C 514 -13.71 45.60 -7.96
N ASN C 515 -14.25 46.28 -6.96
CA ASN C 515 -13.91 45.90 -5.61
C ASN C 515 -15.07 45.20 -4.93
N LYS C 516 -16.19 45.18 -5.62
CA LYS C 516 -17.37 44.52 -5.14
C LYS C 516 -18.14 44.02 -6.32
N CYS C 517 -18.66 42.83 -6.21
CA CYS C 517 -19.54 42.22 -7.19
C CYS C 517 -20.43 41.26 -6.48
N SER C 518 -21.73 41.48 -6.49
CA SER C 518 -22.65 40.64 -5.72
C SER C 518 -24.05 40.62 -6.27
N ARG C 519 -24.82 39.63 -5.85
CA ARG C 519 -26.22 39.62 -6.21
C ARG C 519 -27.10 39.81 -5.02
N LEU C 520 -28.12 40.60 -5.23
CA LEU C 520 -29.13 40.82 -4.23
C LEU C 520 -30.25 39.94 -4.66
N LEU C 521 -30.71 39.09 -3.78
CA LEU C 521 -31.73 38.14 -4.17
C LEU C 521 -33.09 38.81 -4.08
N SER C 522 -34.13 38.17 -4.59
CA SER C 522 -35.46 38.79 -4.64
C SER C 522 -36.02 39.27 -3.31
N ASP C 523 -35.59 38.66 -2.21
CA ASP C 523 -36.03 39.07 -0.88
C ASP C 523 -35.44 40.39 -0.38
N ASP C 524 -34.36 40.80 -1.03
CA ASP C 524 -33.59 42.00 -0.73
C ASP C 524 -33.07 42.03 0.68
N ARG C 525 -32.75 40.85 1.22
CA ARG C 525 -32.16 40.72 2.52
C ARG C 525 -30.78 40.10 2.37
N THR C 526 -30.71 39.14 1.43
CA THR C 526 -29.49 38.40 1.21
C THR C 526 -28.73 38.88 0.01
N GLU C 527 -27.44 39.10 0.27
CA GLU C 527 -26.47 39.53 -0.71
C GLU C 527 -25.42 38.44 -0.87
N VAL C 528 -25.21 38.01 -2.10
CA VAL C 528 -24.29 36.93 -2.39
C VAL C 528 -23.13 37.37 -3.25
N PRO C 529 -21.90 37.41 -2.74
CA PRO C 529 -20.71 37.80 -3.48
C PRO C 529 -20.58 36.93 -4.70
N GLN C 530 -20.28 37.55 -5.83
CA GLN C 530 -20.12 36.83 -7.08
C GLN C 530 -18.67 36.75 -7.43
N LEU C 531 -18.06 35.64 -7.12
CA LEU C 531 -16.63 35.56 -7.31
C LEU C 531 -16.34 35.19 -8.72
N VAL C 532 -15.23 35.68 -9.23
CA VAL C 532 -14.83 35.38 -10.58
C VAL C 532 -14.25 33.98 -10.65
N ASN C 533 -14.57 33.26 -11.70
CA ASN C 533 -14.02 31.92 -11.88
C ASN C 533 -12.71 32.03 -12.64
N ALA C 534 -11.85 31.05 -12.50
CA ALA C 534 -10.61 31.11 -13.23
C ALA C 534 -10.88 31.12 -14.71
N ASN C 535 -10.15 31.98 -15.40
CA ASN C 535 -10.20 32.20 -16.84
C ASN C 535 -11.51 32.76 -17.35
N GLN C 536 -12.35 33.25 -16.45
CA GLN C 536 -13.62 33.82 -16.87
C GLN C 536 -13.73 35.26 -16.52
N TYR C 537 -14.79 35.87 -16.99
CA TYR C 537 -15.08 37.24 -16.67
C TYR C 537 -16.08 37.27 -15.54
N SER C 538 -15.99 38.26 -14.70
CA SER C 538 -16.91 38.50 -13.62
C SER C 538 -18.29 38.79 -14.18
N PRO C 539 -19.39 38.36 -13.55
CA PRO C 539 -20.74 38.64 -14.00
C PRO C 539 -21.06 40.13 -14.01
N CYS C 540 -20.30 40.90 -13.25
CA CYS C 540 -20.49 42.32 -13.15
C CYS C 540 -19.84 43.08 -14.26
N VAL C 541 -19.13 42.41 -15.14
CA VAL C 541 -18.48 43.09 -16.23
C VAL C 541 -19.46 43.84 -17.07
N SER C 542 -20.66 43.30 -17.28
CA SER C 542 -21.65 43.97 -18.05
C SER C 542 -22.20 45.25 -17.40
N ILE C 543 -22.02 45.46 -16.09
CA ILE C 543 -22.56 46.67 -15.47
C ILE C 543 -21.47 47.70 -15.21
N VAL C 544 -20.23 47.24 -15.12
CA VAL C 544 -19.09 48.09 -14.87
C VAL C 544 -18.56 48.65 -16.20
N PRO C 545 -18.42 49.97 -16.36
CA PRO C 545 -17.93 50.65 -17.54
C PRO C 545 -16.47 50.28 -17.81
N SER C 546 -16.01 50.50 -19.05
CA SER C 546 -14.64 50.13 -19.37
C SER C 546 -13.62 50.86 -18.52
N THR C 547 -13.95 52.04 -18.05
CA THR C 547 -13.10 52.77 -17.11
C THR C 547 -14.02 53.20 -15.97
N VAL C 548 -13.62 52.94 -14.73
CA VAL C 548 -14.46 53.42 -13.62
C VAL C 548 -14.27 54.92 -13.56
N TRP C 549 -15.36 55.69 -13.53
CA TRP C 549 -15.20 57.14 -13.53
C TRP C 549 -14.47 57.60 -12.29
N GLU C 550 -14.98 57.23 -11.13
CA GLU C 550 -14.29 57.59 -9.91
C GLU C 550 -14.41 56.50 -8.87
N ASP C 551 -13.47 56.49 -7.97
CA ASP C 551 -13.46 55.49 -6.94
C ASP C 551 -14.74 55.57 -6.15
N GLY C 552 -15.41 54.42 -5.94
CA GLY C 552 -16.64 54.39 -5.20
C GLY C 552 -17.90 54.31 -6.06
N ASP C 553 -17.76 54.42 -7.39
CA ASP C 553 -18.95 54.33 -8.24
C ASP C 553 -19.67 53.05 -8.02
N TYR C 554 -20.99 53.13 -7.91
CA TYR C 554 -21.80 51.96 -7.66
C TYR C 554 -22.65 51.68 -8.87
N TYR C 555 -22.69 50.42 -9.26
CA TYR C 555 -23.41 50.01 -10.44
C TYR C 555 -24.48 49.03 -10.06
N ARG C 556 -25.61 49.07 -10.80
CA ARG C 556 -26.66 48.10 -10.55
C ARG C 556 -27.42 47.75 -11.81
N LYS C 557 -27.77 46.45 -11.93
CA LYS C 557 -28.63 45.95 -13.00
C LYS C 557 -29.78 45.15 -12.44
N GLN C 558 -30.97 45.38 -12.96
CA GLN C 558 -32.11 44.56 -12.56
C GLN C 558 -32.02 43.28 -13.38
N LEU C 559 -32.03 42.12 -12.71
CA LEU C 559 -31.95 40.87 -13.43
C LEU C 559 -33.32 40.35 -13.81
N SER C 560 -33.38 39.68 -14.96
CA SER C 560 -34.64 39.08 -15.40
C SER C 560 -34.85 37.80 -14.62
N PRO C 561 -36.03 37.19 -14.62
CA PRO C 561 -36.33 35.91 -13.98
C PRO C 561 -35.44 34.76 -14.46
N LEU C 562 -34.93 34.85 -15.67
CA LEU C 562 -34.11 33.79 -16.27
C LEU C 562 -32.69 33.78 -15.76
N GLU C 563 -32.39 34.91 -15.13
CA GLU C 563 -31.10 35.20 -14.53
C GLU C 563 -31.21 35.02 -13.01
N GLY C 564 -32.38 34.56 -12.54
CA GLY C 564 -32.63 34.33 -11.14
C GLY C 564 -33.31 35.48 -10.40
N GLY C 565 -33.53 36.60 -11.08
CA GLY C 565 -34.17 37.73 -10.45
C GLY C 565 -33.21 38.49 -9.54
N GLY C 566 -33.72 39.52 -8.91
CA GLY C 566 -32.89 40.29 -8.02
C GLY C 566 -32.04 41.28 -8.79
N TRP C 567 -30.99 41.76 -8.13
CA TRP C 567 -30.12 42.77 -8.68
C TRP C 567 -28.68 42.31 -8.72
N LEU C 568 -27.98 42.71 -9.74
CA LEU C 568 -26.55 42.47 -9.76
C LEU C 568 -25.94 43.81 -9.43
N VAL C 569 -25.07 43.88 -8.43
CA VAL C 569 -24.49 45.17 -8.09
C VAL C 569 -22.98 45.09 -8.03
N ALA C 570 -22.34 46.21 -8.20
CA ALA C 570 -20.89 46.25 -8.15
C ALA C 570 -20.39 47.60 -7.75
N SER C 571 -19.19 47.61 -7.25
CA SER C 571 -18.53 48.87 -6.96
C SER C 571 -17.18 48.90 -7.62
N GLY C 572 -16.87 50.04 -8.21
CA GLY C 572 -15.59 50.22 -8.82
C GLY C 572 -14.63 50.95 -7.90
N SER C 573 -13.37 50.91 -8.27
CA SER C 573 -12.31 51.62 -7.58
C SER C 573 -11.23 51.98 -8.56
N THR C 574 -10.41 52.95 -8.20
CA THR C 574 -9.36 53.37 -9.15
C THR C 574 -7.98 53.50 -8.54
N VAL C 575 -6.99 53.45 -9.42
CA VAL C 575 -5.60 53.68 -9.10
C VAL C 575 -5.03 54.73 -10.05
N ALA C 576 -4.33 55.71 -9.50
CA ALA C 576 -3.78 56.76 -10.34
C ALA C 576 -2.82 56.17 -11.36
N MET C 577 -2.85 56.75 -12.55
CA MET C 577 -2.00 56.31 -13.61
C MET C 577 -0.57 56.75 -13.41
N THR C 578 0.31 55.85 -13.75
CA THR C 578 1.74 55.96 -13.74
C THR C 578 2.32 56.60 -15.01
N GLU C 579 3.61 56.98 -14.98
CA GLU C 579 4.22 57.63 -16.13
C GLU C 579 4.29 56.72 -17.33
N GLN C 580 4.56 55.46 -17.06
CA GLN C 580 4.61 54.45 -18.08
C GLN C 580 3.51 53.47 -17.75
N LEU C 581 2.80 52.97 -18.73
CA LEU C 581 1.73 52.06 -18.46
C LEU C 581 2.22 50.74 -18.01
N GLN C 582 1.63 50.26 -16.95
CA GLN C 582 1.99 48.95 -16.48
C GLN C 582 0.93 47.99 -16.96
N MET C 583 1.35 46.83 -17.45
CA MET C 583 0.47 45.79 -17.98
C MET C 583 0.71 44.41 -17.42
N GLY C 584 -0.36 43.66 -17.25
CA GLY C 584 -0.25 42.27 -16.88
C GLY C 584 -0.54 41.39 -18.08
N PHE C 585 0.14 40.24 -18.13
CA PHE C 585 -0.10 39.26 -19.16
C PHE C 585 -0.24 37.90 -18.53
N GLY C 586 -1.39 37.30 -18.63
CA GLY C 586 -1.50 35.95 -18.08
C GLY C 586 -1.29 34.98 -19.21
N ILE C 587 -0.58 33.90 -18.98
CA ILE C 587 -0.43 32.88 -20.01
C ILE C 587 -0.90 31.57 -19.49
N THR C 588 -1.80 30.93 -20.20
CA THR C 588 -2.27 29.61 -19.80
C THR C 588 -1.98 28.63 -20.92
N VAL C 589 -1.41 27.48 -20.60
CA VAL C 589 -1.13 26.52 -21.67
C VAL C 589 -1.80 25.19 -21.45
N GLN C 590 -2.30 24.62 -22.53
CA GLN C 590 -2.92 23.30 -22.48
C GLN C 590 -2.08 22.33 -23.27
N TYR C 591 -1.98 21.11 -22.76
CA TYR C 591 -1.14 20.07 -23.35
C TYR C 591 -1.74 18.86 -24.06
N GLY C 592 -3.01 18.82 -24.38
CA GLY C 592 -3.47 17.63 -25.08
C GLY C 592 -4.94 17.58 -25.40
N THR C 593 -5.45 18.61 -26.03
CA THR C 593 -6.86 18.68 -26.40
C THR C 593 -6.95 18.51 -27.90
N ASP C 594 -5.81 18.68 -28.52
CA ASP C 594 -5.62 18.66 -29.95
C ASP C 594 -4.17 18.32 -30.20
N THR C 595 -3.79 18.29 -31.45
CA THR C 595 -2.39 18.11 -31.82
C THR C 595 -1.62 19.26 -31.11
N ASN C 596 -0.47 19.01 -30.46
CA ASN C 596 0.16 20.16 -29.79
C ASN C 596 0.94 20.95 -30.80
N SER C 597 0.19 21.78 -31.50
CA SER C 597 0.62 22.54 -32.64
C SER C 597 1.13 23.93 -32.34
N VAL C 598 1.15 24.31 -31.08
CA VAL C 598 1.73 25.61 -30.75
C VAL C 598 3.14 25.28 -30.26
N CYS C 599 4.13 25.50 -31.11
CA CYS C 599 5.51 25.05 -30.82
C CYS C 599 6.47 26.18 -31.02
N PRO C 600 7.67 26.16 -30.45
CA PRO C 600 8.73 27.09 -30.76
C PRO C 600 9.06 26.79 -32.21
N LYS C 601 9.60 27.72 -32.99
CA LYS C 601 9.95 27.26 -34.33
C LYS C 601 11.20 26.40 -34.24
N LEU C 602 11.27 25.43 -35.15
CA LEU C 602 12.39 24.50 -35.24
C LEU C 602 12.93 24.42 -36.65
N GLU C 603 14.25 24.47 -36.79
CA GLU C 603 14.85 24.24 -38.09
C GLU C 603 15.01 22.73 -38.21
N PHE C 604 14.41 22.10 -39.22
CA PHE C 604 14.47 20.66 -39.33
C PHE C 604 15.58 20.12 -40.19
N ALA C 605 16.22 19.09 -39.68
CA ALA C 605 17.22 18.35 -40.44
C ALA C 605 16.47 17.26 -41.21
N ASN C 606 17.01 16.77 -42.31
CA ASN C 606 16.19 15.70 -43.01
C ASN C 606 16.56 14.37 -42.49
N ASP C 607 17.34 14.24 -41.45
CA ASP C 607 17.63 12.99 -40.84
C ASP C 607 16.71 12.76 -39.64
N THR C 608 15.70 13.63 -39.47
CA THR C 608 14.75 13.51 -38.38
C THR C 608 13.39 13.17 -38.90
N LYS C 609 13.38 12.70 -40.13
CA LYS C 609 12.16 12.27 -40.74
C LYS C 609 11.88 10.83 -40.31
N ILE C 610 10.62 10.43 -40.31
CA ILE C 610 10.28 9.06 -39.98
C ILE C 610 10.61 8.10 -41.09
N ALA C 611 10.30 8.45 -42.33
CA ALA C 611 10.51 7.52 -43.42
C ALA C 611 11.96 7.10 -43.54
N SER C 612 12.89 8.00 -43.20
CA SER C 612 14.30 7.69 -43.31
C SER C 612 14.84 6.82 -42.19
N GLN C 613 14.05 6.59 -41.14
CA GLN C 613 14.51 5.79 -40.01
C GLN C 613 13.57 4.64 -39.66
N LEU C 614 12.87 4.10 -40.65
CA LEU C 614 11.96 3.02 -40.31
C LEU C 614 12.74 1.81 -39.87
N GLY C 615 12.21 1.16 -38.84
CA GLY C 615 12.80 -0.06 -38.31
C GLY C 615 13.79 0.20 -37.20
N ASN C 616 14.15 1.47 -36.99
CA ASN C 616 15.11 1.78 -35.97
C ASN C 616 14.44 2.20 -34.69
N CYS C 617 15.18 2.04 -33.60
CA CYS C 617 14.63 2.65 -32.33
C CYS C 617 15.14 4.10 -32.33
N VAL C 618 14.09 4.97 -32.19
CA VAL C 618 14.39 6.39 -32.19
C VAL C 618 13.65 7.10 -31.08
N GLU C 619 14.15 8.24 -30.71
CA GLU C 619 13.37 9.08 -29.80
C GLU C 619 12.42 9.82 -30.71
N TYR C 620 11.23 10.13 -30.26
CA TYR C 620 10.40 10.93 -31.13
C TYR C 620 9.75 12.05 -30.39
N SER C 621 9.47 13.10 -31.15
CA SER C 621 8.67 14.20 -30.69
C SER C 621 7.77 14.60 -31.84
N LEU C 622 6.51 14.22 -31.75
CA LEU C 622 5.58 14.47 -32.83
C LEU C 622 4.49 15.38 -32.33
N TYR C 623 4.54 16.65 -32.71
CA TYR C 623 3.56 17.62 -32.27
C TYR C 623 3.35 17.55 -30.78
N GLY C 624 4.46 17.50 -30.06
CA GLY C 624 4.48 17.52 -28.61
C GLY C 624 4.34 16.19 -27.95
N VAL C 625 4.09 15.16 -28.72
CA VAL C 625 3.95 13.82 -28.17
C VAL C 625 5.29 13.15 -28.24
N SER C 626 5.77 12.60 -27.15
CA SER C 626 7.11 12.05 -27.21
C SER C 626 7.28 10.76 -26.50
N GLY C 627 8.38 10.12 -26.83
CA GLY C 627 8.72 8.83 -26.25
C GLY C 627 9.73 8.17 -27.13
N ARG C 628 9.86 6.86 -26.98
CA ARG C 628 10.81 6.10 -27.78
C ARG C 628 10.06 5.00 -28.49
N GLY C 629 10.49 4.66 -29.69
CA GLY C 629 9.85 3.57 -30.40
C GLY C 629 10.39 3.35 -31.77
N VAL C 630 9.78 2.40 -32.42
CA VAL C 630 10.15 1.97 -33.74
C VAL C 630 9.02 2.21 -34.69
N PHE C 631 9.27 2.91 -35.76
CA PHE C 631 8.23 3.20 -36.73
C PHE C 631 8.23 2.17 -37.83
N GLN C 632 7.05 1.78 -38.27
CA GLN C 632 6.94 0.86 -39.39
C GLN C 632 5.91 1.36 -40.37
N ASN C 633 6.11 1.18 -41.64
CA ASN C 633 5.12 1.49 -42.64
C ASN C 633 3.97 0.53 -42.61
N CYS C 634 2.74 0.88 -42.43
CA CYS C 634 1.66 -0.07 -42.35
C CYS C 634 0.30 0.45 -42.75
N THR C 635 -0.70 -0.40 -42.80
CA THR C 635 -2.05 -0.02 -43.17
C THR C 635 -2.70 0.90 -42.15
N ALA C 636 -3.30 1.97 -42.65
CA ALA C 636 -3.97 2.95 -41.80
C ALA C 636 -5.19 2.41 -41.12
N VAL C 637 -5.30 2.78 -39.85
CA VAL C 637 -6.44 2.49 -39.01
C VAL C 637 -6.81 3.74 -38.24
N GLY C 638 -8.03 3.83 -37.74
CA GLY C 638 -8.40 4.99 -36.94
C GLY C 638 -8.82 6.15 -37.84
N VAL C 639 -9.10 7.29 -37.25
CA VAL C 639 -9.52 8.45 -38.03
C VAL C 639 -8.30 9.28 -38.40
N ARG C 640 -8.07 9.48 -39.67
CA ARG C 640 -6.90 10.21 -40.17
C ARG C 640 -6.75 11.58 -39.63
N GLN C 641 -7.86 12.27 -39.51
CA GLN C 641 -7.89 13.64 -39.06
C GLN C 641 -7.43 13.82 -37.64
N GLN C 642 -7.43 12.74 -36.87
CA GLN C 642 -7.06 12.82 -35.48
C GLN C 642 -5.58 12.59 -35.23
N ARG C 643 -4.82 12.23 -36.29
CA ARG C 643 -3.37 12.08 -36.25
C ARG C 643 -2.73 10.97 -35.40
N PHE C 644 -3.07 10.93 -34.14
CA PHE C 644 -2.46 9.97 -33.23
C PHE C 644 -3.40 8.84 -32.87
N VAL C 645 -2.95 7.60 -33.13
CA VAL C 645 -3.75 6.42 -32.86
C VAL C 645 -3.26 5.79 -31.58
N TYR C 646 -4.18 5.59 -30.65
CA TYR C 646 -3.87 4.98 -29.36
C TYR C 646 -4.49 3.63 -29.19
N ASP C 647 -3.86 2.81 -28.37
CA ASP C 647 -4.41 1.50 -28.01
C ASP C 647 -5.27 1.57 -26.76
N ALA C 648 -5.67 0.40 -26.27
CA ALA C 648 -6.57 0.28 -25.13
C ALA C 648 -5.89 0.52 -23.80
N TYR C 649 -4.56 0.69 -23.80
CA TYR C 649 -3.80 0.99 -22.60
C TYR C 649 -3.27 2.43 -22.69
N GLN C 650 -3.78 3.18 -23.66
CA GLN C 650 -3.42 4.55 -23.95
C GLN C 650 -1.98 4.76 -24.41
N ASN C 651 -1.39 3.75 -25.06
CA ASN C 651 -0.05 3.94 -25.58
C ASN C 651 -0.21 4.50 -26.99
N LEU C 652 0.77 5.24 -27.50
CA LEU C 652 0.64 5.65 -28.89
C LEU C 652 1.06 4.45 -29.72
N VAL C 653 0.19 4.00 -30.62
CA VAL C 653 0.50 2.82 -31.42
C VAL C 653 0.48 3.07 -32.89
N GLY C 654 0.17 4.29 -33.30
CA GLY C 654 0.23 4.59 -34.71
C GLY C 654 0.16 6.07 -34.90
N TYR C 655 0.58 6.49 -36.08
CA TYR C 655 0.63 7.90 -36.39
C TYR C 655 0.47 8.24 -37.84
N TYR C 656 -0.35 9.23 -38.11
CA TYR C 656 -0.48 9.72 -39.46
C TYR C 656 0.44 10.89 -39.60
N SER C 657 1.42 10.74 -40.47
CA SER C 657 2.45 11.76 -40.69
C SER C 657 2.06 12.82 -41.67
N ASP C 658 2.72 13.98 -41.56
CA ASP C 658 2.46 15.02 -42.57
C ASP C 658 3.06 14.66 -43.93
N ASP C 659 3.87 13.60 -44.03
CA ASP C 659 4.40 13.20 -45.32
C ASP C 659 3.41 12.30 -46.07
N GLY C 660 2.22 12.08 -45.49
CA GLY C 660 1.14 11.30 -46.11
C GLY C 660 1.06 9.83 -45.71
N ASN C 661 2.09 9.32 -45.05
CA ASN C 661 2.09 7.92 -44.65
C ASN C 661 1.57 7.67 -43.26
N TYR C 662 1.06 6.47 -43.08
CA TYR C 662 0.68 6.03 -41.75
C TYR C 662 1.71 5.07 -41.23
N TYR C 663 2.15 5.31 -40.01
CA TYR C 663 3.12 4.42 -39.45
C TYR C 663 2.59 3.77 -38.21
N CYS C 664 2.99 2.53 -38.03
CA CYS C 664 2.70 1.82 -36.81
C CYS C 664 3.81 2.19 -35.88
N LEU C 665 3.53 2.32 -34.61
CA LEU C 665 4.58 2.59 -33.67
C LEU C 665 4.67 1.48 -32.66
N ARG C 666 5.86 0.93 -32.56
CA ARG C 666 6.10 -0.17 -31.65
C ARG C 666 7.05 0.33 -30.61
N ALA C 667 6.99 -0.21 -29.42
CA ALA C 667 7.95 0.27 -28.42
C ALA C 667 9.33 -0.19 -28.80
N CYS C 668 10.35 0.57 -28.40
CA CYS C 668 11.65 -0.02 -28.57
C CYS C 668 11.48 -1.16 -27.60
N VAL C 669 11.83 -2.37 -27.99
CA VAL C 669 11.62 -3.52 -27.12
C VAL C 669 12.83 -4.01 -26.53
N SER C 670 12.75 -4.26 -25.25
CA SER C 670 13.92 -4.75 -24.60
C SER C 670 14.11 -6.23 -24.87
N VAL C 671 15.34 -6.68 -24.71
CA VAL C 671 15.68 -8.08 -24.90
C VAL C 671 15.80 -8.80 -23.57
N PRO C 672 14.89 -9.69 -23.21
CA PRO C 672 14.91 -10.47 -21.98
C PRO C 672 16.24 -11.04 -21.63
N VAL C 673 16.64 -11.05 -20.37
CA VAL C 673 17.88 -11.71 -19.97
C VAL C 673 17.73 -12.57 -18.72
N SER C 674 18.20 -13.82 -18.80
CA SER C 674 18.27 -14.71 -17.66
C SER C 674 19.70 -15.19 -17.53
N VAL C 675 20.21 -15.25 -16.32
CA VAL C 675 21.58 -15.70 -16.13
C VAL C 675 21.55 -17.09 -15.60
N ILE C 676 22.29 -17.97 -16.24
CA ILE C 676 22.38 -19.34 -15.83
C ILE C 676 23.69 -19.43 -15.07
N TYR C 677 23.65 -19.70 -13.76
CA TYR C 677 24.90 -19.66 -13.00
C TYR C 677 25.17 -20.87 -12.16
N ASP C 678 26.41 -21.33 -12.24
CA ASP C 678 26.84 -22.44 -11.44
C ASP C 678 27.94 -22.02 -10.48
N LYS C 679 27.56 -22.02 -9.19
CA LYS C 679 28.38 -21.58 -8.07
C LYS C 679 29.67 -22.36 -7.88
N GLU C 680 29.60 -23.68 -8.09
CA GLU C 680 30.74 -24.56 -7.94
C GLU C 680 31.78 -24.35 -9.02
N THR C 681 31.34 -24.09 -10.25
CA THR C 681 32.32 -23.89 -11.30
C THR C 681 32.65 -22.44 -11.51
N LYS C 682 31.83 -21.53 -10.96
CA LYS C 682 32.03 -20.10 -11.22
C LYS C 682 31.93 -19.81 -12.73
N THR C 683 30.94 -20.42 -13.35
CA THR C 683 30.70 -20.21 -14.78
C THR C 683 29.26 -19.83 -15.01
N HIS C 684 28.99 -19.24 -16.16
CA HIS C 684 27.65 -18.88 -16.47
C HIS C 684 27.38 -18.85 -17.95
N ALA C 685 26.11 -18.76 -18.26
CA ALA C 685 25.61 -18.67 -19.62
C ALA C 685 24.45 -17.70 -19.60
N THR C 686 24.19 -17.07 -20.72
CA THR C 686 23.12 -16.08 -20.77
C THR C 686 22.00 -16.50 -21.69
N LEU C 687 20.77 -16.51 -21.18
CA LEU C 687 19.59 -16.85 -21.97
C LEU C 687 18.77 -15.64 -22.27
N PHE C 688 18.48 -15.47 -23.54
CA PHE C 688 17.67 -14.39 -24.02
C PHE C 688 16.34 -14.99 -24.40
N GLY C 689 15.47 -15.09 -23.42
CA GLY C 689 14.28 -15.87 -23.64
C GLY C 689 13.40 -15.20 -24.63
N SER C 690 12.82 -16.00 -25.49
CA SER C 690 11.86 -15.54 -26.51
C SER C 690 12.52 -14.81 -27.65
N VAL C 691 13.84 -14.71 -27.67
CA VAL C 691 14.54 -13.94 -28.69
C VAL C 691 15.21 -14.80 -29.73
N ALA C 692 14.98 -14.49 -31.02
CA ALA C 692 15.72 -15.20 -32.06
C ALA C 692 17.18 -14.73 -32.02
N CYS C 693 18.14 -15.61 -32.29
CA CYS C 693 19.56 -15.26 -32.21
C CYS C 693 20.01 -14.28 -33.27
N GLU C 694 19.15 -13.94 -34.20
CA GLU C 694 19.49 -12.97 -35.22
C GLU C 694 19.73 -11.59 -34.61
N HIS C 695 19.24 -11.40 -33.37
CA HIS C 695 19.43 -10.13 -32.65
C HIS C 695 20.58 -10.17 -31.69
N ILE C 696 21.26 -11.30 -31.59
CA ILE C 696 22.31 -11.42 -30.60
C ILE C 696 23.64 -11.66 -31.29
N TYR C 718 32.37 -20.32 -29.35
CA TYR C 718 31.14 -20.62 -30.05
C TYR C 718 30.25 -19.39 -30.16
N GLY C 719 29.43 -19.35 -31.20
CA GLY C 719 28.51 -18.26 -31.40
C GLY C 719 27.26 -18.55 -30.58
N PRO C 720 26.18 -17.78 -30.74
CA PRO C 720 24.92 -17.94 -30.05
C PRO C 720 24.23 -19.23 -30.48
N LEU C 721 23.55 -19.90 -29.54
CA LEU C 721 22.80 -21.13 -29.82
C LEU C 721 21.30 -20.93 -29.75
N GLN C 722 20.57 -21.28 -30.80
CA GLN C 722 19.12 -21.07 -30.73
C GLN C 722 18.51 -22.28 -30.08
N THR C 723 17.72 -22.10 -29.02
CA THR C 723 17.09 -23.22 -28.34
C THR C 723 15.60 -22.99 -28.35
N PRO C 724 14.77 -23.97 -27.98
CA PRO C 724 13.32 -23.88 -27.79
C PRO C 724 12.82 -22.82 -26.80
N VAL C 725 13.70 -22.29 -25.95
CA VAL C 725 13.29 -21.29 -25.00
C VAL C 725 13.90 -19.91 -25.27
N GLY C 726 14.67 -19.78 -26.34
CA GLY C 726 15.32 -18.51 -26.63
C GLY C 726 16.73 -18.71 -27.09
N CYS C 727 17.46 -17.62 -27.20
CA CYS C 727 18.84 -17.68 -27.69
C CYS C 727 19.80 -17.76 -26.52
N VAL C 728 20.74 -18.70 -26.53
CA VAL C 728 21.62 -18.77 -25.38
C VAL C 728 23.08 -18.68 -25.74
N LEU C 729 23.79 -17.78 -25.06
CA LEU C 729 25.23 -17.62 -25.25
C LEU C 729 25.92 -18.28 -24.07
N GLY C 730 27.06 -18.92 -24.30
CA GLY C 730 27.77 -19.54 -23.18
C GLY C 730 27.49 -21.03 -23.07
N LEU C 731 26.49 -21.52 -23.82
CA LEU C 731 26.21 -22.94 -23.82
C LEU C 731 26.69 -23.55 -25.12
N VAL C 732 27.10 -24.80 -25.04
CA VAL C 732 27.47 -25.54 -26.23
C VAL C 732 26.51 -26.70 -26.37
N ASN C 733 26.01 -26.89 -27.57
CA ASN C 733 25.03 -28.00 -27.75
C ASN C 733 25.78 -29.34 -27.63
N SER C 734 25.19 -30.20 -26.71
CA SER C 734 25.89 -31.47 -26.45
C SER C 734 25.22 -32.75 -26.90
N SER C 735 23.94 -32.73 -27.25
CA SER C 735 23.21 -33.96 -27.58
C SER C 735 23.39 -35.04 -26.53
N LEU C 736 23.27 -34.62 -25.30
CA LEU C 736 23.44 -35.41 -24.10
C LEU C 736 22.17 -35.35 -23.29
N PHE C 737 21.82 -36.43 -22.61
CA PHE C 737 20.66 -36.42 -21.74
C PHE C 737 20.98 -36.52 -20.25
N VAL C 738 20.15 -35.86 -19.46
CA VAL C 738 20.26 -35.88 -18.00
C VAL C 738 18.94 -36.24 -17.36
N GLU C 739 18.99 -36.65 -16.09
CA GLU C 739 17.73 -36.82 -15.36
C GLU C 739 17.86 -35.83 -14.22
N ASP C 740 19.11 -35.74 -13.81
CA ASP C 740 19.57 -34.96 -12.69
C ASP C 740 19.91 -33.52 -13.04
N CYS C 741 18.83 -32.81 -13.34
CA CYS C 741 19.06 -31.42 -13.84
C CYS C 741 18.89 -30.42 -12.68
N LYS C 742 19.99 -29.58 -12.60
CA LYS C 742 20.03 -28.57 -11.54
C LYS C 742 19.75 -27.17 -12.06
N LEU C 743 19.93 -26.96 -13.36
CA LEU C 743 19.75 -25.67 -13.97
C LEU C 743 18.81 -25.75 -15.14
N PRO C 744 17.53 -26.05 -14.92
CA PRO C 744 16.56 -26.25 -15.95
C PRO C 744 16.36 -24.95 -16.68
N LEU C 745 16.22 -25.01 -17.99
CA LEU C 745 16.05 -23.79 -18.75
C LEU C 745 14.63 -23.54 -19.15
N GLY C 746 13.83 -24.58 -19.11
CA GLY C 746 12.47 -24.52 -19.57
C GLY C 746 12.26 -25.59 -20.61
N GLN C 747 11.01 -25.87 -20.95
CA GLN C 747 10.71 -26.93 -21.87
C GLN C 747 11.43 -28.15 -21.29
N SER C 748 12.25 -28.85 -22.02
CA SER C 748 12.92 -29.99 -21.40
C SER C 748 14.40 -29.88 -21.56
N LEU C 749 14.86 -28.64 -21.48
CA LEU C 749 16.26 -28.27 -21.60
C LEU C 749 16.90 -28.02 -20.26
N CYS C 750 18.20 -28.28 -20.18
CA CYS C 750 18.95 -28.10 -18.95
C CYS C 750 20.38 -27.63 -19.20
N ALA C 751 20.88 -26.69 -18.39
CA ALA C 751 22.28 -26.32 -18.52
C ALA C 751 23.10 -27.26 -17.64
N LEU C 752 24.12 -27.85 -18.24
CA LEU C 752 24.95 -28.79 -17.54
C LEU C 752 26.40 -28.35 -17.51
N PRO C 753 26.98 -27.99 -16.37
CA PRO C 753 28.33 -27.50 -16.29
C PRO C 753 29.31 -28.57 -16.70
N ASP C 754 30.43 -28.14 -17.28
CA ASP C 754 31.52 -29.02 -17.71
C ASP C 754 32.56 -29.10 -16.58
N THR C 755 32.48 -30.18 -15.81
CA THR C 755 33.29 -30.36 -14.62
C THR C 755 33.26 -31.78 -14.11
N PRO C 768 37.21 -25.25 -15.23
CA PRO C 768 35.89 -25.61 -15.72
C PRO C 768 35.71 -25.15 -17.14
N GLY C 769 34.83 -25.82 -17.88
CA GLY C 769 34.58 -25.44 -19.27
C GLY C 769 33.28 -24.68 -19.42
N GLU C 770 32.72 -24.74 -20.61
CA GLU C 770 31.46 -24.07 -20.90
C GLU C 770 30.32 -24.96 -20.46
N MET C 771 29.18 -24.38 -20.18
CA MET C 771 28.06 -25.23 -19.83
C MET C 771 27.55 -25.88 -21.10
N ARG C 772 27.14 -27.10 -20.98
CA ARG C 772 26.54 -27.84 -22.07
C ARG C 772 25.04 -27.69 -22.10
N LEU C 773 24.46 -27.70 -23.28
CA LEU C 773 23.01 -27.74 -23.35
C LEU C 773 22.60 -29.19 -23.47
N ALA C 774 21.92 -29.66 -22.43
CA ALA C 774 21.49 -31.04 -22.30
C ALA C 774 19.98 -31.11 -22.33
N SER C 775 19.47 -32.25 -22.75
CA SER C 775 18.03 -32.45 -22.74
C SER C 775 17.65 -33.33 -21.56
N ILE C 776 16.50 -33.10 -20.97
CA ILE C 776 16.10 -33.94 -19.86
C ILE C 776 15.44 -35.19 -20.42
N ALA C 777 15.92 -36.33 -19.97
CA ALA C 777 15.41 -37.61 -20.42
C ALA C 777 14.09 -37.98 -19.79
N PHE C 778 13.29 -38.69 -20.56
CA PHE C 778 12.14 -39.33 -19.99
C PHE C 778 12.64 -40.69 -19.59
N ASN C 779 12.42 -41.07 -18.36
CA ASN C 779 12.89 -42.37 -17.88
C ASN C 779 11.78 -43.39 -18.06
N HIS C 780 11.88 -44.24 -19.07
CA HIS C 780 10.81 -45.17 -19.37
C HIS C 780 10.67 -46.25 -18.31
N PRO C 781 9.44 -46.65 -17.97
CA PRO C 781 9.12 -47.72 -17.07
C PRO C 781 9.44 -49.04 -17.73
N ILE C 782 9.53 -50.08 -16.92
CA ILE C 782 9.79 -51.40 -17.47
C ILE C 782 8.60 -51.78 -18.30
N GLN C 783 8.82 -52.20 -19.54
CA GLN C 783 7.69 -52.53 -20.40
C GLN C 783 7.31 -53.97 -20.22
N VAL C 784 6.05 -54.21 -19.91
CA VAL C 784 5.63 -55.58 -19.70
C VAL C 784 4.52 -55.87 -20.68
N ASP C 785 4.72 -56.82 -21.56
CA ASP C 785 3.75 -57.14 -22.60
C ASP C 785 2.55 -57.93 -22.16
N GLN C 786 1.42 -57.66 -22.78
CA GLN C 786 0.22 -58.44 -22.52
C GLN C 786 0.25 -59.66 -23.41
N LEU C 787 -0.37 -60.73 -22.97
CA LEU C 787 -0.40 -61.93 -23.78
C LEU C 787 -1.73 -62.16 -24.45
N ASN C 788 -1.66 -62.69 -25.63
CA ASN C 788 -2.86 -63.18 -26.40
C ASN C 788 -3.22 -64.49 -25.89
N SER C 789 -3.62 -64.69 -24.71
CA SER C 789 -3.86 -65.97 -24.09
C SER C 789 -4.69 -65.83 -22.85
N SER C 790 -4.93 -66.95 -22.20
CA SER C 790 -5.64 -67.02 -20.93
C SER C 790 -4.69 -66.79 -19.75
N TYR C 791 -3.42 -66.59 -20.05
CA TYR C 791 -2.37 -66.35 -19.07
C TYR C 791 -2.00 -64.87 -19.08
N PHE C 792 -1.16 -64.45 -18.15
CA PHE C 792 -0.64 -63.09 -18.18
C PHE C 792 0.81 -63.07 -17.76
N LYS C 793 1.51 -62.03 -18.18
CA LYS C 793 2.87 -61.80 -17.72
C LYS C 793 2.91 -61.06 -16.41
N LEU C 794 3.72 -61.60 -15.53
CA LEU C 794 3.97 -61.02 -14.24
C LEU C 794 5.35 -60.51 -14.15
N SER C 795 5.50 -59.22 -13.99
CA SER C 795 6.83 -58.68 -13.79
C SER C 795 6.95 -58.63 -12.26
N ILE C 796 7.82 -59.47 -11.71
CA ILE C 796 7.90 -59.61 -10.26
C ILE C 796 9.35 -59.47 -9.79
N PRO C 797 9.64 -58.79 -8.68
CA PRO C 797 10.97 -58.58 -8.14
C PRO C 797 11.62 -59.87 -7.77
N THR C 798 12.95 -59.92 -7.86
CA THR C 798 13.69 -61.09 -7.42
C THR C 798 14.61 -60.64 -6.32
N ASN C 799 14.70 -59.34 -6.19
CA ASN C 799 15.59 -58.72 -5.21
C ASN C 799 14.93 -57.53 -4.58
N PHE C 800 15.47 -57.02 -3.52
CA PHE C 800 14.93 -55.83 -2.90
C PHE C 800 15.93 -55.12 -2.05
N SER C 801 15.58 -53.89 -1.72
CA SER C 801 16.32 -53.10 -0.78
C SER C 801 15.37 -52.27 0.04
N PHE C 802 15.86 -51.72 1.13
CA PHE C 802 15.04 -50.79 1.87
C PHE C 802 15.62 -49.42 1.61
N GLY C 803 14.80 -48.42 1.63
CA GLY C 803 15.36 -47.08 1.49
C GLY C 803 14.56 -46.13 2.30
N VAL C 804 15.08 -44.93 2.51
CA VAL C 804 14.37 -44.00 3.33
C VAL C 804 14.01 -42.75 2.58
N THR C 805 12.73 -42.46 2.55
CA THR C 805 12.30 -41.23 1.94
C THR C 805 12.27 -40.26 3.10
N GLN C 806 12.96 -39.16 2.98
CA GLN C 806 12.98 -38.21 4.07
C GLN C 806 11.97 -37.13 3.73
N GLU C 807 11.26 -36.67 4.73
CA GLU C 807 10.31 -35.62 4.48
C GLU C 807 10.24 -34.62 5.59
N TYR C 808 10.23 -33.37 5.26
CA TYR C 808 10.06 -32.37 6.28
C TYR C 808 8.74 -31.67 6.14
N ILE C 809 8.04 -31.61 7.26
CA ILE C 809 6.80 -30.89 7.28
C ILE C 809 6.89 -29.76 8.29
N GLN C 810 6.67 -28.57 7.83
CA GLN C 810 6.73 -27.42 8.71
C GLN C 810 5.45 -27.37 9.50
N THR C 811 5.50 -27.19 10.80
CA THR C 811 4.23 -27.11 11.52
C THR C 811 4.01 -25.73 12.10
N THR C 812 5.10 -24.98 12.25
CA THR C 812 5.06 -23.65 12.84
C THR C 812 5.87 -22.67 12.04
N ILE C 813 5.71 -21.41 12.38
CA ILE C 813 6.54 -20.34 11.90
C ILE C 813 7.03 -19.65 13.17
N GLN C 814 8.07 -18.85 13.07
CA GLN C 814 8.51 -18.11 14.23
C GLN C 814 7.44 -17.08 14.55
N LYS C 815 7.10 -16.99 15.84
CA LYS C 815 6.10 -16.04 16.31
C LYS C 815 6.75 -14.72 16.60
N VAL C 816 6.22 -13.66 16.01
CA VAL C 816 6.79 -12.34 16.18
C VAL C 816 5.72 -11.33 16.54
N THR C 817 6.06 -10.43 17.45
CA THR C 817 5.17 -9.31 17.75
C THR C 817 5.90 -8.05 17.43
N VAL C 818 5.19 -6.97 17.19
CA VAL C 818 5.86 -5.73 16.88
C VAL C 818 5.38 -4.60 17.74
N ASP C 819 6.31 -3.83 18.28
CA ASP C 819 5.89 -2.65 19.00
C ASP C 819 5.76 -1.62 17.88
N CYS C 820 4.52 -1.61 17.36
CA CYS C 820 4.24 -0.77 16.13
C CYS C 820 4.45 0.64 16.42
N LYS C 821 4.06 1.20 17.50
CA LYS C 821 4.24 2.59 17.77
C LYS C 821 5.72 2.93 17.78
N GLN C 822 6.54 2.07 18.45
CA GLN C 822 7.97 2.36 18.44
C GLN C 822 8.56 2.18 17.06
N TYR C 823 8.13 1.16 16.33
CA TYR C 823 8.68 0.90 15.02
C TYR C 823 8.53 2.09 14.12
N VAL C 824 7.32 2.65 14.10
CA VAL C 824 7.04 3.74 13.21
C VAL C 824 7.63 5.07 13.66
N CYS C 825 7.45 5.41 14.94
CA CYS C 825 7.84 6.75 15.38
C CYS C 825 9.06 6.88 16.24
N ASN C 826 9.63 5.80 16.75
CA ASN C 826 10.82 5.87 17.57
C ASN C 826 10.76 6.79 18.76
N GLY C 827 9.62 6.91 19.40
CA GLY C 827 9.51 7.74 20.57
C GLY C 827 9.31 9.23 20.31
N PHE C 828 9.23 9.64 19.07
CA PHE C 828 9.07 11.06 18.79
C PHE C 828 7.63 11.45 18.86
N GLN C 829 7.34 12.46 19.65
CA GLN C 829 5.97 12.85 19.87
C GLN C 829 5.31 13.46 18.66
N LYS C 830 6.09 14.13 17.81
CA LYS C 830 5.47 14.72 16.64
C LYS C 830 4.99 13.63 15.74
N CYS C 831 5.80 12.61 15.58
CA CYS C 831 5.40 11.50 14.76
C CYS C 831 4.17 10.85 15.34
N GLU C 832 4.16 10.61 16.65
CA GLU C 832 3.02 9.91 17.24
C GLU C 832 1.75 10.69 17.01
N GLN C 833 1.86 12.02 17.08
CA GLN C 833 0.73 12.87 16.83
C GLN C 833 0.19 12.74 15.43
N LEU C 834 1.09 12.51 14.47
CA LEU C 834 0.64 12.37 13.10
C LEU C 834 0.13 10.96 12.87
N LEU C 835 0.70 9.99 13.57
CA LEU C 835 0.32 8.60 13.45
C LEU C 835 -1.12 8.40 13.85
N ARG C 836 -1.57 9.16 14.81
CA ARG C 836 -2.94 9.06 15.29
C ARG C 836 -3.97 9.36 14.22
N GLU C 837 -3.58 10.06 13.16
CA GLU C 837 -4.53 10.47 12.15
C GLU C 837 -4.79 9.38 11.13
N TYR C 838 -4.09 8.25 11.34
CA TYR C 838 -4.22 7.07 10.52
C TYR C 838 -5.10 6.04 11.21
N GLY C 839 -5.73 6.44 12.32
CA GLY C 839 -6.63 5.56 13.01
C GLY C 839 -5.91 4.62 13.91
N GLN C 840 -6.58 3.56 14.34
CA GLN C 840 -5.97 2.65 15.29
C GLN C 840 -5.13 1.64 14.53
N PHE C 841 -4.11 2.15 13.87
CA PHE C 841 -3.25 1.36 13.03
C PHE C 841 -2.52 0.31 13.80
N CYS C 842 -1.94 0.73 14.89
CA CYS C 842 -1.16 -0.17 15.67
C CYS C 842 -2.01 -1.17 16.41
N SER C 843 -3.27 -0.85 16.67
CA SER C 843 -4.08 -1.83 17.33
C SER C 843 -4.30 -2.96 16.35
N LYS C 844 -4.46 -2.62 15.08
CA LYS C 844 -4.70 -3.63 14.07
C LYS C 844 -3.48 -4.50 13.87
N ILE C 845 -2.29 -3.90 13.92
CA ILE C 845 -1.07 -4.68 13.76
C ILE C 845 -0.93 -5.66 14.89
N ASN C 846 -1.18 -5.18 16.11
CA ASN C 846 -1.02 -6.04 17.25
C ASN C 846 -2.02 -7.15 17.34
N GLN C 847 -3.26 -6.86 16.96
CA GLN C 847 -4.27 -7.87 17.05
C GLN C 847 -4.11 -8.90 15.98
N ALA C 848 -3.68 -8.47 14.79
CA ALA C 848 -3.48 -9.43 13.74
C ALA C 848 -2.37 -10.39 14.07
N LEU C 849 -1.30 -9.88 14.68
CA LEU C 849 -0.20 -10.75 15.01
C LEU C 849 -0.54 -11.57 16.21
N HIS C 850 -1.32 -11.04 17.14
CA HIS C 850 -1.65 -11.81 18.31
C HIS C 850 -2.41 -13.03 17.88
N GLY C 851 -3.37 -12.84 16.98
CA GLY C 851 -4.16 -13.97 16.50
C GLY C 851 -3.30 -14.97 15.76
N ALA C 852 -2.40 -14.45 14.91
CA ALA C 852 -1.49 -15.29 14.15
C ALA C 852 -0.58 -16.08 15.04
N ASN C 853 -0.21 -15.53 16.19
CA ASN C 853 0.68 -16.23 17.09
C ASN C 853 -0.09 -17.27 17.88
N LEU C 854 -1.36 -16.97 18.23
CA LEU C 854 -2.17 -17.95 18.97
C LEU C 854 -2.37 -19.15 18.10
N ARG C 855 -2.48 -18.90 16.81
CA ARG C 855 -2.69 -19.95 15.86
C ARG C 855 -1.61 -21.00 15.91
N GLN C 856 -0.35 -20.62 16.19
CA GLN C 856 0.67 -21.63 16.24
C GLN C 856 0.58 -22.33 17.56
N ASP C 857 0.24 -21.63 18.63
CA ASP C 857 0.17 -22.39 19.87
C ASP C 857 -0.96 -23.41 19.77
N ASP C 858 -2.04 -23.06 19.06
CA ASP C 858 -3.14 -24.00 18.92
C ASP C 858 -2.77 -25.12 17.98
N SER C 859 -2.02 -24.80 16.93
CA SER C 859 -1.59 -25.79 15.96
C SER C 859 -0.69 -26.80 16.58
N VAL C 860 0.24 -26.33 17.41
CA VAL C 860 1.18 -27.19 18.11
C VAL C 860 0.48 -28.03 19.12
N ARG C 861 -0.42 -27.44 19.88
CA ARG C 861 -1.10 -28.20 20.90
C ARG C 861 -1.88 -29.34 20.27
N ASN C 862 -2.53 -29.07 19.13
CA ASN C 862 -3.34 -30.07 18.46
C ASN C 862 -2.49 -31.14 17.83
N LEU C 863 -1.36 -30.73 17.25
CA LEU C 863 -0.50 -31.67 16.62
C LEU C 863 0.07 -32.61 17.63
N PHE C 864 0.53 -32.10 18.76
CA PHE C 864 1.13 -33.01 19.71
C PHE C 864 0.12 -33.84 20.41
N ALA C 865 -1.08 -33.32 20.59
CA ALA C 865 -2.11 -34.13 21.21
C ALA C 865 -2.34 -35.38 20.41
N SER C 866 -2.18 -35.28 19.08
CA SER C 866 -2.35 -36.42 18.20
C SER C 866 -1.14 -37.33 18.06
N VAL C 867 0.08 -36.81 18.29
CA VAL C 867 1.25 -37.69 18.17
C VAL C 867 1.28 -38.54 19.42
N LYS C 868 0.79 -37.96 20.53
CA LYS C 868 0.81 -38.60 21.81
C LYS C 868 0.24 -39.99 21.78
N SER C 869 1.00 -40.91 22.37
CA SER C 869 0.61 -42.30 22.47
C SER C 869 -0.25 -42.52 23.71
N SER C 870 -1.13 -43.50 23.67
CA SER C 870 -1.90 -43.90 24.85
C SER C 870 -1.09 -44.83 25.72
N GLN C 871 -0.49 -45.79 25.04
CA GLN C 871 0.29 -46.90 25.57
C GLN C 871 1.57 -46.92 24.76
N SER C 872 2.69 -47.24 25.38
CA SER C 872 3.97 -47.31 24.67
C SER C 872 4.96 -48.19 25.41
N SER C 873 5.90 -48.81 24.71
CA SER C 873 6.92 -49.54 25.42
C SER C 873 8.08 -48.59 25.73
N PRO C 874 8.85 -48.79 26.82
CA PRO C 874 10.05 -48.05 27.11
C PRO C 874 11.09 -48.21 26.03
N ILE C 875 11.88 -47.18 25.77
CA ILE C 875 12.99 -47.32 24.85
C ILE C 875 14.16 -47.73 25.71
N ILE C 876 14.82 -48.80 25.36
CA ILE C 876 15.97 -49.24 26.11
C ILE C 876 17.09 -49.33 25.12
N PRO C 877 18.36 -49.25 25.48
CA PRO C 877 19.43 -49.47 24.56
C PRO C 877 19.19 -50.84 23.98
N GLY C 878 19.33 -51.02 22.67
CA GLY C 878 19.09 -52.37 22.14
C GLY C 878 17.70 -52.47 21.52
N PHE C 879 16.91 -51.41 21.70
CA PHE C 879 15.59 -51.31 21.13
C PHE C 879 15.82 -51.54 19.66
N GLY C 880 14.99 -52.37 19.03
CA GLY C 880 15.14 -52.70 17.62
C GLY C 880 15.67 -54.12 17.39
N GLY C 881 16.30 -54.71 18.41
CA GLY C 881 16.81 -56.07 18.21
C GLY C 881 17.91 -56.04 17.14
N ASP C 882 17.72 -56.83 16.07
CA ASP C 882 18.70 -56.90 15.00
C ASP C 882 18.61 -55.68 14.09
N PHE C 883 17.57 -54.89 14.29
CA PHE C 883 17.33 -53.69 13.53
C PHE C 883 17.96 -52.55 14.30
N ASN C 884 18.92 -51.92 13.79
CA ASN C 884 19.74 -50.90 14.34
C ASN C 884 19.00 -49.61 14.50
N LEU C 885 18.37 -49.26 15.48
CA LEU C 885 17.59 -48.08 15.69
C LEU C 885 18.32 -47.12 16.61
N THR C 886 19.64 -47.30 16.82
CA THR C 886 20.33 -46.44 17.81
C THR C 886 20.29 -45.01 17.41
N LEU C 887 20.20 -44.78 16.11
CA LEU C 887 20.07 -43.51 15.43
C LEU C 887 18.87 -42.73 15.99
N LEU C 888 17.81 -43.47 16.27
CA LEU C 888 16.54 -42.93 16.74
C LEU C 888 16.41 -42.94 18.29
N GLU C 889 17.17 -43.79 18.98
CA GLU C 889 17.05 -43.87 20.43
C GLU C 889 17.50 -42.54 21.02
N PRO C 890 16.90 -42.04 22.10
CA PRO C 890 17.31 -40.82 22.78
C PRO C 890 18.72 -40.97 23.29
N VAL C 891 19.51 -39.91 23.17
CA VAL C 891 20.87 -40.00 23.68
C VAL C 891 20.90 -39.72 25.17
N ALA C 900 15.86 -35.78 26.27
CA ALA C 900 16.97 -36.20 25.43
C ALA C 900 16.53 -36.40 24.00
N ARG C 901 17.22 -35.74 23.08
CA ARG C 901 16.91 -35.89 21.67
C ARG C 901 17.70 -37.09 21.14
N SER C 902 17.23 -37.65 20.03
CA SER C 902 17.93 -38.78 19.39
C SER C 902 19.16 -38.30 18.66
N ALA C 903 20.03 -39.22 18.27
CA ALA C 903 21.22 -38.84 17.55
C ALA C 903 20.93 -38.18 16.21
N ILE C 904 19.93 -38.70 15.49
CA ILE C 904 19.64 -38.11 14.18
C ILE C 904 19.04 -36.75 14.38
N GLU C 905 18.25 -36.61 15.42
CA GLU C 905 17.58 -35.36 15.72
C GLU C 905 18.61 -34.30 16.08
N ASP C 906 19.62 -34.66 16.87
CA ASP C 906 20.65 -33.65 17.16
C ASP C 906 21.42 -33.32 15.92
N LEU C 907 21.66 -34.31 15.05
CA LEU C 907 22.42 -34.02 13.86
C LEU C 907 21.65 -33.08 12.97
N LEU C 908 20.33 -33.31 12.88
CA LEU C 908 19.48 -32.49 12.04
C LEU C 908 19.55 -31.06 12.51
N PHE C 909 19.48 -30.85 13.81
CA PHE C 909 19.57 -29.48 14.31
C PHE C 909 20.96 -28.89 14.15
N ASP C 910 22.02 -29.68 14.38
CA ASP C 910 23.38 -29.13 14.30
C ASP C 910 23.75 -28.70 12.90
N LYS C 911 23.19 -29.37 11.90
CA LYS C 911 23.51 -29.06 10.52
C LYS C 911 22.72 -27.93 9.91
N VAL C 912 21.75 -27.39 10.65
CA VAL C 912 20.93 -26.31 10.10
C VAL C 912 21.39 -25.00 10.76
N THR C 913 21.65 -23.97 9.97
CA THR C 913 22.13 -22.75 10.60
C THR C 913 20.96 -21.92 11.06
N ILE C 914 20.85 -21.80 12.37
CA ILE C 914 19.76 -21.11 13.03
C ILE C 914 20.31 -20.08 13.99
N ALA C 915 19.86 -18.85 13.92
CA ALA C 915 20.34 -17.84 14.88
C ALA C 915 19.73 -18.17 16.23
N ASP C 916 20.47 -17.93 17.32
CA ASP C 916 19.94 -18.15 18.66
C ASP C 916 19.11 -16.95 19.13
N PRO C 917 17.79 -17.06 19.30
CA PRO C 917 16.91 -15.99 19.69
C PRO C 917 17.13 -15.46 21.11
N GLY C 918 17.85 -16.20 21.98
CA GLY C 918 18.08 -15.61 23.29
C GLY C 918 16.83 -15.50 24.15
N TYR C 919 16.02 -16.53 24.18
CA TYR C 919 14.78 -16.43 24.91
C TYR C 919 14.93 -16.06 26.37
N MET C 920 15.98 -16.53 27.05
CA MET C 920 16.12 -16.23 28.47
C MET C 920 16.80 -14.89 28.75
N GLN C 921 17.84 -14.53 28.00
CA GLN C 921 18.55 -13.29 28.29
C GLN C 921 19.16 -12.59 27.07
N GLY C 922 18.56 -12.73 25.88
CA GLY C 922 19.08 -12.15 24.64
C GLY C 922 19.30 -10.67 24.69
N TYR C 923 18.47 -9.99 25.48
CA TYR C 923 18.56 -8.56 25.65
C TYR C 923 19.95 -8.19 26.09
N ASP C 924 20.48 -8.96 27.03
CA ASP C 924 21.77 -8.73 27.60
C ASP C 924 22.88 -9.24 26.73
N ASP C 925 22.65 -10.32 26.02
CA ASP C 925 23.74 -10.83 25.20
C ASP C 925 24.10 -9.79 24.16
N CYS C 926 23.07 -9.12 23.66
CA CYS C 926 23.25 -8.11 22.60
C CYS C 926 23.84 -6.82 23.10
N MET C 927 24.00 -6.67 24.41
CA MET C 927 24.61 -5.49 24.97
C MET C 927 26.04 -5.80 25.42
N GLN C 928 26.24 -6.94 26.09
CA GLN C 928 27.57 -7.27 26.60
C GLN C 928 28.48 -7.83 25.53
N GLN C 929 27.91 -8.45 24.50
CA GLN C 929 28.70 -8.98 23.41
C GLN C 929 28.43 -8.17 22.15
N GLY C 930 27.18 -7.77 21.96
CA GLY C 930 26.79 -7.07 20.75
C GLY C 930 26.41 -8.09 19.68
N PRO C 931 26.08 -7.65 18.46
CA PRO C 931 25.67 -8.45 17.33
C PRO C 931 26.73 -9.44 16.94
N ALA C 932 26.29 -10.65 16.55
CA ALA C 932 27.20 -11.70 16.09
C ALA C 932 27.83 -11.40 14.75
N SER C 933 27.08 -10.74 13.88
CA SER C 933 27.56 -10.44 12.54
C SER C 933 26.78 -9.32 11.90
N ALA C 934 27.06 -9.08 10.64
CA ALA C 934 26.33 -8.05 9.92
C ALA C 934 24.88 -8.49 9.82
N ARG C 935 23.93 -7.57 9.89
CA ARG C 935 22.55 -8.00 9.74
C ARG C 935 22.10 -9.05 10.75
N ASP C 936 22.43 -8.84 12.02
CA ASP C 936 22.03 -9.75 13.08
C ASP C 936 20.61 -9.40 13.48
N LEU C 937 19.68 -10.30 13.12
CA LEU C 937 18.27 -10.06 13.27
C LEU C 937 17.77 -10.39 14.64
N ILE C 938 18.66 -10.91 15.48
CA ILE C 938 18.21 -11.16 16.82
C ILE C 938 18.51 -9.88 17.58
N CYS C 939 19.68 -9.31 17.39
CA CYS C 939 19.95 -8.09 18.15
C CYS C 939 19.15 -6.92 17.63
N ALA C 940 18.72 -7.01 16.37
CA ALA C 940 17.90 -5.98 15.76
C ALA C 940 16.61 -5.82 16.49
N GLN C 941 16.18 -6.83 17.23
CA GLN C 941 14.88 -6.75 17.87
C GLN C 941 14.76 -5.60 18.84
N TYR C 942 15.85 -5.29 19.54
CA TYR C 942 15.76 -4.34 20.64
C TYR C 942 15.99 -2.95 20.16
N VAL C 943 16.30 -2.88 18.87
CA VAL C 943 16.63 -1.66 18.20
C VAL C 943 15.48 -1.23 17.31
N ALA C 944 15.02 -2.17 16.48
CA ALA C 944 13.94 -1.96 15.53
C ALA C 944 12.57 -1.91 16.16
N GLY C 945 12.36 -2.60 17.30
CA GLY C 945 11.03 -2.57 17.88
C GLY C 945 10.21 -3.84 17.65
N TYR C 946 10.87 -4.98 17.46
CA TYR C 946 10.12 -6.22 17.26
C TYR C 946 10.64 -7.28 18.20
N LYS C 947 9.83 -8.28 18.48
CA LYS C 947 10.25 -9.33 19.38
C LYS C 947 9.93 -10.70 18.89
N VAL C 948 10.91 -11.57 19.02
CA VAL C 948 10.70 -12.97 18.70
C VAL C 948 10.22 -13.68 19.96
N LEU C 949 9.08 -14.36 19.85
CA LEU C 949 8.50 -15.02 21.00
C LEU C 949 8.91 -16.47 21.04
N PRO C 950 9.04 -17.07 22.22
CA PRO C 950 9.33 -18.46 22.41
C PRO C 950 8.17 -19.34 21.97
N PRO C 951 8.45 -20.57 21.56
CA PRO C 951 7.54 -21.60 21.16
C PRO C 951 6.78 -22.10 22.35
N LEU C 952 5.63 -22.74 22.09
CA LEU C 952 4.75 -23.29 23.10
C LEU C 952 5.31 -24.39 23.96
N MET C 953 6.17 -25.24 23.39
CA MET C 953 6.77 -26.33 24.13
C MET C 953 8.29 -26.22 24.13
N ASP C 954 8.95 -26.59 25.24
CA ASP C 954 10.39 -26.56 25.24
C ASP C 954 10.88 -27.80 24.52
N VAL C 955 12.16 -27.88 24.27
CA VAL C 955 12.77 -29.00 23.60
C VAL C 955 12.61 -30.33 24.30
N ASN C 956 12.72 -30.38 25.61
CA ASN C 956 12.62 -31.68 26.20
C ASN C 956 11.20 -32.23 26.09
N MET C 957 10.19 -31.37 26.12
CA MET C 957 8.85 -31.87 25.97
C MET C 957 8.62 -32.38 24.57
N GLU C 958 9.14 -31.68 23.56
CA GLU C 958 8.92 -32.19 22.22
C GLU C 958 9.64 -33.50 22.04
N ALA C 959 10.83 -33.62 22.65
CA ALA C 959 11.57 -34.88 22.55
C ALA C 959 10.79 -35.99 23.21
N ALA C 960 10.13 -35.69 24.33
CA ALA C 960 9.35 -36.68 25.04
C ALA C 960 8.23 -37.20 24.17
N TYR C 961 7.64 -36.32 23.38
CA TYR C 961 6.55 -36.78 22.55
C TYR C 961 7.02 -37.70 21.45
N THR C 962 8.17 -37.41 20.83
CA THR C 962 8.58 -38.29 19.75
C THR C 962 9.25 -39.54 20.28
N SER C 963 9.76 -39.47 21.51
CA SER C 963 10.36 -40.63 22.09
C SER C 963 9.29 -41.63 22.46
N SER C 964 8.16 -41.14 22.98
CA SER C 964 7.09 -42.04 23.35
C SER C 964 6.46 -42.59 22.13
N LEU C 965 6.51 -41.84 21.03
CA LEU C 965 5.97 -42.27 19.76
C LEU C 965 6.81 -43.41 19.23
N LEU C 966 8.14 -43.29 19.33
CA LEU C 966 9.02 -44.35 18.83
C LEU C 966 8.70 -45.67 19.49
N GLY C 967 8.49 -45.62 20.79
CA GLY C 967 8.26 -46.82 21.57
C GLY C 967 6.90 -47.43 21.38
N SER C 968 6.04 -46.71 20.69
CA SER C 968 4.71 -47.20 20.46
C SER C 968 4.60 -47.85 19.11
N ILE C 969 5.61 -47.75 18.23
CA ILE C 969 5.38 -48.19 16.87
C ILE C 969 5.11 -49.67 16.68
N ALA C 970 5.93 -50.51 17.26
CA ALA C 970 5.75 -51.93 17.05
C ALA C 970 4.41 -52.43 17.55
N GLY C 971 3.94 -51.87 18.65
CA GLY C 971 2.73 -52.37 19.26
C GLY C 971 1.47 -51.63 18.92
N VAL C 972 1.57 -50.66 18.04
CA VAL C 972 0.37 -49.91 17.72
C VAL C 972 -0.12 -50.38 16.36
N GLY C 973 0.78 -50.49 15.38
CA GLY C 973 0.36 -50.89 14.05
C GLY C 973 0.30 -52.41 13.93
N TRP C 974 -0.44 -53.06 14.83
CA TRP C 974 -0.42 -54.52 14.86
C TRP C 974 -1.76 -55.15 14.54
N THR C 975 -2.84 -54.78 15.23
CA THR C 975 -4.13 -55.41 14.90
C THR C 975 -5.32 -54.49 14.97
N ALA C 976 -6.51 -55.07 14.92
CA ALA C 976 -7.76 -54.30 14.91
C ALA C 976 -7.96 -53.44 16.14
N GLY C 977 -8.49 -52.23 15.92
CA GLY C 977 -8.82 -51.30 17.00
C GLY C 977 -7.62 -50.46 17.38
N LEU C 978 -7.84 -49.34 18.04
CA LEU C 978 -6.72 -48.50 18.48
C LEU C 978 -6.55 -48.56 19.98
N SER C 979 -7.26 -49.49 20.62
CA SER C 979 -7.35 -49.57 22.07
C SER C 979 -6.38 -50.47 22.82
N SER C 980 -5.72 -51.40 22.14
CA SER C 980 -4.87 -52.30 22.87
C SER C 980 -3.47 -52.14 22.37
N PHE C 981 -2.51 -52.49 23.19
CA PHE C 981 -1.11 -52.37 22.78
C PHE C 981 -0.38 -53.68 22.90
N ALA C 982 0.23 -54.07 21.81
CA ALA C 982 0.99 -55.31 21.80
C ALA C 982 2.47 -55.02 22.02
N ALA C 983 2.99 -55.31 23.18
CA ALA C 983 4.39 -54.98 23.42
C ALA C 983 5.25 -56.07 22.84
N ILE C 984 5.52 -55.94 21.55
CA ILE C 984 6.24 -56.95 20.81
C ILE C 984 7.51 -56.33 20.32
N PRO C 985 8.54 -57.09 20.01
CA PRO C 985 9.77 -56.63 19.44
C PRO C 985 9.60 -55.91 18.16
N PHE C 986 10.43 -54.93 17.91
CA PHE C 986 10.45 -54.20 16.66
C PHE C 986 10.63 -55.14 15.50
N ALA C 987 11.56 -56.06 15.64
CA ALA C 987 11.82 -57.00 14.57
C ALA C 987 10.59 -57.80 14.20
N GLN C 988 9.80 -58.17 15.20
CA GLN C 988 8.63 -58.98 14.95
C GLN C 988 7.63 -58.16 14.17
N SER C 989 7.56 -56.87 14.50
CA SER C 989 6.69 -55.94 13.81
C SER C 989 7.07 -55.80 12.36
N ILE C 990 8.38 -55.72 12.09
CA ILE C 990 8.85 -55.62 10.72
C ILE C 990 8.46 -56.84 9.93
N PHE C 991 8.59 -58.01 10.51
CA PHE C 991 8.26 -59.16 9.72
C PHE C 991 6.78 -59.21 9.43
N TYR C 992 5.93 -58.74 10.35
CA TYR C 992 4.50 -58.74 10.02
C TYR C 992 4.24 -57.72 8.92
N ARG C 993 4.93 -56.59 8.97
CA ARG C 993 4.79 -55.56 7.95
C ARG C 993 5.24 -56.00 6.58
N LEU C 994 6.29 -56.82 6.51
CA LEU C 994 6.73 -57.34 5.25
C LEU C 994 5.80 -58.41 4.73
N ASN C 995 5.27 -59.21 5.64
CA ASN C 995 4.35 -60.25 5.21
C ASN C 995 3.10 -59.65 4.64
N GLY C 996 2.72 -58.51 5.20
CA GLY C 996 1.54 -57.82 4.81
C GLY C 996 1.59 -57.16 3.47
N VAL C 997 2.78 -57.11 2.86
CA VAL C 997 2.88 -56.47 1.57
C VAL C 997 3.19 -57.48 0.49
N GLY C 998 3.14 -58.78 0.82
CA GLY C 998 3.41 -59.75 -0.21
C GLY C 998 4.68 -60.56 -0.12
N ILE C 999 5.41 -60.49 0.97
CA ILE C 999 6.60 -61.34 1.05
C ILE C 999 6.20 -62.52 1.91
N THR C 1000 6.36 -63.74 1.43
CA THR C 1000 5.85 -64.86 2.22
C THR C 1000 6.67 -65.13 3.45
N GLN C 1001 6.10 -65.90 4.37
CA GLN C 1001 6.76 -66.23 5.61
C GLN C 1001 7.93 -67.14 5.43
N GLN C 1002 7.92 -67.97 4.38
CA GLN C 1002 9.06 -68.83 4.17
C GLN C 1002 10.26 -67.98 3.83
N VAL C 1003 10.02 -66.93 3.07
CA VAL C 1003 11.08 -66.04 2.63
C VAL C 1003 11.61 -65.24 3.79
N LEU C 1004 10.68 -64.71 4.58
CA LEU C 1004 11.10 -63.87 5.68
C LEU C 1004 11.87 -64.68 6.69
N SER C 1005 11.47 -65.95 6.88
CA SER C 1005 12.14 -66.84 7.82
C SER C 1005 13.55 -67.19 7.40
N GLU C 1006 13.74 -67.42 6.09
CA GLU C 1006 15.06 -67.77 5.59
C GLU C 1006 15.99 -66.57 5.61
N ASN C 1007 15.43 -65.39 5.38
CA ASN C 1007 16.19 -64.17 5.27
C ASN C 1007 16.13 -63.21 6.43
N GLN C 1008 15.85 -63.64 7.65
CA GLN C 1008 15.73 -62.63 8.68
C GLN C 1008 16.98 -61.80 8.90
N LYS C 1009 18.15 -62.40 8.74
CA LYS C 1009 19.37 -61.64 8.97
C LYS C 1009 19.64 -60.76 7.77
N LEU C 1010 19.23 -61.20 6.58
CA LEU C 1010 19.46 -60.42 5.39
C LEU C 1010 18.58 -59.19 5.41
N ILE C 1011 17.36 -59.36 5.89
CA ILE C 1011 16.39 -58.29 5.98
C ILE C 1011 16.86 -57.28 6.99
N ALA C 1012 17.29 -57.75 8.17
CA ALA C 1012 17.77 -56.80 9.16
C ALA C 1012 18.97 -56.06 8.63
N ASN C 1013 19.85 -56.73 7.87
CA ASN C 1013 21.01 -56.03 7.37
C ASN C 1013 20.63 -54.99 6.37
N LYS C 1014 19.67 -55.27 5.50
CA LYS C 1014 19.28 -54.28 4.51
C LYS C 1014 18.62 -53.09 5.15
N PHE C 1015 17.82 -53.37 6.18
CA PHE C 1015 17.15 -52.30 6.89
C PHE C 1015 18.19 -51.40 7.51
N ASN C 1016 19.19 -52.03 8.13
CA ASN C 1016 20.24 -51.29 8.80
C ASN C 1016 21.06 -50.48 7.83
N GLN C 1017 21.24 -50.98 6.62
CA GLN C 1017 21.97 -50.20 5.63
C GLN C 1017 21.15 -48.99 5.25
N ALA C 1018 19.83 -49.17 5.10
CA ALA C 1018 18.99 -48.06 4.70
C ALA C 1018 19.03 -46.94 5.69
N LEU C 1019 19.06 -47.27 6.99
CA LEU C 1019 19.09 -46.22 7.99
C LEU C 1019 20.49 -45.74 8.24
N GLY C 1020 21.47 -46.63 8.18
CA GLY C 1020 22.83 -46.21 8.44
C GLY C 1020 23.30 -45.24 7.39
N ALA C 1021 22.82 -45.43 6.16
CA ALA C 1021 23.14 -44.61 4.99
C ALA C 1021 22.67 -43.20 5.14
N MET C 1022 21.72 -43.00 6.03
CA MET C 1022 21.12 -41.73 6.25
C MET C 1022 21.90 -40.89 7.25
N GLN C 1023 22.82 -41.49 8.00
CA GLN C 1023 23.52 -40.73 9.04
C GLN C 1023 24.31 -39.60 8.44
N THR C 1024 24.79 -39.79 7.23
CA THR C 1024 25.61 -38.81 6.54
C THR C 1024 24.82 -38.08 5.48
N GLY C 1025 23.50 -38.24 5.50
CA GLY C 1025 22.63 -37.66 4.50
C GLY C 1025 22.24 -36.19 4.65
N PHE C 1026 22.54 -35.53 5.76
CA PHE C 1026 22.11 -34.14 5.90
C PHE C 1026 23.06 -33.20 5.22
N THR C 1027 23.00 -33.23 3.91
CA THR C 1027 23.85 -32.53 2.97
C THR C 1027 23.10 -31.86 1.87
N THR C 1028 23.86 -31.39 0.89
CA THR C 1028 23.36 -30.59 -0.23
C THR C 1028 22.45 -31.33 -1.19
N THR C 1029 22.52 -32.63 -1.18
CA THR C 1029 21.73 -33.44 -2.08
C THR C 1029 20.44 -33.94 -1.45
N ASN C 1030 20.22 -33.59 -0.17
CA ASN C 1030 19.04 -34.05 0.56
C ASN C 1030 17.92 -33.00 0.52
N GLU C 1031 16.94 -33.20 -0.36
CA GLU C 1031 15.90 -32.21 -0.52
C GLU C 1031 15.15 -31.92 0.76
N ALA C 1032 14.85 -32.95 1.54
CA ALA C 1032 14.12 -32.73 2.78
C ALA C 1032 14.94 -31.86 3.72
N PHE C 1033 16.24 -32.06 3.71
CA PHE C 1033 17.11 -31.29 4.55
C PHE C 1033 17.09 -29.82 4.10
N GLN C 1034 17.18 -29.54 2.80
CA GLN C 1034 17.09 -28.13 2.43
C GLN C 1034 15.74 -27.56 2.82
N LYS C 1035 14.66 -28.34 2.77
CA LYS C 1035 13.41 -27.73 3.18
C LYS C 1035 13.47 -27.30 4.62
N VAL C 1036 14.24 -28.02 5.45
CA VAL C 1036 14.35 -27.61 6.84
C VAL C 1036 15.07 -26.27 6.90
N GLN C 1037 16.17 -26.15 6.15
CA GLN C 1037 16.93 -24.90 6.15
C GLN C 1037 16.12 -23.77 5.57
N ASP C 1038 15.28 -24.05 4.59
CA ASP C 1038 14.48 -23.01 3.98
C ASP C 1038 13.43 -22.52 4.94
N ALA C 1039 12.85 -23.41 5.74
CA ALA C 1039 11.86 -22.94 6.70
C ALA C 1039 12.52 -21.94 7.63
N VAL C 1040 13.78 -22.23 7.97
CA VAL C 1040 14.58 -21.37 8.83
C VAL C 1040 14.88 -20.06 8.12
N ASN C 1041 15.23 -20.13 6.86
CA ASN C 1041 15.54 -18.94 6.12
C ASN C 1041 14.33 -18.07 5.96
N ASN C 1042 13.14 -18.67 5.88
CA ASN C 1042 11.94 -17.89 5.72
C ASN C 1042 11.65 -17.11 6.97
N ASN C 1043 11.99 -17.68 8.13
CA ASN C 1043 11.78 -16.93 9.35
C ASN C 1043 12.72 -15.75 9.38
N ALA C 1044 13.95 -15.97 8.91
CA ALA C 1044 14.90 -14.88 8.91
C ALA C 1044 14.48 -13.79 7.96
N GLN C 1045 13.92 -14.16 6.82
CA GLN C 1045 13.52 -13.13 5.86
C GLN C 1045 12.43 -12.28 6.42
N ALA C 1046 11.51 -12.91 7.15
CA ALA C 1046 10.41 -12.16 7.71
C ALA C 1046 10.91 -11.09 8.64
N LEU C 1047 11.99 -11.39 9.38
CA LEU C 1047 12.51 -10.42 10.33
C LEU C 1047 13.35 -9.38 9.64
N SER C 1048 13.95 -9.75 8.51
CA SER C 1048 14.82 -8.82 7.82
C SER C 1048 14.02 -7.71 7.24
N LYS C 1049 12.71 -7.90 7.02
CA LYS C 1049 11.96 -6.80 6.45
C LYS C 1049 11.91 -5.69 7.48
N LEU C 1050 11.66 -6.04 8.73
CA LEU C 1050 11.59 -5.00 9.73
C LEU C 1050 12.95 -4.41 9.99
N ALA C 1051 13.97 -5.24 10.05
CA ALA C 1051 15.27 -4.66 10.35
C ALA C 1051 15.79 -3.74 9.26
N SER C 1052 15.53 -4.09 7.99
CA SER C 1052 16.07 -3.32 6.88
C SER C 1052 15.28 -2.15 6.39
N GLU C 1053 14.00 -2.09 6.69
CA GLU C 1053 13.20 -1.01 6.14
C GLU C 1053 13.25 0.29 6.91
N LEU C 1054 13.76 0.29 8.13
CA LEU C 1054 13.78 1.54 8.88
C LEU C 1054 14.84 2.49 8.39
N SER C 1055 15.74 2.01 7.56
CA SER C 1055 16.79 2.86 7.02
C SER C 1055 16.36 3.58 5.76
N ASN C 1056 15.17 3.26 5.26
CA ASN C 1056 14.70 3.88 4.03
C ASN C 1056 14.13 5.25 4.33
N THR C 1057 14.14 6.13 3.33
CA THR C 1057 13.61 7.45 3.58
C THR C 1057 12.29 7.62 2.91
N PHE C 1058 12.00 6.79 1.91
CA PHE C 1058 10.75 6.85 1.22
C PHE C 1058 10.47 8.23 0.64
N GLY C 1059 11.54 8.87 0.16
CA GLY C 1059 11.48 10.19 -0.43
C GLY C 1059 11.79 11.33 0.52
N ALA C 1060 11.87 11.02 1.82
CA ALA C 1060 12.17 12.00 2.85
C ALA C 1060 13.62 12.38 2.84
N ILE C 1061 13.93 13.51 3.46
CA ILE C 1061 15.30 14.02 3.57
C ILE C 1061 16.18 13.17 4.47
N SER C 1062 15.56 12.42 5.35
CA SER C 1062 16.24 11.53 6.25
C SER C 1062 15.35 10.42 6.72
N ALA C 1063 15.95 9.27 7.09
CA ALA C 1063 15.20 8.17 7.70
C ALA C 1063 14.97 8.44 9.18
N SER C 1064 15.64 9.46 9.68
CA SER C 1064 15.56 9.84 11.05
C SER C 1064 14.55 10.94 11.30
N ILE C 1065 13.62 10.67 12.18
CA ILE C 1065 12.62 11.63 12.56
C ILE C 1065 13.30 12.78 13.23
N GLY C 1066 14.29 12.47 14.07
CA GLY C 1066 15.03 13.50 14.76
C GLY C 1066 15.70 14.48 13.81
N ASP C 1067 16.19 14.01 12.64
CA ASP C 1067 16.83 14.90 11.67
C ASP C 1067 15.80 15.79 11.04
N ILE C 1068 14.62 15.26 10.81
CA ILE C 1068 13.57 16.02 10.18
C ILE C 1068 13.16 17.14 11.09
N ILE C 1069 12.97 16.81 12.37
CA ILE C 1069 12.55 17.80 13.33
C ILE C 1069 13.61 18.87 13.52
N GLN C 1070 14.86 18.44 13.63
CA GLN C 1070 15.96 19.38 13.80
C GLN C 1070 16.16 20.32 12.61
N ARG C 1071 15.89 19.87 11.40
CA ARG C 1071 16.08 20.72 10.23
C ARG C 1071 14.88 21.55 9.76
N LEU C 1072 13.66 21.03 9.90
CA LEU C 1072 12.50 21.69 9.34
C LEU C 1072 11.44 22.21 10.31
N ASP C 1073 10.74 23.27 9.90
CA ASP C 1073 9.58 23.77 10.63
C ASP C 1073 8.34 22.97 10.29
N PRO C 1074 7.33 22.92 11.17
CA PRO C 1074 6.10 22.17 11.05
C PRO C 1074 5.44 22.03 9.68
N PRO C 1075 5.18 23.04 8.87
CA PRO C 1075 4.50 22.81 7.62
C PRO C 1075 5.26 21.89 6.65
N GLU C 1076 6.60 21.80 6.80
CA GLU C 1076 7.37 20.94 5.91
C GLU C 1076 7.80 19.71 6.67
N GLN C 1077 8.02 19.91 7.97
CA GLN C 1077 8.45 18.88 8.89
C GLN C 1077 7.42 17.79 8.88
N ASP C 1078 6.15 18.21 8.83
CA ASP C 1078 5.00 17.34 8.82
C ASP C 1078 5.02 16.46 7.61
N ALA C 1079 5.25 17.03 6.44
CA ALA C 1079 5.28 16.29 5.20
C ALA C 1079 6.37 15.24 5.18
N GLN C 1080 7.51 15.58 5.77
CA GLN C 1080 8.62 14.64 5.79
C GLN C 1080 8.42 13.52 6.76
N ILE C 1081 7.82 13.82 7.92
CA ILE C 1081 7.56 12.77 8.88
C ILE C 1081 6.52 11.88 8.31
N ASP C 1082 5.54 12.47 7.65
CA ASP C 1082 4.47 11.72 7.06
C ASP C 1082 5.00 10.77 5.99
N ARG C 1083 6.01 11.16 5.21
CA ARG C 1083 6.55 10.17 4.29
C ARG C 1083 7.10 8.97 5.02
N LEU C 1084 7.78 9.22 6.15
CA LEU C 1084 8.33 8.09 6.86
C LEU C 1084 7.21 7.25 7.43
N ILE C 1085 6.14 7.89 7.89
CA ILE C 1085 5.04 7.11 8.43
C ILE C 1085 4.45 6.26 7.35
N ASN C 1086 4.17 6.82 6.19
CA ASN C 1086 3.53 6.01 5.18
C ASN C 1086 4.36 4.80 4.83
N GLY C 1087 5.67 4.97 4.75
CA GLY C 1087 6.54 3.88 4.40
C GLY C 1087 6.59 2.81 5.45
N ARG C 1088 6.52 3.22 6.70
CA ARG C 1088 6.60 2.27 7.78
C ARG C 1088 5.28 1.59 8.01
N LEU C 1089 4.18 2.30 7.74
CA LEU C 1089 2.89 1.67 7.92
C LEU C 1089 2.76 0.61 6.85
N THR C 1090 3.26 0.92 5.66
CA THR C 1090 3.22 0.01 4.54
C THR C 1090 4.01 -1.21 4.83
N THR C 1091 5.21 -1.02 5.40
CA THR C 1091 6.05 -2.13 5.77
C THR C 1091 5.38 -3.02 6.78
N LEU C 1092 4.76 -2.43 7.80
CA LEU C 1092 4.10 -3.26 8.78
C LEU C 1092 2.91 -3.95 8.22
N ASN C 1093 2.18 -3.33 7.30
CA ASN C 1093 1.05 -4.04 6.74
C ASN C 1093 1.53 -5.21 5.94
N ALA C 1094 2.63 -5.05 5.21
CA ALA C 1094 3.16 -6.14 4.42
C ALA C 1094 3.63 -7.27 5.29
N PHE C 1095 4.26 -6.92 6.41
CA PHE C 1095 4.74 -7.90 7.36
C PHE C 1095 3.62 -8.70 7.91
N VAL C 1096 2.59 -8.03 8.36
CA VAL C 1096 1.47 -8.72 8.93
C VAL C 1096 0.82 -9.57 7.87
N ALA C 1097 0.63 -9.04 6.67
CA ALA C 1097 -0.01 -9.87 5.68
C ALA C 1097 0.75 -11.15 5.49
N GLN C 1098 2.09 -11.09 5.50
CA GLN C 1098 2.84 -12.31 5.34
C GLN C 1098 2.81 -13.18 6.55
N GLN C 1099 2.75 -12.62 7.76
CA GLN C 1099 2.69 -13.53 8.89
C GLN C 1099 1.39 -14.28 8.85
N LEU C 1100 0.32 -13.63 8.39
CA LEU C 1100 -0.95 -14.33 8.27
C LEU C 1100 -0.87 -15.39 7.16
N VAL C 1101 -0.21 -15.10 6.03
CA VAL C 1101 -0.10 -16.11 4.99
C VAL C 1101 0.73 -17.28 5.44
N ARG C 1102 1.84 -16.99 6.10
CA ARG C 1102 2.74 -18.01 6.55
C ARG C 1102 2.17 -18.84 7.68
N SER C 1103 1.38 -18.22 8.57
CA SER C 1103 0.79 -18.98 9.64
C SER C 1103 -0.37 -19.82 9.15
N GLU C 1104 -1.02 -19.39 8.07
CA GLU C 1104 -2.10 -20.19 7.53
C GLU C 1104 -1.51 -21.40 6.88
N SER C 1105 -0.40 -21.19 6.15
CA SER C 1105 0.27 -22.28 5.48
C SER C 1105 0.82 -23.27 6.45
N ALA C 1106 1.46 -22.79 7.50
CA ALA C 1106 2.01 -23.67 8.50
C ALA C 1106 0.91 -24.46 9.18
N ALA C 1107 -0.24 -23.85 9.43
CA ALA C 1107 -1.32 -24.58 10.05
C ALA C 1107 -1.84 -25.71 9.17
N LEU C 1108 -1.91 -25.47 7.85
CA LEU C 1108 -2.37 -26.54 6.98
C LEU C 1108 -1.38 -27.65 6.97
N SER C 1109 -0.13 -27.25 6.97
CA SER C 1109 0.97 -28.18 6.95
C SER C 1109 0.96 -28.99 8.22
N ALA C 1110 0.68 -28.36 9.35
CA ALA C 1110 0.59 -29.08 10.61
C ALA C 1110 -0.47 -30.15 10.57
N GLN C 1111 -1.57 -29.91 9.86
CA GLN C 1111 -2.58 -30.95 9.77
C GLN C 1111 -2.08 -32.08 8.88
N LEU C 1112 -1.21 -31.76 7.91
CA LEU C 1112 -0.64 -32.82 7.10
C LEU C 1112 0.26 -33.67 7.97
N ALA C 1113 1.03 -33.00 8.84
CA ALA C 1113 1.92 -33.71 9.74
C ALA C 1113 1.14 -34.62 10.65
N LYS C 1114 -0.03 -34.14 11.10
CA LYS C 1114 -0.91 -34.93 11.94
C LYS C 1114 -1.34 -36.18 11.23
N ASP C 1115 -1.72 -36.03 9.96
CA ASP C 1115 -2.16 -37.19 9.20
C ASP C 1115 -1.04 -38.15 8.98
N LYS C 1116 0.17 -37.66 8.73
CA LYS C 1116 1.26 -38.58 8.55
C LYS C 1116 1.62 -39.29 9.81
N VAL C 1117 1.55 -38.65 10.94
CA VAL C 1117 1.88 -39.44 12.09
C VAL C 1117 0.87 -40.56 12.21
N ASN C 1118 -0.42 -40.25 12.06
CA ASN C 1118 -1.39 -41.31 12.25
C ASN C 1118 -1.40 -42.39 11.17
N GLU C 1119 -1.14 -41.98 9.93
CA GLU C 1119 -1.13 -42.87 8.77
C GLU C 1119 0.15 -43.59 8.53
N CYS C 1120 1.31 -43.04 8.71
CA CYS C 1120 2.57 -43.43 8.48
C CYS C 1120 3.39 -44.15 9.58
N VAL C 1121 3.18 -43.37 10.77
CA VAL C 1121 4.02 -43.75 11.90
C VAL C 1121 3.30 -44.70 12.81
N LYS C 1122 2.04 -44.40 13.11
CA LYS C 1122 1.26 -45.23 14.01
C LYS C 1122 0.58 -46.37 13.26
N ALA C 1123 0.80 -46.44 11.97
CA ALA C 1123 0.20 -47.45 11.15
C ALA C 1123 1.05 -47.74 9.93
N GLN C 1124 0.90 -48.92 9.36
CA GLN C 1124 1.52 -49.18 8.08
C GLN C 1124 0.55 -48.65 7.02
N SER C 1125 1.04 -47.84 6.08
CA SER C 1125 0.13 -47.28 5.08
C SER C 1125 0.06 -48.13 3.86
N LYS C 1126 -1.12 -48.19 3.26
CA LYS C 1126 -1.33 -48.88 1.99
C LYS C 1126 -1.56 -47.89 0.85
N ARG C 1127 -1.35 -46.61 1.13
CA ARG C 1127 -1.55 -45.55 0.16
C ARG C 1127 -0.28 -45.23 -0.61
N SER C 1128 -0.24 -45.56 -1.88
CA SER C 1128 0.98 -45.33 -2.60
C SER C 1128 1.32 -43.88 -2.60
N GLY C 1129 2.56 -43.56 -2.28
CA GLY C 1129 3.06 -42.20 -2.37
C GLY C 1129 2.66 -41.28 -1.25
N PHE C 1130 1.87 -41.78 -0.30
CA PHE C 1130 1.46 -40.88 0.76
C PHE C 1130 2.58 -40.68 1.71
N CYS C 1131 3.20 -41.78 2.07
CA CYS C 1131 4.30 -41.75 2.99
C CYS C 1131 5.51 -41.57 2.09
N GLY C 1132 6.32 -42.61 1.94
CA GLY C 1132 7.45 -42.47 1.06
C GLY C 1132 7.20 -43.16 -0.26
N GLN C 1133 8.27 -43.36 -1.00
CA GLN C 1133 8.18 -44.05 -2.28
C GLN C 1133 8.35 -45.54 -2.05
N GLY C 1134 7.87 -46.35 -2.97
CA GLY C 1134 8.00 -47.79 -2.82
C GLY C 1134 6.89 -48.25 -1.90
N THR C 1135 6.97 -49.45 -1.38
CA THR C 1135 5.89 -49.93 -0.53
C THR C 1135 6.19 -49.56 0.91
N HIS C 1136 5.28 -48.90 1.58
CA HIS C 1136 5.59 -48.48 2.95
C HIS C 1136 5.66 -49.61 3.92
N ILE C 1137 6.71 -49.57 4.76
CA ILE C 1137 6.88 -50.53 5.82
C ILE C 1137 6.76 -49.86 7.18
N VAL C 1138 7.63 -48.91 7.47
CA VAL C 1138 7.59 -48.28 8.80
C VAL C 1138 8.07 -46.83 8.72
N SER C 1139 7.52 -45.94 9.52
CA SER C 1139 8.06 -44.58 9.54
C SER C 1139 8.42 -44.16 10.94
N PHE C 1140 9.37 -43.24 11.03
CA PHE C 1140 9.80 -42.71 12.29
C PHE C 1140 9.69 -41.21 12.26
N VAL C 1141 9.53 -40.57 13.41
CA VAL C 1141 9.49 -39.11 13.49
C VAL C 1141 10.41 -38.51 14.53
N VAL C 1142 11.13 -37.47 14.13
CA VAL C 1142 11.97 -36.69 15.05
C VAL C 1142 11.56 -35.24 14.87
N ASN C 1143 11.94 -34.38 15.79
CA ASN C 1143 11.59 -32.99 15.63
C ASN C 1143 12.60 -32.31 14.74
N ALA C 1144 12.15 -31.26 14.09
CA ALA C 1144 12.95 -30.44 13.22
C ALA C 1144 12.76 -29.00 13.67
N PRO C 1145 13.64 -28.06 13.32
CA PRO C 1145 13.58 -26.66 13.69
C PRO C 1145 12.21 -25.99 13.61
N ASN C 1146 11.43 -26.22 12.56
CA ASN C 1146 10.11 -25.59 12.53
C ASN C 1146 9.03 -26.62 12.27
N GLY C 1147 9.22 -27.85 12.74
CA GLY C 1147 8.24 -28.89 12.45
C GLY C 1147 8.74 -30.28 12.70
N LEU C 1148 8.26 -31.23 11.93
CA LEU C 1148 8.62 -32.63 12.10
C LEU C 1148 9.41 -33.15 10.91
N TYR C 1149 10.33 -34.05 11.20
CA TYR C 1149 11.08 -34.67 10.13
C TYR C 1149 10.69 -36.15 10.11
N PHE C 1150 10.11 -36.57 9.00
CA PHE C 1150 9.61 -37.92 8.82
C PHE C 1150 10.67 -38.74 8.17
N MET C 1151 10.76 -39.97 8.63
CA MET C 1151 11.77 -40.86 8.15
C MET C 1151 11.04 -42.08 7.62
N HIS C 1152 10.73 -42.14 6.32
CA HIS C 1152 9.84 -43.21 5.87
C HIS C 1152 10.62 -44.37 5.29
N VAL C 1153 10.49 -45.55 5.85
CA VAL C 1153 11.25 -46.66 5.31
C VAL C 1153 10.35 -47.47 4.42
N GLY C 1154 10.73 -47.57 3.16
CA GLY C 1154 9.93 -48.31 2.21
C GLY C 1154 10.68 -49.47 1.63
N TYR C 1155 9.93 -50.33 1.00
CA TYR C 1155 10.42 -51.51 0.33
C TYR C 1155 10.56 -51.22 -1.14
N TYR C 1156 11.76 -51.38 -1.63
CA TYR C 1156 12.06 -51.09 -3.01
C TYR C 1156 12.48 -52.33 -3.75
N PRO C 1157 11.70 -52.80 -4.69
CA PRO C 1157 11.94 -53.98 -5.44
C PRO C 1157 13.03 -53.74 -6.46
N SER C 1158 13.69 -54.80 -6.88
CA SER C 1158 14.65 -54.71 -7.97
C SER C 1158 14.80 -56.02 -8.71
N ASN C 1159 15.48 -55.95 -9.84
CA ASN C 1159 15.75 -57.13 -10.65
C ASN C 1159 14.50 -57.90 -10.99
N HIS C 1160 13.51 -57.22 -11.50
CA HIS C 1160 12.28 -57.87 -11.87
C HIS C 1160 12.49 -58.84 -12.99
N ILE C 1161 11.75 -59.93 -12.94
CA ILE C 1161 11.76 -60.92 -14.01
C ILE C 1161 10.36 -61.13 -14.49
N GLU C 1162 10.20 -61.65 -15.67
CA GLU C 1162 8.87 -61.97 -16.14
C GLU C 1162 8.60 -63.45 -16.07
N VAL C 1163 7.45 -63.79 -15.49
CA VAL C 1163 6.99 -65.16 -15.41
C VAL C 1163 5.59 -65.23 -15.94
N VAL C 1164 5.12 -66.43 -16.22
CA VAL C 1164 3.76 -66.61 -16.70
C VAL C 1164 2.85 -67.02 -15.57
N SER C 1165 1.74 -66.29 -15.44
CA SER C 1165 0.79 -66.49 -14.37
C SER C 1165 -0.61 -66.84 -14.82
N ALA C 1166 -1.32 -67.52 -13.92
CA ALA C 1166 -2.71 -67.89 -14.11
C ALA C 1166 -3.63 -66.92 -13.40
N TYR C 1167 -4.87 -66.79 -13.87
CA TYR C 1167 -5.81 -65.96 -13.14
C TYR C 1167 -6.37 -66.76 -11.99
N GLY C 1168 -6.29 -68.07 -12.14
CA GLY C 1168 -6.78 -69.03 -11.18
C GLY C 1168 -6.64 -70.41 -11.80
N LEU C 1169 -6.87 -71.42 -10.97
CA LEU C 1169 -6.77 -72.81 -11.37
C LEU C 1169 -8.02 -73.58 -11.02
N CYS C 1170 -8.52 -74.41 -11.91
CA CYS C 1170 -9.66 -75.25 -11.67
C CYS C 1170 -9.36 -76.71 -11.83
N ASP C 1171 -10.03 -77.56 -11.09
CA ASP C 1171 -9.87 -78.98 -11.33
C ASP C 1171 -10.51 -79.32 -12.66
N ALA C 1172 -9.73 -79.83 -13.61
CA ALA C 1172 -10.27 -80.14 -14.93
C ALA C 1172 -11.39 -81.16 -14.87
N ALA C 1173 -11.29 -82.13 -13.93
CA ALA C 1173 -12.31 -83.16 -13.79
C ALA C 1173 -13.51 -82.64 -13.02
N ASN C 1174 -13.25 -81.64 -12.18
CA ASN C 1174 -14.26 -81.05 -11.32
C ASN C 1174 -14.24 -79.53 -11.48
N PRO C 1175 -14.73 -79.02 -12.62
CA PRO C 1175 -14.59 -77.66 -13.14
C PRO C 1175 -15.21 -76.56 -12.31
N THR C 1176 -16.01 -76.92 -11.32
CA THR C 1176 -16.61 -75.90 -10.47
C THR C 1176 -15.76 -75.67 -9.22
N ASN C 1177 -14.71 -76.47 -9.05
CA ASN C 1177 -13.83 -76.35 -7.89
C ASN C 1177 -12.57 -75.56 -8.28
N CYS C 1178 -12.57 -74.27 -7.99
CA CYS C 1178 -11.49 -73.40 -8.43
C CYS C 1178 -10.88 -72.61 -7.33
N ILE C 1179 -9.62 -72.27 -7.51
CA ILE C 1179 -8.85 -71.43 -6.61
C ILE C 1179 -8.19 -70.25 -7.27
N ALA C 1180 -7.97 -69.26 -6.45
CA ALA C 1180 -7.26 -68.07 -6.82
C ALA C 1180 -6.23 -67.87 -5.76
N PRO C 1181 -5.10 -67.24 -6.06
CA PRO C 1181 -4.05 -66.96 -5.12
C PRO C 1181 -4.45 -65.85 -4.18
N VAL C 1182 -3.89 -65.88 -2.98
CA VAL C 1182 -4.10 -64.82 -2.03
C VAL C 1182 -2.84 -64.04 -1.76
N ASN C 1183 -2.87 -62.75 -2.11
CA ASN C 1183 -1.74 -61.83 -1.98
C ASN C 1183 -0.47 -62.32 -2.68
N GLY C 1184 -0.68 -62.90 -3.84
CA GLY C 1184 0.38 -63.49 -4.61
C GLY C 1184 -0.15 -63.99 -5.91
N TYR C 1185 0.68 -64.79 -6.56
CA TYR C 1185 0.36 -65.28 -7.88
C TYR C 1185 0.59 -66.75 -8.03
N PHE C 1186 -0.17 -67.35 -8.94
CA PHE C 1186 0.06 -68.72 -9.38
C PHE C 1186 0.96 -68.62 -10.60
N ILE C 1187 2.12 -69.25 -10.55
CA ILE C 1187 3.11 -69.16 -11.62
C ILE C 1187 3.52 -70.52 -12.16
N LYS C 1188 3.95 -70.53 -13.42
CA LYS C 1188 4.42 -71.78 -14.01
C LYS C 1188 5.87 -72.01 -13.64
N THR C 1189 6.19 -73.25 -13.32
CA THR C 1189 7.55 -73.65 -12.99
C THR C 1189 7.69 -75.15 -13.00
N GLU C 1197 4.03 -78.29 -11.47
CA GLU C 1197 3.76 -77.40 -12.58
C GLU C 1197 3.46 -76.01 -12.10
N TRP C 1198 2.34 -75.86 -11.40
CA TRP C 1198 1.96 -74.57 -10.85
C TRP C 1198 2.47 -74.42 -9.44
N SER C 1199 2.90 -73.23 -9.10
CA SER C 1199 3.32 -72.97 -7.74
C SER C 1199 2.90 -71.58 -7.39
N TYR C 1200 3.04 -71.23 -6.14
CA TYR C 1200 2.63 -69.92 -5.64
C TYR C 1200 3.80 -69.02 -5.31
N THR C 1201 3.68 -67.74 -5.57
CA THR C 1201 4.73 -66.82 -5.10
C THR C 1201 4.04 -65.61 -4.47
N GLY C 1202 4.65 -64.99 -3.46
CA GLY C 1202 4.06 -63.79 -2.88
C GLY C 1202 4.17 -62.64 -3.85
N SER C 1203 3.30 -61.65 -3.75
CA SER C 1203 3.33 -60.59 -4.75
C SER C 1203 4.54 -59.69 -4.78
N SER C 1204 5.26 -59.59 -3.69
CA SER C 1204 6.38 -58.67 -3.68
C SER C 1204 7.73 -59.31 -3.86
N PHE C 1205 7.77 -60.61 -3.95
CA PHE C 1205 9.09 -61.20 -4.04
C PHE C 1205 8.98 -62.55 -4.66
N TYR C 1206 9.71 -62.77 -5.74
CA TYR C 1206 9.62 -64.04 -6.39
C TYR C 1206 10.31 -65.10 -5.61
N ALA C 1207 9.54 -66.07 -5.21
CA ALA C 1207 10.02 -67.15 -4.39
C ALA C 1207 9.00 -68.24 -4.42
N PRO C 1208 9.01 -69.11 -5.42
CA PRO C 1208 8.00 -70.12 -5.60
C PRO C 1208 7.94 -71.06 -4.39
N GLU C 1209 6.71 -71.43 -4.03
CA GLU C 1209 6.44 -72.36 -2.94
C GLU C 1209 5.21 -73.13 -3.36
N PRO C 1210 4.88 -74.29 -2.80
CA PRO C 1210 3.71 -75.05 -3.15
C PRO C 1210 2.43 -74.29 -2.92
N ILE C 1211 1.43 -74.59 -3.74
CA ILE C 1211 0.10 -74.06 -3.59
C ILE C 1211 -0.56 -74.88 -2.52
N THR C 1212 -1.03 -74.22 -1.50
CA THR C 1212 -1.66 -74.85 -0.35
C THR C 1212 -2.90 -74.10 0.02
N SER C 1213 -3.65 -74.60 0.96
CA SER C 1213 -4.86 -73.92 1.43
C SER C 1213 -4.56 -72.61 2.15
N LEU C 1214 -3.30 -72.39 2.51
CA LEU C 1214 -2.93 -71.17 3.22
C LEU C 1214 -2.60 -70.01 2.29
N ASN C 1215 -2.53 -70.26 0.98
CA ASN C 1215 -2.17 -69.21 0.04
C ASN C 1215 -3.17 -69.11 -1.10
N THR C 1216 -4.30 -69.77 -0.91
CA THR C 1216 -5.39 -69.78 -1.89
C THR C 1216 -6.72 -69.50 -1.26
N LYS C 1217 -7.67 -69.15 -2.11
CA LYS C 1217 -9.05 -69.01 -1.71
C LYS C 1217 -9.89 -69.69 -2.75
N TYR C 1218 -11.02 -70.25 -2.35
CA TYR C 1218 -11.88 -70.85 -3.34
C TYR C 1218 -12.69 -69.77 -3.98
N VAL C 1219 -12.83 -69.89 -5.27
CA VAL C 1219 -13.56 -68.93 -6.08
C VAL C 1219 -14.55 -69.55 -7.02
N ALA C 1220 -15.46 -68.75 -7.54
CA ALA C 1220 -16.34 -69.21 -8.57
C ALA C 1220 -15.49 -69.44 -9.82
N PRO C 1221 -15.81 -70.40 -10.69
CA PRO C 1221 -15.09 -70.67 -11.92
C PRO C 1221 -15.19 -69.55 -12.91
N GLN C 1222 -14.12 -69.35 -13.67
CA GLN C 1222 -14.06 -68.34 -14.70
C GLN C 1222 -13.40 -68.90 -15.94
N VAL C 1223 -13.70 -68.30 -17.06
CA VAL C 1223 -13.17 -68.68 -18.37
C VAL C 1223 -11.65 -68.55 -18.48
N THR C 1224 -11.07 -67.72 -17.65
CA THR C 1224 -9.63 -67.48 -17.65
C THR C 1224 -8.85 -68.37 -16.70
N TYR C 1225 -9.55 -69.23 -15.97
CA TYR C 1225 -8.86 -70.11 -15.05
C TYR C 1225 -8.36 -71.30 -15.84
N GLN C 1226 -7.24 -71.88 -15.43
CA GLN C 1226 -6.68 -73.00 -16.16
C GLN C 1226 -7.31 -74.29 -15.74
N ASN C 1227 -7.53 -75.24 -16.67
CA ASN C 1227 -8.00 -76.54 -16.30
C ASN C 1227 -6.89 -77.48 -16.03
N ILE C 1228 -6.59 -77.86 -14.82
CA ILE C 1228 -5.45 -78.71 -14.53
C ILE C 1228 -5.89 -80.14 -14.22
N SER C 1229 -5.22 -81.09 -14.85
CA SER C 1229 -5.57 -82.50 -14.74
C SER C 1229 -4.53 -83.47 -14.20
N THR C 1230 -3.35 -82.99 -13.82
CA THR C 1230 -2.31 -83.88 -13.35
C THR C 1230 -1.86 -83.56 -11.94
N ASN C 1231 -0.90 -82.66 -11.82
CA ASN C 1231 -0.41 -82.35 -10.48
C ASN C 1231 -1.27 -81.30 -9.83
N LEU C 1232 -2.41 -81.76 -9.35
CA LEU C 1232 -3.42 -80.92 -8.77
C LEU C 1232 -2.91 -80.57 -7.38
N PRO C 1233 -2.97 -79.31 -6.95
CA PRO C 1233 -2.56 -78.91 -5.63
C PRO C 1233 -3.60 -79.42 -4.63
N PRO C 1234 -3.24 -79.62 -3.37
CA PRO C 1234 -4.11 -80.07 -2.30
C PRO C 1234 -5.47 -79.38 -2.14
N PRO C 1235 -5.69 -78.07 -2.35
CA PRO C 1235 -7.02 -77.50 -2.27
C PRO C 1235 -7.98 -78.02 -3.36
N LEU C 1236 -7.44 -78.52 -4.48
CA LEU C 1236 -8.29 -79.10 -5.53
C LEU C 1236 -8.36 -80.63 -5.47
N LEU C 1237 -7.53 -81.26 -4.64
CA LEU C 1237 -7.59 -82.73 -4.56
C LEU C 1237 -8.72 -83.16 -3.67
N GLY C 1238 -9.94 -83.01 -4.17
CA GLY C 1238 -11.16 -83.30 -3.42
C GLY C 1238 -11.99 -84.34 -4.14
C1 NAG D . -23.54 39.69 -47.38
C2 NAG D . -23.26 41.22 -47.51
C3 NAG D . -21.74 41.45 -47.56
C4 NAG D . -21.00 40.99 -46.29
C5 NAG D . -21.44 39.48 -46.22
C6 NAG D . -20.95 38.80 -44.97
C7 NAG D . -24.84 42.53 -48.77
C8 NAG D . -25.35 42.91 -50.12
N2 NAG D . -23.82 41.72 -48.74
O3 NAG D . -21.54 42.85 -47.73
O4 NAG D . -19.64 40.91 -46.48
O5 NAG D . -22.89 39.24 -46.20
O6 NAG D . -20.37 37.52 -45.26
O7 NAG D . -25.37 42.95 -47.75
C1 NAG D . -18.98 42.20 -46.17
C2 NAG D . -17.57 41.87 -45.63
C3 NAG D . -16.88 43.23 -45.38
C4 NAG D . -16.71 44.11 -46.63
C5 NAG D . -18.20 44.26 -47.08
C6 NAG D . -18.27 45.05 -48.36
C7 NAG D . -17.38 39.93 -44.15
C8 NAG D . -17.62 39.41 -42.76
N2 NAG D . -17.74 41.17 -44.37
O3 NAG D . -15.58 42.99 -44.83
O4 NAG D . -16.22 45.32 -46.23
O5 NAG D . -18.87 43.01 -47.34
O6 NAG D . -19.60 45.14 -48.85
O7 NAG D . -16.87 39.22 -45.02
C1 BMA D . -15.05 45.68 -47.09
C2 BMA D . -14.75 47.21 -46.78
C3 BMA D . -13.59 47.75 -47.65
C4 BMA D . -12.43 46.79 -47.23
C5 BMA D . -12.77 45.30 -47.52
C6 BMA D . -11.63 44.39 -47.13
O2 BMA D . -14.42 47.33 -45.38
O3 BMA D . -13.26 49.03 -47.30
O4 BMA D . -11.26 47.10 -47.97
O5 BMA D . -13.91 44.90 -46.78
O6 BMA D . -10.43 44.85 -47.72
C1 MAN D . -13.67 49.98 -48.38
C2 MAN D . -12.96 51.36 -48.08
C3 MAN D . -13.42 51.97 -46.74
C4 MAN D . -14.94 52.16 -46.85
C5 MAN D . -15.58 50.81 -47.12
C6 MAN D . -17.07 50.92 -47.24
O2 MAN D . -13.26 52.26 -49.14
O3 MAN D . -12.79 53.23 -46.50
O4 MAN D . -15.43 52.72 -45.63
O5 MAN D . -15.07 50.24 -48.37
O6 MAN D . -17.60 51.72 -46.19
C1 NAG E . -19.38 50.17 -31.12
C2 NAG E . -18.83 50.61 -29.72
C3 NAG E . -18.95 52.15 -29.56
C4 NAG E . -18.12 52.86 -30.66
C5 NAG E . -18.70 52.39 -32.01
C6 NAG E . -17.84 52.91 -33.16
C7 NAG E . -19.18 49.02 -27.94
C8 NAG E . -20.12 48.44 -26.94
N2 NAG E . -19.62 50.01 -28.67
O3 NAG E . -18.44 52.52 -28.26
O4 NAG E . -17.82 54.19 -30.51
O5 NAG E . -18.63 50.90 -32.10
O6 NAG E . -16.75 52.05 -33.45
O7 NAG E . -18.04 48.57 -28.07
C1 NAG E . -19.03 55.05 -30.49
C2 NAG E . -18.52 56.44 -29.95
C3 NAG E . -19.72 57.39 -29.90
C4 NAG E . -20.27 57.50 -31.31
C5 NAG E . -20.70 56.11 -31.79
C6 NAG E . -21.24 56.18 -33.19
C7 NAG E . -16.66 56.37 -28.40
C8 NAG E . -16.20 56.12 -26.99
N2 NAG E . -17.95 56.27 -28.63
O3 NAG E . -19.34 58.68 -29.40
O4 NAG E . -21.39 58.38 -31.32
O5 NAG E . -19.59 55.22 -31.79
O6 NAG E . -22.35 57.06 -33.23
O7 NAG E . -15.85 56.66 -29.28
C1 NAG F . -20.61 43.09 5.73
C2 NAG F . -22.14 43.11 5.36
C3 NAG F . -22.30 43.87 4.02
C4 NAG F . -21.74 45.32 4.19
C5 NAG F . -20.25 45.23 4.63
C6 NAG F . -19.67 46.60 4.96
C7 NAG F . -23.64 41.24 5.97
C8 NAG F . -24.02 39.81 5.74
N2 NAG F . -22.64 41.73 5.24
O3 NAG F . -23.68 43.91 3.67
O4 NAG F . -21.76 45.93 2.89
O5 NAG F . -20.13 44.45 5.85
O6 NAG F . -20.25 47.18 6.12
O7 NAG F . -24.23 41.93 6.81
C1 NAG F . -22.56 47.19 2.83
C2 NAG F . -22.07 48.04 1.60
C3 NAG F . -22.95 49.32 1.53
C4 NAG F . -24.44 48.88 1.37
C5 NAG F . -24.85 48.01 2.58
C6 NAG F . -26.27 47.48 2.43
C7 NAG F . -19.62 47.68 1.40
C8 NAG F . -18.24 48.21 1.69
N2 NAG F . -20.65 48.41 1.81
O3 NAG F . -22.53 50.11 0.41
O4 NAG F . -25.30 50.04 1.32
O5 NAG F . -23.96 46.85 2.66
O6 NAG F . -26.72 46.81 3.59
O7 NAG F . -19.76 46.59 0.81
C1 BMA F . -25.81 50.36 -0.05
C2 BMA F . -27.29 50.84 0.04
C3 BMA F . -27.77 51.18 -1.38
C4 BMA F . -26.86 52.27 -1.97
C5 BMA F . -25.40 51.74 -1.99
C6 BMA F . -24.41 52.79 -2.51
O2 BMA F . -27.38 51.99 0.89
O3 BMA F . -29.13 51.66 -1.34
O4 BMA F . -27.29 52.58 -3.29
O5 BMA F . -24.98 51.38 -0.63
O6 BMA F . -24.96 54.10 -2.52
C1 MAN F . -30.17 50.58 -1.56
C2 MAN F . -31.51 51.22 -2.04
C3 MAN F . -32.05 52.11 -0.91
C4 MAN F . -32.26 51.25 0.32
C5 MAN F . -30.91 50.63 0.72
C6 MAN F . -31.05 49.75 1.94
O2 MAN F . -32.44 50.15 -2.27
O3 MAN F . -33.28 52.71 -1.31
O4 MAN F . -32.75 52.06 1.38
O5 MAN F . -30.38 49.82 -0.37
O6 MAN F . -31.26 50.52 3.11
C1 MAN F . -33.05 50.14 -3.65
C2 MAN F . -34.34 49.26 -3.67
C3 MAN F . -33.95 47.79 -3.38
C4 MAN F . -32.93 47.31 -4.45
C5 MAN F . -31.68 48.23 -4.40
C6 MAN F . -30.64 47.87 -5.46
O2 MAN F . -35.00 49.40 -4.93
O3 MAN F . -35.13 46.97 -3.40
O4 MAN F . -32.54 45.97 -4.16
O5 MAN F . -32.09 49.63 -4.63
O6 MAN F . -29.40 48.52 -5.24
C1 MAN F . -23.97 55.18 -2.30
C2 MAN F . -24.53 56.15 -1.23
C3 MAN F . -25.83 56.76 -1.76
C4 MAN F . -25.51 57.49 -3.06
C5 MAN F . -24.94 56.49 -4.06
C6 MAN F . -24.58 57.17 -5.36
O2 MAN F . -23.58 57.18 -0.92
O3 MAN F . -26.37 57.67 -0.80
O4 MAN F . -26.71 58.07 -3.57
O5 MAN F . -23.72 55.88 -3.53
O6 MAN F . -25.75 57.55 -6.09
C1 MAN F . -22.69 56.85 0.25
C2 MAN F . -23.38 57.19 1.61
C3 MAN F . -23.62 58.72 1.68
C4 MAN F . -22.27 59.47 1.54
C5 MAN F . -21.61 59.06 0.18
C6 MAN F . -20.24 59.70 0.00
O2 MAN F . -22.56 56.74 2.70
O3 MAN F . -24.25 59.05 2.93
O4 MAN F . -22.50 60.87 1.58
O5 MAN F . -21.44 57.60 0.13
O6 MAN F . -19.74 59.47 -1.32
C1 NAG G . -13.93 -45.91 -30.44
C2 NAG G . -14.58 -46.47 -31.75
C3 NAG G . -14.22 -45.51 -32.93
C4 NAG G . -14.80 -44.06 -32.73
C5 NAG G . -14.16 -43.67 -31.38
C6 NAG G . -14.64 -42.32 -30.92
C7 NAG G . -14.75 -48.86 -32.01
C8 NAG G . -14.05 -50.16 -32.21
N2 NAG G . -14.02 -47.78 -32.01
O3 NAG G . -14.74 -46.06 -34.15
O4 NAG G . -14.27 -43.33 -33.75
O5 NAG G . -14.43 -44.58 -30.25
O6 NAG G . -14.33 -42.10 -29.55
O7 NAG G . -15.98 -48.81 -31.87
C1 NAG G . -15.29 -42.39 -34.30
C2 NAG G . -14.48 -41.20 -34.94
C3 NAG G . -15.51 -40.21 -35.53
C4 NAG G . -16.34 -40.88 -36.65
C5 NAG G . -17.03 -42.09 -35.90
C6 NAG G . -17.84 -42.92 -36.86
C7 NAG G . -12.36 -40.74 -33.86
C8 NAG G . -11.63 -40.04 -32.75
N2 NAG G . -13.66 -40.54 -33.95
O3 NAG G . -14.84 -39.04 -36.01
O4 NAG G . -17.34 -40.08 -37.15
O5 NAG G . -16.08 -43.02 -35.29
O6 NAG G . -19.22 -42.77 -36.60
O7 NAG G . -11.76 -41.47 -34.66
C1 BMA G . -16.83 -39.35 -38.36
C2 BMA G . -17.97 -39.42 -39.43
C3 BMA G . -17.48 -38.63 -40.65
C4 BMA G . -17.21 -37.19 -40.20
C5 BMA G . -16.13 -37.22 -39.10
C6 BMA G . -15.86 -35.81 -38.61
O2 BMA G . -19.17 -38.81 -38.94
O3 BMA G . -18.48 -38.65 -41.68
O4 BMA G . -16.74 -36.44 -41.32
O5 BMA G . -16.57 -37.99 -37.98
O6 BMA G . -15.67 -34.92 -39.71
C1 NAG H . -32.85 -68.22 15.67
C2 NAG H . -33.87 -67.11 16.10
C3 NAG H . -33.12 -66.27 17.20
C4 NAG H . -32.70 -67.03 18.50
C5 NAG H . -31.81 -68.13 17.85
C6 NAG H . -31.25 -69.10 18.86
C7 NAG H . -35.27 -65.55 14.89
C8 NAG H . -35.40 -64.58 13.74
N2 NAG H . -34.18 -66.26 14.97
O3 NAG H . -33.96 -65.17 17.59
O4 NAG H . -32.01 -66.09 19.20
O5 NAG H . -32.45 -68.98 16.82
O6 NAG H . -32.28 -69.67 19.66
O7 NAG H . -36.19 -65.64 15.71
C1 NAG H . -32.15 -66.28 20.68
C2 NAG H . -30.89 -65.59 21.32
C3 NAG H . -30.98 -65.79 22.86
C4 NAG H . -32.25 -65.11 23.47
C5 NAG H . -33.38 -65.81 22.63
C6 NAG H . -34.69 -65.17 23.00
C7 NAG H . -28.67 -65.47 20.30
C8 NAG H . -27.61 -66.26 19.61
N2 NAG H . -29.71 -66.16 20.72
O3 NAG H . -29.80 -65.28 23.46
O4 NAG H . -32.35 -65.51 24.76
O5 NAG H . -33.33 -65.70 21.17
O6 NAG H . -35.72 -65.55 22.10
O7 NAG H . -28.55 -64.25 20.45
C1 BMA H . -32.54 -64.38 25.73
C2 BMA H . -31.16 -63.96 26.39
C3 BMA H . -31.36 -63.01 27.60
C4 BMA H . -32.13 -61.84 26.90
C5 BMA H . -33.46 -62.32 26.27
C6 BMA H . -34.26 -61.19 25.68
O2 BMA H . -30.40 -63.35 25.37
O3 BMA H . -30.14 -62.57 28.04
O4 BMA H . -32.44 -60.85 27.86
O5 BMA H . -33.24 -63.27 25.22
O6 BMA H . -34.37 -60.13 26.61
C1 MAN H . -29.95 -63.01 29.47
C2 MAN H . -28.72 -62.20 30.04
C3 MAN H . -27.41 -62.51 29.29
C4 MAN H . -27.18 -64.02 29.44
C5 MAN H . -28.37 -64.76 28.84
C6 MAN H . -28.21 -66.26 28.95
O2 MAN H . -28.56 -62.53 31.41
O3 MAN H . -26.32 -61.80 29.89
O4 MAN H . -25.98 -64.38 28.78
O5 MAN H . -29.60 -64.40 29.55
O6 MAN H . -26.86 -66.65 28.75
C1 NAG I . -10.77 -6.24 -34.49
C2 NAG I . -9.94 -7.12 -35.47
C3 NAG I . -10.60 -8.54 -35.57
C4 NAG I . -10.57 -9.28 -34.20
C5 NAG I . -11.42 -8.32 -33.31
C6 NAG I . -11.45 -8.78 -31.88
C7 NAG I . -8.76 -6.12 -37.30
C8 NAG I . -8.78 -5.56 -38.69
N2 NAG I . -9.88 -6.53 -36.79
O3 NAG I . -9.91 -9.32 -36.56
O4 NAG I . -11.20 -10.49 -34.32
O5 NAG I . -10.83 -6.96 -33.27
O6 NAG I . -12.64 -8.34 -31.22
O7 NAG I . -7.71 -6.18 -36.68
C1 NAG I . -10.26 -11.56 -33.86
C2 NAG I . -11.16 -12.81 -33.53
C3 NAG I . -10.21 -13.91 -33.04
C4 NAG I . -9.21 -14.21 -34.16
C5 NAG I . -8.43 -12.92 -34.46
C6 NAG I . -7.44 -13.16 -35.57
C7 NAG I . -13.35 -12.23 -32.67
C8 NAG I . -14.16 -11.83 -31.49
N2 NAG I . -12.08 -12.48 -32.47
O3 NAG I . -10.93 -15.10 -32.70
O4 NAG I . -8.31 -15.22 -33.74
O5 NAG I . -9.32 -11.88 -34.88
O6 NAG I . -6.63 -14.27 -35.29
O7 NAG I . -13.85 -12.33 -33.79
C1 NAG J . -32.58 10.68 -47.69
C2 NAG J . -31.74 10.05 -46.54
C3 NAG J . -30.21 10.15 -46.91
C4 NAG J . -29.84 9.38 -48.20
C5 NAG J . -30.77 10.09 -49.22
C6 NAG J . -30.61 9.47 -50.58
C7 NAG J . -32.48 10.37 -44.24
C8 NAG J . -32.66 11.30 -43.09
N2 NAG J . -31.95 10.83 -45.34
O3 NAG J . -29.47 9.60 -45.83
O4 NAG J . -28.54 9.63 -48.53
O5 NAG J . -32.20 10.03 -48.90
O6 NAG J . -31.77 9.64 -51.38
O7 NAG J . -32.83 9.20 -44.14
C1 NAG J . -27.80 8.33 -48.66
C2 NAG J . -26.53 8.63 -49.52
C3 NAG J . -25.74 7.30 -49.69
C4 NAG J . -25.26 6.80 -48.31
C5 NAG J . -26.59 6.63 -47.51
C6 NAG J . -26.31 6.23 -46.08
C7 NAG J . -26.35 10.25 -51.30
C8 NAG J . -26.95 10.85 -52.52
N2 NAG J . -26.95 9.21 -50.78
O3 NAG J . -24.64 7.48 -50.57
O4 NAG J . -24.69 5.56 -48.44
O5 NAG J . -27.37 7.84 -47.39
O6 NAG J . -25.85 7.32 -45.31
O7 NAG J . -25.31 10.70 -50.81
C1 BMA J . -23.20 5.65 -48.11
C2 BMA J . -22.76 4.21 -47.60
C3 BMA J . -21.28 4.28 -47.21
C4 BMA J . -20.56 4.77 -48.52
C5 BMA J . -21.06 6.11 -48.95
C6 BMA J . -20.30 6.66 -50.22
O2 BMA J . -22.92 3.30 -48.67
O3 BMA J . -20.90 3.04 -47.03
O4 BMA J . -19.16 4.85 -48.21
O5 BMA J . -22.48 6.03 -49.26
O6 BMA J . -21.26 6.54 -51.09
C1 MAN J . -20.23 3.22 -45.76
C2 MAN J . -19.18 2.02 -45.63
C3 MAN J . -19.85 0.65 -45.76
C4 MAN J . -20.95 0.55 -44.70
C5 MAN J . -21.94 1.70 -44.88
C6 MAN J . -23.02 1.65 -43.86
O2 MAN J . -18.57 2.09 -44.33
O3 MAN J . -18.89 -0.40 -45.59
O4 MAN J . -21.59 -0.71 -44.79
O5 MAN J . -21.23 2.98 -44.78
O6 MAN J . -23.93 2.72 -44.04
C1 MAN J . -20.23 7.24 -52.01
C2 MAN J . -21.29 7.30 -53.20
C3 MAN J . -21.70 5.90 -53.66
C4 MAN J . -20.43 5.14 -54.07
C5 MAN J . -19.47 5.09 -52.89
C6 MAN J . -18.20 4.38 -53.24
O2 MAN J . -20.69 8.00 -54.31
O3 MAN J . -22.62 5.97 -54.76
O4 MAN J . -20.76 3.85 -54.53
O5 MAN J . -19.14 6.45 -52.48
O6 MAN J . -17.31 4.34 -52.13
C1 NAG K . -24.46 45.53 -21.62
C2 NAG K . -23.73 46.88 -21.54
C3 NAG K . -24.52 47.78 -20.60
C4 NAG K . -25.95 47.99 -21.07
C5 NAG K . -26.53 46.57 -21.13
C6 NAG K . -27.94 46.54 -21.61
C7 NAG K . -21.30 46.88 -21.46
C8 NAG K . -20.11 46.60 -20.60
N2 NAG K . -22.45 46.67 -20.91
O3 NAG K . -23.85 49.03 -20.52
O4 NAG K . -26.66 48.80 -20.11
O5 NAG K . -25.80 45.73 -22.03
O6 NAG K . -28.05 47.05 -22.94
O7 NAG K . -21.18 47.27 -22.63
C1 NAG K . -27.30 50.01 -20.71
C2 NAG K . -28.60 50.39 -19.95
C3 NAG K . -29.15 51.63 -20.65
C4 NAG K . -28.19 52.83 -20.63
C5 NAG K . -26.91 52.28 -21.31
C6 NAG K . -25.80 53.29 -21.26
C7 NAG K . -30.07 48.65 -19.08
C8 NAG K . -31.10 47.62 -19.43
N2 NAG K . -29.60 49.36 -20.08
O3 NAG K . -30.39 51.97 -20.06
O4 NAG K . -28.79 53.81 -21.49
O5 NAG K . -26.38 51.10 -20.67
O6 NAG K . -24.56 52.64 -21.06
O7 NAG K . -29.68 48.83 -17.92
C1 BMA K . -28.93 55.21 -20.95
C2 BMA K . -30.18 55.35 -20.02
C3 BMA K . -30.36 56.83 -19.65
C4 BMA K . -29.08 57.27 -18.93
C5 BMA K . -27.90 57.04 -19.88
C6 BMA K . -26.62 57.52 -19.24
O2 BMA K . -29.99 54.60 -18.83
O3 BMA K . -31.49 57.00 -18.79
O4 BMA K . -29.17 58.64 -18.59
O5 BMA K . -27.77 55.65 -20.26
O6 BMA K . -26.66 58.93 -19.06
C1 MAN K . -32.81 57.07 -19.53
C2 MAN K . -33.57 58.38 -19.16
C3 MAN K . -33.91 58.38 -17.67
C4 MAN K . -34.78 57.16 -17.39
C5 MAN K . -33.99 55.91 -17.77
C6 MAN K . -34.81 54.66 -17.52
O2 MAN K . -34.77 58.45 -19.91
O3 MAN K . -34.63 59.58 -17.33
O4 MAN K . -35.13 57.11 -16.02
O5 MAN K . -33.63 55.95 -19.19
O6 MAN K . -35.26 54.61 -16.17
C1 NAG L . -17.56 28.75 -49.81
C2 NAG L . -16.06 28.96 -50.24
C3 NAG L . -15.96 30.31 -51.04
C4 NAG L . -16.80 30.29 -52.37
C5 NAG L . -18.23 30.02 -51.80
C6 NAG L . -19.26 29.86 -52.90
C7 NAG L . -14.28 28.20 -48.79
C8 NAG L . -13.56 28.37 -47.48
N2 NAG L . -15.24 29.05 -49.05
O3 NAG L . -14.59 30.55 -51.37
O4 NAG L . -16.75 31.53 -52.92
O5 NAG L . -18.35 28.77 -51.00
O6 NAG L . -18.99 28.71 -53.67
O7 NAG L . -13.97 27.30 -49.57
C1 NAG L . -16.46 31.42 -54.38
C2 NAG L . -16.94 32.78 -55.03
C3 NAG L . -16.68 32.67 -56.53
C4 NAG L . -15.19 32.46 -56.73
C5 NAG L . -14.79 31.17 -56.02
C6 NAG L . -13.31 30.91 -56.19
C7 NAG L . -18.85 33.97 -54.12
C8 NAG L . -20.34 34.01 -53.94
N2 NAG L . -18.36 32.96 -54.79
O3 NAG L . -17.11 33.85 -57.21
O4 NAG L . -14.92 32.34 -58.12
O5 NAG L . -15.07 31.24 -54.63
O6 NAG L . -12.95 31.01 -57.55
O7 NAG L . -18.15 34.87 -53.64
C1 NAG M . -61.61 30.31 -43.13
C2 NAG M . -60.95 28.89 -43.15
C3 NAG M . -60.23 28.68 -44.52
C4 NAG M . -61.14 28.96 -45.76
C5 NAG M . -61.83 30.34 -45.57
C6 NAG M . -62.90 30.61 -46.63
C7 NAG M . -59.74 27.73 -41.31
C8 NAG M . -58.74 27.84 -40.21
N2 NAG M . -59.98 28.82 -42.04
O1 NAG M . -62.40 30.48 -41.90
O3 NAG M . -59.87 27.29 -44.52
O4 NAG M . -60.38 29.10 -47.00
O5 NAG M . -62.49 30.44 -44.27
O6 NAG M . -62.34 31.02 -47.87
O7 NAG M . -60.34 26.67 -41.54
C1 GAL M . -59.73 27.84 -47.47
C2 GAL M . -59.38 27.95 -48.97
C3 GAL M . -58.69 26.67 -49.42
C4 GAL M . -57.42 26.48 -48.62
C5 GAL M . -57.79 26.48 -47.15
C6 GAL M . -56.55 26.44 -46.32
O2 GAL M . -60.57 28.14 -49.72
O3 GAL M . -58.36 26.77 -50.80
O4 GAL M . -56.51 27.54 -48.88
O5 GAL M . -58.49 27.68 -46.77
O6 GAL M . -56.86 26.46 -44.89
C1 SIA M . -54.92 25.39 -44.37
C2 SIA M . -55.84 26.54 -43.99
C3 SIA M . -56.34 26.40 -42.50
C4 SIA M . -55.14 26.53 -41.55
C5 SIA M . -54.45 27.88 -41.71
C6 SIA M . -54.07 28.00 -43.27
C7 SIA M . -53.56 29.42 -43.71
C8 SIA M . -53.40 29.64 -45.22
C9 SIA M . -53.00 31.10 -45.58
C10 SIA M . -52.95 28.67 -39.92
C11 SIA M . -51.68 28.49 -39.15
N5 SIA M . -53.26 27.81 -40.89
O1A SIA M . -54.08 25.52 -45.35
O1B SIA M . -54.98 24.28 -43.72
O4 SIA M . -55.60 26.29 -40.21
O6 SIA M . -55.21 27.76 -44.12
O7 SIA M . -54.51 30.34 -43.19
O8 SIA M . -52.45 28.72 -45.70
O9 SIA M . -51.68 31.18 -46.10
O10 SIA M . -53.67 29.64 -39.62
C1 NAG N . -16.34 45.21 45.42
C2 NAG N . -16.09 46.73 45.31
C3 NAG N . -16.76 47.25 44.02
C4 NAG N . -16.19 46.64 42.73
C5 NAG N . -16.40 45.11 43.02
C6 NAG N . -15.79 44.24 41.95
C7 NAG N . -16.02 48.01 47.36
C8 NAG N . -16.78 48.62 48.48
N2 NAG N . -16.71 47.43 46.42
O3 NAG N . -16.56 48.67 43.99
O4 NAG N . -16.99 46.87 41.66
O5 NAG N . -15.78 44.60 44.26
O6 NAG N . -16.69 43.20 41.55
O7 NAG N . -14.79 48.05 47.34
C1 NAG N . -16.62 48.15 40.98
C2 NAG N . -16.93 47.96 39.46
C3 NAG N . -16.61 49.31 38.80
C4 NAG N . -17.46 50.50 39.31
C5 NAG N . -17.11 50.48 40.83
C6 NAG N . -17.90 51.53 41.55
C7 NAG N . -16.39 45.78 38.49
C8 NAG N . -15.29 44.89 37.99
N2 NAG N . -16.02 46.94 38.97
O3 NAG N . -16.82 49.19 37.39
O4 NAG N . -16.98 51.63 38.74
O5 NAG N . -17.41 49.22 41.49
O6 NAG N . -17.67 51.49 42.95
O7 NAG N . -17.56 45.42 38.45
C1 BMA N . -18.11 52.41 38.16
C2 BMA N . -17.51 53.84 37.79
C3 BMA N . -18.60 54.80 37.24
C4 BMA N . -19.07 53.99 35.99
C5 BMA N . -19.62 52.59 36.37
C6 BMA N . -20.10 51.84 35.14
O2 BMA N . -16.47 53.67 36.83
O3 BMA N . -18.05 55.98 36.83
O4 BMA N . -20.13 54.70 35.34
O5 BMA N . -18.62 51.81 36.98
O6 BMA N . -21.00 52.65 34.41
C1 MAN N . -18.48 57.08 37.76
C2 MAN N . -18.13 58.44 37.06
C3 MAN N . -16.60 58.60 36.83
C4 MAN N . -15.94 58.53 38.21
C5 MAN N . -16.29 57.19 38.84
C6 MAN N . -15.68 57.05 40.20
O2 MAN N . -18.57 59.52 37.88
O3 MAN N . -16.30 59.86 36.22
O4 MAN N . -14.53 58.65 38.07
O5 MAN N . -17.74 57.06 38.99
O6 MAN N . -14.32 57.44 40.18
C1 NAG O . -1.43 51.83 34.23
C2 NAG O . -0.37 52.00 33.08
C3 NAG O . 0.29 53.40 33.17
C4 NAG O . -0.78 54.50 33.03
C5 NAG O . -1.79 54.29 34.17
C6 NAG O . -2.98 55.24 34.02
C7 NAG O . 0.77 49.98 32.45
C8 NAG O . 1.86 49.00 32.75
N2 NAG O . 0.67 51.02 33.23
O3 NAG O . 1.25 53.52 32.11
O4 NAG O . -0.37 55.78 32.75
O5 NAG O . -2.36 52.92 34.10
O6 NAG O . -3.98 54.70 33.17
O7 NAG O . 0.00 49.80 31.50
C1 NAG O . 0.46 56.37 33.83
C2 NAG O . 1.11 57.65 33.17
C3 NAG O . 2.00 58.31 34.23
C4 NAG O . 1.11 58.67 35.41
C5 NAG O . 0.48 57.40 35.96
C6 NAG O . -0.43 57.71 37.12
C7 NAG O . 1.53 57.54 30.79
C8 NAG O . 2.41 57.03 29.68
N2 NAG O . 1.89 57.26 32.02
O3 NAG O . 2.64 59.48 33.71
O4 NAG O . 1.89 59.30 36.43
O5 NAG O . -0.31 56.76 34.96
O6 NAG O . 0.32 58.35 38.15
O7 NAG O . 0.51 58.20 30.54
C1 NAG P . 27.62 35.58 16.88
C2 NAG P . 28.02 35.41 18.39
C3 NAG P . 27.22 36.44 19.21
C4 NAG P . 27.55 37.87 18.70
C5 NAG P . 27.21 37.97 17.19
C6 NAG P . 27.65 39.29 16.58
C7 NAG P . 28.64 33.20 19.32
C8 NAG P . 28.17 31.82 19.71
N2 NAG P . 27.73 34.03 18.82
O3 NAG P . 27.58 36.31 20.59
O4 NAG P . 26.66 38.78 19.40
O5 NAG P . 27.93 36.93 16.45
O6 NAG P . 29.07 39.43 16.54
O7 NAG P . 29.82 33.53 19.45
C1 NAG P . 27.37 39.84 20.16
C2 NAG P . 26.40 41.06 20.37
C3 NAG P . 27.14 42.11 21.23
C4 NAG P . 27.54 41.46 22.59
C5 NAG P . 28.47 40.25 22.31
C6 NAG P . 28.83 39.53 23.61
C7 NAG P . 24.99 41.22 18.34
C8 NAG P . 24.77 41.92 17.02
N2 NAG P . 26.03 41.62 19.07
O3 NAG P . 26.26 43.24 21.45
O4 NAG P . 28.27 42.41 23.40
O5 NAG P . 27.78 39.29 21.45
O6 NAG P . 29.79 38.51 23.39
O7 NAG P . 24.24 40.31 18.70
C1 BMA P . 27.45 42.97 24.54
C2 BMA P . 28.36 43.13 25.79
C3 BMA P . 27.49 43.71 26.93
C4 BMA P . 26.94 45.06 26.47
C5 BMA P . 26.08 44.85 25.20
C6 BMA P . 25.53 46.15 24.63
O2 BMA P . 29.46 43.98 25.52
O3 BMA P . 28.30 43.90 28.11
O4 BMA P . 26.13 45.62 27.51
O5 BMA P . 26.91 44.24 24.15
O6 BMA P . 26.18 47.30 25.18
C1 MAN P . 28.25 42.75 29.09
C2 MAN P . 28.67 43.21 30.51
C3 MAN P . 30.13 43.69 30.46
C4 MAN P . 30.99 42.51 30.00
C5 MAN P . 30.51 42.08 28.62
C6 MAN P . 31.31 40.91 28.09
O2 MAN P . 28.57 42.08 31.39
O3 MAN P . 30.54 44.13 31.75
O4 MAN P . 32.35 42.92 29.94
O5 MAN P . 29.11 41.68 28.65
O6 MAN P . 32.62 41.30 27.74
C1 MAN P . 27.69 42.32 32.60
C2 MAN P . 27.99 41.24 33.70
C3 MAN P . 27.60 39.84 33.15
C4 MAN P . 26.09 39.84 32.77
C5 MAN P . 25.85 40.94 31.70
C6 MAN P . 24.38 41.07 31.31
O2 MAN P . 27.29 41.57 34.89
O3 MAN P . 27.87 38.85 34.16
O4 MAN P . 25.74 38.57 32.24
O5 MAN P . 26.28 42.26 32.23
O6 MAN P . 24.19 41.86 30.14
C1 MAN P . 26.24 48.46 24.24
C2 MAN P . 27.70 49.00 24.25
C3 MAN P . 28.04 49.48 25.66
C4 MAN P . 27.04 50.55 26.05
C5 MAN P . 25.63 49.97 26.00
C6 MAN P . 24.60 51.00 26.36
O2 MAN P . 27.84 50.08 23.31
O3 MAN P . 29.36 50.00 25.69
O4 MAN P . 27.33 51.00 27.37
O5 MAN P . 25.33 49.48 24.67
O6 MAN P . 24.63 51.32 27.75
C1 MAN P . 28.29 49.65 21.94
C2 MAN P . 29.86 49.50 21.89
C3 MAN P . 30.50 50.89 22.13
C4 MAN P . 30.00 51.87 21.05
C5 MAN P . 28.44 51.96 21.14
C6 MAN P . 27.86 52.87 20.06
O2 MAN P . 30.25 48.94 20.63
O3 MAN P . 31.93 50.77 22.07
O4 MAN P . 30.57 53.16 21.29
O5 MAN P . 27.86 50.62 20.94
O6 MAN P . 26.46 53.09 20.26
C1 NAG Q . -33.30 -38.52 25.21
C2 NAG Q . -34.28 -38.84 26.39
C3 NAG Q . -35.12 -37.56 26.69
C4 NAG Q . -34.25 -36.35 27.17
C5 NAG Q . -33.28 -36.20 25.96
C6 NAG Q . -32.26 -35.13 26.20
C7 NAG Q . -35.16 -41.07 26.58
C8 NAG Q . -36.05 -42.13 26.01
N2 NAG Q . -35.16 -39.91 25.98
O3 NAG Q . -36.08 -37.88 27.73
O4 NAG Q . -35.11 -35.30 27.25
O5 NAG Q . -32.51 -37.40 25.60
O6 NAG Q . -31.20 -35.20 25.28
O7 NAG Q . -34.47 -41.30 27.57
C1 NAG Q . -34.80 -34.45 28.43
C2 NAG Q . -35.33 -33.01 28.10
C3 NAG Q . -35.04 -32.12 29.31
C4 NAG Q . -35.81 -32.63 30.56
C5 NAG Q . -35.25 -34.10 30.75
C6 NAG Q . -35.95 -34.80 31.88
C7 NAG Q . -35.27 -32.45 25.74
C8 NAG Q . -34.46 -31.94 24.58
N2 NAG Q . -34.68 -32.49 26.92
O3 NAG Q . -35.39 -30.77 29.02
O4 NAG Q . -35.52 -31.93 31.71
O5 NAG Q . -35.46 -34.96 29.58
O6 NAG Q . -35.04 -34.98 32.97
O7 NAG Q . -36.43 -32.84 25.57
C1 BMA Q . -36.53 -30.84 31.89
C2 BMA Q . -36.92 -30.85 33.42
C3 BMA Q . -37.92 -29.70 33.62
C4 BMA Q . -37.23 -28.40 33.23
C5 BMA Q . -36.80 -28.49 31.75
C6 BMA Q . -36.09 -27.24 31.32
O2 BMA Q . -35.78 -30.62 34.25
O3 BMA Q . -38.33 -29.64 34.99
O4 BMA Q . -38.13 -27.31 33.40
O5 BMA Q . -35.91 -29.60 31.54
O6 BMA Q . -36.80 -26.08 31.74
C1 NAG R . 6.79 -74.88 18.03
C2 NAG R . 7.97 -74.13 18.75
C3 NAG R . 8.80 -73.46 17.60
C4 NAG R . 9.46 -74.43 16.57
C5 NAG R . 8.16 -75.15 16.06
C6 NAG R . 8.44 -76.22 15.04
C7 NAG R . 8.08 -72.60 20.63
C8 NAG R . 7.49 -71.43 21.35
N2 NAG R . 7.43 -73.09 19.61
O3 NAG R . 9.86 -72.69 18.18
O4 NAG R . 10.02 -73.59 15.65
O5 NAG R . 7.33 -75.82 17.09
O6 NAG R . 9.41 -77.16 15.51
O7 NAG R . 9.16 -73.07 21.02
C1 NAG R . 11.25 -74.17 15.04
C2 NAG R . 11.43 -73.44 13.66
C3 NAG R . 12.68 -74.03 12.97
C4 NAG R . 13.99 -73.78 13.80
C5 NAG R . 13.59 -74.44 15.16
C6 NAG R . 14.69 -74.18 16.15
C7 NAG R . 9.60 -72.66 12.24
C8 NAG R . 8.30 -73.03 11.62
N2 NAG R . 10.21 -73.61 12.90
O3 NAG R . 12.81 -73.49 11.67
O4 NAG R . 14.99 -74.51 13.23
O5 NAG R . 12.39 -73.97 15.84
O6 NAG R . 14.30 -74.51 17.48
O7 NAG R . 10.05 -71.51 12.10
C1 BMA R . 16.23 -73.72 12.97
C2 BMA R . 16.29 -73.23 11.47
C3 BMA R . 17.67 -72.67 11.08
C4 BMA R . 17.80 -71.53 12.15
C5 BMA R . 17.74 -72.07 13.59
C6 BMA R . 17.97 -71.00 14.63
O2 BMA R . 15.27 -72.25 11.33
O3 BMA R . 17.63 -72.13 9.82
O4 BMA R . 19.06 -70.88 11.97
O5 BMA R . 16.47 -72.67 13.88
O6 BMA R . 19.12 -70.24 14.30
C1 MAN R . 18.59 -72.87 8.95
C2 MAN R . 18.76 -72.02 7.62
C3 MAN R . 17.44 -71.88 6.83
C4 MAN R . 16.99 -73.30 6.50
C5 MAN R . 16.79 -74.08 7.79
C6 MAN R . 16.34 -75.49 7.55
O2 MAN R . 19.72 -72.63 6.79
O3 MAN R . 17.66 -71.14 5.62
O4 MAN R . 15.78 -73.26 5.77
O5 MAN R . 18.07 -74.13 8.53
O6 MAN R . 15.44 -75.56 6.45
C1 NAG S . -25.75 0.76 26.09
C2 NAG S . -27.22 0.33 25.81
C3 NAG S . -27.45 -1.12 26.38
C4 NAG S . -26.56 -2.17 25.65
C5 NAG S . -25.13 -1.64 25.98
C6 NAG S . -24.06 -2.44 25.29
C7 NAG S . -28.98 1.96 25.73
C8 NAG S . -29.95 2.83 26.45
N2 NAG S . -28.16 1.23 26.44
O3 NAG S . -28.83 -1.49 26.23
O4 NAG S . -26.75 -3.41 26.20
O5 NAG S . -24.93 -0.25 25.51
O6 NAG S . -22.84 -2.42 26.02
O7 NAG S . -28.97 1.94 24.50
C1 NAG S . -27.12 -4.36 25.12
C2 NAG S . -26.83 -5.80 25.68
C3 NAG S . -27.20 -6.79 24.57
C4 NAG S . -28.68 -6.60 24.24
C5 NAG S . -28.88 -5.16 23.77
C6 NAG S . -30.34 -4.90 23.44
C7 NAG S . -24.94 -5.88 27.19
C8 NAG S . -23.45 -5.95 27.33
N2 NAG S . -25.42 -5.92 25.97
O3 NAG S . -26.96 -8.14 24.98
O4 NAG S . -29.05 -7.50 23.21
O5 NAG S . -28.50 -4.23 24.77
O6 NAG S . -30.82 -5.89 22.55
O7 NAG S . -25.67 -5.78 28.18
C1 NAG T . -21.51 16.05 52.24
C2 NAG T . -21.14 15.32 50.92
C3 NAG T . -22.11 15.78 49.78
C4 NAG T . -23.60 15.46 50.06
C5 NAG T . -23.80 16.22 51.39
C6 NAG T . -25.19 15.99 51.91
C7 NAG T . -18.79 14.90 50.45
C8 NAG T . -17.45 15.47 50.07
N2 NAG T . -19.80 15.73 50.55
O3 NAG T . -21.72 15.13 48.58
O4 NAG T . -24.39 16.02 49.10
O5 NAG T . -22.90 15.80 52.49
O6 NAG T . -25.28 16.15 53.32
O7 NAG T . -18.90 13.71 50.66
C1 NAG T . -25.24 14.96 48.47
C2 NAG T . -26.44 15.69 47.80
C3 NAG T . -27.36 14.63 47.15
C4 NAG T . -26.58 13.90 46.03
C5 NAG T . -25.36 13.28 46.78
C6 NAG T . -24.43 12.59 45.82
C7 NAG T . -27.50 17.72 48.59
C8 NAG T . -28.05 18.49 49.74
N2 NAG T . -27.11 16.49 48.81
O3 NAG T . -28.55 15.24 46.63
O4 NAG T . -27.34 12.87 45.55
O5 NAG T . -24.53 14.25 47.45
O6 NAG T . -23.66 13.52 45.08
O7 NAG T . -27.42 18.22 47.47
C1 BMA T . -27.72 13.13 44.09
C2 BMA T . -27.94 11.73 43.40
C3 BMA T . -28.28 11.98 41.92
C4 BMA T . -29.55 12.91 41.95
C5 BMA T . -29.25 14.20 42.67
C6 BMA T . -30.48 15.18 42.65
O2 BMA T . -29.04 11.10 44.02
O3 BMA T . -28.68 10.81 41.45
O4 BMA T . -29.89 13.17 40.59
O5 BMA T . -28.88 13.93 44.04
O6 BMA T . -30.80 15.09 43.91
C1 MAN T . -27.88 10.70 40.28
C2 MAN T . -28.61 9.74 39.27
C3 MAN T . -28.85 8.34 39.85
C4 MAN T . -27.50 7.78 40.28
C5 MAN T . -26.84 8.72 41.27
C6 MAN T . -25.51 8.22 41.71
O2 MAN T . -27.80 9.59 38.09
O3 MAN T . -29.46 7.49 38.89
O4 MAN T . -27.67 6.49 40.83
O5 MAN T . -26.67 10.04 40.66
O6 MAN T . -24.91 9.11 42.64
C1 MAN T . -31.81 16.13 43.53
C2 MAN T . -32.29 16.29 45.02
C3 MAN T . -32.92 15.00 45.56
C4 MAN T . -34.07 14.62 44.63
C5 MAN T . -33.56 14.45 43.20
C6 MAN T . -34.65 14.10 42.25
O2 MAN T . -33.28 17.34 45.08
O3 MAN T . -33.40 15.17 46.89
O4 MAN T . -34.73 13.44 45.08
O5 MAN T . -32.93 15.70 42.77
O6 MAN T . -34.14 13.95 40.93
C1 NAG U . 7.36 44.08 33.79
C2 NAG U . 7.52 45.49 33.17
C3 NAG U . 8.94 45.95 33.42
C4 NAG U . 9.26 46.00 34.91
C5 NAG U . 9.04 44.56 35.39
C6 NAG U . 9.28 44.38 36.85
C7 NAG U . 6.47 45.91 31.01
C8 NAG U . 6.56 45.67 29.54
N2 NAG U . 7.40 45.36 31.74
O3 NAG U . 9.10 47.24 32.86
O4 NAG U . 10.65 46.38 35.08
O5 NAG U . 7.70 44.12 35.16
O6 NAG U . 8.39 45.17 37.62
O7 NAG U . 5.57 46.60 31.50
C1 NAG U . 10.82 47.57 35.99
C2 NAG U . 12.16 47.50 36.76
C3 NAG U . 12.20 48.74 37.64
C4 NAG U . 12.17 50.06 36.84
C5 NAG U . 10.85 49.95 36.05
C6 NAG U . 10.69 51.11 35.09
C7 NAG U . 13.01 45.34 37.54
C8 NAG U . 12.87 44.26 38.56
N2 NAG U . 12.18 46.36 37.66
O3 NAG U . 13.38 48.68 38.44
O4 NAG U . 12.04 51.10 37.83
O5 NAG U . 10.77 48.76 35.23
O6 NAG U . 10.09 50.67 33.89
O7 NAG U . 13.86 45.29 36.64
C1 BMA U . 12.99 52.26 37.74
C2 BMA U . 14.37 51.92 38.38
C3 BMA U . 15.22 53.20 38.42
C4 BMA U . 15.37 53.67 36.97
C5 BMA U . 13.98 53.92 36.39
C6 BMA U . 14.07 54.45 34.98
O2 BMA U . 15.04 50.95 37.59
O3 BMA U . 16.51 52.93 38.98
O4 BMA U . 16.12 54.87 36.93
O5 BMA U . 13.16 52.72 36.40
O6 BMA U . 14.68 55.74 34.99
C1 MAN U . 16.52 52.94 40.49
C2 MAN U . 17.58 53.94 41.02
C3 MAN U . 18.99 53.51 40.59
C4 MAN U . 19.23 52.11 41.16
C5 MAN U . 18.15 51.17 40.60
C6 MAN U . 18.35 49.77 41.15
O2 MAN U . 17.52 53.98 42.44
O3 MAN U . 19.96 54.42 41.09
O4 MAN U . 20.51 51.65 40.78
O5 MAN U . 16.83 51.63 40.99
O6 MAN U . 19.67 49.30 40.86
C1 NAG V . -24.51 36.56 40.97
C2 NAG V . -25.48 37.14 39.89
C3 NAG V . -25.78 38.64 40.25
C4 NAG V . -26.51 38.80 41.64
C5 NAG V . -25.46 38.13 42.59
C6 NAG V . -25.96 38.07 44.01
C7 NAG V . -25.32 36.40 37.59
C8 NAG V . -24.52 36.36 36.33
N2 NAG V . -24.85 37.09 38.60
O3 NAG V . -26.60 39.22 39.24
O4 NAG V . -26.60 40.14 41.90
O5 NAG V . -25.13 36.73 42.26
O6 NAG V . -27.08 37.23 44.11
O7 NAG V . -26.40 35.79 37.68
C1 NAG V . -27.98 40.45 42.39
C2 NAG V . -27.88 41.82 43.17
C3 NAG V . -29.28 42.14 43.68
C4 NAG V . -30.20 42.27 42.47
C5 NAG V . -30.19 40.93 41.72
C6 NAG V . -31.08 41.02 40.51
C7 NAG V . -25.87 42.36 44.44
C8 NAG V . -25.03 42.07 45.64
N2 NAG V . -26.98 41.67 44.30
O3 NAG V . -29.29 43.36 44.44
O4 NAG V . -31.53 42.56 42.92
O5 NAG V . -28.89 40.60 41.28
O6 NAG V . -32.37 41.51 40.87
O7 NAG V . -25.53 43.22 43.62
C1 NAG W . 1.67 28.08 76.05
C2 NAG W . 0.90 26.87 75.42
C3 NAG W . -0.62 27.15 75.47
C4 NAG W . -1.16 27.56 76.88
C5 NAG W . -0.25 28.69 77.44
C6 NAG W . -0.56 29.01 78.91
C7 NAG W . 1.53 25.52 73.43
C8 NAG W . 2.03 25.54 72.02
N2 NAG W . 1.37 26.70 74.03
O1 NAG W . 3.11 27.78 76.14
O3 NAG W . -1.23 25.89 75.10
O4 NAG W . -2.49 28.14 76.84
O5 NAG W . 1.17 28.32 77.37
O6 NAG W . -1.73 29.81 79.05
O7 NAG W . 1.29 24.46 74.01
C1 GAL W . -3.57 27.19 76.45
C2 GAL W . -4.95 27.73 76.89
C3 GAL W . -6.04 26.76 76.46
C4 GAL W . -6.00 26.62 74.95
C5 GAL W . -4.60 26.17 74.55
C6 GAL W . -4.50 26.16 73.06
O2 GAL W . -4.97 27.87 78.31
O3 GAL W . -7.31 27.26 76.86
O4 GAL W . -6.31 27.85 74.33
O5 GAL W . -3.60 27.09 75.02
O6 GAL W . -3.17 25.76 72.64
C1 SIA W . -3.95 24.98 70.64
C2 SIA W . -2.86 25.80 71.29
C3 SIA W . -1.42 25.19 70.99
C4 SIA W . -1.15 25.32 69.49
C5 SIA W . -1.17 26.77 69.04
C6 SIA W . -2.61 27.35 69.46
C7 SIA W . -2.77 28.89 69.30
C8 SIA W . -4.03 29.51 69.91
C9 SIA W . -4.05 31.06 69.80
C10 SIA W . -0.12 27.33 66.87
C11 SIA W . -0.12 27.22 65.38
N5 SIA W . -1.05 26.71 67.58
O1A SIA W . -5.10 25.52 70.40
O1B SIA W . -3.73 23.75 70.32
O4 SIA W . 0.11 24.66 69.22
O6 SIA W . -2.86 27.11 70.87
O7 SIA W . -1.61 29.46 69.90
O8 SIA W . -5.15 28.93 69.29
O9 SIA W . -5.07 31.53 68.92
O10 SIA W . 0.76 28.04 67.39
C1 NAG X . 59.40 28.38 -6.30
C2 NAG X . 59.68 29.91 -6.39
C3 NAG X . 59.07 30.61 -5.16
C4 NAG X . 57.54 30.46 -5.03
C5 NAG X . 57.40 28.89 -5.06
C6 NAG X . 55.96 28.44 -5.09
C7 NAG X . 61.74 30.61 -7.41
C8 NAG X . 63.22 30.77 -7.27
N2 NAG X . 61.10 30.17 -6.37
O3 NAG X . 59.39 31.99 -5.24
O4 NAG X . 57.07 30.79 -3.81
O5 NAG X . 57.99 28.21 -6.22
O6 NAG X . 55.72 27.40 -4.16
O7 NAG X . 61.17 30.89 -8.46
C1 NAG X . 56.74 32.25 -3.73
C2 NAG X . 55.56 32.39 -2.73
C3 NAG X . 55.28 33.91 -2.62
C4 NAG X . 56.47 34.74 -2.09
C5 NAG X . 57.57 34.41 -3.15
C6 NAG X . 58.86 35.07 -2.77
C7 NAG X . 53.83 30.66 -2.81
C8 NAG X . 52.63 30.15 -3.56
N2 NAG X . 54.42 31.72 -3.33
O3 NAG X . 54.17 34.10 -1.75
O4 NAG X . 56.13 36.05 -2.17
O5 NAG X . 57.86 32.99 -3.26
O6 NAG X . 59.91 34.72 -3.66
O7 NAG X . 54.22 30.12 -1.79
C1 BMA X . 56.41 36.73 -0.88
C2 BMA X . 56.28 38.29 -1.16
C3 BMA X . 56.61 39.13 0.09
C4 BMA X . 55.53 38.59 1.09
C5 BMA X . 55.66 37.06 1.32
C6 BMA X . 54.63 36.57 2.32
O2 BMA X . 54.94 38.56 -1.62
O3 BMA X . 56.39 40.47 -0.14
O4 BMA X . 55.70 39.22 2.35
O5 BMA X . 55.47 36.35 0.11
O6 BMA X . 54.68 37.36 3.50
C1 MAN X . 57.70 41.19 -0.17
C2 MAN X . 57.38 42.73 -0.08
C3 MAN X . 56.54 43.22 -1.28
C4 MAN X . 57.36 42.92 -2.54
C5 MAN X . 57.63 41.43 -2.60
C6 MAN X . 58.44 41.07 -3.81
O2 MAN X . 58.59 43.45 -0.04
O3 MAN X . 56.28 44.62 -1.19
O4 MAN X . 56.63 43.35 -3.69
O5 MAN X . 58.38 41.00 -1.41
O6 MAN X . 57.92 41.70 -4.97
C1 NAG Y . 45.34 40.29 -13.48
C2 NAG Y . 43.95 40.94 -13.82
C3 NAG Y . 44.16 42.38 -14.38
C4 NAG Y . 44.86 43.26 -13.34
C5 NAG Y . 46.21 42.57 -13.04
C6 NAG Y . 46.91 43.29 -11.89
C7 NAG Y . 42.26 39.40 -14.59
C8 NAG Y . 41.72 38.61 -15.72
N2 NAG Y . 43.29 40.17 -14.84
O3 NAG Y . 42.86 42.94 -14.69
O4 NAG Y . 44.85 44.63 -13.50
O5 NAG Y . 45.99 41.18 -12.56
O6 NAG Y . 46.51 42.80 -10.61
O7 NAG Y . 41.77 39.32 -13.46
C1 NAG Y . 45.55 45.07 -14.74
C2 NAG Y . 45.11 46.56 -14.92
C3 NAG Y . 45.78 47.10 -16.19
C4 NAG Y . 47.29 46.98 -15.98
C5 NAG Y . 47.63 45.50 -15.76
C6 NAG Y . 49.11 45.34 -15.54
C7 NAG Y . 42.90 47.15 -14.12
C8 NAG Y . 41.42 47.11 -14.37
N2 NAG Y . 43.66 46.64 -15.05
O3 NAG Y . 45.41 48.47 -16.44
O4 NAG Y . 47.97 47.46 -17.13
O5 NAG Y . 46.96 45.00 -14.60
O6 NAG Y . 49.83 45.82 -16.65
O7 NAG Y . 43.35 47.63 -13.08
C1 NAG Z . 12.53 34.71 -30.86
C2 NAG Z . 13.56 34.24 -31.96
C3 NAG Z . 14.93 34.86 -31.62
C4 NAG Z . 14.80 36.41 -31.60
C5 NAG Z . 13.72 36.81 -30.56
C6 NAG Z . 13.43 38.31 -30.58
C7 NAG Z . 13.36 32.02 -33.03
C8 NAG Z . 13.46 30.53 -32.88
N2 NAG Z . 13.61 32.77 -31.97
O3 NAG Z . 15.88 34.45 -32.61
O4 NAG Z . 16.06 36.93 -31.13
O5 NAG Z . 12.45 36.15 -30.87
O6 NAG Z . 12.79 38.72 -31.79
O7 NAG Z . 13.03 32.52 -34.11
C1 NAG Z . 16.71 37.88 -32.08
C2 NAG Z . 17.71 38.79 -31.30
C3 NAG Z . 18.42 39.72 -32.32
C4 NAG Z . 19.16 38.84 -33.35
C5 NAG Z . 18.13 37.93 -34.08
C6 NAG Z . 18.81 36.98 -35.06
C7 NAG Z . 16.70 39.21 -29.06
C8 NAG Z . 15.93 40.15 -28.19
N2 NAG Z . 16.96 39.59 -30.31
O3 NAG Z . 19.35 40.56 -31.61
O4 NAG Z . 19.80 39.67 -34.35
O5 NAG Z . 17.43 37.11 -33.09
O6 NAG Z . 17.88 36.25 -35.84
O7 NAG Z . 17.08 38.10 -28.62
C1 BMA Z . 21.30 39.76 -34.18
C2 BMA Z . 21.99 39.76 -35.58
C3 BMA Z . 23.51 39.86 -35.37
C4 BMA Z . 23.80 41.16 -34.59
C5 BMA Z . 23.06 41.11 -33.23
C6 BMA Z . 23.25 42.39 -32.42
O2 BMA Z . 21.50 40.85 -36.37
O3 BMA Z . 24.18 39.90 -36.65
O4 BMA Z . 25.21 41.27 -34.38
O5 BMA Z . 21.62 40.96 -33.46
O6 BMA Z . 23.75 43.47 -33.21
C1 MAN Z . 24.65 38.55 -37.12
C2 MAN Z . 25.78 38.71 -38.17
C3 MAN Z . 25.23 39.44 -39.39
C4 MAN Z . 24.08 38.60 -39.97
C5 MAN Z . 23.01 38.46 -38.88
C6 MAN Z . 21.85 37.63 -39.37
O2 MAN Z . 26.22 37.39 -38.55
O3 MAN Z . 26.26 39.61 -40.37
O4 MAN Z . 23.55 39.26 -41.09
O5 MAN Z . 23.56 37.81 -37.70
O6 MAN Z . 21.07 38.33 -40.31
C1 MAN Z . 27.69 37.15 -38.38
C2 MAN Z . 28.14 35.90 -39.23
C3 MAN Z . 27.43 34.64 -38.67
C4 MAN Z . 27.80 34.45 -37.17
C5 MAN Z . 27.36 35.73 -36.39
C6 MAN Z . 27.74 35.67 -34.92
O2 MAN Z . 29.56 35.78 -39.19
O3 MAN Z . 27.84 33.50 -39.44
O4 MAN Z . 27.12 33.32 -36.67
O5 MAN Z . 28.02 36.92 -36.98
O6 MAN Z . 27.10 36.68 -34.15
C1 MAN Z . 23.32 44.81 -32.76
C2 MAN Z . 22.82 45.59 -34.00
C3 MAN Z . 23.99 45.76 -34.97
C4 MAN Z . 25.11 46.49 -34.25
C5 MAN Z . 25.53 45.68 -33.02
C6 MAN Z . 26.63 46.39 -32.26
O2 MAN Z . 22.32 46.89 -33.62
O3 MAN Z . 23.57 46.49 -36.12
O4 MAN Z . 26.22 46.65 -35.14
O5 MAN Z . 24.40 45.50 -32.13
O6 MAN Z . 27.86 46.35 -32.96
C1 MAN Z . 20.83 46.91 -33.36
C2 MAN Z . 20.02 47.07 -34.70
C3 MAN Z . 20.36 48.44 -35.32
C4 MAN Z . 20.00 49.57 -34.31
C5 MAN Z . 20.81 49.34 -33.00
C6 MAN Z . 20.47 50.36 -31.91
O2 MAN Z . 18.63 46.94 -34.45
O3 MAN Z . 19.63 48.63 -36.54
O4 MAN Z . 20.34 50.83 -34.87
O5 MAN Z . 20.50 48.00 -32.45
O6 MAN Z . 21.34 50.25 -30.80
C1 NAG AA . 24.21 -49.18 14.96
C2 NAG AA . 25.53 -49.97 15.21
C3 NAG AA . 26.58 -48.99 15.85
C4 NAG AA . 26.95 -47.79 14.91
C5 NAG AA . 25.54 -47.16 14.67
C6 NAG AA . 25.62 -46.01 13.70
C7 NAG AA . 25.40 -52.30 15.79
C8 NAG AA . 25.00 -53.32 16.80
N2 NAG AA . 25.27 -51.04 16.13
O3 NAG AA . 27.77 -49.72 16.15
O4 NAG AA . 27.73 -46.98 15.66
O5 NAG AA . 24.52 -48.06 14.12
O6 NAG AA . 24.34 -45.65 13.23
O7 NAG AA . 25.84 -52.63 14.69
C1 NAG AA . 28.85 -46.41 14.83
C2 NAG AA . 29.26 -45.06 15.53
C3 NAG AA . 30.42 -44.47 14.71
C4 NAG AA . 31.65 -45.41 14.74
C5 NAG AA . 31.09 -46.74 14.11
C6 NAG AA . 32.14 -47.83 14.12
C7 NAG AA . 27.44 -43.92 16.65
C8 NAG AA . 26.26 -42.99 16.54
N2 NAG AA . 28.15 -44.14 15.56
O3 NAG AA . 30.76 -43.18 15.22
O4 NAG AA . 32.68 -44.98 13.96
O5 NAG AA . 29.96 -47.31 14.83
O6 NAG AA . 32.57 -48.10 12.79
O7 NAG AA . 27.71 -44.46 17.73
C1 BMA AA . 33.65 -44.18 14.80
C2 BMA AA . 35.09 -44.64 14.38
C3 BMA AA . 36.07 -43.80 15.19
C4 BMA AA . 35.83 -42.33 14.84
C5 BMA AA . 34.38 -41.97 15.20
C6 BMA AA . 34.09 -40.53 14.84
O2 BMA AA . 35.33 -44.42 12.98
O3 BMA AA . 37.42 -44.17 14.88
O4 BMA AA . 36.74 -41.51 15.58
O5 BMA AA . 33.45 -42.80 14.48
O6 BMA AA . 35.12 -39.67 15.30
C1 NAG BA . -11.43 -74.35 -17.87
C2 NAG BA . -11.13 -73.61 -19.22
C3 NAG BA . -12.26 -72.52 -19.35
C4 NAG BA . -13.73 -73.06 -19.45
C5 NAG BA . -13.79 -73.85 -18.10
C6 NAG BA . -15.09 -74.56 -17.89
C7 NAG BA . -9.14 -72.60 -20.18
C8 NAG BA . -7.91 -71.78 -19.96
N2 NAG BA . -9.84 -72.93 -19.13
O3 NAG BA . -12.02 -71.73 -20.51
O4 NAG BA . -14.49 -71.93 -19.45
O5 NAG BA . -12.75 -74.91 -17.91
O6 NAG BA . -15.43 -75.38 -18.99
O7 NAG BA . -9.46 -72.94 -21.32
C1 NAG BA . -15.74 -72.09 -20.23
C2 NAG BA . -16.75 -71.01 -19.68
C3 NAG BA . -18.08 -71.17 -20.47
C4 NAG BA . -17.90 -70.89 -22.00
C5 NAG BA . -16.79 -71.94 -22.35
C6 NAG BA . -16.39 -71.73 -23.78
C7 NAG BA . -16.84 -70.25 -17.37
C8 NAG BA . -16.88 -70.69 -15.94
N2 NAG BA . -16.87 -71.22 -18.26
O3 NAG BA . -19.05 -70.29 -19.90
O4 NAG BA . -19.06 -71.26 -22.61
O5 NAG BA . -15.52 -71.88 -21.62
O6 NAG BA . -15.21 -72.46 -24.11
O7 NAG BA . -16.80 -69.05 -17.64
C1 BMA BA . -19.59 -70.21 -23.53
C2 BMA BA . -20.71 -69.34 -22.82
C3 BMA BA . -21.50 -68.45 -23.82
C4 BMA BA . -20.32 -67.61 -24.42
C5 BMA BA . -19.25 -68.51 -25.08
C6 BMA BA . -18.16 -67.72 -25.75
O2 BMA BA . -20.07 -68.57 -21.84
O3 BMA BA . -22.36 -67.64 -23.13
O4 BMA BA . -20.83 -66.73 -25.39
O5 BMA BA . -18.63 -69.39 -24.15
O6 BMA BA . -18.72 -66.69 -26.56
C1 MAN BA . -23.77 -67.94 -23.56
C2 MAN BA . -24.68 -66.76 -23.03
C3 MAN BA . -24.69 -66.68 -21.49
C4 MAN BA . -25.21 -68.03 -20.99
C5 MAN BA . -24.27 -69.14 -21.49
C6 MAN BA . -24.71 -70.50 -21.04
O2 MAN BA . -26.01 -66.96 -23.49
O3 MAN BA . -25.57 -65.64 -21.06
O4 MAN BA . -25.25 -68.03 -19.57
O5 MAN BA . -24.27 -69.14 -22.96
O6 MAN BA . -25.24 -70.46 -19.72
C1 NAG CA . 33.73 -10.70 9.58
C2 NAG CA . 34.04 -11.31 10.97
C3 NAG CA . 34.17 -12.87 10.84
C4 NAG CA . 32.83 -13.52 10.37
C5 NAG CA . 32.62 -12.83 8.99
C6 NAG CA . 31.30 -13.22 8.36
C7 NAG CA . 35.29 -10.08 12.61
C8 NAG CA . 36.60 -9.61 13.14
N2 NAG CA . 35.28 -10.79 11.52
O3 NAG CA . 34.56 -13.45 12.10
O4 NAG CA . 32.99 -14.87 10.22
O5 NAG CA . 32.56 -11.36 9.11
O6 NAG CA . 31.35 -13.15 6.95
O7 NAG CA . 34.25 -9.78 13.20
C1 NAG CA . 31.96 -15.57 11.04
C2 NAG CA . 31.84 -17.02 10.45
C3 NAG CA . 30.78 -17.75 11.27
C4 NAG CA . 31.24 -17.76 12.72
C5 NAG CA . 31.39 -16.32 13.20
C6 NAG CA . 31.86 -16.27 14.63
C7 NAG CA . 32.22 -17.12 8.05
C8 NAG CA . 31.63 -16.95 6.68
N2 NAG CA . 31.40 -16.95 9.07
O3 NAG CA . 30.59 -19.09 10.81
O4 NAG CA . 30.27 -18.43 13.52
O5 NAG CA . 32.35 -15.62 12.41
O6 NAG CA . 31.03 -17.07 15.45
O7 NAG CA . 33.40 -17.42 8.20
C1 NAG DA . 58.36 -1.98 -6.36
C2 NAG DA . 56.86 -2.27 -6.06
C3 NAG DA . 56.50 -1.72 -4.64
C4 NAG DA . 57.30 -2.39 -3.49
C5 NAG DA . 58.75 -2.04 -3.94
C6 NAG DA . 59.74 -2.64 -2.99
C7 NAG DA . 55.26 -2.10 -7.89
C8 NAG DA . 54.51 -1.23 -8.84
N2 NAG DA . 56.06 -1.55 -7.02
O3 NAG DA . 55.11 -1.97 -4.41
O4 NAG DA . 57.04 -1.76 -2.31
O5 NAG DA . 59.13 -2.54 -5.28
O6 NAG DA . 61.00 -2.87 -3.60
O7 NAG DA . 55.10 -3.32 -7.94
C1 NAG DA . 56.57 -2.76 -1.29
C2 NAG DA . 56.80 -2.12 0.10
C3 NAG DA . 56.34 -3.14 1.17
C4 NAG DA . 54.82 -3.41 1.03
C5 NAG DA . 54.69 -3.96 -0.43
C6 NAG DA . 53.25 -4.19 -0.80
C7 NAG DA . 58.56 -0.60 0.72
C8 NAG DA . 60.01 -0.26 0.66
N2 NAG DA . 58.20 -1.75 0.22
O3 NAG DA . 56.64 -2.66 2.48
O4 NAG DA . 54.45 -4.41 1.87
O5 NAG DA . 55.18 -3.04 -1.45
O6 NAG DA . 52.58 -2.97 -1.06
O7 NAG DA . 57.75 0.17 1.22
C1 BMA DA . 53.49 -3.87 2.94
C2 BMA DA . 52.57 -5.06 3.40
C3 BMA DA . 51.58 -4.52 4.44
C4 BMA DA . 52.47 -3.88 5.56
C5 BMA DA . 53.33 -2.78 5.02
C6 BMA DA . 54.19 -2.08 6.13
O2 BMA DA . 53.41 -6.02 4.04
O3 BMA DA . 51.00 -5.58 4.98
O4 BMA DA . 51.59 -3.36 6.54
O5 BMA DA . 54.23 -3.32 4.00
O6 BMA DA . 55.37 -2.53 5.79
C1 MAN DA . 49.58 -5.13 4.82
C2 MAN DA . 48.76 -5.93 5.92
C3 MAN DA . 48.92 -7.45 5.77
C4 MAN DA . 48.48 -7.84 4.37
C5 MAN DA . 49.31 -7.07 3.35
C6 MAN DA . 48.91 -7.41 1.95
O2 MAN DA . 47.37 -5.63 5.78
O3 MAN DA . 48.14 -8.14 6.75
O4 MAN DA . 48.62 -9.24 4.19
O5 MAN DA . 49.13 -5.63 3.55
O6 MAN DA . 49.68 -6.69 1.00
C1 MAN DA . 55.85 -1.62 6.83
C2 MAN DA . 57.36 -1.94 6.52
C3 MAN DA . 57.70 -3.43 6.75
C4 MAN DA . 57.33 -3.76 8.19
C5 MAN DA . 55.86 -3.47 8.44
C6 MAN DA . 55.45 -3.76 9.85
O2 MAN DA . 58.19 -1.15 7.39
O3 MAN DA . 59.09 -3.68 6.51
O4 MAN DA . 57.64 -5.11 8.49
O5 MAN DA . 55.60 -2.05 8.17
O6 MAN DA . 54.08 -3.48 10.05
C1 NAG EA . 38.53 34.70 -21.22
C2 NAG EA . 38.38 36.22 -20.98
C3 NAG EA . 38.09 36.87 -22.34
C4 NAG EA . 39.20 36.60 -23.35
C5 NAG EA . 39.24 35.07 -23.45
C6 NAG EA . 40.30 34.58 -24.38
C7 NAG EA . 37.19 36.97 -19.00
C8 NAG EA . 35.86 37.12 -18.36
N2 NAG EA . 37.20 36.43 -20.18
O3 NAG EA . 37.96 38.27 -22.14
O4 NAG EA . 38.82 37.18 -24.62
O5 NAG EA . 39.53 34.46 -22.19
O6 NAG EA . 41.59 34.96 -23.95
O7 NAG EA . 38.23 37.33 -18.44
C1 NAG EA . 39.88 38.10 -25.16
C2 NAG EA . 39.87 38.10 -26.72
C3 NAG EA . 40.97 39.07 -27.13
C4 NAG EA . 40.75 40.51 -26.65
C5 NAG EA . 40.64 40.36 -25.13
C6 NAG EA . 40.28 41.66 -24.47
C7 NAG EA . 39.46 36.02 -27.92
C8 NAG EA . 40.05 34.71 -28.35
N2 NAG EA . 40.25 36.80 -27.22
O3 NAG EA . 41.08 39.02 -28.55
O4 NAG EA . 41.95 41.22 -26.99
O5 NAG EA . 39.63 39.43 -24.69
O6 NAG EA . 39.41 41.44 -23.37
O7 NAG EA . 38.31 36.36 -28.22
C1 BMA EA . 41.80 42.53 -27.72
C2 BMA EA . 41.60 42.31 -29.25
C3 BMA EA . 41.63 43.68 -29.95
C4 BMA EA . 40.50 44.51 -29.35
C5 BMA EA . 40.74 44.62 -27.85
C6 BMA EA . 39.69 45.50 -27.22
O2 BMA EA . 40.33 41.70 -29.50
O3 BMA EA . 41.44 43.51 -31.36
O4 BMA EA . 40.51 45.80 -29.94
O5 BMA EA . 40.76 43.34 -27.19
O6 BMA EA . 39.82 46.85 -27.69
C1 MAN EA . 42.68 43.14 -32.12
C2 MAN EA . 42.96 44.16 -33.27
C3 MAN EA . 41.82 44.12 -34.28
C4 MAN EA . 41.75 42.70 -34.84
C5 MAN EA . 41.49 41.74 -33.66
C6 MAN EA . 41.40 40.32 -34.16
O2 MAN EA . 44.18 43.82 -33.91
O3 MAN EA . 42.09 45.04 -35.35
O4 MAN EA . 40.71 42.60 -35.78
O5 MAN EA . 42.55 41.83 -32.69
O6 MAN EA . 40.43 40.18 -35.19
C1 NAG FA . 56.73 19.77 2.65
C2 NAG FA . 56.46 20.41 4.05
C3 NAG FA . 57.37 21.68 4.20
C4 NAG FA . 58.90 21.35 4.14
C5 NAG FA . 59.00 20.67 2.74
C6 NAG FA . 60.40 20.16 2.47
C7 NAG FA . 54.24 20.31 5.01
C8 NAG FA . 52.81 20.74 4.92
N2 NAG FA . 55.07 20.81 4.12
O3 NAG FA . 57.07 22.33 5.44
O4 NAG FA . 59.58 22.53 4.15
O5 NAG FA . 58.13 19.49 2.56
O6 NAG FA . 60.74 19.12 3.36
O7 NAG FA . 54.61 19.51 5.87
C1 NAG FA . 60.71 22.45 5.14
C2 NAG FA . 61.74 23.57 4.72
C3 NAG FA . 62.91 23.48 5.69
C4 NAG FA . 62.37 23.74 7.10
C5 NAG FA . 61.32 22.67 7.40
C6 NAG FA . 60.74 22.88 8.77
C7 NAG FA . 62.05 24.14 2.37
C8 NAG FA . 62.58 23.72 1.03
N2 NAG FA . 62.23 23.31 3.37
O3 NAG FA . 63.93 24.44 5.37
O4 NAG FA . 63.44 23.65 8.03
O5 NAG FA . 60.25 22.70 6.46
O6 NAG FA . 61.78 23.02 9.72
O7 NAG FA . 61.49 25.23 2.50
C1 NAG GA . 71.35 7.79 -37.74
C2 NAG GA . 70.79 6.65 -36.82
C3 NAG GA . 71.62 6.62 -35.50
C4 NAG GA . 73.17 6.55 -35.71
C5 NAG GA . 73.57 7.64 -36.73
C6 NAG GA . 75.03 7.52 -37.17
C7 NAG GA . 68.43 5.99 -36.42
C8 NAG GA . 67.03 6.46 -36.16
N2 NAG GA . 69.37 6.93 -36.54
O1 NAG GA . 70.67 7.74 -39.04
O3 NAG GA . 71.19 5.41 -34.84
O4 NAG GA . 73.92 6.86 -34.50
O5 NAG GA . 72.75 7.58 -37.94
O6 NAG GA . 75.93 8.03 -36.19
O7 NAG GA . 68.70 4.78 -36.55
C1 GAL GA . 73.79 5.85 -33.41
C2 GAL GA . 74.97 6.00 -32.41
C3 GAL GA . 74.80 4.98 -31.29
C4 GAL GA . 73.48 5.24 -30.59
C5 GAL GA . 72.37 5.18 -31.61
C6 GAL GA . 71.07 5.56 -30.98
O2 GAL GA . 76.19 5.77 -33.08
O3 GAL GA . 75.87 5.12 -30.36
O4 GAL GA . 73.50 6.50 -29.96
O5 GAL GA . 72.59 6.11 -32.69
O6 GAL GA . 69.99 5.55 -31.95
C1 SIA GA . 68.44 5.15 -30.31
C2 SIA GA . 68.74 5.96 -31.56
C3 SIA GA . 67.65 5.74 -32.67
C4 SIA GA . 66.31 6.29 -32.18
C5 SIA GA . 66.39 7.77 -31.86
C6 SIA GA . 67.58 7.95 -30.80
C7 SIA GA . 68.00 9.42 -30.52
C8 SIA GA . 69.28 9.62 -29.70
C9 SIA GA . 69.68 11.12 -29.56
C10 SIA GA . 64.29 9.06 -31.69
C11 SIA GA . 63.01 9.33 -30.96
N5 SIA GA . 65.11 8.12 -31.26
O1A SIA GA . 68.93 5.51 -29.17
O1B SIA GA . 67.69 4.10 -30.40
O4 SIA GA . 65.30 5.96 -33.14
O6 SIA GA . 68.79 7.32 -31.28
O7 SIA GA . 68.15 10.03 -31.80
O8 SIA GA . 69.10 9.02 -28.44
O9 SIA GA . 69.56 11.59 -28.22
O10 SIA GA . 64.54 9.76 -32.68
C1 NAG HA . -12.02 63.55 4.82
C2 NAG HA . -11.79 63.28 3.30
C3 NAG HA . -11.78 64.63 2.54
C4 NAG HA . -13.14 65.30 2.73
C5 NAG HA . -13.33 65.52 4.24
C6 NAG HA . -14.66 66.19 4.52
C7 NAG HA . -10.35 61.41 2.78
C8 NAG HA . -8.95 60.88 2.74
N2 NAG HA . -10.49 62.67 3.12
O3 NAG HA . -11.55 64.42 1.13
O4 NAG HA . -13.17 66.53 2.05
O5 NAG HA . -13.28 64.24 4.95
O6 NAG HA . -14.90 67.24 3.59
O7 NAG HA . -11.31 60.69 2.52
C1 NAG IA . -42.47 31.47 7.53
C2 NAG IA . -43.21 32.31 8.64
C3 NAG IA . -44.39 33.10 8.04
C4 NAG IA . -43.79 34.03 6.99
C5 NAG IA . -43.07 33.18 5.95
C6 NAG IA . -42.44 34.05 4.87
C7 NAG IA . -43.32 31.52 10.93
C8 NAG IA . -43.82 30.47 11.88
N2 NAG IA . -43.71 31.42 9.68
O3 NAG IA . -45.06 33.87 9.06
O4 NAG IA . -44.83 34.77 6.38
O5 NAG IA . -41.99 32.39 6.54
O6 NAG IA . -43.24 35.19 4.61
O7 NAG IA . -42.58 32.43 11.32
C1 NAG JA . -40.20 14.73 20.03
C2 NAG JA . -41.34 15.79 19.79
C3 NAG JA . -41.77 16.39 21.17
C4 NAG JA . -42.31 15.28 22.11
C5 NAG JA . -41.16 14.26 22.26
C6 NAG JA . -41.62 13.05 23.06
C7 NAG JA . -41.09 17.01 17.72
C8 NAG JA . -40.33 18.05 16.94
N2 NAG JA . -40.78 16.87 18.98
O3 NAG JA . -42.80 17.37 20.93
O4 NAG JA . -43.03 15.68 23.21
O5 NAG JA . -40.73 13.74 20.94
O6 NAG JA . -41.22 11.82 22.47
O7 NAG JA . -41.96 16.33 17.17
C1 NAG KA . -45.21 -16.46 -5.11
C2 NAG KA . -44.81 -15.95 -3.70
C3 NAG KA . -45.00 -17.07 -2.65
C4 NAG KA . -46.49 -17.43 -2.65
C5 NAG KA . -46.87 -17.90 -4.05
C6 NAG KA . -48.34 -18.24 -4.11
C7 NAG KA . -43.09 -14.27 -3.50
C8 NAG KA . -41.64 -13.92 -3.51
N2 NAG KA . -43.42 -15.52 -3.68
O3 NAG KA . -44.60 -16.65 -1.34
O4 NAG KA . -46.72 -18.49 -1.73
O5 NAG KA . -46.59 -16.85 -5.04
O6 NAG KA . -48.52 -19.64 -3.99
O7 NAG KA . -43.96 -13.41 -3.33
C1 NAG LA . -42.77 -52.55 16.89
C2 NAG LA . -42.05 -53.61 17.79
C3 NAG LA . -42.41 -53.37 19.26
C4 NAG LA . -41.95 -51.95 19.59
C5 NAG LA . -42.66 -50.94 18.67
C6 NAG LA . -42.22 -49.53 18.95
C7 NAG LA . -41.54 -55.74 16.77
C8 NAG LA . -42.03 -57.01 16.17
N2 NAG LA . -42.43 -54.94 17.34
O3 NAG LA . -41.76 -54.31 20.12
O4 NAG LA . -42.23 -51.65 20.94
O5 NAG LA . -42.36 -51.23 17.27
O6 NAG LA . -42.17 -49.28 20.34
O7 NAG LA . -40.35 -55.46 16.74
C1 NAG MA . -31.32 -49.76 -17.74
C2 NAG MA . -32.41 -50.61 -18.48
C3 NAG MA . -32.28 -50.46 -20.01
C4 NAG MA . -32.50 -48.98 -20.32
C5 NAG MA . -31.45 -48.15 -19.57
C6 NAG MA . -31.66 -46.68 -19.82
C7 NAG MA . -33.10 -52.56 -17.24
C8 NAG MA . -32.79 -53.95 -16.78
N2 NAG MA . -32.26 -52.00 -18.09
O3 NAG MA . -33.23 -51.27 -20.70
O4 NAG MA . -32.37 -48.78 -21.71
O5 NAG MA . -31.55 -48.39 -18.13
O6 NAG MA . -32.21 -46.45 -21.11
O7 NAG MA . -34.11 -51.97 -16.83
C1 NAG NA . -43.71 28.21 -25.68
C2 NAG NA . -43.97 28.51 -24.16
C3 NAG NA . -43.58 27.22 -23.33
C4 NAG NA . -44.44 25.97 -23.69
C5 NAG NA . -44.12 25.87 -25.22
C6 NAG NA . -44.74 24.65 -25.86
C7 NAG NA . -43.45 30.84 -23.64
C8 NAG NA . -42.40 31.80 -23.22
N2 NAG NA . -43.09 29.59 -23.72
O3 NAG NA . -43.71 27.49 -21.93
O4 NAG NA . -43.98 24.87 -23.01
O5 NAG NA . -44.47 27.06 -26.04
O6 NAG NA . -46.15 24.77 -25.97
O7 NAG NA . -44.60 31.21 -23.88
C1 NAG OA . -38.92 44.88 -19.78
C2 NAG OA . -38.36 46.20 -20.40
C3 NAG OA . -38.60 47.41 -19.41
C4 NAG OA . -40.14 47.67 -19.19
C5 NAG OA . -40.60 46.29 -18.62
C6 NAG OA . -42.09 46.23 -18.47
C7 NAG OA . -36.36 46.38 -21.74
C8 NAG OA . -34.93 46.00 -21.92
N2 NAG OA . -36.94 46.02 -20.63
O3 NAG OA . -37.99 48.59 -19.96
O4 NAG OA . -40.29 48.64 -18.25
O5 NAG OA . -40.30 45.14 -19.50
O6 NAG OA . -42.62 45.08 -19.09
O7 NAG OA . -36.95 47.01 -22.62
N1 FOL PA . -43.38 17.16 -40.68
C2 FOL PA . -42.41 18.08 -40.61
NA2 FOL PA . -42.61 19.29 -41.18
N3 FOL PA . -41.22 17.84 -39.99
C4 FOL PA . -40.95 16.65 -39.40
O4 FOL PA . -39.85 16.45 -38.82
C4A FOL PA . -42.00 15.60 -39.44
N5 FOL PA . -41.85 14.39 -38.90
C6 FOL PA . -42.87 13.50 -39.00
C7 FOL PA . -44.05 13.83 -39.65
N8 FOL PA . -44.24 15.03 -40.21
C8A FOL PA . -43.25 15.95 -40.14
C9 FOL PA . -42.74 12.12 -38.40
N10 FOL PA . -42.07 12.19 -37.11
C11 FOL PA . -41.84 8.70 -34.90
C12 FOL PA . -40.90 9.71 -34.70
C13 FOL PA . -40.97 10.88 -35.44
C14 FOL PA . -41.99 11.06 -36.37
C15 FOL PA . -42.92 10.05 -36.58
C16 FOL PA . -42.85 8.88 -35.84
C FOL PA . -41.79 7.41 -34.13
O FOL PA . -41.93 6.37 -34.76
N FOL PA . -41.59 7.40 -32.81
CA FOL PA . -41.79 6.17 -32.07
CB FOL PA . -41.28 6.27 -30.64
CG FOL PA . -39.76 6.37 -30.57
CD FOL PA . -39.32 6.31 -29.13
OE1 FOL PA . -38.39 5.53 -28.80
OE2 FOL PA . -39.92 7.03 -28.29
CT FOL PA . -43.25 5.82 -32.02
O1 FOL PA . -43.56 4.62 -31.97
O2 FOL PA . -44.09 6.76 -32.02
C1 NAG QA . 29.32 56.85 10.69
C2 NAG QA . 27.86 57.03 11.23
C3 NAG QA . 27.64 58.49 11.66
C4 NAG QA . 28.65 58.83 12.77
C5 NAG QA . 30.05 58.63 12.21
C6 NAG QA . 31.09 58.94 13.25
C7 NAG QA . 26.19 55.65 10.16
C8 NAG QA . 25.36 55.42 8.95
N2 NAG QA . 26.93 56.74 10.17
O3 NAG QA . 26.31 58.70 12.14
O4 NAG QA . 28.46 60.17 13.18
O5 NAG QA . 30.23 57.24 11.75
O6 NAG QA . 30.76 60.13 13.97
O7 NAG QA . 26.20 54.84 11.09
C1 NAG RA . 35.50 19.99 34.52
C2 NAG RA . 37.02 20.37 34.64
C3 NAG RA . 37.30 21.06 35.99
C4 NAG RA . 36.44 22.31 36.03
C5 NAG RA . 34.97 21.91 35.88
C6 NAG RA . 34.07 23.12 35.91
C7 NAG RA . 38.73 19.02 33.58
C8 NAG RA . 39.43 17.71 33.50
N2 NAG RA . 37.84 19.17 34.54
O3 NAG RA . 38.70 21.40 36.11
O4 NAG RA . 36.65 22.98 37.27
O5 NAG RA . 34.73 21.21 34.62
O6 NAG RA . 34.57 24.12 36.76
O7 NAG RA . 38.99 19.94 32.78
C1 NAG SA . 39.64 1.38 25.70
C2 NAG SA . 40.30 2.24 26.84
C3 NAG SA . 41.84 2.37 26.57
C4 NAG SA . 42.51 0.98 26.53
C5 NAG SA . 41.80 0.18 25.41
C6 NAG SA . 42.31 -1.25 25.37
C7 NAG SA . 38.84 3.97 27.70
C8 NAG SA . 38.17 5.29 27.47
N2 NAG SA . 39.71 3.56 26.81
O3 NAG SA . 42.41 3.17 27.63
O4 NAG SA . 43.89 0.95 26.62
O5 NAG SA . 40.34 0.11 25.67
O6 NAG SA . 41.23 -2.19 25.26
O7 NAG SA . 38.57 3.29 28.70
C1 NAG TA . 11.27 -22.83 41.15
C2 NAG TA . 12.42 -22.61 40.11
C3 NAG TA . 13.03 -23.98 39.73
C4 NAG TA . 13.60 -24.61 41.01
C5 NAG TA . 12.45 -24.76 42.01
C6 NAG TA . 12.98 -25.36 43.29
C7 NAG TA . 12.32 -20.75 38.59
C8 NAG TA . 11.76 -20.15 37.35
N2 NAG TA . 11.93 -21.97 38.92
O3 NAG TA . 14.08 -23.83 38.76
O4 NAG TA . 14.15 -25.89 40.71
O5 NAG TA . 11.84 -23.47 42.30
O6 NAG TA . 12.72 -26.75 43.33
O7 NAG TA . 13.13 -20.14 39.30
C1 NAG UA . 17.23 -62.17 26.71
C2 NAG UA . 17.32 -63.27 25.59
C3 NAG UA . 18.79 -63.48 25.20
C4 NAG UA . 19.29 -62.13 24.68
C5 NAG UA . 19.16 -61.09 25.80
C6 NAG UA . 19.64 -59.73 25.33
C7 NAG UA . 15.58 -64.94 25.57
C8 NAG UA . 14.90 -66.10 26.24
N2 NAG UA . 16.70 -64.50 26.09
O3 NAG UA . 18.91 -64.47 24.16
O4 NAG UA . 20.64 -62.25 24.28
O5 NAG UA . 17.77 -60.94 26.21
O6 NAG UA . 20.86 -59.83 24.62
O7 NAG UA . 15.09 -64.44 24.55
C1 NAG VA . -15.99 -48.64 33.91
C2 NAG VA . -16.36 -49.47 35.19
C3 NAG VA . -17.65 -48.92 35.83
C4 NAG VA . -17.35 -47.47 36.24
C5 NAG VA . -16.94 -46.68 35.00
C6 NAG VA . -16.60 -45.25 35.37
C7 NAG VA . -15.63 -51.76 35.10
C8 NAG VA . -15.82 -53.13 34.54
N2 NAG VA . -16.53 -50.86 34.81
O3 NAG VA . -18.05 -49.69 36.97
O4 NAG VA . -18.51 -46.91 36.82
O5 NAG VA . -15.77 -47.28 34.36
O6 NAG VA . -17.35 -44.82 36.49
O7 NAG VA . -14.64 -51.49 35.80
C1 NAG WA . 7.37 25.05 51.80
C2 NAG WA . 8.86 24.90 51.29
C3 NAG WA . 8.96 23.53 50.50
C4 NAG WA . 8.67 22.28 51.38
C5 NAG WA . 7.21 22.63 51.84
C6 NAG WA . 6.59 21.53 52.64
C7 NAG WA . 9.78 27.08 50.69
C8 NAG WA . 9.94 28.08 49.61
N2 NAG WA . 9.14 25.97 50.35
O3 NAG WA . 10.28 23.42 49.93
O4 NAG WA . 8.68 21.16 50.59
O5 NAG WA . 7.07 23.90 52.60
O6 NAG WA . 7.17 21.40 53.93
O7 NAG WA . 10.21 27.27 51.82
C1 NAG XA . 15.31 40.28 45.44
C2 NAG XA . 14.94 41.79 45.29
C3 NAG XA . 16.25 42.65 45.07
C4 NAG XA . 17.21 42.55 46.32
C5 NAG XA . 17.48 41.01 46.37
C6 NAG XA . 18.27 40.64 47.60
C7 NAG XA . 12.97 42.68 44.23
C8 NAG XA . 12.04 42.64 43.06
N2 NAG XA . 14.05 41.95 44.17
O3 NAG XA . 15.89 44.02 44.85
O4 NAG XA . 18.37 43.21 46.01
O5 NAG XA . 16.25 40.20 46.49
O6 NAG XA . 17.63 39.59 48.32
O7 NAG XA . 12.69 43.39 45.19
N1 FOL YA . -8.72 18.40 58.45
C2 FOL YA . -8.81 19.44 57.61
NA2 FOL YA . -8.81 20.70 58.11
N3 FOL YA . -8.92 19.27 56.26
C4 FOL YA . -8.91 18.05 55.69
O4 FOL YA . -9.01 17.93 54.44
C4A FOL YA . -8.81 16.88 56.58
N5 FOL YA . -8.79 15.61 56.13
C6 FOL YA . -8.69 14.60 57.03
C7 FOL YA . -8.59 14.86 58.40
N8 FOL YA . -8.60 16.10 58.87
C8A FOL YA . -8.70 17.14 58.03
C9 FOL YA . -8.68 13.16 56.56
N10 FOL YA . -7.88 13.04 55.35
C11 FOL YA . -7.25 9.20 53.92
C12 FOL YA . -7.19 10.29 53.05
C13 FOL YA . -7.41 11.58 53.51
C14 FOL YA . -7.67 11.79 54.87
C15 FOL YA . -7.73 10.71 55.74
C16 FOL YA . -7.52 9.42 55.27
C FOL YA . -7.03 7.80 53.44
O FOL YA . -7.81 6.93 53.83
N FOL YA . -6.03 7.49 52.62
CA FOL YA . -5.69 6.09 52.37
CB FOL YA . -4.71 5.92 51.23
CG FOL YA . -5.31 6.29 49.88
CD FOL YA . -4.33 5.95 48.79
OE1 FOL YA . -4.73 5.31 47.79
OE2 FOL YA . -3.14 6.32 48.93
CT FOL YA . -5.09 5.48 53.61
O1 FOL YA . -5.30 4.26 53.81
O2 FOL YA . -4.43 6.20 54.37
C1 NAG ZA . 13.23 56.78 -28.42
C2 NAG ZA . 14.41 56.54 -27.40
C3 NAG ZA . 15.32 57.78 -27.36
C4 NAG ZA . 15.89 58.00 -28.76
C5 NAG ZA . 14.72 58.22 -29.72
C6 NAG ZA . 15.21 58.45 -31.13
C7 NAG ZA . 13.84 55.19 -25.49
C8 NAG ZA . 13.15 55.11 -24.17
N2 NAG ZA . 13.86 56.35 -26.09
O3 NAG ZA . 16.40 57.60 -26.43
O4 NAG ZA . 16.74 59.14 -28.75
O5 NAG ZA . 13.82 57.04 -29.71
O6 NAG ZA . 16.32 59.32 -31.14
O7 NAG ZA . 14.37 54.19 -25.97
C1 NAG AB . 18.77 16.94 -47.03
C2 NAG AB . 18.30 17.56 -48.40
C3 NAG AB . 19.51 17.92 -49.29
C4 NAG AB . 20.32 18.94 -48.50
C5 NAG AB . 20.74 18.32 -47.17
C6 NAG AB . 21.55 19.29 -46.34
C7 NAG AB . 16.21 16.87 -49.42
C8 NAG AB . 15.42 15.76 -50.04
N2 NAG AB . 17.46 16.60 -49.10
O3 NAG AB . 19.07 18.48 -50.54
O4 NAG AB . 21.47 19.29 -49.26
O5 NAG AB . 19.59 17.92 -46.37
O6 NAG AB . 22.35 20.13 -47.16
O7 NAG AB . 15.71 17.98 -49.22
C1 NAG BB . 3.73 2.27 -47.06
C2 NAG BB . 4.64 2.92 -48.16
C3 NAG BB . 3.75 3.40 -49.36
C4 NAG BB . 2.98 2.22 -49.99
C5 NAG BB . 2.13 1.62 -48.84
C6 NAG BB . 1.42 0.36 -49.33
C7 NAG BB . 6.57 4.07 -47.24
C8 NAG BB . 7.10 5.26 -46.50
N2 NAG BB . 5.29 4.07 -47.57
O3 NAG BB . 4.62 4.01 -50.34
O4 NAG BB . 2.42 2.43 -51.22
O5 NAG BB . 2.99 1.20 -47.70
O6 NAG BB . 1.52 -0.71 -48.37
O7 NAG BB . 7.31 3.13 -47.53
C1 NAG CB . 22.01 -29.93 -31.00
C2 NAG CB . 20.69 -29.25 -31.48
C3 NAG CB . 19.66 -30.34 -31.88
C4 NAG CB . 20.27 -31.15 -33.03
C5 NAG CB . 21.59 -31.76 -32.54
C6 NAG CB . 22.24 -32.55 -33.64
C7 NAG CB . 20.06 -27.12 -30.57
C8 NAG CB . 19.47 -26.34 -29.45
N2 NAG CB . 20.12 -28.43 -30.44
O3 NAG CB . 18.42 -29.75 -32.30
O4 NAG CB . 19.38 -32.19 -33.42
O5 NAG CB . 22.51 -30.73 -32.09
O6 NAG CB . 21.95 -33.94 -33.50
O7 NAG CB . 20.46 -26.56 -31.60
C1 NAG DB . -5.01 -62.53 -30.69
C2 NAG DB . -6.32 -63.26 -30.25
C3 NAG DB . -7.39 -63.08 -31.35
C4 NAG DB . -7.62 -61.58 -31.48
C5 NAG DB . -6.31 -60.90 -31.88
C6 NAG DB . -6.50 -59.40 -32.00
C7 NAG DB . -6.06 -65.17 -28.81
C8 NAG DB . -5.56 -66.56 -28.60
N2 NAG DB . -6.01 -64.67 -30.02
O3 NAG DB . -8.61 -63.74 -30.99
O4 NAG DB . -8.62 -61.33 -32.47
O5 NAG DB . -5.29 -61.12 -30.86
O6 NAG DB . -7.68 -59.09 -32.71
O7 NAG DB . -6.54 -64.53 -27.86
C1 NAG EB . 20.40 -57.72 -4.80
C2 NAG EB . 21.37 -58.91 -5.13
C3 NAG EB . 22.67 -58.79 -4.31
C4 NAG EB . 23.31 -57.47 -4.72
C5 NAG EB . 22.34 -56.32 -4.41
C6 NAG EB . 22.94 -54.99 -4.84
C7 NAG EB . 20.25 -60.92 -5.83
C8 NAG EB . 19.44 -62.12 -5.45
N2 NAG EB . 20.71 -60.16 -4.86
O3 NAG EB . 23.55 -59.89 -4.56
O4 NAG EB . 24.51 -57.28 -3.97
O5 NAG EB . 21.08 -56.51 -5.15
O6 NAG EB . 24.34 -55.00 -4.73
O7 NAG EB . 20.46 -60.65 -7.02
C1 NAG FB . 47.60 12.10 -30.89
C2 NAG FB . 46.44 12.37 -31.92
C3 NAG FB . 45.31 11.29 -31.68
C4 NAG FB . 45.78 9.81 -31.91
C5 NAG FB . 46.94 9.76 -30.86
C6 NAG FB . 47.56 8.39 -30.76
C7 NAG FB . 46.19 14.75 -32.34
C8 NAG FB . 45.54 16.01 -31.90
N2 NAG FB . 45.87 13.67 -31.68
O3 NAG FB . 44.20 11.57 -32.55
O4 NAG FB . 44.77 8.95 -31.58
O5 NAG FB . 48.03 10.75 -31.06
O6 NAG FB . 48.32 8.06 -31.90
O7 NAG FB . 47.01 14.73 -33.26
C1 NAG GB . 43.41 29.65 -34.02
C2 NAG GB . 43.93 31.05 -33.57
C3 NAG GB . 43.42 32.17 -34.56
C4 NAG GB . 43.98 31.94 -36.01
C5 NAG GB . 43.42 30.52 -36.34
C6 NAG GB . 43.98 30.00 -37.64
C7 NAG GB . 44.24 31.80 -31.29
C8 NAG GB . 43.66 31.87 -29.91
N2 NAG GB . 43.45 31.31 -32.23
O3 NAG GB . 43.83 33.45 -34.08
O4 NAG GB . 43.40 32.86 -36.85
O5 NAG GB . 43.84 29.48 -35.36
O6 NAG GB . 44.54 28.71 -37.49
O7 NAG GB . 45.38 32.17 -31.51
N1 FOL HB . 58.42 1.09 -20.44
C2 FOL HB . 58.07 2.26 -19.89
NA2 FOL HB . 58.89 3.34 -20.10
N3 FOL HB . 56.96 2.43 -19.15
C4 FOL HB . 56.09 1.42 -18.92
O4 FOL HB . 55.06 1.58 -18.23
C4A FOL HB . 56.42 0.10 -19.51
N5 FOL HB . 55.64 -1.00 -19.34
C6 FOL HB . 56.03 -2.16 -19.92
C7 FOL HB . 57.21 -2.24 -20.67
N8 FOL HB . 57.99 -1.18 -20.85
C8A FOL HB . 57.66 0.00 -20.29
C9 FOL HB . 55.19 -3.40 -19.76
N10 FOL HB . 53.78 -3.08 -19.86
C11 FOL HB . 51.10 -6.23 -19.86
C12 FOL HB . 50.68 -4.96 -19.44
C13 FOL HB . 51.58 -3.90 -19.43
C14 FOL HB . 52.89 -4.09 -19.86
C15 FOL HB . 53.30 -5.34 -20.29
C16 FOL HB . 52.41 -6.41 -20.29
C FOL HB . 50.16 -7.40 -19.87
O FOL HB . 50.58 -8.46 -19.43
N FOL HB . 48.92 -7.29 -20.36
CA FOL HB . 48.14 -8.49 -20.58
CB FOL HB . 46.68 -8.18 -20.89
CG FOL HB . 45.94 -7.60 -19.67
CD FOL HB . 44.47 -7.48 -20.01
OE1 FOL HB . 43.63 -7.91 -19.20
OE2 FOL HB . 44.16 -6.93 -21.10
CT FOL HB . 48.70 -9.28 -21.74
O1 FOL HB . 48.57 -10.52 -21.71
O2 FOL HB . 49.25 -8.66 -22.66
#